data_7BTK
#
_entry.id   7BTK
#
_cell.length_a   249.832
_cell.length_b   85.454
_cell.length_c   243.307
_cell.angle_alpha   90.000
_cell.angle_beta   94.150
_cell.angle_gamma   90.000
#
_symmetry.space_group_name_H-M   'C 1 2 1'
#
loop_
_entity.id
_entity.type
_entity.pdbx_description
1 polymer Beta-galactosidase
2 non-polymer '4-[[2-[(E)-2-[4-[(2S,3R,4S,5R,6R)-6-(hydroxymethyl)-3,4,5-tris(oxidanyl)oxan-2-yl]oxyphenyl]ethenyl]-3,3-dimethyl-2H-indol-1-yl]methyl]benzoic acid'
3 non-polymer 'MAGNESIUM ION'
4 non-polymer 'SODIUM ION'
5 non-polymer 'DIMETHYL SULFOXIDE'
6 non-polymer GLYCEROL
7 water water
#
_entity_poly.entity_id   1
_entity_poly.type   'polypeptide(L)'
_entity_poly.pdbx_seq_one_letter_code
;SMTMITDSLAVVLQRRDWENPGVTQLNRLAAHPPFASWRNSEEARTDRPSQQLRSLNGEWRFAWFPAPEAVPESWLECDL
PEADTVVVPSNWQMHGYDAPIYTNVTYPITVNPPFVPTENPTGCYSLTFNVDESWLQEGQTRIIFDGVNSAFHLWCNGRW
VGYGQDSRLPSEFDLSAFLRAGENRLAVMVLRWSDGSYLEDQDMWRMSGIFRDVSLLHKPTTQISDFHVATRFNDDFSRA
VLEAEVQMCGELRDYLRVTVSLWQGETQVASGTAPFGGEIIDERGGYADRVTLRLNVENPKLWSAEIPNLYRAVVELHTA
DGTLIEAEACDVGFREVRIENGLLLLNGKPLLIRGVNRHEHHPLHGQVMDEQTMVQDILLMKQNNFNAVRCSHYPNHPLW
YTLCDRYGLYVVDEANIETHGMVPMNRLTDDPRWLPAMSERVTRMVQRDRNHPSVIIWSLGNESGHGANHDALYRWIKSV
DPSRPVQYEGGGADTTATDIICPMYARVDEDQPFPAVPKWSIKKWLSLPGETRPLILCQYAHAMGNSLGGFAKYWQAFRQ
YPRLQGGFVWDWVDQSLIKYDENGNPWSAYGGDFGDTPNDRQFCMNGLVFADRTPHPALTEAKHQQQFFQFRLSGQTIEV
TSEYLFRHSDNELLHWMVALDGKPLASGEVPLDVAPQGKQLIELPELPQPESAGQLWLTVRVVQPNATAWSEAGHISAWQ
QWRLAENLSVTLPAASHAIPHLTTSEMDFCIELGNKRWQFNRQSGFLSQMWIGDKKQLLTPLRDQFTRAPLDNDIGVSEA
TRIDPNAWVERWKAAGHYQAEAALLQCTADTLADAVLITTAHAWQHQGKTLFISRKTYRIDGSGQMAITVDVEVASDTPH
PARIGLNCQLAQVAERVNWLGLGPQENYPDRLTAACFDRWDLPLSDMYTPYVFPSENGLRCGTRELNYGPHQWRGDFQFN
ISRYSQQQLMETSHRHLLHAEEGTWLNIDGFHMGIGGDDSWSPSVSAEFQLSAGRYHYQLVWCQK
;
_entity_poly.pdbx_strand_id   A,B,C,D
#
# COMPACT_ATOMS: atom_id res chain seq x y z
N ILE A 5 25.84 52.27 5.62
CA ILE A 5 26.50 51.53 4.51
C ILE A 5 26.98 50.17 5.02
N THR A 6 27.70 50.21 6.13
CA THR A 6 28.14 49.03 6.86
C THR A 6 27.01 48.42 7.69
N ASP A 7 25.80 49.00 7.63
CA ASP A 7 24.58 48.38 8.13
C ASP A 7 23.89 47.54 7.04
N SER A 8 24.33 47.67 5.78
CA SER A 8 23.63 47.01 4.70
C SER A 8 23.80 45.49 4.78
N LEU A 9 22.83 44.76 4.22
CA LEU A 9 22.91 43.31 4.14
C LEU A 9 24.18 42.88 3.40
N ALA A 10 24.59 43.67 2.41
CA ALA A 10 25.72 43.30 1.55
C ALA A 10 26.98 43.19 2.38
N VAL A 11 27.19 44.12 3.32
CA VAL A 11 28.42 44.13 4.08
C VAL A 11 28.31 43.14 5.24
N VAL A 12 27.17 43.08 5.89
CA VAL A 12 27.01 42.26 7.10
C VAL A 12 27.07 40.78 6.70
N LEU A 13 26.34 40.40 5.65
CA LEU A 13 26.37 39.00 5.24
C LEU A 13 27.72 38.63 4.63
N GLN A 14 28.49 39.63 4.20
CA GLN A 14 29.76 39.39 3.56
C GLN A 14 30.70 38.60 4.49
N ARG A 15 30.67 38.89 5.79
CA ARG A 15 31.56 38.23 6.76
C ARG A 15 31.21 36.75 6.98
N ARG A 16 30.02 36.32 6.58
CA ARG A 16 29.57 34.95 6.73
C ARG A 16 29.87 34.42 8.14
N ASP A 17 29.33 35.12 9.14
CA ASP A 17 29.57 34.78 10.53
C ASP A 17 28.95 33.42 10.90
N TRP A 18 28.02 32.91 10.08
CA TRP A 18 27.35 31.64 10.37
C TRP A 18 28.13 30.44 9.79
N GLU A 19 29.31 30.70 9.22
CA GLU A 19 30.20 29.60 8.78
C GLU A 19 31.59 29.74 9.43
N ASN A 20 31.58 30.04 10.72
CA ASN A 20 32.80 30.39 11.46
C ASN A 20 32.58 30.18 12.95
N PRO A 21 33.05 29.06 13.52
CA PRO A 21 32.85 28.79 14.94
C PRO A 21 33.72 29.65 15.84
N GLY A 22 34.47 30.57 15.25
CA GLY A 22 35.25 31.54 16.00
C GLY A 22 34.45 32.79 16.28
N VAL A 23 33.33 32.96 15.57
CA VAL A 23 32.32 33.98 15.88
C VAL A 23 31.00 33.30 16.26
N THR A 24 30.74 33.25 17.58
CA THR A 24 29.45 32.73 18.07
C THR A 24 28.48 33.86 18.39
N GLN A 25 28.94 35.13 18.36
CA GLN A 25 28.12 36.28 18.68
C GLN A 25 28.90 37.54 18.36
N LEU A 26 28.18 38.64 18.14
CA LEU A 26 28.74 39.97 18.08
C LEU A 26 27.87 40.92 18.91
N ASN A 27 28.50 41.68 19.80
CA ASN A 27 27.90 42.71 20.63
C ASN A 27 26.80 42.15 21.55
N ARG A 28 26.87 40.85 21.85
CA ARG A 28 25.91 40.19 22.76
C ARG A 28 26.31 40.44 24.22
N LEU A 29 25.31 40.70 25.08
CA LEU A 29 25.54 41.04 26.49
C LEU A 29 25.76 39.76 27.30
N ALA A 30 26.44 39.94 28.44
CA ALA A 30 26.76 38.79 29.31
C ALA A 30 25.50 38.12 29.83
N ALA A 31 25.61 36.81 30.10
CA ALA A 31 24.53 36.00 30.60
C ALA A 31 24.43 36.14 32.13
N HIS A 32 23.26 35.77 32.67
CA HIS A 32 22.92 36.09 34.07
C HIS A 32 21.65 35.34 34.47
N PRO A 33 21.32 35.26 35.78
CA PRO A 33 20.04 34.70 36.20
C PRO A 33 18.87 35.62 35.84
N PRO A 34 17.63 35.09 35.80
CA PRO A 34 16.48 35.87 35.34
C PRO A 34 16.30 37.21 36.09
N PHE A 35 16.11 38.27 35.30
CA PHE A 35 15.99 39.62 35.78
C PHE A 35 14.60 40.14 35.43
N ALA A 36 14.20 41.18 36.18
CA ALA A 36 12.98 41.95 35.90
C ALA A 36 13.13 43.43 36.27
N SER A 37 14.19 43.81 36.97
CA SER A 37 14.48 45.19 37.34
C SER A 37 13.26 45.86 37.99
N TRP A 38 12.71 45.24 39.04
CA TRP A 38 11.68 45.88 39.85
C TRP A 38 12.23 47.19 40.42
N ARG A 39 11.36 48.20 40.50
CA ARG A 39 11.68 49.45 41.19
C ARG A 39 10.88 49.59 42.49
N ASN A 40 10.27 48.49 42.93
CA ASN A 40 9.59 48.38 44.20
C ASN A 40 9.94 47.02 44.81
N SER A 41 10.41 47.01 46.07
CA SER A 41 10.89 45.77 46.71
C SER A 41 9.77 44.77 46.98
N GLU A 42 8.54 45.21 47.20
CA GLU A 42 7.48 44.29 47.60
C GLU A 42 6.93 43.55 46.37
N GLU A 43 7.00 44.20 45.20
CA GLU A 43 6.63 43.55 43.96
C GLU A 43 7.63 42.43 43.65
N ALA A 44 8.91 42.71 43.93
CA ALA A 44 9.99 41.73 43.79
C ALA A 44 9.77 40.55 44.74
N ARG A 45 9.34 40.83 45.98
CA ARG A 45 9.17 39.78 46.98
C ARG A 45 8.02 38.85 46.57
N THR A 46 6.98 39.42 45.96
CA THR A 46 5.76 38.66 45.65
C THR A 46 5.80 38.00 44.27
N ASP A 47 6.83 38.30 43.48
CA ASP A 47 7.04 37.74 42.13
C ASP A 47 5.94 38.21 41.18
N ARG A 48 5.48 39.44 41.38
CA ARG A 48 4.44 40.04 40.54
C ARG A 48 5.09 40.68 39.32
N PRO A 49 4.30 40.95 38.25
CA PRO A 49 4.85 41.60 37.06
C PRO A 49 5.64 42.87 37.38
N SER A 50 6.60 43.19 36.50
CA SER A 50 7.40 44.38 36.58
C SER A 50 7.14 45.21 35.32
N GLN A 51 6.91 46.50 35.50
CA GLN A 51 6.65 47.35 34.34
C GLN A 51 7.95 47.68 33.61
N GLN A 52 9.08 47.12 34.05
CA GLN A 52 10.35 47.29 33.36
C GLN A 52 10.68 46.08 32.47
N LEU A 53 9.76 45.12 32.39
CA LEU A 53 9.89 43.96 31.54
C LEU A 53 8.64 43.84 30.68
N ARG A 54 8.75 44.28 29.41
CA ARG A 54 7.69 44.14 28.41
C ARG A 54 7.88 42.85 27.62
N SER A 55 6.77 42.22 27.25
CA SER A 55 6.76 41.17 26.26
C SER A 55 6.52 41.78 24.87
N LEU A 56 7.30 41.32 23.89
CA LEU A 56 7.09 41.65 22.48
C LEU A 56 6.53 40.45 21.70
N ASN A 57 6.01 39.45 22.40
CA ASN A 57 5.29 38.36 21.78
C ASN A 57 4.01 38.91 21.14
N GLY A 58 3.46 38.15 20.20
CA GLY A 58 2.30 38.59 19.46
C GLY A 58 2.54 38.55 17.96
N GLU A 59 1.88 39.47 17.25
CA GLU A 59 1.86 39.49 15.81
C GLU A 59 3.06 40.26 15.27
N TRP A 60 3.91 39.52 14.56
CA TRP A 60 5.04 40.05 13.83
C TRP A 60 4.78 39.86 12.33
N ARG A 61 5.62 40.53 11.52
CA ARG A 61 5.64 40.32 10.09
C ARG A 61 6.79 39.37 9.75
N PHE A 62 6.52 38.41 8.86
CA PHE A 62 7.45 37.33 8.52
C PHE A 62 7.48 37.11 7.01
N ALA A 63 8.68 36.77 6.51
CA ALA A 63 8.86 36.44 5.11
C ALA A 63 10.00 35.42 4.97
N TRP A 64 9.79 34.44 4.09
CA TRP A 64 10.69 33.31 3.92
C TRP A 64 11.57 33.50 2.68
N PHE A 65 12.82 33.07 2.77
CA PHE A 65 13.76 33.15 1.67
C PHE A 65 14.58 31.86 1.63
N PRO A 66 15.00 31.39 0.43
CA PRO A 66 15.77 30.16 0.33
C PRO A 66 17.24 30.30 0.76
N ALA A 67 17.74 31.53 0.86
CA ALA A 67 19.11 31.79 1.32
C ALA A 67 19.19 33.24 1.74
N PRO A 68 20.07 33.60 2.71
CA PRO A 68 20.16 34.98 3.16
C PRO A 68 20.56 35.97 2.05
N GLU A 69 21.26 35.49 1.03
CA GLU A 69 21.67 36.35 -0.07
C GLU A 69 20.45 36.83 -0.86
N ALA A 70 19.31 36.16 -0.72
CA ALA A 70 18.09 36.52 -1.46
C ALA A 70 17.28 37.61 -0.75
N VAL A 71 17.65 37.98 0.46
CA VAL A 71 16.91 39.01 1.19
C VAL A 71 17.20 40.33 0.51
N PRO A 72 16.18 41.09 0.06
CA PRO A 72 16.44 42.41 -0.51
C PRO A 72 16.80 43.43 0.56
N GLU A 73 17.60 44.42 0.17
CA GLU A 73 18.09 45.45 1.07
C GLU A 73 16.95 46.33 1.57
N SER A 74 15.86 46.42 0.81
CA SER A 74 14.70 47.21 1.21
C SER A 74 14.22 46.79 2.58
N TRP A 75 14.38 45.50 2.91
CA TRP A 75 13.75 44.91 4.11
C TRP A 75 14.25 45.57 5.39
N LEU A 76 15.48 46.08 5.37
CA LEU A 76 16.09 46.73 6.52
C LEU A 76 15.34 48.01 6.89
N GLU A 77 14.82 48.74 5.90
CA GLU A 77 14.25 50.04 6.20
C GLU A 77 12.74 50.09 6.02
N CYS A 78 12.09 49.09 5.43
CA CYS A 78 10.62 49.07 5.48
C CYS A 78 10.09 47.66 5.21
N ASP A 79 8.84 47.45 5.58
CA ASP A 79 8.17 46.18 5.54
C ASP A 79 8.08 45.65 4.10
N LEU A 80 8.36 44.37 3.91
CA LEU A 80 8.20 43.73 2.60
C LEU A 80 6.70 43.55 2.32
N PRO A 81 6.21 43.95 1.13
CA PRO A 81 4.78 43.80 0.84
C PRO A 81 4.36 42.32 0.73
N GLU A 82 5.29 41.44 0.36
CA GLU A 82 4.98 39.99 0.24
C GLU A 82 4.94 39.30 1.61
N ALA A 83 5.31 40.01 2.68
CA ALA A 83 5.38 39.41 4.00
C ALA A 83 3.98 39.17 4.56
N ASP A 84 3.89 38.18 5.46
CA ASP A 84 2.68 37.81 6.16
C ASP A 84 2.75 38.30 7.60
N THR A 85 1.61 38.26 8.29
CA THR A 85 1.56 38.51 9.71
C THR A 85 1.43 37.17 10.42
N VAL A 86 2.29 36.95 11.41
CA VAL A 86 2.54 35.66 12.03
C VAL A 86 2.68 35.86 13.54
N VAL A 87 2.35 34.81 14.29
CA VAL A 87 2.43 34.86 15.75
C VAL A 87 3.85 34.46 16.14
N VAL A 88 4.41 35.19 17.10
CA VAL A 88 5.74 34.92 17.67
C VAL A 88 5.59 34.83 19.18
N PRO A 89 6.16 33.81 19.82
CA PRO A 89 7.03 32.80 19.23
C PRO A 89 6.35 31.73 18.36
N SER A 90 7.12 31.20 17.42
CA SER A 90 6.70 30.12 16.56
C SER A 90 7.93 29.50 15.89
N ASN A 91 7.77 28.27 15.40
CA ASN A 91 8.65 27.69 14.42
C ASN A 91 7.99 27.85 13.05
N TRP A 92 8.75 28.34 12.06
CA TRP A 92 8.11 28.68 10.79
C TRP A 92 7.66 27.43 10.03
N GLN A 93 8.22 26.27 10.36
CA GLN A 93 7.77 24.99 9.78
C GLN A 93 6.30 24.73 10.14
N MET A 94 5.90 25.09 11.35
CA MET A 94 4.56 24.82 11.84
C MET A 94 3.53 25.76 11.16
N HIS A 95 4.01 26.78 10.44
CA HIS A 95 3.16 27.63 9.62
C HIS A 95 3.24 27.26 8.13
N GLY A 96 3.87 26.12 7.81
CA GLY A 96 3.93 25.56 6.45
C GLY A 96 4.93 26.23 5.51
N TYR A 97 5.91 26.98 6.03
CA TYR A 97 6.80 27.73 5.14
C TYR A 97 7.90 26.85 4.52
N ASP A 98 8.37 25.85 5.27
CA ASP A 98 9.18 24.76 4.72
C ASP A 98 8.96 23.52 5.60
N ALA A 99 9.65 22.44 5.28
CA ALA A 99 9.36 21.19 5.96
C ALA A 99 10.18 21.07 7.24
N PRO A 100 9.58 20.53 8.31
CA PRO A 100 10.37 20.00 9.43
C PRO A 100 11.01 18.68 9.01
N ILE A 101 12.26 18.46 9.44
CA ILE A 101 13.02 17.28 9.05
C ILE A 101 13.23 16.45 10.30
N TYR A 102 12.82 15.18 10.24
CA TYR A 102 13.13 14.28 11.33
C TYR A 102 14.23 13.31 10.90
N THR A 103 15.43 13.55 11.44
CA THR A 103 16.56 12.66 11.31
C THR A 103 17.18 12.47 12.71
N ASN A 104 17.71 11.28 12.94
CA ASN A 104 18.27 10.90 14.21
C ASN A 104 19.76 11.28 14.25
N VAL A 105 20.65 10.37 13.80
CA VAL A 105 22.07 10.55 13.91
C VAL A 105 22.61 11.37 12.74
N THR A 106 22.28 10.99 11.52
CA THR A 106 22.81 11.67 10.36
C THR A 106 22.38 13.13 10.38
N TYR A 107 23.36 14.02 10.28
CA TYR A 107 23.11 15.45 10.19
C TYR A 107 22.18 15.77 9.03
N PRO A 108 21.25 16.72 9.19
CA PRO A 108 20.35 17.08 8.10
C PRO A 108 21.01 17.93 7.01
N ILE A 109 22.32 18.16 7.12
CA ILE A 109 23.12 18.86 6.13
C ILE A 109 24.38 18.04 5.83
N THR A 110 25.02 18.35 4.69
CA THR A 110 26.28 17.75 4.35
C THR A 110 27.26 18.01 5.48
N VAL A 111 27.96 16.96 5.91
CA VAL A 111 28.96 17.14 6.96
C VAL A 111 30.22 17.73 6.33
N ASN A 112 30.46 19.01 6.57
CA ASN A 112 31.59 19.69 5.99
C ASN A 112 31.93 20.90 6.84
N PRO A 113 32.28 20.71 8.13
CA PRO A 113 32.42 21.82 9.05
C PRO A 113 33.57 22.71 8.62
N PRO A 114 33.42 24.03 8.77
CA PRO A 114 32.27 24.65 9.43
C PRO A 114 31.22 25.19 8.47
N PHE A 115 31.11 24.56 7.30
CA PHE A 115 30.34 25.14 6.19
C PHE A 115 28.94 24.54 6.18
N VAL A 116 28.07 25.27 5.50
CA VAL A 116 26.65 25.04 5.55
C VAL A 116 26.12 25.21 4.14
N PRO A 117 25.11 24.43 3.73
CA PRO A 117 24.58 24.57 2.38
C PRO A 117 24.25 26.03 2.07
N THR A 118 24.45 26.43 0.82
CA THR A 118 24.00 27.73 0.40
C THR A 118 22.48 27.74 0.29
N GLU A 119 21.85 26.58 0.14
CA GLU A 119 20.41 26.45 0.40
C GLU A 119 20.20 26.48 1.91
N ASN A 120 19.91 27.67 2.44
CA ASN A 120 19.83 27.90 3.85
C ASN A 120 18.57 28.69 4.16
N PRO A 121 17.44 28.01 4.40
CA PRO A 121 16.18 28.70 4.62
C PRO A 121 16.33 29.82 5.65
N THR A 122 15.80 30.99 5.31
CA THR A 122 16.04 32.24 6.04
C THR A 122 14.70 32.87 6.42
N GLY A 123 14.53 33.15 7.71
CA GLY A 123 13.31 33.76 8.22
C GLY A 123 13.52 35.23 8.54
N CYS A 124 12.77 36.09 7.86
CA CYS A 124 12.87 37.53 8.06
C CYS A 124 11.68 38.01 8.89
N TYR A 125 11.91 38.16 10.21
CA TYR A 125 10.94 38.65 11.13
C TYR A 125 11.14 40.15 11.32
N SER A 126 10.03 40.90 11.40
CA SER A 126 10.08 42.35 11.65
C SER A 126 8.96 42.71 12.61
N LEU A 127 9.15 43.79 13.37
CA LEU A 127 8.15 44.27 14.31
C LEU A 127 8.29 45.78 14.47
N THR A 128 7.17 46.49 14.28
CA THR A 128 7.05 47.90 14.60
C THR A 128 6.42 48.02 15.98
N PHE A 129 7.02 48.84 16.83
CA PHE A 129 6.63 48.89 18.24
C PHE A 129 7.06 50.23 18.82
N ASN A 130 6.42 50.61 19.93
CA ASN A 130 6.66 51.90 20.56
C ASN A 130 7.42 51.67 21.87
N VAL A 131 8.22 52.68 22.23
CA VAL A 131 8.93 52.72 23.47
C VAL A 131 8.60 54.04 24.17
N ASP A 132 8.31 53.96 25.48
CA ASP A 132 7.93 55.10 26.29
C ASP A 132 9.12 56.05 26.43
N GLU A 133 8.82 57.37 26.55
CA GLU A 133 9.87 58.39 26.67
C GLU A 133 10.71 58.15 27.94
N SER A 134 10.09 57.57 28.97
CA SER A 134 10.75 57.25 30.23
C SER A 134 12.00 56.40 29.97
N TRP A 135 11.89 55.41 29.07
CA TRP A 135 12.95 54.42 28.85
C TRP A 135 14.16 55.03 28.15
N LEU A 136 13.95 56.10 27.37
CA LEU A 136 15.03 56.69 26.61
C LEU A 136 15.75 57.80 27.38
N GLN A 137 15.09 58.43 28.36
CA GLN A 137 15.71 59.58 29.05
C GLN A 137 16.79 59.06 30.02
N GLU A 138 16.53 57.94 30.70
CA GLU A 138 17.47 57.38 31.68
C GLU A 138 17.58 55.87 31.49
N GLY A 139 18.78 55.34 31.75
CA GLY A 139 18.96 53.91 31.92
C GLY A 139 19.23 53.16 30.63
N GLN A 140 19.11 51.84 30.72
CA GLN A 140 19.52 50.91 29.69
C GLN A 140 18.33 50.08 29.26
N THR A 141 18.04 50.11 27.95
CA THR A 141 17.00 49.28 27.35
C THR A 141 17.66 48.19 26.52
N ARG A 142 17.35 46.93 26.84
CA ARG A 142 17.89 45.77 26.14
C ARG A 142 16.75 44.91 25.63
N ILE A 143 17.01 44.17 24.55
CA ILE A 143 16.07 43.20 24.03
C ILE A 143 16.61 41.81 24.38
N ILE A 144 15.69 40.89 24.67
CA ILE A 144 16.02 39.53 25.07
C ILE A 144 15.28 38.54 24.16
N PHE A 145 16.04 37.78 23.39
CA PHE A 145 15.52 36.66 22.60
C PHE A 145 15.80 35.37 23.37
N ASP A 146 14.75 34.79 23.92
CA ASP A 146 14.90 33.58 24.72
C ASP A 146 15.35 32.40 23.86
N GLY A 147 15.01 32.41 22.56
CA GLY A 147 15.30 31.26 21.70
C GLY A 147 15.14 31.56 20.23
N VAL A 148 16.26 31.47 19.52
CA VAL A 148 16.33 31.68 18.08
C VAL A 148 17.09 30.53 17.44
N ASN A 149 16.46 29.85 16.50
CA ASN A 149 16.99 28.62 15.90
C ASN A 149 17.25 28.88 14.42
N SER A 150 18.54 28.90 14.00
CA SER A 150 19.69 28.50 14.83
C SER A 150 20.68 29.65 15.05
N ALA A 151 20.57 30.72 14.27
CA ALA A 151 21.41 31.91 14.44
C ALA A 151 20.69 33.08 13.83
N PHE A 152 21.15 34.29 14.13
CA PHE A 152 20.47 35.45 13.60
C PHE A 152 21.32 36.71 13.68
N HIS A 153 21.09 37.60 12.72
CA HIS A 153 21.50 39.01 12.79
C HIS A 153 20.30 39.85 13.23
N LEU A 154 20.59 40.97 13.91
CA LEU A 154 19.56 41.85 14.44
C LEU A 154 19.85 43.28 13.99
N TRP A 155 18.83 43.91 13.41
CA TRP A 155 18.80 45.35 13.13
C TRP A 155 17.69 45.98 13.96
N CYS A 156 17.88 47.26 14.31
CA CYS A 156 16.83 48.08 14.89
C CYS A 156 16.90 49.47 14.26
N ASN A 157 15.82 49.85 13.56
CA ASN A 157 15.70 51.14 12.87
C ASN A 157 16.74 51.24 11.76
N GLY A 158 16.99 50.10 11.09
CA GLY A 158 17.89 50.04 9.93
C GLY A 158 19.37 49.87 10.29
N ARG A 159 19.73 50.02 11.58
CA ARG A 159 21.11 49.94 12.01
C ARG A 159 21.37 48.53 12.56
N TRP A 160 22.52 47.97 12.20
CA TRP A 160 22.89 46.63 12.63
C TRP A 160 23.31 46.65 14.10
N VAL A 161 22.76 45.73 14.89
CA VAL A 161 22.95 45.68 16.35
C VAL A 161 23.91 44.55 16.74
N GLY A 162 23.70 43.35 16.22
CA GLY A 162 24.50 42.22 16.64
C GLY A 162 24.11 40.92 15.96
N TYR A 163 24.68 39.83 16.48
CA TYR A 163 24.54 38.50 15.92
C TYR A 163 24.58 37.52 17.08
N GLY A 164 23.87 36.39 16.93
CA GLY A 164 23.80 35.41 18.01
C GLY A 164 23.71 33.97 17.55
N GLN A 165 24.26 33.06 18.38
CA GLN A 165 24.18 31.62 18.17
C GLN A 165 23.86 30.92 19.49
N ASP A 166 23.63 29.61 19.42
CA ASP A 166 23.12 28.71 20.49
C ASP A 166 21.59 28.88 20.58
N SER A 167 20.86 27.83 20.18
CA SER A 167 19.45 27.95 19.91
C SER A 167 18.63 27.97 21.20
N ARG A 168 19.21 27.52 22.33
CA ARG A 168 18.41 27.21 23.50
C ARG A 168 18.82 28.05 24.73
N LEU A 169 19.49 29.18 24.50
CA LEU A 169 19.83 30.07 25.59
C LEU A 169 19.57 31.50 25.14
N PRO A 170 19.23 32.41 26.09
CA PRO A 170 18.80 33.76 25.72
C PRO A 170 19.96 34.61 25.18
N SER A 171 19.70 35.28 24.06
CA SER A 171 20.62 36.27 23.49
C SER A 171 20.05 37.65 23.75
N GLU A 172 20.89 38.52 24.33
CA GLU A 172 20.44 39.83 24.78
C GLU A 172 21.35 40.90 24.16
N PHE A 173 20.74 41.98 23.65
CA PHE A 173 21.49 43.09 23.10
C PHE A 173 20.98 44.44 23.63
N ASP A 174 21.90 45.39 23.73
CA ASP A 174 21.62 46.70 24.23
C ASP A 174 21.04 47.55 23.09
N LEU A 175 19.81 48.04 23.24
CA LEU A 175 19.14 48.84 22.22
C LEU A 175 19.14 50.34 22.53
N SER A 176 19.70 50.74 23.68
CA SER A 176 19.65 52.14 24.14
C SER A 176 20.00 53.12 23.02
N ALA A 177 21.16 52.92 22.36
CA ALA A 177 21.67 53.89 21.37
C ALA A 177 20.92 53.79 20.04
N PHE A 178 20.03 52.80 19.89
CA PHE A 178 19.34 52.55 18.61
C PHE A 178 17.88 53.00 18.63
N LEU A 179 17.27 53.10 19.82
CA LEU A 179 15.84 53.40 19.90
C LEU A 179 15.60 54.91 19.79
N ARG A 180 14.44 55.25 19.26
CA ARG A 180 13.96 56.64 19.22
C ARG A 180 12.59 56.70 19.90
N ALA A 181 12.22 57.91 20.29
CA ALA A 181 10.89 58.12 20.87
C ALA A 181 9.84 57.82 19.80
N GLY A 182 8.88 56.98 20.15
CA GLY A 182 7.78 56.63 19.27
C GLY A 182 8.05 55.33 18.55
N GLU A 183 7.97 55.40 17.21
CA GLU A 183 7.91 54.19 16.39
C GLU A 183 9.33 53.68 16.13
N ASN A 184 9.53 52.39 16.36
CA ASN A 184 10.79 51.71 16.09
C ASN A 184 10.48 50.41 15.34
N ARG A 185 11.48 49.90 14.62
CA ARG A 185 11.31 48.67 13.84
C ARG A 185 12.50 47.73 14.07
N LEU A 186 12.20 46.52 14.53
CA LEU A 186 13.17 45.43 14.60
C LEU A 186 13.17 44.69 13.28
N ALA A 187 14.38 44.27 12.86
CA ALA A 187 14.55 43.38 11.73
C ALA A 187 15.48 42.25 12.17
N VAL A 188 14.93 41.03 12.21
CA VAL A 188 15.64 39.87 12.70
C VAL A 188 15.73 38.84 11.58
N MET A 189 16.96 38.49 11.19
CA MET A 189 17.17 37.55 10.12
C MET A 189 17.65 36.24 10.72
N VAL A 190 16.81 35.22 10.65
CA VAL A 190 17.05 33.94 11.32
C VAL A 190 17.47 32.90 10.30
N LEU A 191 18.60 32.26 10.53
CA LEU A 191 19.17 31.29 9.60
C LEU A 191 18.90 29.89 10.14
N ARG A 192 18.29 29.03 9.33
CA ARG A 192 18.05 27.64 9.71
C ARG A 192 19.36 26.92 10.06
N TRP A 193 20.43 27.13 9.29
CA TRP A 193 21.71 26.43 9.47
C TRP A 193 22.82 27.42 9.76
N SER A 194 23.75 26.98 10.60
CA SER A 194 24.89 27.76 11.03
C SER A 194 25.95 26.78 11.54
N ASP A 195 27.14 27.30 11.84
CA ASP A 195 28.15 26.45 12.44
C ASP A 195 27.68 25.93 13.80
N GLY A 196 26.71 26.60 14.41
CA GLY A 196 26.05 26.09 15.59
C GLY A 196 25.31 24.79 15.32
N SER A 197 24.80 24.63 14.10
CA SER A 197 24.03 23.41 13.75
C SER A 197 24.90 22.16 13.90
N TYR A 198 26.22 22.32 13.87
CA TYR A 198 27.12 21.19 14.04
C TYR A 198 27.12 20.69 15.48
N LEU A 199 26.71 21.55 16.43
CA LEU A 199 26.63 21.17 17.86
C LEU A 199 25.18 20.94 18.30
N GLU A 200 24.25 20.78 17.35
CA GLU A 200 22.82 20.66 17.65
C GLU A 200 22.21 19.48 16.89
N ASP A 201 22.83 18.30 17.02
CA ASP A 201 22.39 17.14 16.28
C ASP A 201 21.57 16.21 17.19
N GLN A 202 20.71 16.80 18.02
CA GLN A 202 19.83 15.99 18.86
C GLN A 202 18.83 15.25 17.95
N ASP A 203 18.56 13.99 18.31
CA ASP A 203 17.53 13.19 17.69
C ASP A 203 16.14 13.78 17.91
N MET A 204 15.72 14.64 17.00
CA MET A 204 14.44 15.35 17.11
C MET A 204 14.15 16.08 15.80
N TRP A 205 12.94 16.61 15.69
CA TRP A 205 12.55 17.41 14.55
C TRP A 205 13.50 18.60 14.46
N ARG A 206 14.02 18.84 13.25
CA ARG A 206 14.87 20.00 12.98
C ARG A 206 13.99 21.12 12.45
N MET A 207 13.73 22.12 13.30
CA MET A 207 12.88 23.26 13.02
C MET A 207 13.76 24.52 13.07
N SER A 208 13.13 25.70 13.06
CA SER A 208 13.83 26.96 13.09
C SER A 208 12.85 28.09 13.37
N GLY A 209 13.41 29.24 13.78
CA GLY A 209 12.65 30.46 13.96
C GLY A 209 12.85 31.07 15.33
N ILE A 210 12.05 32.11 15.62
CA ILE A 210 12.02 32.74 16.93
C ILE A 210 10.95 32.01 17.75
N PHE A 211 11.38 30.96 18.47
CA PHE A 211 10.48 29.96 19.03
C PHE A 211 10.38 30.06 20.56
N ARG A 212 11.02 31.07 21.15
CA ARG A 212 10.82 31.39 22.57
C ARG A 212 10.63 32.90 22.69
N ASP A 213 10.37 33.37 23.92
CA ASP A 213 9.79 34.68 24.17
C ASP A 213 10.77 35.78 23.74
N VAL A 214 10.21 36.94 23.41
CA VAL A 214 10.96 38.15 23.08
C VAL A 214 10.53 39.23 24.08
N SER A 215 11.50 39.97 24.61
CA SER A 215 11.23 40.88 25.73
C SER A 215 12.10 42.12 25.59
N LEU A 216 11.65 43.21 26.19
CA LEU A 216 12.49 44.34 26.47
C LEU A 216 12.67 44.44 27.99
N LEU A 217 13.91 44.72 28.42
CA LEU A 217 14.21 44.88 29.81
C LEU A 217 14.86 46.24 29.99
N HIS A 218 14.33 47.03 30.94
CA HIS A 218 14.89 48.33 31.30
C HIS A 218 15.55 48.24 32.66
N LYS A 219 16.86 48.50 32.69
CA LYS A 219 17.62 48.58 33.90
C LYS A 219 18.19 49.98 34.05
N PRO A 220 18.46 50.45 35.28
CA PRO A 220 19.20 51.69 35.46
C PRO A 220 20.66 51.50 35.07
N THR A 221 21.33 52.60 34.72
CA THR A 221 22.74 52.61 34.37
C THR A 221 23.58 51.95 35.46
N THR A 222 23.22 52.21 36.73
CA THR A 222 23.82 51.58 37.88
C THR A 222 22.93 50.42 38.31
N GLN A 223 23.40 49.18 38.14
CA GLN A 223 22.52 48.03 38.08
C GLN A 223 23.14 46.82 38.76
N ILE A 224 22.28 45.92 39.22
CA ILE A 224 22.65 44.57 39.58
C ILE A 224 22.90 43.80 38.27
N SER A 225 24.15 43.35 38.07
CA SER A 225 24.52 42.66 36.83
C SER A 225 24.55 41.14 36.99
N ASP A 226 24.60 40.66 38.23
CA ASP A 226 24.69 39.23 38.48
C ASP A 226 24.53 39.00 39.98
N PHE A 227 23.91 37.86 40.34
CA PHE A 227 23.91 37.44 41.72
C PHE A 227 23.82 35.92 41.81
N HIS A 228 24.58 35.35 42.75
CA HIS A 228 24.62 33.91 43.00
C HIS A 228 24.20 33.62 44.44
N VAL A 229 23.42 32.56 44.61
CA VAL A 229 22.86 32.18 45.88
C VAL A 229 23.35 30.78 46.21
N ALA A 230 24.05 30.65 47.34
CA ALA A 230 24.53 29.38 47.84
C ALA A 230 24.00 29.11 49.26
N THR A 231 23.80 27.83 49.57
CA THR A 231 23.36 27.40 50.88
C THR A 231 24.27 26.29 51.40
N ARG A 232 24.85 26.50 52.58
CA ARG A 232 25.67 25.49 53.24
C ARG A 232 25.09 25.17 54.61
N PHE A 233 25.34 23.93 55.06
CA PHE A 233 24.72 23.37 56.24
C PHE A 233 25.73 22.76 57.21
N ASN A 234 25.28 22.55 58.44
CA ASN A 234 26.01 21.79 59.45
C ASN A 234 25.61 20.33 59.28
N ASP A 235 26.15 19.45 60.13
CA ASP A 235 26.10 18.01 59.88
C ASP A 235 24.65 17.49 59.97
N ASP A 236 23.79 18.09 60.81
CA ASP A 236 22.42 17.58 60.99
C ASP A 236 21.38 18.51 60.36
N PHE A 237 21.81 19.54 59.64
CA PHE A 237 20.93 20.47 58.90
C PHE A 237 20.04 21.32 59.82
N SER A 238 20.39 21.44 61.10
CA SER A 238 19.63 22.29 62.00
C SER A 238 20.03 23.76 61.82
N ARG A 239 21.17 24.03 61.18
CA ARG A 239 21.62 25.40 60.87
C ARG A 239 22.08 25.47 59.41
N ALA A 240 21.82 26.60 58.77
CA ALA A 240 22.28 26.89 57.41
C ALA A 240 22.85 28.30 57.35
N VAL A 241 23.65 28.55 56.32
CA VAL A 241 24.09 29.88 55.96
C VAL A 241 23.79 30.11 54.48
N LEU A 242 23.10 31.20 54.17
CA LEU A 242 22.86 31.63 52.82
C LEU A 242 23.90 32.67 52.45
N GLU A 243 24.73 32.36 51.45
CA GLU A 243 25.64 33.30 50.87
C GLU A 243 25.04 33.84 49.58
N ALA A 244 25.03 35.17 49.44
CA ALA A 244 24.52 35.83 48.28
C ALA A 244 25.61 36.77 47.78
N GLU A 245 26.17 36.44 46.61
CA GLU A 245 27.12 37.32 45.97
C GLU A 245 26.32 38.21 45.04
N VAL A 246 26.56 39.51 45.11
CA VAL A 246 25.88 40.46 44.28
C VAL A 246 26.94 41.28 43.54
N GLN A 247 26.79 41.38 42.22
CA GLN A 247 27.72 42.10 41.37
C GLN A 247 26.97 43.25 40.71
N MET A 248 27.69 44.35 40.46
CA MET A 248 27.08 45.55 39.90
C MET A 248 27.86 46.02 38.68
N CYS A 249 27.18 46.77 37.82
CA CYS A 249 27.81 47.56 36.78
C CYS A 249 27.32 49.01 36.90
N GLY A 250 28.10 49.91 36.32
CA GLY A 250 27.85 51.33 36.39
C GLY A 250 28.91 52.04 37.20
N GLU A 251 28.63 53.30 37.57
CA GLU A 251 29.56 54.09 38.34
C GLU A 251 29.44 53.69 39.82
N LEU A 252 30.54 53.17 40.38
CA LEU A 252 30.64 52.90 41.80
C LEU A 252 30.72 54.22 42.55
N ARG A 253 29.88 54.35 43.58
CA ARG A 253 29.92 55.50 44.48
C ARG A 253 29.84 54.97 45.92
N ASP A 254 30.47 55.69 46.85
CA ASP A 254 30.57 55.25 48.23
C ASP A 254 29.21 55.13 48.93
N TYR A 255 28.20 55.84 48.44
CA TYR A 255 26.87 55.76 49.08
C TYR A 255 26.09 54.51 48.67
N LEU A 256 26.63 53.68 47.76
CA LEU A 256 25.92 52.53 47.25
C LEU A 256 25.90 51.41 48.30
N ARG A 257 24.75 50.77 48.46
CA ARG A 257 24.63 49.66 49.38
C ARG A 257 23.73 48.58 48.77
N VAL A 258 23.81 47.38 49.34
CA VAL A 258 23.06 46.23 48.91
C VAL A 258 22.42 45.62 50.14
N THR A 259 21.14 45.25 50.00
CA THR A 259 20.44 44.55 51.02
C THR A 259 19.93 43.25 50.41
N VAL A 260 20.06 42.17 51.16
CA VAL A 260 19.52 40.90 50.74
C VAL A 260 18.68 40.39 51.88
N SER A 261 17.43 40.04 51.56
CA SER A 261 16.48 39.62 52.57
C SER A 261 15.89 38.28 52.16
N LEU A 262 15.61 37.44 53.15
CA LEU A 262 15.09 36.12 52.94
C LEU A 262 13.71 36.01 53.60
N TRP A 263 12.73 35.57 52.81
CA TRP A 263 11.35 35.47 53.26
C TRP A 263 10.85 34.03 53.13
N GLN A 264 9.82 33.71 53.92
CA GLN A 264 9.11 32.43 53.84
C GLN A 264 7.63 32.69 54.07
N GLY A 265 6.88 32.93 52.99
CA GLY A 265 5.57 33.56 53.08
C GLY A 265 5.72 35.04 53.43
N GLU A 266 5.00 35.49 54.46
CA GLU A 266 5.10 36.89 54.93
C GLU A 266 6.08 37.06 56.10
N THR A 267 6.67 35.95 56.57
CA THR A 267 7.73 35.99 57.57
C THR A 267 9.05 36.38 56.92
N GLN A 268 9.72 37.39 57.47
CA GLN A 268 11.09 37.73 57.09
C GLN A 268 12.03 36.95 58.01
N VAL A 269 12.80 36.02 57.44
CA VAL A 269 13.60 35.08 58.23
C VAL A 269 14.98 35.64 58.53
N ALA A 270 15.55 36.46 57.65
CA ALA A 270 16.84 37.11 57.90
C ALA A 270 17.05 38.26 56.92
N SER A 271 18.09 39.04 57.12
CA SER A 271 18.43 40.12 56.20
C SER A 271 19.79 40.73 56.59
N GLY A 272 20.54 41.17 55.58
CA GLY A 272 21.79 41.87 55.82
C GLY A 272 22.00 42.99 54.81
N THR A 273 22.88 43.91 55.19
CA THR A 273 23.15 45.09 54.39
C THR A 273 24.65 45.37 54.44
N ALA A 274 25.21 45.83 53.32
CA ALA A 274 26.63 46.07 53.25
C ALA A 274 26.90 47.02 52.11
N PRO A 275 28.01 47.77 52.16
CA PRO A 275 28.49 48.50 50.99
C PRO A 275 29.21 47.53 50.04
N PHE A 276 29.59 48.02 48.87
CA PHE A 276 30.33 47.21 47.94
C PHE A 276 31.78 47.12 48.41
N GLY A 277 32.39 45.97 48.15
CA GLY A 277 33.73 45.67 48.57
C GLY A 277 33.85 44.24 49.05
N GLY A 278 34.43 43.38 48.20
CA GLY A 278 34.64 41.98 48.55
C GLY A 278 35.92 41.77 49.34
N GLU A 279 36.04 40.57 49.92
CA GLU A 279 37.27 40.15 50.59
C GLU A 279 38.44 40.15 49.58
N ILE A 280 39.65 40.15 50.12
CA ILE A 280 40.84 40.16 49.29
C ILE A 280 40.97 38.82 48.55
N ILE A 281 41.26 38.90 47.25
CA ILE A 281 41.28 37.73 46.38
C ILE A 281 42.71 37.32 46.04
N ASP A 282 43.55 38.30 45.69
CA ASP A 282 44.92 38.05 45.31
C ASP A 282 45.75 39.32 45.57
N GLU A 283 46.90 39.41 44.94
CA GLU A 283 47.90 40.42 45.27
C GLU A 283 47.46 41.80 44.81
N ARG A 284 46.45 41.90 43.95
CA ARG A 284 45.98 43.21 43.48
C ARG A 284 44.77 43.72 44.28
N GLY A 285 44.27 42.92 45.22
CA GLY A 285 43.17 43.32 46.08
C GLY A 285 41.98 42.40 45.95
N GLY A 286 40.80 43.01 45.82
CA GLY A 286 39.53 42.29 45.70
C GLY A 286 38.59 42.98 44.73
N TYR A 287 37.36 42.48 44.65
CA TYR A 287 36.36 43.04 43.77
C TYR A 287 35.64 44.21 44.45
N ALA A 288 35.95 45.43 44.01
CA ALA A 288 35.29 46.65 44.48
C ALA A 288 33.82 46.73 44.01
N ASP A 289 33.46 46.00 42.95
CA ASP A 289 32.12 46.03 42.34
C ASP A 289 31.28 44.84 42.79
N ARG A 290 31.64 44.20 43.91
CA ARG A 290 30.91 43.02 44.37
C ARG A 290 30.81 43.04 45.89
N VAL A 291 29.82 42.29 46.39
CA VAL A 291 29.61 42.16 47.82
C VAL A 291 28.91 40.82 48.06
N THR A 292 29.30 40.13 49.14
CA THR A 292 28.69 38.90 49.54
C THR A 292 28.06 39.13 50.91
N LEU A 293 26.80 38.72 51.04
CA LEU A 293 26.06 38.82 52.27
C LEU A 293 25.78 37.42 52.78
N ARG A 294 26.05 37.21 54.06
CA ARG A 294 25.92 35.91 54.69
C ARG A 294 24.83 35.99 55.77
N LEU A 295 23.77 35.21 55.59
CA LEU A 295 22.63 35.19 56.49
C LEU A 295 22.57 33.83 57.19
N ASN A 296 22.37 33.85 58.50
CA ASN A 296 22.11 32.65 59.26
C ASN A 296 20.62 32.31 59.20
N VAL A 297 20.33 31.01 59.08
CA VAL A 297 18.97 30.48 59.14
C VAL A 297 18.98 29.24 60.00
N GLU A 298 18.21 29.28 61.10
CA GLU A 298 18.13 28.14 62.03
C GLU A 298 16.95 27.24 61.63
N ASN A 299 17.16 25.92 61.73
CA ASN A 299 16.18 24.90 61.37
C ASN A 299 15.47 25.31 60.07
N PRO A 300 16.19 25.40 58.94
CA PRO A 300 15.54 25.73 57.68
C PRO A 300 14.64 24.58 57.22
N LYS A 301 13.51 24.94 56.60
CA LYS A 301 12.68 23.97 55.90
C LYS A 301 13.40 23.62 54.59
N LEU A 302 13.67 22.33 54.41
CA LEU A 302 14.59 21.87 53.37
C LEU A 302 13.81 21.54 52.10
N TRP A 303 14.46 21.81 50.96
CA TRP A 303 13.90 21.55 49.64
C TRP A 303 14.16 20.10 49.24
N SER A 304 13.13 19.47 48.68
CA SER A 304 13.25 18.18 48.05
C SER A 304 12.07 18.03 47.09
N ALA A 305 12.12 17.01 46.23
CA ALA A 305 11.00 16.72 45.37
C ALA A 305 9.83 16.17 46.18
N GLU A 306 10.11 15.66 47.39
CA GLU A 306 9.07 15.17 48.27
C GLU A 306 8.31 16.36 48.90
N ILE A 307 9.05 17.36 49.38
CA ILE A 307 8.46 18.54 49.98
C ILE A 307 9.21 19.76 49.45
N PRO A 308 8.70 20.42 48.40
CA PRO A 308 9.40 21.55 47.80
C PRO A 308 9.29 22.88 48.56
N ASN A 309 9.86 22.90 49.77
CA ASN A 309 9.88 24.11 50.59
C ASN A 309 10.72 25.18 49.90
N LEU A 310 10.15 26.37 49.76
CA LEU A 310 10.83 27.48 49.09
C LEU A 310 10.83 28.71 49.98
N TYR A 311 11.95 29.43 49.95
CA TYR A 311 12.09 30.74 50.50
C TYR A 311 12.19 31.72 49.34
N ARG A 312 12.15 33.02 49.62
CA ARG A 312 12.35 34.00 48.61
C ARG A 312 13.45 34.96 49.01
N ALA A 313 14.40 35.15 48.08
CA ALA A 313 15.51 36.06 48.26
C ALA A 313 15.26 37.33 47.46
N VAL A 314 15.48 38.48 48.10
CA VAL A 314 15.26 39.75 47.47
C VAL A 314 16.55 40.54 47.60
N VAL A 315 17.03 41.04 46.47
CA VAL A 315 18.30 41.74 46.40
C VAL A 315 18.01 43.18 46.02
N GLU A 316 18.22 44.10 46.98
CA GLU A 316 17.98 45.52 46.75
C GLU A 316 19.31 46.23 46.57
N LEU A 317 19.42 46.97 45.47
CA LEU A 317 20.48 47.95 45.28
C LEU A 317 19.90 49.32 45.60
N HIS A 318 20.50 50.01 46.58
CA HIS A 318 20.00 51.30 47.05
C HIS A 318 21.16 52.17 47.52
N THR A 319 20.81 53.40 47.89
CA THR A 319 21.79 54.33 48.48
C THR A 319 21.73 54.21 50.00
N ALA A 320 22.70 54.83 50.67
CA ALA A 320 22.69 54.94 52.12
C ALA A 320 21.44 55.72 52.57
N ASP A 321 21.10 56.77 51.81
CA ASP A 321 19.82 57.50 51.81
C ASP A 321 18.58 56.63 51.99
N GLY A 322 18.61 55.38 51.49
CA GLY A 322 17.44 54.46 51.40
C GLY A 322 16.71 54.51 50.04
N THR A 323 17.10 55.41 49.16
CA THR A 323 16.63 55.46 47.79
C THR A 323 16.87 54.12 47.10
N LEU A 324 15.80 53.40 46.75
CA LEU A 324 15.93 52.16 45.98
C LEU A 324 16.34 52.49 44.54
N ILE A 325 17.33 51.74 44.02
CA ILE A 325 17.76 51.88 42.64
C ILE A 325 17.13 50.79 41.77
N GLU A 326 17.10 49.55 42.28
CA GLU A 326 16.39 48.46 41.63
C GLU A 326 16.46 47.23 42.54
N ALA A 327 15.63 46.24 42.26
CA ALA A 327 15.62 45.04 43.03
C ALA A 327 15.46 43.85 42.09
N GLU A 328 16.21 42.78 42.38
CA GLU A 328 15.99 41.47 41.74
C GLU A 328 15.62 40.47 42.82
N ALA A 329 15.21 39.28 42.41
CA ALA A 329 14.77 38.27 43.34
C ALA A 329 14.82 36.89 42.70
N CYS A 330 14.76 35.85 43.55
CA CYS A 330 14.63 34.47 43.11
C CYS A 330 14.02 33.64 44.24
N ASP A 331 13.44 32.51 43.89
CA ASP A 331 13.09 31.49 44.85
C ASP A 331 14.37 30.80 45.32
N VAL A 332 14.32 30.26 46.55
CA VAL A 332 15.45 29.64 47.17
C VAL A 332 14.98 28.31 47.76
N GLY A 333 15.75 27.26 47.49
CA GLY A 333 15.50 25.96 48.07
C GLY A 333 16.72 25.50 48.87
N PHE A 334 16.53 25.30 50.18
CA PHE A 334 17.62 24.88 51.04
C PHE A 334 17.81 23.38 50.83
N ARG A 335 18.91 23.02 50.18
CA ARG A 335 19.22 21.64 49.90
C ARG A 335 20.69 21.53 49.53
N GLU A 336 21.26 20.35 49.81
CA GLU A 336 22.64 20.07 49.55
C GLU A 336 22.74 18.84 48.66
N VAL A 337 23.50 18.96 47.58
CA VAL A 337 23.79 17.85 46.69
C VAL A 337 25.29 17.54 46.82
N ARG A 338 25.61 16.30 47.13
CA ARG A 338 26.99 15.86 47.12
C ARG A 338 27.05 14.36 46.87
N ILE A 339 28.23 13.91 46.41
CA ILE A 339 28.53 12.53 46.29
C ILE A 339 29.55 12.20 47.37
N GLU A 340 29.22 11.21 48.19
CA GLU A 340 29.97 10.88 49.41
C GLU A 340 30.01 9.37 49.50
N ASN A 341 31.24 8.84 49.56
CA ASN A 341 31.52 7.41 49.61
C ASN A 341 30.68 6.69 48.55
N GLY A 342 30.69 7.22 47.34
CA GLY A 342 30.13 6.54 46.16
C GLY A 342 28.63 6.67 45.99
N LEU A 343 27.97 7.53 46.78
CA LEU A 343 26.52 7.66 46.66
C LEU A 343 26.13 9.12 46.40
N LEU A 344 25.14 9.33 45.53
CA LEU A 344 24.54 10.66 45.35
C LEU A 344 23.58 10.89 46.52
N LEU A 345 23.88 11.94 47.31
CA LEU A 345 23.12 12.31 48.48
C LEU A 345 22.44 13.67 48.24
N LEU A 346 21.19 13.78 48.71
CA LEU A 346 20.53 15.05 48.82
C LEU A 346 20.11 15.19 50.28
N ASN A 347 20.56 16.28 50.93
CA ASN A 347 20.30 16.52 52.34
C ASN A 347 20.68 15.29 53.16
N GLY A 348 21.83 14.69 52.83
CA GLY A 348 22.41 13.60 53.59
C GLY A 348 21.82 12.23 53.32
N LYS A 349 20.83 12.13 52.43
CA LYS A 349 20.19 10.86 52.14
C LYS A 349 20.42 10.41 50.70
N PRO A 350 20.55 9.09 50.45
CA PRO A 350 20.79 8.60 49.10
C PRO A 350 19.53 8.71 48.24
N LEU A 351 19.61 9.46 47.14
CA LEU A 351 18.52 9.57 46.19
C LEU A 351 18.35 8.23 45.45
N LEU A 352 17.09 7.89 45.13
CA LEU A 352 16.80 6.84 44.16
C LEU A 352 16.01 7.51 43.03
N ILE A 353 16.67 7.67 41.88
CA ILE A 353 16.17 8.54 40.82
C ILE A 353 15.10 7.82 40.03
N ARG A 354 13.88 8.35 40.11
CA ARG A 354 12.75 7.88 39.31
C ARG A 354 12.56 8.86 38.14
N GLY A 355 13.48 8.75 37.17
CA GLY A 355 13.70 9.81 36.19
C GLY A 355 13.03 9.55 34.86
N VAL A 356 12.87 10.62 34.09
CA VAL A 356 12.45 10.52 32.71
C VAL A 356 13.16 11.63 31.91
N ASN A 357 13.54 11.31 30.67
CA ASN A 357 13.97 12.32 29.72
C ASN A 357 12.74 12.98 29.10
N ARG A 358 12.79 14.31 28.96
CA ARG A 358 11.67 15.06 28.42
C ARG A 358 12.17 16.14 27.46
N HIS A 359 11.72 16.03 26.20
CA HIS A 359 11.92 17.05 25.17
C HIS A 359 10.84 18.13 25.25
N GLU A 360 11.14 19.28 24.65
CA GLU A 360 10.15 20.34 24.46
C GLU A 360 9.43 20.10 23.11
N HIS A 361 8.34 19.35 23.15
CA HIS A 361 7.57 19.00 21.97
C HIS A 361 6.09 19.27 22.18
N HIS A 362 5.43 19.74 21.12
CA HIS A 362 3.99 19.92 21.08
C HIS A 362 3.53 19.54 19.69
N PRO A 363 2.52 18.66 19.55
CA PRO A 363 2.13 18.16 18.23
C PRO A 363 1.62 19.26 17.28
N LEU A 364 1.19 20.41 17.81
CA LEU A 364 0.70 21.53 16.98
C LEU A 364 1.72 22.67 16.87
N HIS A 365 2.36 23.05 17.98
CA HIS A 365 3.20 24.24 17.99
C HIS A 365 4.69 23.89 17.90
N GLY A 366 5.00 22.60 17.72
CA GLY A 366 6.36 22.17 17.47
C GLY A 366 7.21 22.23 18.73
N GLN A 367 8.19 23.14 18.74
CA GLN A 367 9.12 23.23 19.84
C GLN A 367 8.91 24.53 20.63
N VAL A 368 7.72 25.13 20.47
CA VAL A 368 7.29 26.23 21.31
C VAL A 368 6.58 25.64 22.53
N MET A 369 6.97 26.11 23.74
CA MET A 369 6.41 25.64 25.00
C MET A 369 5.48 26.69 25.63
N ASP A 370 4.50 26.18 26.38
CA ASP A 370 3.52 26.99 27.09
C ASP A 370 3.39 26.46 28.52
N GLU A 371 2.94 27.34 29.43
CA GLU A 371 2.78 27.02 30.83
C GLU A 371 1.84 25.82 30.97
N GLN A 372 0.72 25.80 30.24
CA GLN A 372 -0.30 24.76 30.42
C GLN A 372 0.30 23.38 30.14
N THR A 373 1.04 23.25 29.04
CA THR A 373 1.61 21.97 28.66
C THR A 373 2.68 21.56 29.68
N MET A 374 3.44 22.53 30.17
CA MET A 374 4.48 22.27 31.15
C MET A 374 3.86 21.71 32.44
N VAL A 375 2.83 22.39 32.95
CA VAL A 375 2.14 21.99 34.16
C VAL A 375 1.51 20.60 33.95
N GLN A 376 0.90 20.39 32.79
CA GLN A 376 0.29 19.10 32.50
C GLN A 376 1.36 17.99 32.55
N ASP A 377 2.56 18.29 32.04
CA ASP A 377 3.64 17.31 32.02
C ASP A 377 4.09 17.00 33.45
N ILE A 378 4.25 18.04 34.27
CA ILE A 378 4.72 17.86 35.65
C ILE A 378 3.72 17.07 36.48
N LEU A 379 2.43 17.44 36.40
CA LEU A 379 1.38 16.71 37.09
C LEU A 379 1.39 15.23 36.70
N LEU A 380 1.46 14.96 35.39
CA LEU A 380 1.40 13.59 34.93
C LEU A 380 2.62 12.83 35.43
N MET A 381 3.76 13.52 35.55
CA MET A 381 4.98 12.89 35.96
C MET A 381 4.89 12.49 37.44
N LYS A 382 4.48 13.43 38.30
CA LYS A 382 4.41 13.17 39.73
C LYS A 382 3.32 12.12 40.03
N GLN A 383 2.21 12.16 39.29
CA GLN A 383 1.12 11.21 39.50
C GLN A 383 1.55 9.80 39.12
N ASN A 384 2.64 9.67 38.35
CA ASN A 384 3.13 8.36 37.98
C ASN A 384 4.48 8.05 38.64
N ASN A 385 4.77 8.72 39.77
CA ASN A 385 5.85 8.36 40.68
C ASN A 385 7.21 8.66 40.03
N PHE A 386 7.32 9.84 39.39
CA PHE A 386 8.57 10.28 38.83
C PHE A 386 9.19 11.34 39.75
N ASN A 387 10.47 11.11 40.09
CA ASN A 387 11.31 11.97 40.94
C ASN A 387 11.91 13.14 40.15
N ALA A 388 12.27 12.89 38.88
CA ALA A 388 13.25 13.71 38.22
C ALA A 388 13.03 13.73 36.71
N VAL A 389 13.62 14.75 36.08
CA VAL A 389 13.54 14.96 34.66
C VAL A 389 14.89 15.42 34.15
N ARG A 390 15.29 14.87 33.00
CA ARG A 390 16.51 15.25 32.32
C ARG A 390 16.12 16.14 31.15
N CYS A 391 16.67 17.36 31.12
CA CYS A 391 16.48 18.29 30.02
C CYS A 391 17.28 17.81 28.81
N SER A 392 16.73 16.84 28.09
CA SER A 392 17.37 16.25 26.91
C SER A 392 17.00 17.10 25.69
N HIS A 393 18.00 17.69 25.01
CA HIS A 393 19.38 17.81 25.45
C HIS A 393 19.81 19.26 25.27
N TYR A 394 19.26 20.15 26.09
CA TYR A 394 19.51 21.56 25.94
C TYR A 394 18.84 22.31 27.08
N PRO A 395 19.29 23.53 27.41
CA PRO A 395 18.58 24.33 28.41
C PRO A 395 17.15 24.58 27.95
N ASN A 396 16.22 24.49 28.92
CA ASN A 396 14.80 24.53 28.65
C ASN A 396 14.32 25.99 28.68
N HIS A 397 13.06 26.16 28.27
CA HIS A 397 12.31 27.38 28.55
C HIS A 397 12.48 27.75 30.03
N PRO A 398 12.82 29.01 30.34
CA PRO A 398 13.10 29.40 31.73
C PRO A 398 12.00 29.05 32.75
N LEU A 399 10.73 29.07 32.34
CA LEU A 399 9.60 28.81 33.25
C LEU A 399 9.60 27.37 33.75
N TRP A 400 10.26 26.46 33.03
CA TRP A 400 10.30 25.06 33.40
C TRP A 400 10.98 24.86 34.76
N TYR A 401 12.06 25.60 34.99
CA TYR A 401 12.87 25.42 36.19
C TYR A 401 12.14 26.00 37.39
N THR A 402 11.40 27.10 37.17
CA THR A 402 10.51 27.66 38.18
C THR A 402 9.41 26.66 38.56
N LEU A 403 8.81 26.00 37.58
CA LEU A 403 7.74 25.06 37.87
C LEU A 403 8.26 23.84 38.64
N CYS A 404 9.48 23.39 38.31
CA CYS A 404 10.04 22.21 39.03
C CYS A 404 10.56 22.61 40.41
N ASP A 405 11.03 23.85 40.56
CA ASP A 405 11.32 24.43 41.86
C ASP A 405 10.09 24.28 42.77
N ARG A 406 8.91 24.56 42.23
CA ARG A 406 7.69 24.76 43.02
C ARG A 406 6.90 23.47 43.21
N TYR A 407 6.81 22.65 42.17
CA TYR A 407 6.10 21.39 42.29
C TYR A 407 7.00 20.31 42.88
N GLY A 408 8.32 20.48 42.74
CA GLY A 408 9.28 19.54 43.27
C GLY A 408 9.63 18.41 42.29
N LEU A 409 10.61 18.68 41.43
CA LEU A 409 11.28 17.65 40.60
C LEU A 409 12.78 17.92 40.56
N TYR A 410 13.57 16.87 40.66
CA TYR A 410 15.02 16.98 40.46
C TYR A 410 15.29 17.12 38.96
N VAL A 411 16.11 18.11 38.59
CA VAL A 411 16.38 18.41 37.21
C VAL A 411 17.87 18.20 36.89
N VAL A 412 18.13 17.53 35.76
CA VAL A 412 19.45 17.55 35.12
C VAL A 412 19.44 18.61 34.01
N ASP A 413 20.27 19.65 34.18
CA ASP A 413 20.39 20.74 33.21
C ASP A 413 21.55 20.45 32.26
N GLU A 414 21.26 20.39 30.95
CA GLU A 414 22.14 19.81 29.96
C GLU A 414 22.50 20.87 28.91
N ALA A 415 23.80 21.02 28.62
CA ALA A 415 24.26 22.00 27.66
C ALA A 415 23.81 21.61 26.27
N ASN A 416 23.58 22.61 25.43
CA ASN A 416 23.09 22.40 24.07
C ASN A 416 24.27 22.03 23.16
N ILE A 417 24.74 20.78 23.30
CA ILE A 417 25.89 20.26 22.57
C ILE A 417 25.63 18.79 22.27
N GLU A 418 25.31 18.48 21.01
CA GLU A 418 25.31 17.12 20.52
C GLU A 418 25.91 17.10 19.12
N THR A 419 26.91 16.24 18.92
CA THR A 419 27.60 16.07 17.65
C THR A 419 27.56 14.61 17.22
N HIS A 420 26.39 13.98 17.36
CA HIS A 420 26.24 12.54 17.17
C HIS A 420 26.74 12.12 15.78
N GLY A 421 26.31 12.87 14.75
CA GLY A 421 26.51 12.50 13.36
C GLY A 421 27.94 12.62 12.84
N MET A 422 28.88 13.11 13.64
CA MET A 422 30.29 13.19 13.21
C MET A 422 30.90 11.79 13.26
N VAL A 423 32.00 11.62 12.52
CA VAL A 423 32.75 10.39 12.45
C VAL A 423 34.22 10.70 12.70
N PRO A 424 34.78 10.26 13.83
CA PRO A 424 34.06 9.69 14.96
C PRO A 424 33.29 10.76 15.73
N MET A 425 32.51 10.35 16.74
CA MET A 425 31.68 11.30 17.49
C MET A 425 32.56 12.38 18.13
N ASN A 426 33.82 12.00 18.38
CA ASN A 426 34.87 12.81 18.97
C ASN A 426 35.27 14.05 18.16
N ARG A 427 34.96 14.12 16.85
CA ARG A 427 35.72 14.93 15.91
C ARG A 427 35.77 16.42 16.34
N LEU A 428 34.61 16.99 16.71
CA LEU A 428 34.58 18.41 17.08
C LEU A 428 34.90 18.64 18.57
N THR A 429 34.47 17.75 19.44
CA THR A 429 34.66 17.95 20.88
C THR A 429 36.12 17.70 21.31
N ASP A 430 36.94 17.09 20.46
CA ASP A 430 38.35 16.89 20.79
C ASP A 430 39.21 17.98 20.17
N ASP A 431 38.59 18.84 19.35
CA ASP A 431 39.29 19.85 18.57
C ASP A 431 39.30 21.16 19.34
N PRO A 432 40.49 21.69 19.70
CA PRO A 432 40.55 22.95 20.44
C PRO A 432 39.87 24.15 19.73
N ARG A 433 39.86 24.16 18.40
CA ARG A 433 39.24 25.25 17.66
C ARG A 433 37.72 25.31 17.90
N TRP A 434 37.11 24.23 18.39
CA TRP A 434 35.69 24.21 18.74
C TRP A 434 35.48 24.39 20.25
N LEU A 435 36.54 24.58 21.02
CA LEU A 435 36.40 24.75 22.46
C LEU A 435 35.61 26.03 22.76
N PRO A 436 35.84 27.17 22.08
CA PRO A 436 35.10 28.38 22.43
C PRO A 436 33.59 28.23 22.22
N ALA A 437 33.20 27.66 21.09
CA ALA A 437 31.80 27.45 20.80
C ALA A 437 31.16 26.56 21.88
N MET A 438 31.88 25.53 22.32
CA MET A 438 31.36 24.64 23.32
C MET A 438 31.28 25.31 24.68
N SER A 439 32.31 26.09 25.04
CA SER A 439 32.36 26.72 26.37
C SER A 439 31.17 27.67 26.56
N GLU A 440 30.85 28.44 25.52
CA GLU A 440 29.69 29.32 25.58
C GLU A 440 28.39 28.54 25.82
N ARG A 441 28.30 27.32 25.31
CA ARG A 441 27.09 26.54 25.53
C ARG A 441 27.01 26.01 26.97
N VAL A 442 28.18 25.72 27.57
CA VAL A 442 28.25 25.22 28.95
C VAL A 442 28.16 26.38 29.95
N THR A 443 28.97 27.43 29.74
CA THR A 443 29.11 28.49 30.73
C THR A 443 27.82 29.31 30.83
N ARG A 444 27.20 29.63 29.71
CA ARG A 444 26.02 30.50 29.72
C ARG A 444 24.82 29.77 30.32
N MET A 445 24.81 28.43 30.28
CA MET A 445 23.74 27.68 30.94
C MET A 445 23.92 27.81 32.45
N VAL A 446 25.14 27.56 32.94
CA VAL A 446 25.42 27.62 34.35
C VAL A 446 25.10 29.03 34.86
N GLN A 447 25.46 30.07 34.10
CA GLN A 447 25.30 31.44 34.57
C GLN A 447 23.81 31.81 34.68
N ARG A 448 22.95 31.12 33.92
CA ARG A 448 21.51 31.41 33.88
C ARG A 448 20.76 30.67 35.01
N ASP A 449 21.09 29.40 35.25
CA ASP A 449 20.20 28.50 36.00
C ASP A 449 20.80 28.07 37.33
N ARG A 450 21.88 28.73 37.77
CA ARG A 450 22.61 28.23 38.94
C ARG A 450 21.89 28.52 40.25
N ASN A 451 20.89 29.40 40.25
CA ASN A 451 20.14 29.73 41.49
C ASN A 451 18.88 28.87 41.65
N HIS A 452 18.57 28.00 40.69
CA HIS A 452 17.38 27.16 40.78
C HIS A 452 17.67 25.95 41.66
N PRO A 453 16.94 25.73 42.76
CA PRO A 453 17.15 24.53 43.57
C PRO A 453 16.89 23.20 42.84
N SER A 454 15.99 23.20 41.85
CA SER A 454 15.59 21.95 41.22
C SER A 454 16.72 21.35 40.37
N VAL A 455 17.62 22.22 39.89
CA VAL A 455 18.81 21.73 39.22
C VAL A 455 19.77 21.17 40.26
N ILE A 456 20.01 19.86 40.21
CA ILE A 456 20.89 19.20 41.14
C ILE A 456 22.14 18.65 40.43
N ILE A 457 22.09 18.46 39.10
CA ILE A 457 23.19 17.88 38.34
C ILE A 457 23.33 18.65 37.04
N TRP A 458 24.55 19.13 36.76
CA TRP A 458 24.89 19.69 35.47
C TRP A 458 25.31 18.58 34.51
N SER A 459 25.01 18.76 33.22
CA SER A 459 25.42 17.83 32.16
C SER A 459 26.06 18.59 30.99
N LEU A 460 27.15 18.03 30.44
CA LEU A 460 27.97 18.71 29.43
C LEU A 460 27.40 18.51 28.01
N GLY A 461 26.31 17.76 27.87
CA GLY A 461 25.66 17.58 26.60
C GLY A 461 25.29 16.14 26.40
N ASN A 462 25.10 15.76 25.13
CA ASN A 462 24.70 14.41 24.80
C ASN A 462 25.39 13.94 23.52
N GLU A 463 25.80 12.67 23.53
CA GLU A 463 26.29 11.95 22.37
C GLU A 463 27.25 12.82 21.53
N SER A 464 28.40 13.14 22.11
CA SER A 464 29.44 13.85 21.38
C SER A 464 30.81 13.20 21.59
N GLY A 465 30.84 11.89 21.86
CA GLY A 465 32.05 11.20 22.15
C GLY A 465 32.71 11.81 23.36
N HIS A 466 33.99 11.50 23.56
CA HIS A 466 34.77 12.15 24.60
C HIS A 466 36.01 12.85 24.01
N GLY A 467 36.00 14.19 24.03
CA GLY A 467 37.18 14.96 23.72
C GLY A 467 37.74 15.74 24.91
N ALA A 468 38.90 16.35 24.68
CA ALA A 468 39.55 17.15 25.72
C ALA A 468 38.70 18.37 26.11
N ASN A 469 37.86 18.89 25.21
CA ASN A 469 37.01 20.03 25.56
C ASN A 469 36.03 19.66 26.66
N HIS A 470 35.55 18.41 26.68
CA HIS A 470 34.67 17.93 27.75
C HIS A 470 35.40 18.02 29.09
N ASP A 471 36.63 17.50 29.13
CA ASP A 471 37.42 17.52 30.35
C ASP A 471 37.63 18.96 30.83
N ALA A 472 37.90 19.89 29.87
CA ALA A 472 38.15 21.27 30.23
C ALA A 472 36.90 21.90 30.85
N LEU A 473 35.74 21.65 30.24
CA LEU A 473 34.52 22.29 30.66
C LEU A 473 33.93 21.57 31.89
N TYR A 474 34.26 20.29 32.07
CA TYR A 474 33.92 19.61 33.31
C TYR A 474 34.60 20.35 34.46
N ARG A 475 35.88 20.67 34.31
CA ARG A 475 36.65 21.27 35.38
C ARG A 475 36.22 22.71 35.58
N TRP A 476 35.73 23.35 34.52
CA TRP A 476 35.23 24.72 34.64
C TRP A 476 34.05 24.78 35.61
N ILE A 477 33.09 23.87 35.41
CA ILE A 477 31.89 23.83 36.23
C ILE A 477 32.28 23.53 37.67
N LYS A 478 33.18 22.58 37.87
CA LYS A 478 33.54 22.15 39.23
C LYS A 478 34.13 23.32 40.01
N SER A 479 34.89 24.19 39.33
CA SER A 479 35.54 25.33 39.96
C SER A 479 34.54 26.45 40.22
N VAL A 480 33.56 26.59 39.34
CA VAL A 480 32.62 27.67 39.34
C VAL A 480 31.38 27.36 40.20
N ASP A 481 31.03 26.08 40.33
CA ASP A 481 29.86 25.68 41.08
C ASP A 481 30.13 24.32 41.69
N PRO A 482 30.77 24.28 42.87
CA PRO A 482 30.97 23.01 43.56
C PRO A 482 29.68 22.34 44.08
N SER A 483 28.57 23.07 44.10
CA SER A 483 27.36 22.62 44.78
C SER A 483 26.61 21.53 44.01
N ARG A 484 27.00 21.23 42.76
CA ARG A 484 26.32 20.25 41.96
C ARG A 484 27.33 19.35 41.29
N PRO A 485 27.08 18.03 41.25
CA PRO A 485 27.86 17.13 40.41
C PRO A 485 27.66 17.40 38.91
N VAL A 486 28.71 17.11 38.14
CA VAL A 486 28.70 17.18 36.69
C VAL A 486 28.69 15.77 36.14
N GLN A 487 27.87 15.54 35.11
CA GLN A 487 27.80 14.25 34.43
C GLN A 487 27.84 14.42 32.91
N TYR A 488 28.30 13.37 32.25
CA TYR A 488 28.35 13.29 30.78
C TYR A 488 28.56 11.84 30.37
N GLU A 489 27.77 11.38 29.39
CA GLU A 489 27.76 9.96 29.02
C GLU A 489 28.75 9.65 27.89
N GLY A 490 29.10 10.65 27.08
CA GLY A 490 29.87 10.41 25.88
C GLY A 490 31.17 9.68 26.16
N GLY A 491 31.58 8.84 25.20
CA GLY A 491 32.87 8.20 25.24
C GLY A 491 32.97 7.11 26.30
N GLY A 492 31.86 6.46 26.63
CA GLY A 492 31.86 5.26 27.45
C GLY A 492 31.26 5.42 28.83
N ALA A 493 30.65 6.58 29.12
CA ALA A 493 29.79 6.77 30.32
C ALA A 493 30.60 6.88 31.63
N ASP A 494 31.90 6.66 31.57
CA ASP A 494 32.72 6.65 32.78
C ASP A 494 34.05 7.37 32.55
N THR A 495 34.05 8.39 31.69
CA THR A 495 35.27 9.10 31.38
C THR A 495 35.68 9.98 32.57
N THR A 496 36.76 10.74 32.38
CA THR A 496 37.18 11.68 33.40
C THR A 496 36.28 12.91 33.46
N ALA A 497 35.23 13.00 32.62
CA ALA A 497 34.36 14.19 32.60
C ALA A 497 33.00 13.95 33.27
N THR A 498 32.88 12.93 34.12
CA THR A 498 31.60 12.64 34.78
C THR A 498 31.86 12.15 36.22
N ASP A 499 31.11 12.72 37.17
CA ASP A 499 31.08 12.29 38.57
C ASP A 499 30.17 11.08 38.78
N ILE A 500 29.32 10.77 37.79
CA ILE A 500 28.35 9.68 37.84
C ILE A 500 28.56 8.78 36.63
N ILE A 501 28.52 7.46 36.86
CA ILE A 501 28.50 6.51 35.76
C ILE A 501 27.11 6.59 35.11
N CYS A 502 27.01 7.17 33.91
CA CYS A 502 25.72 7.53 33.33
C CYS A 502 25.50 6.87 31.97
N PRO A 503 25.46 5.54 31.89
CA PRO A 503 25.32 4.88 30.60
C PRO A 503 23.91 5.06 30.01
N MET A 504 23.80 4.85 28.69
CA MET A 504 22.50 4.76 28.04
C MET A 504 22.31 3.33 27.50
N TYR A 505 21.25 2.67 28.01
CA TYR A 505 20.83 1.35 27.57
C TYR A 505 21.82 0.27 27.99
N ALA A 506 22.58 0.52 29.06
CA ALA A 506 23.27 -0.59 29.73
C ALA A 506 22.20 -1.51 30.30
N ARG A 507 22.35 -2.82 30.08
CA ARG A 507 21.37 -3.78 30.55
C ARG A 507 21.72 -4.21 31.99
N VAL A 508 20.76 -4.90 32.63
CA VAL A 508 20.88 -5.24 34.04
C VAL A 508 21.94 -6.32 34.24
N ASP A 509 21.78 -7.45 33.54
CA ASP A 509 22.65 -8.61 33.70
C ASP A 509 23.56 -8.83 32.50
N GLU A 510 23.15 -8.36 31.33
CA GLU A 510 23.79 -8.69 30.05
C GLU A 510 24.84 -7.63 29.67
N ASP A 511 26.08 -8.08 29.50
CA ASP A 511 27.14 -7.24 28.95
C ASP A 511 26.97 -7.07 27.45
N GLN A 512 27.20 -5.84 26.96
CA GLN A 512 27.38 -5.54 25.56
C GLN A 512 28.79 -4.98 25.38
N PRO A 513 29.81 -5.84 25.12
CA PRO A 513 31.20 -5.39 25.13
C PRO A 513 31.65 -4.78 23.80
N PHE A 514 30.97 -3.72 23.36
CA PHE A 514 31.38 -2.95 22.21
C PHE A 514 32.81 -2.46 22.41
N PRO A 515 33.66 -2.49 21.36
CA PRO A 515 35.03 -2.02 21.50
C PRO A 515 35.07 -0.52 21.79
N ALA A 516 36.05 -0.12 22.61
CA ALA A 516 36.28 1.27 23.04
C ALA A 516 35.21 1.77 24.03
N VAL A 517 33.92 1.51 23.74
CA VAL A 517 32.81 2.08 24.51
C VAL A 517 31.83 0.99 24.95
N PRO A 518 32.29 -0.03 25.71
CA PRO A 518 31.38 -1.11 26.08
C PRO A 518 30.25 -0.61 26.98
N LYS A 519 29.16 -1.39 27.02
CA LYS A 519 28.08 -1.20 27.97
C LYS A 519 28.02 -2.45 28.84
N TRP A 520 28.72 -2.41 29.97
CA TRP A 520 28.73 -3.54 30.91
C TRP A 520 27.37 -3.63 31.58
N SER A 521 27.05 -4.84 32.05
CA SER A 521 25.99 -5.02 33.07
C SER A 521 26.18 -3.98 34.17
N ILE A 522 25.13 -3.25 34.49
CA ILE A 522 25.23 -2.17 35.49
C ILE A 522 25.69 -2.76 36.84
N LYS A 523 25.42 -4.03 37.10
CA LYS A 523 25.81 -4.65 38.34
C LYS A 523 27.30 -4.93 38.34
N LYS A 524 27.79 -5.44 37.21
CA LYS A 524 29.20 -5.73 37.08
C LYS A 524 30.00 -4.42 36.97
N TRP A 525 29.39 -3.39 36.37
CA TRP A 525 30.08 -2.12 36.12
C TRP A 525 30.60 -1.50 37.42
N LEU A 526 29.76 -1.55 38.46
CA LEU A 526 30.10 -0.97 39.74
C LEU A 526 31.38 -1.58 40.33
N SER A 527 31.62 -2.88 40.10
CA SER A 527 32.68 -3.64 40.79
C SER A 527 34.04 -3.62 40.05
N LEU A 528 34.07 -3.15 38.81
CA LEU A 528 35.31 -3.13 38.04
C LEU A 528 36.39 -2.40 38.83
N PRO A 529 37.64 -2.88 38.83
CA PRO A 529 38.66 -2.38 39.73
C PRO A 529 38.87 -0.88 39.58
N GLY A 530 38.94 -0.17 40.71
CA GLY A 530 39.21 1.27 40.74
C GLY A 530 37.95 2.13 40.66
N GLU A 531 36.79 1.54 40.34
CA GLU A 531 35.56 2.31 40.11
C GLU A 531 34.82 2.51 41.45
N THR A 532 34.55 3.77 41.80
CA THR A 532 33.96 4.11 43.10
C THR A 532 32.65 4.89 42.99
N ARG A 533 32.27 5.29 41.77
CA ARG A 533 31.19 6.25 41.54
C ARG A 533 29.83 5.56 41.60
N PRO A 534 28.76 6.33 41.84
CA PRO A 534 27.41 5.80 41.65
C PRO A 534 27.10 5.60 40.16
N LEU A 535 26.06 4.81 39.86
CA LEU A 535 25.60 4.59 38.50
C LEU A 535 24.11 4.95 38.38
N ILE A 536 23.83 6.03 37.66
CA ILE A 536 22.47 6.48 37.32
C ILE A 536 22.36 6.57 35.80
N LEU A 537 21.51 5.75 35.22
CA LEU A 537 21.43 5.65 33.77
C LEU A 537 20.92 6.97 33.18
N CYS A 538 21.68 7.56 32.26
CA CYS A 538 21.29 8.80 31.58
C CYS A 538 20.02 8.54 30.76
N GLN A 539 19.90 7.33 30.18
CA GLN A 539 18.75 6.92 29.43
C GLN A 539 18.63 5.41 29.57
N TYR A 540 17.39 4.91 29.68
CA TYR A 540 17.15 3.46 29.77
C TYR A 540 15.67 3.21 29.50
N ALA A 541 15.34 1.97 29.11
CA ALA A 541 13.96 1.56 28.84
C ALA A 541 13.39 2.37 27.68
N HIS A 542 13.85 2.09 26.46
CA HIS A 542 13.42 2.82 25.27
C HIS A 542 11.95 2.52 24.98
N ALA A 543 11.08 3.52 25.20
CA ALA A 543 9.61 3.33 25.18
C ALA A 543 9.03 3.57 23.77
N MET A 544 9.57 2.86 22.78
CA MET A 544 9.20 3.05 21.38
C MET A 544 8.08 2.07 21.03
N GLY A 545 6.87 2.61 20.89
CA GLY A 545 5.73 1.75 20.64
C GLY A 545 5.47 0.80 21.81
N ASN A 546 5.28 -0.48 21.49
CA ASN A 546 4.93 -1.48 22.44
C ASN A 546 6.23 -1.92 23.13
N SER A 547 6.58 -1.23 24.23
CA SER A 547 7.91 -1.38 24.82
C SER A 547 7.82 -1.36 26.37
N LEU A 548 9.00 -1.21 26.98
CA LEU A 548 9.28 -1.34 28.43
C LEU A 548 9.17 -2.79 28.91
N GLY A 549 9.42 -3.73 28.01
CA GLY A 549 9.54 -5.10 28.44
C GLY A 549 10.85 -5.30 29.18
N GLY A 550 10.76 -5.78 30.42
CA GLY A 550 11.91 -5.99 31.29
C GLY A 550 12.14 -4.84 32.26
N PHE A 551 11.21 -3.89 32.33
CA PHE A 551 11.35 -2.71 33.19
C PHE A 551 11.57 -3.08 34.67
N ALA A 552 10.90 -4.13 35.17
CA ALA A 552 10.97 -4.52 36.57
C ALA A 552 12.36 -5.05 36.91
N LYS A 553 13.04 -5.67 35.94
CA LYS A 553 14.40 -6.18 36.17
C LYS A 553 15.34 -5.06 36.65
N TYR A 554 15.16 -3.87 36.11
CA TYR A 554 15.98 -2.73 36.47
C TYR A 554 15.71 -2.36 37.92
N TRP A 555 14.43 -2.20 38.26
CA TRP A 555 14.07 -1.64 39.56
C TRP A 555 14.35 -2.65 40.69
N GLN A 556 14.30 -3.95 40.39
CA GLN A 556 14.76 -4.94 41.33
C GLN A 556 16.23 -4.69 41.66
N ALA A 557 17.03 -4.45 40.62
CA ALA A 557 18.47 -4.22 40.76
C ALA A 557 18.75 -2.86 41.41
N PHE A 558 17.96 -1.84 41.06
CA PHE A 558 18.10 -0.53 41.70
C PHE A 558 17.90 -0.65 43.22
N ARG A 559 16.95 -1.48 43.64
CA ARG A 559 16.63 -1.62 45.07
C ARG A 559 17.67 -2.49 45.79
N GLN A 560 18.32 -3.42 45.08
CA GLN A 560 19.27 -4.34 45.72
C GLN A 560 20.66 -3.70 45.86
N TYR A 561 21.09 -2.89 44.89
CA TYR A 561 22.46 -2.35 44.86
C TYR A 561 22.46 -0.91 45.33
N PRO A 562 23.17 -0.57 46.41
CA PRO A 562 23.17 0.81 46.89
C PRO A 562 23.62 1.83 45.85
N ARG A 563 24.64 1.48 45.04
CA ARG A 563 25.25 2.43 44.12
C ARG A 563 24.52 2.46 42.77
N LEU A 564 23.53 1.57 42.53
CA LEU A 564 22.60 1.76 41.42
C LEU A 564 21.49 2.67 41.93
N GLN A 565 21.53 3.95 41.56
CA GLN A 565 20.61 4.93 42.12
C GLN A 565 19.56 5.36 41.09
N GLY A 566 19.21 4.45 40.17
CA GLY A 566 18.11 4.69 39.23
C GLY A 566 18.57 5.12 37.84
N GLY A 567 17.71 5.88 37.16
CA GLY A 567 17.97 6.33 35.81
C GLY A 567 16.79 7.11 35.25
N PHE A 568 16.99 7.64 34.04
CA PHE A 568 15.97 8.41 33.34
C PHE A 568 15.47 7.61 32.14
N VAL A 569 14.17 7.31 32.12
CA VAL A 569 13.58 6.60 31.00
C VAL A 569 13.67 7.45 29.74
N TRP A 570 13.94 6.81 28.59
CA TRP A 570 13.78 7.43 27.28
C TRP A 570 12.50 6.93 26.62
N ASP A 571 11.46 7.78 26.55
CA ASP A 571 11.44 9.12 27.10
C ASP A 571 9.98 9.51 27.37
N TRP A 572 9.70 10.80 27.56
CA TRP A 572 8.39 11.20 28.09
C TRP A 572 7.31 11.14 27.02
N VAL A 573 7.41 11.98 25.98
CA VAL A 573 6.32 12.17 25.03
C VAL A 573 6.77 11.83 23.61
N ASP A 574 5.87 11.15 22.88
CA ASP A 574 5.97 10.93 21.45
C ASP A 574 6.18 12.25 20.71
N GLN A 575 7.19 12.31 19.85
CA GLN A 575 7.38 13.46 18.96
C GLN A 575 6.59 13.27 17.66
N SER A 576 5.29 13.03 17.77
CA SER A 576 4.42 13.01 16.62
C SER A 576 3.97 14.43 16.33
N LEU A 577 3.75 14.74 15.06
CA LEU A 577 3.18 16.02 14.66
C LEU A 577 1.82 15.81 13.96
N ILE A 578 0.98 16.83 14.04
CA ILE A 578 -0.36 16.79 13.48
C ILE A 578 -0.35 17.25 12.03
N LYS A 579 -0.87 16.39 11.15
CA LYS A 579 -1.24 16.77 9.78
C LYS A 579 -2.75 16.67 9.65
N TYR A 580 -3.27 17.16 8.52
CA TYR A 580 -4.68 17.12 8.24
C TYR A 580 -4.91 16.41 6.91
N ASP A 581 -5.93 15.55 6.87
CA ASP A 581 -6.30 14.82 5.68
C ASP A 581 -7.21 15.71 4.80
N GLU A 582 -7.65 15.16 3.67
CA GLU A 582 -8.45 15.91 2.68
C GLU A 582 -9.69 16.54 3.31
N ASN A 583 -10.23 15.93 4.38
CA ASN A 583 -11.44 16.38 5.06
C ASN A 583 -11.14 17.27 6.28
N GLY A 584 -9.85 17.55 6.54
CA GLY A 584 -9.47 18.37 7.70
C GLY A 584 -9.51 17.61 9.02
N ASN A 585 -9.48 16.26 8.96
CA ASN A 585 -9.39 15.44 10.15
C ASN A 585 -7.92 15.28 10.50
N PRO A 586 -7.51 15.55 11.77
CA PRO A 586 -6.10 15.43 12.15
C PRO A 586 -5.66 13.97 12.23
N TRP A 587 -4.39 13.74 11.86
CA TRP A 587 -3.69 12.51 12.15
C TRP A 587 -2.26 12.83 12.62
N SER A 588 -1.61 11.83 13.22
CA SER A 588 -0.31 11.98 13.82
C SER A 588 0.76 11.52 12.82
N ALA A 589 1.71 12.43 12.52
CA ALA A 589 2.75 12.18 11.53
C ALA A 589 4.10 11.94 12.20
N TYR A 590 4.96 11.20 11.50
CA TYR A 590 6.31 10.96 11.96
C TYR A 590 7.31 11.18 10.80
N GLY A 591 8.50 10.57 10.92
CA GLY A 591 9.58 10.78 9.96
C GLY A 591 9.19 10.55 8.51
N GLY A 592 9.37 11.59 7.68
CA GLY A 592 9.16 11.49 6.24
C GLY A 592 7.76 11.86 5.79
N ASP A 593 6.86 12.17 6.72
CA ASP A 593 5.50 12.51 6.41
C ASP A 593 5.37 13.97 5.95
N PHE A 594 6.49 14.66 5.75
CA PHE A 594 6.47 16.05 5.29
C PHE A 594 7.33 16.23 4.03
N GLY A 595 7.57 15.13 3.31
CA GLY A 595 8.50 15.13 2.20
C GLY A 595 9.95 15.22 2.63
N ASP A 596 10.20 15.19 3.95
CA ASP A 596 11.57 15.27 4.50
C ASP A 596 12.32 13.97 4.25
N THR A 597 13.43 14.05 3.51
CA THR A 597 14.27 12.91 3.17
C THR A 597 15.72 13.39 3.17
N PRO A 598 16.66 12.58 3.68
CA PRO A 598 16.41 11.36 4.41
C PRO A 598 15.76 11.58 5.79
N ASN A 599 15.05 10.55 6.29
CA ASN A 599 14.42 10.61 7.60
C ASN A 599 14.61 9.26 8.32
N ASP A 600 14.23 9.23 9.60
CA ASP A 600 14.28 8.01 10.41
C ASP A 600 12.90 7.63 10.95
N ARG A 601 11.89 7.77 10.08
CA ARG A 601 10.52 7.22 10.24
C ARG A 601 10.02 7.34 11.69
N GLN A 602 9.72 6.21 12.33
CA GLN A 602 8.94 6.17 13.57
C GLN A 602 9.81 6.48 14.79
N PHE A 603 11.14 6.56 14.60
CA PHE A 603 12.04 6.69 15.75
C PHE A 603 11.87 8.02 16.50
N CYS A 604 11.13 8.97 15.92
CA CYS A 604 10.79 10.20 16.63
C CYS A 604 9.80 9.93 17.78
N MET A 605 9.14 8.77 17.78
CA MET A 605 8.11 8.44 18.80
C MET A 605 8.65 7.38 19.78
N ASN A 606 9.03 7.82 20.98
CA ASN A 606 9.57 6.90 22.00
C ASN A 606 8.96 7.19 23.37
N GLY A 607 7.80 7.84 23.40
CA GLY A 607 7.27 8.39 24.64
C GLY A 607 6.54 7.34 25.48
N LEU A 608 6.39 7.65 26.75
CA LEU A 608 5.45 6.95 27.62
C LEU A 608 4.03 7.51 27.41
N VAL A 609 3.90 8.73 26.88
CA VAL A 609 2.61 9.29 26.56
C VAL A 609 2.60 9.74 25.10
N PHE A 610 1.44 9.62 24.45
CA PHE A 610 1.23 10.15 23.12
C PHE A 610 1.47 11.67 23.12
N ALA A 611 1.49 12.26 21.93
CA ALA A 611 1.81 13.67 21.77
C ALA A 611 0.77 14.55 22.47
N ASP A 612 -0.49 14.09 22.50
CA ASP A 612 -1.56 14.83 23.18
C ASP A 612 -1.49 14.59 24.69
N ARG A 613 -0.58 13.74 25.15
CA ARG A 613 -0.32 13.42 26.58
C ARG A 613 -1.28 12.34 27.13
N THR A 614 -1.96 11.61 26.25
CA THR A 614 -2.65 10.42 26.68
C THR A 614 -1.62 9.33 26.95
N PRO A 615 -1.76 8.53 28.00
CA PRO A 615 -0.78 7.49 28.30
C PRO A 615 -0.77 6.33 27.31
N HIS A 616 0.44 5.89 26.98
CA HIS A 616 0.68 4.55 26.47
C HIS A 616 0.49 3.56 27.61
N PRO A 617 0.22 2.27 27.33
CA PRO A 617 0.12 1.26 28.37
C PRO A 617 1.33 1.23 29.32
N ALA A 618 2.54 1.38 28.78
CA ALA A 618 3.77 1.24 29.57
C ALA A 618 3.81 2.25 30.74
N LEU A 619 3.06 3.34 30.68
CA LEU A 619 3.16 4.34 31.72
C LEU A 619 2.81 3.74 33.09
N THR A 620 1.80 2.88 33.14
CA THR A 620 1.35 2.32 34.41
C THR A 620 2.39 1.31 34.93
N GLU A 621 3.12 0.63 34.04
CA GLU A 621 4.17 -0.29 34.47
C GLU A 621 5.27 0.49 35.21
N ALA A 622 5.61 1.67 34.68
CA ALA A 622 6.58 2.53 35.32
C ALA A 622 6.05 3.02 36.67
N LYS A 623 4.78 3.42 36.70
CA LYS A 623 4.17 3.91 37.92
C LYS A 623 4.25 2.84 39.01
N HIS A 624 4.00 1.58 38.64
CA HIS A 624 4.03 0.49 39.59
C HIS A 624 5.45 0.29 40.14
N GLN A 625 6.44 0.16 39.25
CA GLN A 625 7.80 -0.19 39.67
C GLN A 625 8.44 0.97 40.46
N GLN A 626 8.08 2.21 40.16
CA GLN A 626 8.65 3.39 40.79
C GLN A 626 7.86 3.84 42.02
N GLN A 627 6.97 2.98 42.55
CA GLN A 627 6.12 3.38 43.67
C GLN A 627 6.97 3.46 44.94
N PHE A 628 6.56 4.36 45.84
CA PHE A 628 7.36 4.72 47.01
C PHE A 628 7.03 3.85 48.22
N PHE A 629 6.09 2.90 48.07
CA PHE A 629 5.74 1.96 49.13
C PHE A 629 5.93 0.55 48.61
N GLN A 630 6.73 -0.24 49.34
CA GLN A 630 6.96 -1.65 49.05
C GLN A 630 6.22 -2.48 50.10
N PHE A 631 5.83 -3.68 49.71
CA PHE A 631 4.92 -4.51 50.48
C PHE A 631 5.46 -5.94 50.55
N ARG A 632 5.33 -6.55 51.73
CA ARG A 632 5.54 -7.97 51.94
C ARG A 632 4.36 -8.53 52.73
N LEU A 633 4.10 -9.83 52.55
CA LEU A 633 3.02 -10.52 53.23
C LEU A 633 3.58 -11.76 53.92
N SER A 634 3.27 -11.88 55.22
CA SER A 634 3.53 -13.09 56.00
C SER A 634 2.24 -13.46 56.75
N GLY A 635 1.71 -14.65 56.47
CA GLY A 635 0.35 -14.97 56.92
C GLY A 635 -0.65 -14.01 56.31
N GLN A 636 -1.27 -13.18 57.14
CA GLN A 636 -2.08 -12.04 56.67
C GLN A 636 -1.72 -10.82 57.52
N THR A 637 -0.41 -10.69 57.75
CA THR A 637 0.21 -9.43 58.17
C THR A 637 0.98 -8.82 56.98
N ILE A 638 0.80 -7.52 56.77
CA ILE A 638 1.42 -6.78 55.69
C ILE A 638 2.49 -5.86 56.28
N GLU A 639 3.70 -5.98 55.74
CA GLU A 639 4.81 -5.11 56.03
C GLU A 639 4.87 -4.05 54.92
N VAL A 640 4.66 -2.79 55.30
CA VAL A 640 4.77 -1.69 54.39
C VAL A 640 6.09 -0.97 54.68
N THR A 641 6.94 -0.91 53.65
CA THR A 641 8.20 -0.21 53.71
C THR A 641 8.05 1.08 52.91
N SER A 642 8.51 2.20 53.48
CA SER A 642 8.50 3.49 52.79
C SER A 642 9.89 3.81 52.21
N GLU A 643 9.92 4.19 50.93
CA GLU A 643 11.13 4.60 50.25
C GLU A 643 11.19 6.13 50.16
N TYR A 644 10.29 6.83 50.85
CA TYR A 644 10.46 8.27 51.01
C TYR A 644 11.64 8.53 51.94
N LEU A 645 12.30 9.68 51.74
CA LEU A 645 13.53 10.00 52.47
C LEU A 645 13.27 11.04 53.55
N PHE A 646 12.25 11.90 53.36
CA PHE A 646 12.09 13.10 54.19
C PHE A 646 10.71 13.25 54.83
N ARG A 647 9.69 12.53 54.38
CA ARG A 647 8.33 12.80 54.87
C ARG A 647 7.67 11.51 55.36
N HIS A 648 6.83 11.68 56.38
CA HIS A 648 5.93 10.63 56.86
C HIS A 648 4.77 10.47 55.87
N SER A 649 4.09 9.32 55.95
CA SER A 649 2.95 9.05 55.12
C SER A 649 1.70 9.76 55.67
N ASP A 650 1.71 11.10 55.63
CA ASP A 650 0.69 11.93 56.24
C ASP A 650 -0.40 12.33 55.23
N ASN A 651 -0.56 11.55 54.15
CA ASN A 651 -1.66 11.72 53.22
C ASN A 651 -1.83 10.39 52.48
N GLU A 652 -2.04 9.33 53.26
CA GLU A 652 -2.00 7.98 52.75
C GLU A 652 -2.90 7.09 53.62
N LEU A 653 -3.76 6.33 52.94
CA LEU A 653 -4.56 5.25 53.49
C LEU A 653 -4.12 3.97 52.79
N LEU A 654 -4.29 2.83 53.46
CA LEU A 654 -4.19 1.55 52.80
C LEU A 654 -5.59 0.96 52.68
N HIS A 655 -6.03 0.74 51.44
CA HIS A 655 -7.26 0.01 51.13
C HIS A 655 -6.83 -1.43 50.83
N TRP A 656 -7.61 -2.40 51.31
CA TRP A 656 -7.37 -3.80 51.02
C TRP A 656 -8.66 -4.49 50.59
N MET A 657 -8.54 -5.45 49.68
CA MET A 657 -9.68 -6.17 49.10
C MET A 657 -9.26 -7.62 48.87
N VAL A 658 -10.08 -8.56 49.37
CA VAL A 658 -9.89 -9.96 49.07
C VAL A 658 -11.05 -10.39 48.17
N ALA A 659 -10.76 -11.21 47.16
CA ALA A 659 -11.77 -11.59 46.18
C ALA A 659 -11.46 -12.96 45.61
N LEU A 660 -12.53 -13.74 45.36
CA LEU A 660 -12.42 -15.09 44.81
C LEU A 660 -12.82 -15.04 43.33
N ASP A 661 -11.84 -15.32 42.47
CA ASP A 661 -12.00 -15.27 41.00
C ASP A 661 -12.87 -14.06 40.61
N GLY A 662 -12.54 -12.89 41.17
CA GLY A 662 -13.19 -11.65 40.82
C GLY A 662 -14.27 -11.22 41.78
N LYS A 663 -14.87 -12.17 42.50
CA LYS A 663 -16.02 -11.91 43.36
C LYS A 663 -15.55 -11.31 44.68
N PRO A 664 -15.90 -10.05 45.01
CA PRO A 664 -15.46 -9.46 46.28
C PRO A 664 -16.09 -10.16 47.48
N LEU A 665 -15.30 -10.32 48.56
CA LEU A 665 -15.75 -10.98 49.79
C LEU A 665 -15.56 -10.05 50.99
N ALA A 666 -14.38 -9.43 51.12
CA ALA A 666 -14.07 -8.54 52.21
C ALA A 666 -13.25 -7.34 51.70
N SER A 667 -13.50 -6.18 52.30
CA SER A 667 -12.71 -4.99 52.05
C SER A 667 -12.42 -4.32 53.39
N GLY A 668 -11.94 -3.07 53.38
CA GLY A 668 -11.56 -2.38 54.60
C GLY A 668 -10.37 -1.48 54.36
N GLU A 669 -10.21 -0.48 55.24
CA GLU A 669 -9.20 0.55 55.11
C GLU A 669 -8.45 0.71 56.43
N VAL A 670 -7.15 1.01 56.33
CA VAL A 670 -6.26 1.16 57.47
C VAL A 670 -5.47 2.46 57.32
N PRO A 671 -5.35 3.30 58.36
CA PRO A 671 -4.52 4.50 58.25
C PRO A 671 -3.06 4.07 58.06
N LEU A 672 -2.31 4.88 57.30
CA LEU A 672 -0.91 4.60 57.04
C LEU A 672 -0.07 5.65 57.75
N ASP A 673 0.84 5.16 58.59
CA ASP A 673 1.74 6.00 59.35
C ASP A 673 3.14 5.35 59.34
N VAL A 674 3.88 5.60 58.27
CA VAL A 674 5.24 5.08 58.08
C VAL A 674 6.21 6.27 58.02
N ALA A 675 7.26 6.19 58.83
CA ALA A 675 8.29 7.18 58.83
C ALA A 675 9.13 6.98 57.57
N PRO A 676 9.85 8.02 57.11
CA PRO A 676 10.70 7.88 55.95
C PRO A 676 11.73 6.76 56.14
N GLN A 677 11.76 5.84 55.19
CA GLN A 677 12.64 4.64 55.22
C GLN A 677 12.22 3.69 56.34
N GLY A 678 11.06 3.94 56.97
CA GLY A 678 10.57 3.10 58.06
C GLY A 678 9.72 1.95 57.55
N LYS A 679 9.17 1.21 58.51
CA LYS A 679 8.27 0.10 58.27
C LYS A 679 7.02 0.26 59.13
N GLN A 680 5.92 -0.33 58.66
CA GLN A 680 4.70 -0.43 59.44
C GLN A 680 4.12 -1.83 59.23
N LEU A 681 3.80 -2.50 60.33
CA LEU A 681 3.15 -3.79 60.29
C LEU A 681 1.65 -3.60 60.46
N ILE A 682 0.88 -4.23 59.57
CA ILE A 682 -0.58 -4.18 59.60
C ILE A 682 -1.09 -5.62 59.58
N GLU A 683 -1.75 -6.04 60.67
CA GLU A 683 -2.39 -7.34 60.72
C GLU A 683 -3.82 -7.19 60.22
N LEU A 684 -4.20 -8.04 59.25
CA LEU A 684 -5.53 -7.96 58.67
C LEU A 684 -6.49 -8.73 59.55
N PRO A 685 -7.75 -8.25 59.72
CA PRO A 685 -8.78 -9.03 60.39
C PRO A 685 -8.98 -10.41 59.76
N GLU A 686 -9.55 -11.34 60.52
CA GLU A 686 -9.79 -12.71 60.03
C GLU A 686 -10.51 -12.62 58.68
N LEU A 687 -9.86 -13.13 57.63
CA LEU A 687 -10.34 -12.96 56.26
C LEU A 687 -11.19 -14.14 55.86
N PRO A 688 -12.03 -14.01 54.82
CA PRO A 688 -12.88 -15.12 54.39
C PRO A 688 -12.06 -16.34 53.96
N GLN A 689 -12.60 -17.53 54.23
CA GLN A 689 -11.98 -18.79 53.87
C GLN A 689 -13.06 -19.70 53.35
N PRO A 690 -13.59 -19.42 52.13
CA PRO A 690 -14.69 -20.22 51.59
C PRO A 690 -14.19 -21.56 51.05
N GLU A 691 -15.12 -22.53 50.98
CA GLU A 691 -14.81 -23.87 50.47
C GLU A 691 -14.89 -23.89 48.93
N SER A 692 -15.53 -22.87 48.33
CA SER A 692 -15.69 -22.71 46.88
C SER A 692 -14.38 -23.00 46.14
N ALA A 693 -14.47 -23.63 44.98
CA ALA A 693 -13.34 -23.75 44.06
C ALA A 693 -12.89 -22.35 43.61
N GLY A 694 -11.65 -22.29 43.11
CA GLY A 694 -11.09 -21.05 42.59
C GLY A 694 -9.90 -20.57 43.40
N GLN A 695 -9.51 -19.32 43.15
CA GLN A 695 -8.29 -18.74 43.74
C GLN A 695 -8.62 -17.43 44.44
N LEU A 696 -8.19 -17.30 45.70
CA LEU A 696 -8.41 -16.08 46.48
C LEU A 696 -7.21 -15.14 46.29
N TRP A 697 -7.51 -13.85 46.14
CA TRP A 697 -6.51 -12.85 45.81
C TRP A 697 -6.64 -11.68 46.78
N LEU A 698 -5.50 -11.31 47.39
CA LEU A 698 -5.41 -10.13 48.22
C LEU A 698 -4.81 -9.00 47.38
N THR A 699 -5.46 -7.83 47.45
CA THR A 699 -5.07 -6.66 46.74
C THR A 699 -5.03 -5.50 47.72
N VAL A 700 -3.93 -4.76 47.73
CA VAL A 700 -3.83 -3.57 48.55
C VAL A 700 -3.52 -2.40 47.63
N ARG A 701 -4.03 -1.22 48.01
CA ARG A 701 -3.84 0.00 47.30
C ARG A 701 -3.51 1.09 48.32
N VAL A 702 -2.56 1.96 48.00
CA VAL A 702 -2.35 3.16 48.78
C VAL A 702 -3.15 4.28 48.13
N VAL A 703 -3.88 5.05 48.93
CA VAL A 703 -4.77 6.08 48.44
C VAL A 703 -4.54 7.36 49.22
N GLN A 704 -4.43 8.48 48.51
CA GLN A 704 -4.20 9.77 49.13
C GLN A 704 -5.55 10.45 49.33
N PRO A 705 -6.03 10.58 50.59
CA PRO A 705 -7.36 11.14 50.81
C PRO A 705 -7.51 12.59 50.36
N ASN A 706 -6.47 13.40 50.53
CA ASN A 706 -6.56 14.84 50.25
C ASN A 706 -5.86 15.18 48.94
N ALA A 707 -6.37 16.21 48.27
CA ALA A 707 -5.77 16.71 47.07
C ALA A 707 -4.41 17.34 47.41
N THR A 708 -3.52 17.35 46.41
CA THR A 708 -2.22 18.02 46.49
C THR A 708 -2.19 19.19 45.50
N ALA A 709 -1.01 19.78 45.31
CA ALA A 709 -0.82 20.69 44.19
C ALA A 709 -0.68 19.91 42.88
N TRP A 710 -0.51 18.59 42.94
CA TRP A 710 -0.23 17.76 41.76
C TRP A 710 -1.19 16.59 41.58
N SER A 711 -2.14 16.37 42.51
CA SER A 711 -3.02 15.22 42.41
C SER A 711 -4.40 15.53 42.99
N GLU A 712 -5.38 14.73 42.57
CA GLU A 712 -6.76 14.80 43.05
C GLU A 712 -6.92 13.96 44.32
N ALA A 713 -7.95 14.28 45.10
CA ALA A 713 -8.36 13.43 46.21
C ALA A 713 -8.75 12.06 45.68
N GLY A 714 -8.27 11.01 46.35
CA GLY A 714 -8.53 9.64 45.92
C GLY A 714 -7.44 9.07 45.03
N HIS A 715 -6.38 9.84 44.77
CA HIS A 715 -5.28 9.42 43.90
C HIS A 715 -4.63 8.15 44.45
N ILE A 716 -4.33 7.19 43.56
CA ILE A 716 -3.69 5.93 43.92
C ILE A 716 -2.19 6.00 43.65
N SER A 717 -1.38 5.68 44.66
CA SER A 717 0.06 5.88 44.65
C SER A 717 0.83 4.56 44.45
N ALA A 718 0.22 3.42 44.80
CA ALA A 718 0.90 2.13 44.78
C ALA A 718 -0.11 1.02 44.98
N TRP A 719 0.30 -0.21 44.69
CA TRP A 719 -0.55 -1.35 44.85
C TRP A 719 0.30 -2.62 44.79
N GLN A 720 -0.27 -3.72 45.26
CA GLN A 720 0.37 -5.01 45.26
C GLN A 720 -0.71 -6.09 45.40
N GLN A 721 -0.43 -7.27 44.86
CA GLN A 721 -1.38 -8.37 44.89
C GLN A 721 -0.66 -9.66 45.28
N TRP A 722 -1.35 -10.48 46.10
CA TRP A 722 -0.89 -11.83 46.43
C TRP A 722 -2.04 -12.82 46.23
N ARG A 723 -1.67 -14.03 45.79
CA ARG A 723 -2.56 -15.15 45.84
C ARG A 723 -2.56 -15.70 47.27
N LEU A 724 -3.72 -15.64 47.95
CA LEU A 724 -3.94 -16.39 49.20
C LEU A 724 -4.26 -17.83 48.85
N ALA A 725 -5.30 -18.41 49.44
CA ALA A 725 -5.58 -19.83 49.24
C ALA A 725 -6.13 -20.10 47.83
N GLU A 726 -5.90 -21.32 47.34
CA GLU A 726 -6.56 -21.86 46.16
C GLU A 726 -7.31 -23.14 46.54
N ASN A 727 -8.41 -23.38 45.83
CA ASN A 727 -9.22 -24.59 45.97
C ASN A 727 -9.46 -25.18 44.58
N LEU A 728 -8.76 -26.27 44.27
CA LEU A 728 -8.97 -26.96 43.01
C LEU A 728 -10.36 -27.59 43.02
N SER A 729 -11.10 -27.41 41.91
CA SER A 729 -12.44 -27.95 41.78
C SER A 729 -12.36 -29.47 41.64
N VAL A 730 -13.16 -30.18 42.43
CA VAL A 730 -13.21 -31.65 42.42
C VAL A 730 -14.55 -32.16 41.87
N THR A 731 -15.52 -31.25 41.69
CA THR A 731 -16.89 -31.60 41.39
C THR A 731 -17.01 -32.11 39.95
N LEU A 732 -17.83 -33.14 39.76
CA LEU A 732 -18.13 -33.67 38.42
C LEU A 732 -19.17 -32.77 37.74
N PRO A 733 -18.96 -32.39 36.47
CA PRO A 733 -19.96 -31.60 35.74
C PRO A 733 -21.32 -32.30 35.73
N ALA A 734 -22.40 -31.50 35.83
CA ALA A 734 -23.77 -32.02 35.85
C ALA A 734 -24.02 -32.84 34.59
N ALA A 735 -24.58 -34.05 34.78
CA ALA A 735 -24.84 -34.97 33.69
C ALA A 735 -25.77 -34.31 32.66
N SER A 736 -25.47 -34.54 31.37
CA SER A 736 -26.22 -34.00 30.25
C SER A 736 -27.27 -35.01 29.77
N HIS A 737 -28.32 -34.48 29.13
CA HIS A 737 -29.46 -35.26 28.72
C HIS A 737 -29.41 -35.63 27.23
N ALA A 738 -28.26 -35.49 26.56
CA ALA A 738 -28.18 -35.74 25.11
C ALA A 738 -26.72 -35.99 24.71
N ILE A 739 -26.54 -36.72 23.61
CA ILE A 739 -25.25 -37.08 23.05
C ILE A 739 -25.13 -36.44 21.68
N PRO A 740 -24.03 -35.75 21.35
CA PRO A 740 -23.89 -35.13 20.04
C PRO A 740 -23.70 -36.16 18.91
N HIS A 741 -24.20 -35.78 17.74
CA HIS A 741 -24.29 -36.63 16.57
C HIS A 741 -23.15 -36.27 15.60
N LEU A 742 -22.48 -37.30 15.07
CA LEU A 742 -21.43 -37.12 14.07
C LEU A 742 -21.99 -37.48 12.69
N THR A 743 -21.84 -36.54 11.74
CA THR A 743 -22.24 -36.74 10.36
C THR A 743 -20.98 -36.67 9.50
N THR A 744 -20.67 -37.75 8.79
CA THR A 744 -19.45 -37.86 8.03
C THR A 744 -19.74 -37.69 6.54
N SER A 745 -19.15 -36.64 5.94
CA SER A 745 -19.06 -36.45 4.51
C SER A 745 -17.69 -36.97 4.03
N GLU A 746 -17.48 -36.96 2.72
CA GLU A 746 -16.11 -37.14 2.20
C GLU A 746 -15.29 -35.87 2.48
N MET A 747 -15.99 -34.73 2.58
CA MET A 747 -15.42 -33.41 2.69
C MET A 747 -15.33 -32.93 4.14
N ASP A 748 -16.35 -33.25 4.94
CA ASP A 748 -16.55 -32.60 6.25
C ASP A 748 -16.87 -33.64 7.33
N PHE A 749 -16.50 -33.29 8.57
CA PHE A 749 -17.07 -33.85 9.79
C PHE A 749 -17.93 -32.76 10.43
N CYS A 750 -19.24 -33.01 10.55
CA CYS A 750 -20.14 -32.06 11.19
C CYS A 750 -20.74 -32.69 12.45
N ILE A 751 -20.99 -31.84 13.45
CA ILE A 751 -21.43 -32.23 14.78
C ILE A 751 -22.68 -31.42 15.13
N GLU A 752 -23.70 -32.09 15.67
CA GLU A 752 -24.94 -31.42 16.02
C GLU A 752 -25.30 -31.74 17.47
N LEU A 753 -25.89 -30.75 18.14
CA LEU A 753 -26.41 -30.90 19.48
C LEU A 753 -27.38 -29.74 19.76
N GLY A 754 -28.68 -30.04 19.77
CA GLY A 754 -29.70 -29.01 19.89
C GLY A 754 -29.72 -28.13 18.66
N ASN A 755 -29.63 -26.82 18.86
CA ASN A 755 -29.59 -25.85 17.75
C ASN A 755 -28.16 -25.57 17.30
N LYS A 756 -27.17 -26.23 17.92
CA LYS A 756 -25.75 -25.95 17.69
C LYS A 756 -25.14 -26.97 16.71
N ARG A 757 -24.23 -26.50 15.87
CA ARG A 757 -23.52 -27.34 14.90
C ARG A 757 -22.07 -26.85 14.74
N TRP A 758 -21.16 -27.80 14.50
CA TRP A 758 -19.73 -27.54 14.34
C TRP A 758 -19.26 -28.24 13.06
N GLN A 759 -18.56 -27.51 12.18
CA GLN A 759 -18.09 -28.08 10.93
C GLN A 759 -16.56 -28.10 10.92
N PHE A 760 -16.00 -29.27 10.59
CA PHE A 760 -14.58 -29.50 10.49
C PHE A 760 -14.24 -29.88 9.05
N ASN A 761 -13.58 -28.97 8.35
CA ASN A 761 -13.13 -29.18 6.98
C ASN A 761 -12.04 -30.26 6.98
N ARG A 762 -12.26 -31.34 6.24
CA ARG A 762 -11.36 -32.49 6.23
C ARG A 762 -10.30 -32.33 5.15
N GLN A 763 -10.37 -31.28 4.34
CA GLN A 763 -9.33 -30.98 3.34
C GLN A 763 -8.27 -30.08 3.99
N SER A 764 -8.73 -29.12 4.80
CA SER A 764 -7.90 -28.19 5.54
C SER A 764 -7.47 -28.80 6.87
N GLY A 765 -8.44 -29.33 7.62
CA GLY A 765 -8.20 -29.88 8.96
C GLY A 765 -8.53 -28.89 10.07
N PHE A 766 -9.33 -27.86 9.78
CA PHE A 766 -9.64 -26.84 10.77
C PHE A 766 -11.14 -26.70 10.97
N LEU A 767 -11.52 -26.25 12.16
CA LEU A 767 -12.89 -25.89 12.45
C LEU A 767 -13.25 -24.67 11.60
N SER A 768 -13.99 -24.90 10.50
CA SER A 768 -14.24 -23.80 9.57
C SER A 768 -15.57 -23.09 9.82
N GLN A 769 -16.54 -23.74 10.47
CA GLN A 769 -17.77 -22.99 10.82
C GLN A 769 -18.46 -23.62 12.03
N MET A 770 -19.24 -22.78 12.71
CA MET A 770 -20.08 -23.15 13.83
C MET A 770 -21.39 -22.37 13.76
N TRP A 771 -22.49 -23.03 14.14
CA TRP A 771 -23.84 -22.49 14.01
C TRP A 771 -24.50 -22.42 15.40
N ILE A 772 -25.40 -21.43 15.54
CA ILE A 772 -26.38 -21.38 16.63
C ILE A 772 -27.71 -20.86 16.05
N GLY A 773 -28.58 -21.79 15.64
CA GLY A 773 -29.72 -21.45 14.81
C GLY A 773 -29.31 -21.30 13.36
N ASP A 774 -29.86 -20.30 12.67
CA ASP A 774 -29.45 -19.95 11.32
C ASP A 774 -28.21 -19.04 11.33
N LYS A 775 -27.82 -18.54 12.51
CA LYS A 775 -26.72 -17.56 12.65
C LYS A 775 -25.37 -18.29 12.65
N LYS A 776 -24.60 -18.11 11.57
CA LYS A 776 -23.20 -18.56 11.50
C LYS A 776 -22.33 -17.66 12.40
N GLN A 777 -21.18 -18.20 12.82
CA GLN A 777 -20.39 -17.56 13.90
C GLN A 777 -18.95 -17.23 13.49
N LEU A 778 -18.43 -17.81 12.40
CA LEU A 778 -17.04 -17.57 11.95
C LEU A 778 -17.04 -17.02 10.51
N LEU A 779 -16.15 -16.06 10.25
CA LEU A 779 -15.85 -15.59 8.90
C LEU A 779 -14.51 -16.17 8.41
N THR A 780 -13.64 -16.55 9.35
CA THR A 780 -12.38 -17.19 9.06
C THR A 780 -12.28 -18.44 9.92
N PRO A 781 -11.77 -19.56 9.37
CA PRO A 781 -11.54 -20.76 10.18
C PRO A 781 -10.65 -20.49 11.38
N LEU A 782 -10.69 -21.41 12.36
CA LEU A 782 -9.82 -21.37 13.51
C LEU A 782 -8.53 -22.09 13.11
N ARG A 783 -7.45 -21.31 12.97
CA ARG A 783 -6.15 -21.85 12.61
C ARG A 783 -5.11 -21.45 13.67
N ASP A 784 -4.00 -22.20 13.69
CA ASP A 784 -2.86 -21.89 14.49
C ASP A 784 -2.22 -20.59 14.01
N GLN A 785 -1.56 -19.89 14.94
CA GLN A 785 -0.77 -18.70 14.62
C GLN A 785 0.56 -18.77 15.35
N PHE A 786 1.66 -18.55 14.62
CA PHE A 786 3.00 -18.56 15.16
C PHE A 786 3.73 -17.23 14.93
N THR A 787 2.97 -16.17 14.59
CA THR A 787 3.56 -14.89 14.18
C THR A 787 2.75 -13.75 14.80
N ARG A 788 3.36 -12.58 14.84
CA ARG A 788 2.66 -11.36 15.23
C ARG A 788 3.01 -10.25 14.24
N ALA A 789 2.14 -9.25 14.18
CA ALA A 789 2.45 -8.02 13.50
C ALA A 789 3.60 -7.33 14.24
N PRO A 790 4.81 -7.29 13.66
CA PRO A 790 6.02 -6.95 14.41
C PRO A 790 5.96 -5.58 15.10
N LEU A 791 6.44 -5.56 16.35
CA LEU A 791 6.55 -4.34 17.12
C LEU A 791 7.80 -3.59 16.67
N ASP A 792 7.87 -2.31 17.06
CA ASP A 792 9.04 -1.50 16.79
C ASP A 792 10.33 -2.20 17.24
N ASN A 793 10.29 -2.89 18.39
CA ASN A 793 11.46 -3.59 18.93
C ASN A 793 11.81 -4.82 18.08
N ASP A 794 10.80 -5.41 17.42
CA ASP A 794 11.05 -6.54 16.52
C ASP A 794 11.74 -6.03 15.26
N ILE A 795 11.30 -4.87 14.76
CA ILE A 795 11.83 -4.33 13.52
C ILE A 795 13.24 -3.76 13.74
N GLY A 796 13.40 -2.94 14.77
CA GLY A 796 14.68 -2.31 15.04
C GLY A 796 14.95 -1.26 13.99
N VAL A 797 16.13 -1.30 13.37
CA VAL A 797 16.52 -0.34 12.33
C VAL A 797 16.40 -0.96 10.93
N SER A 798 15.82 -2.15 10.82
CA SER A 798 15.71 -2.81 9.53
C SER A 798 14.76 -2.01 8.62
N GLU A 799 15.17 -1.84 7.36
CA GLU A 799 14.35 -1.20 6.31
C GLU A 799 14.43 -2.08 5.05
N ALA A 800 13.52 -1.83 4.11
CA ALA A 800 13.63 -2.44 2.78
C ALA A 800 14.91 -1.99 2.09
N THR A 801 15.33 -0.73 2.30
CA THR A 801 16.62 -0.23 1.79
C THR A 801 17.77 -1.09 2.29
N ARG A 802 17.98 -1.09 3.61
CA ARG A 802 19.09 -1.80 4.27
C ARG A 802 18.49 -2.77 5.30
N ILE A 803 18.41 -4.05 4.92
CA ILE A 803 17.93 -5.09 5.82
C ILE A 803 18.98 -5.30 6.93
N ASP A 804 18.50 -5.39 8.18
CA ASP A 804 19.34 -5.81 9.31
C ASP A 804 18.99 -7.26 9.65
N PRO A 805 19.80 -8.24 9.23
CA PRO A 805 19.40 -9.63 9.36
C PRO A 805 19.25 -10.09 10.81
N ASN A 806 19.82 -9.34 11.76
CA ASN A 806 19.88 -9.75 13.15
C ASN A 806 18.59 -9.43 13.89
N ALA A 807 17.77 -8.50 13.39
CA ALA A 807 16.54 -8.14 14.06
C ALA A 807 15.54 -9.30 13.98
N TRP A 808 14.59 -9.33 14.93
CA TRP A 808 13.67 -10.46 15.08
C TRP A 808 12.79 -10.63 13.84
N VAL A 809 12.30 -9.51 13.30
CA VAL A 809 11.36 -9.58 12.19
C VAL A 809 12.05 -10.21 10.98
N GLU A 810 13.37 -10.02 10.85
CA GLU A 810 14.09 -10.46 9.66
C GLU A 810 14.50 -11.93 9.81
N ARG A 811 14.71 -12.39 11.04
CA ARG A 811 15.02 -13.79 11.24
C ARG A 811 13.74 -14.60 11.03
N TRP A 812 12.60 -14.06 11.47
CA TRP A 812 11.30 -14.68 11.19
C TRP A 812 11.07 -14.76 9.67
N LYS A 813 11.22 -13.62 8.98
CA LYS A 813 10.98 -13.53 7.55
C LYS A 813 11.90 -14.49 6.80
N ALA A 814 13.19 -14.49 7.12
CA ALA A 814 14.15 -15.34 6.43
C ALA A 814 13.76 -16.82 6.56
N ALA A 815 13.23 -17.22 7.73
CA ALA A 815 12.92 -18.62 8.00
C ALA A 815 11.54 -19.00 7.45
N GLY A 816 10.80 -18.04 6.92
CA GLY A 816 9.52 -18.33 6.31
C GLY A 816 8.37 -18.40 7.30
N HIS A 817 8.55 -17.85 8.50
CA HIS A 817 7.47 -17.85 9.47
C HIS A 817 6.23 -17.15 8.91
N TYR A 818 6.43 -16.16 8.03
CA TYR A 818 5.33 -15.31 7.60
C TYR A 818 4.63 -15.86 6.36
N GLN A 819 5.28 -16.76 5.62
CA GLN A 819 4.68 -17.33 4.42
C GLN A 819 4.57 -18.86 4.52
N ALA A 820 4.60 -19.41 5.75
CA ALA A 820 4.47 -20.85 5.94
C ALA A 820 3.01 -21.25 5.76
N GLU A 821 2.77 -22.35 5.03
CA GLU A 821 1.44 -22.85 4.71
C GLU A 821 1.24 -24.19 5.44
N ALA A 822 0.09 -24.32 6.12
CA ALA A 822 -0.27 -25.51 6.86
C ALA A 822 -0.53 -26.67 5.89
N ALA A 823 0.15 -27.80 6.12
CA ALA A 823 -0.03 -29.03 5.36
C ALA A 823 -0.60 -30.11 6.28
N LEU A 824 -1.86 -30.49 6.08
CA LEU A 824 -2.56 -31.45 6.95
C LEU A 824 -1.90 -32.82 6.83
N LEU A 825 -1.67 -33.46 8.00
CA LEU A 825 -1.07 -34.78 8.07
C LEU A 825 -2.08 -35.84 8.52
N GLN A 826 -3.15 -35.43 9.21
CA GLN A 826 -4.08 -36.35 9.86
C GLN A 826 -5.35 -35.57 10.23
N CYS A 827 -6.51 -36.16 9.93
CA CYS A 827 -7.80 -35.62 10.38
C CYS A 827 -8.81 -36.77 10.47
N THR A 828 -9.13 -37.18 11.70
CA THR A 828 -9.99 -38.34 11.97
C THR A 828 -11.11 -37.95 12.93
N ALA A 829 -12.22 -38.69 12.83
CA ALA A 829 -13.36 -38.55 13.73
C ALA A 829 -13.51 -39.85 14.53
N ASP A 830 -14.20 -39.73 15.67
CA ASP A 830 -14.49 -40.85 16.53
C ASP A 830 -15.71 -40.50 17.38
N THR A 831 -16.68 -41.42 17.42
CA THR A 831 -17.82 -41.31 18.33
C THR A 831 -17.49 -42.08 19.60
N LEU A 832 -17.70 -41.43 20.76
CA LEU A 832 -17.67 -42.17 22.03
C LEU A 832 -18.90 -41.80 22.86
N ALA A 833 -19.10 -42.54 23.96
CA ALA A 833 -20.37 -42.61 24.67
C ALA A 833 -20.86 -41.23 25.08
N ASP A 834 -19.96 -40.33 25.47
CA ASP A 834 -20.34 -39.01 26.01
C ASP A 834 -20.22 -37.90 24.97
N ALA A 835 -19.42 -38.10 23.92
CA ALA A 835 -18.97 -36.98 23.07
C ALA A 835 -18.45 -37.47 21.72
N VAL A 836 -18.16 -36.49 20.85
CA VAL A 836 -17.44 -36.70 19.60
C VAL A 836 -16.06 -36.05 19.73
N LEU A 837 -15.06 -36.71 19.13
CA LEU A 837 -13.68 -36.34 19.26
C LEU A 837 -13.01 -36.31 17.89
N ILE A 838 -12.58 -35.12 17.47
CA ILE A 838 -11.79 -34.92 16.25
C ILE A 838 -10.34 -34.70 16.64
N THR A 839 -9.44 -35.45 15.99
CA THR A 839 -8.00 -35.29 16.17
C THR A 839 -7.42 -34.78 14.86
N THR A 840 -6.46 -33.85 14.95
CA THR A 840 -5.82 -33.24 13.76
C THR A 840 -4.31 -33.13 13.98
N ALA A 841 -3.58 -32.99 12.87
CA ALA A 841 -2.13 -32.89 12.90
C ALA A 841 -1.64 -32.16 11.64
N HIS A 842 -1.06 -30.98 11.84
CA HIS A 842 -0.59 -30.12 10.77
C HIS A 842 0.92 -29.92 10.88
N ALA A 843 1.58 -29.82 9.72
CA ALA A 843 2.96 -29.36 9.63
C ALA A 843 2.98 -28.03 8.87
N TRP A 844 3.77 -27.07 9.38
CA TRP A 844 4.08 -25.84 8.64
C TRP A 844 5.50 -25.92 8.08
N GLN A 845 5.63 -25.68 6.78
CA GLN A 845 6.90 -25.87 6.11
C GLN A 845 7.26 -24.61 5.30
N HIS A 846 8.52 -24.56 4.90
CA HIS A 846 9.02 -23.55 4.01
C HIS A 846 10.27 -24.08 3.33
N GLN A 847 10.18 -24.26 2.01
CA GLN A 847 11.28 -24.75 1.17
C GLN A 847 11.86 -26.06 1.75
N GLY A 848 10.96 -26.99 2.10
CA GLY A 848 11.34 -28.36 2.45
C GLY A 848 11.64 -28.56 3.93
N LYS A 849 11.73 -27.47 4.71
CA LYS A 849 12.06 -27.56 6.13
C LYS A 849 10.80 -27.36 6.97
N THR A 850 10.61 -28.25 7.94
CA THR A 850 9.41 -28.22 8.79
C THR A 850 9.68 -27.32 10.00
N LEU A 851 8.82 -26.31 10.18
CA LEU A 851 9.01 -25.30 11.22
C LEU A 851 8.23 -25.72 12.46
N PHE A 852 6.94 -25.98 12.27
CA PHE A 852 6.03 -26.30 13.36
C PHE A 852 5.18 -27.53 13.02
N ILE A 853 4.84 -28.31 14.04
CA ILE A 853 3.85 -29.36 13.98
C ILE A 853 2.83 -29.06 15.06
N SER A 854 1.54 -29.24 14.75
CA SER A 854 0.46 -28.90 15.65
C SER A 854 -0.54 -30.05 15.72
N ARG A 855 -0.58 -30.72 16.86
CA ARG A 855 -1.51 -31.85 17.11
C ARG A 855 -2.61 -31.37 18.05
N LYS A 856 -3.86 -31.55 17.64
CA LYS A 856 -4.98 -31.07 18.41
C LYS A 856 -5.99 -32.19 18.65
N THR A 857 -6.90 -31.93 19.59
CA THR A 857 -8.06 -32.76 19.84
C THR A 857 -9.22 -31.85 20.22
N TYR A 858 -10.36 -32.05 19.55
CA TYR A 858 -11.57 -31.31 19.85
C TYR A 858 -12.58 -32.30 20.44
N ARG A 859 -13.03 -32.02 21.66
CA ARG A 859 -14.00 -32.87 22.33
C ARG A 859 -15.29 -32.07 22.56
N ILE A 860 -16.32 -32.39 21.77
CA ILE A 860 -17.63 -31.75 21.92
C ILE A 860 -18.55 -32.74 22.65
N ASP A 861 -19.12 -32.29 23.77
CA ASP A 861 -19.87 -33.15 24.68
C ASP A 861 -21.30 -32.65 24.80
N GLY A 862 -22.12 -33.42 25.54
CA GLY A 862 -23.54 -33.20 25.63
C GLY A 862 -23.92 -31.87 26.29
N SER A 863 -22.97 -31.21 26.97
CA SER A 863 -23.22 -29.91 27.59
C SER A 863 -23.07 -28.77 26.58
N GLY A 864 -22.55 -29.07 25.37
CA GLY A 864 -22.34 -28.08 24.33
C GLY A 864 -21.05 -27.29 24.51
N GLN A 865 -20.01 -27.96 25.00
CA GLN A 865 -18.71 -27.34 25.24
C GLN A 865 -17.63 -28.08 24.45
N MET A 866 -16.74 -27.30 23.82
CA MET A 866 -15.71 -27.82 22.95
C MET A 866 -14.35 -27.70 23.64
N ALA A 867 -13.77 -28.85 23.99
CA ALA A 867 -12.51 -28.92 24.66
C ALA A 867 -11.40 -29.09 23.62
N ILE A 868 -10.54 -28.08 23.50
CA ILE A 868 -9.45 -28.08 22.55
C ILE A 868 -8.12 -28.26 23.29
N THR A 869 -7.30 -29.22 22.85
CA THR A 869 -5.96 -29.44 23.34
C THR A 869 -4.98 -29.30 22.18
N VAL A 870 -3.89 -28.53 22.39
CA VAL A 870 -2.90 -28.26 21.36
C VAL A 870 -1.50 -28.65 21.87
N ASP A 871 -0.73 -29.29 20.99
CA ASP A 871 0.57 -29.82 21.33
C ASP A 871 1.53 -29.52 20.17
N VAL A 872 2.26 -28.40 20.29
CA VAL A 872 3.06 -27.85 19.21
C VAL A 872 4.52 -28.25 19.38
N GLU A 873 5.14 -28.75 18.31
CA GLU A 873 6.58 -28.89 18.23
C GLU A 873 7.15 -27.70 17.46
N VAL A 874 8.28 -27.17 17.93
CA VAL A 874 9.01 -26.13 17.27
C VAL A 874 10.45 -26.60 17.05
N ALA A 875 10.89 -26.58 15.79
CA ALA A 875 12.22 -27.03 15.43
C ALA A 875 13.24 -26.19 16.19
N SER A 876 14.28 -26.84 16.70
CA SER A 876 15.25 -26.21 17.60
C SER A 876 16.04 -25.13 16.87
N ASP A 877 16.16 -25.20 15.54
CA ASP A 877 17.05 -24.33 14.77
C ASP A 877 16.29 -23.23 14.03
N THR A 878 14.96 -23.21 14.07
CA THR A 878 14.25 -22.05 13.56
C THR A 878 14.27 -20.97 14.63
N PRO A 879 14.28 -19.68 14.24
CA PRO A 879 14.07 -18.61 15.21
C PRO A 879 12.84 -18.86 16.11
N HIS A 880 13.01 -18.63 17.41
CA HIS A 880 11.95 -18.84 18.36
C HIS A 880 10.74 -18.01 17.94
N PRO A 881 9.53 -18.60 17.84
CA PRO A 881 8.38 -17.89 17.30
C PRO A 881 7.83 -16.83 18.24
N ALA A 882 7.09 -15.88 17.67
CA ALA A 882 6.58 -14.73 18.38
C ALA A 882 5.44 -15.12 19.30
N ARG A 883 4.69 -16.16 18.94
CA ARG A 883 3.58 -16.62 19.77
C ARG A 883 3.23 -18.05 19.39
N ILE A 884 2.46 -18.71 20.26
CA ILE A 884 1.92 -20.04 19.99
C ILE A 884 0.45 -20.04 20.43
N GLY A 885 -0.45 -19.96 19.45
CA GLY A 885 -1.86 -19.92 19.74
C GLY A 885 -2.72 -20.18 18.52
N LEU A 886 -3.98 -19.76 18.64
CA LEU A 886 -5.00 -19.86 17.61
C LEU A 886 -5.47 -18.45 17.24
N ASN A 887 -6.00 -18.30 16.03
CA ASN A 887 -6.72 -17.09 15.66
C ASN A 887 -7.96 -17.47 14.86
N CYS A 888 -8.91 -16.54 14.81
CA CYS A 888 -10.09 -16.64 14.00
C CYS A 888 -10.74 -15.26 13.93
N GLN A 889 -11.61 -15.07 12.94
CA GLN A 889 -12.38 -13.84 12.76
C GLN A 889 -13.85 -14.16 13.04
N LEU A 890 -14.35 -13.71 14.19
CA LEU A 890 -15.73 -13.96 14.58
C LEU A 890 -16.65 -13.10 13.71
N ALA A 891 -17.88 -13.56 13.51
CA ALA A 891 -18.91 -12.77 12.88
C ALA A 891 -19.49 -11.73 13.87
N GLN A 892 -19.36 -11.99 15.17
CA GLN A 892 -19.97 -11.16 16.18
C GLN A 892 -19.17 -9.87 16.36
N VAL A 893 -19.90 -8.78 16.59
CA VAL A 893 -19.36 -7.52 17.05
C VAL A 893 -20.18 -7.12 18.27
N ALA A 894 -19.63 -7.37 19.47
CA ALA A 894 -20.25 -6.96 20.71
C ALA A 894 -19.62 -5.66 21.22
N GLU A 895 -20.36 -4.96 22.08
CA GLU A 895 -19.95 -3.69 22.64
C GLU A 895 -18.85 -3.87 23.70
N ARG A 896 -18.87 -4.99 24.42
CA ARG A 896 -18.07 -5.16 25.63
C ARG A 896 -17.14 -6.37 25.49
N VAL A 897 -16.10 -6.38 26.33
CA VAL A 897 -15.25 -7.55 26.53
C VAL A 897 -15.06 -7.77 28.04
N ASN A 898 -15.41 -8.99 28.47
CA ASN A 898 -15.37 -9.37 29.87
C ASN A 898 -14.37 -10.51 30.02
N TRP A 899 -13.39 -10.35 30.91
CA TRP A 899 -12.39 -11.39 31.10
C TRP A 899 -11.96 -11.44 32.56
N LEU A 900 -11.40 -12.59 32.93
CA LEU A 900 -10.81 -12.82 34.23
C LEU A 900 -9.33 -13.14 34.01
N GLY A 901 -8.49 -12.19 34.42
CA GLY A 901 -7.05 -12.27 34.24
C GLY A 901 -6.40 -10.93 34.53
N LEU A 902 -5.15 -10.78 34.08
CA LEU A 902 -4.37 -9.58 34.36
C LEU A 902 -4.92 -8.42 33.53
N GLY A 903 -5.15 -7.30 34.20
CA GLY A 903 -5.73 -6.13 33.58
C GLY A 903 -5.74 -4.94 34.53
N PRO A 904 -6.48 -3.89 34.19
CA PRO A 904 -7.29 -3.81 32.97
C PRO A 904 -6.53 -3.48 31.68
N GLN A 905 -5.29 -2.98 31.79
CA GLN A 905 -4.56 -2.43 30.66
C GLN A 905 -3.78 -3.54 29.95
N GLU A 906 -3.38 -3.24 28.71
CA GLU A 906 -2.52 -4.08 27.91
C GLU A 906 -1.30 -4.51 28.74
N ASN A 907 -0.97 -5.79 28.67
CA ASN A 907 0.16 -6.34 29.38
C ASN A 907 0.71 -7.52 28.61
N TYR A 908 2.03 -7.70 28.69
CA TYR A 908 2.77 -8.72 27.96
C TYR A 908 3.67 -9.46 28.95
N PRO A 909 4.14 -10.67 28.60
CA PRO A 909 4.88 -11.49 29.56
C PRO A 909 5.98 -10.75 30.35
N ASP A 910 6.75 -9.90 29.68
CA ASP A 910 7.82 -9.15 30.35
C ASP A 910 7.38 -7.74 30.70
N ARG A 911 6.07 -7.46 30.68
CA ARG A 911 5.53 -6.19 31.18
C ARG A 911 4.11 -6.39 31.68
N LEU A 912 3.96 -7.14 32.79
CA LEU A 912 2.65 -7.39 33.40
C LEU A 912 2.65 -7.18 34.93
N THR A 913 3.70 -6.59 35.49
CA THR A 913 3.78 -6.45 36.94
C THR A 913 2.70 -5.47 37.42
N ALA A 914 2.39 -4.46 36.61
CA ALA A 914 1.41 -3.46 37.00
C ALA A 914 -0.02 -4.02 36.91
N ALA A 915 -0.22 -5.04 36.07
CA ALA A 915 -1.54 -5.62 35.89
C ALA A 915 -1.90 -6.45 37.13
N CYS A 916 -3.19 -6.45 37.47
CA CYS A 916 -3.74 -7.22 38.59
C CYS A 916 -4.81 -8.18 38.09
N PHE A 917 -4.87 -9.36 38.71
CA PHE A 917 -5.84 -10.37 38.39
C PHE A 917 -7.18 -10.01 39.04
N ASP A 918 -8.21 -9.90 38.20
CA ASP A 918 -9.54 -9.50 38.61
C ASP A 918 -10.49 -9.77 37.44
N ARG A 919 -11.77 -9.48 37.68
CA ARG A 919 -12.75 -9.50 36.61
C ARG A 919 -12.74 -8.12 35.98
N TRP A 920 -12.42 -8.08 34.68
CA TRP A 920 -12.31 -6.83 33.95
C TRP A 920 -13.40 -6.75 32.88
N ASP A 921 -14.00 -5.56 32.78
CA ASP A 921 -15.08 -5.33 31.84
C ASP A 921 -14.90 -3.96 31.19
N LEU A 922 -14.53 -3.96 29.90
CA LEU A 922 -14.19 -2.75 29.16
C LEU A 922 -14.88 -2.75 27.80
N PRO A 923 -15.05 -1.56 27.17
CA PRO A 923 -15.44 -1.50 25.77
C PRO A 923 -14.39 -2.15 24.87
N LEU A 924 -14.83 -2.69 23.74
CA LEU A 924 -13.95 -3.31 22.75
C LEU A 924 -12.88 -2.31 22.27
N SER A 925 -13.22 -1.01 22.25
CA SER A 925 -12.28 0.05 21.87
C SER A 925 -11.00 -0.07 22.70
N ASP A 926 -11.14 -0.23 24.02
CA ASP A 926 -10.03 -0.21 24.98
C ASP A 926 -9.17 -1.48 24.90
N MET A 927 -9.59 -2.47 24.12
CA MET A 927 -8.82 -3.70 23.93
C MET A 927 -7.88 -3.58 22.73
N TYR A 928 -7.86 -2.39 22.11
CA TYR A 928 -6.88 -2.05 21.09
C TYR A 928 -6.14 -0.79 21.57
N THR A 929 -4.80 -0.81 21.46
CA THR A 929 -3.99 0.35 21.78
C THR A 929 -3.60 1.07 20.49
N PRO A 930 -3.95 2.36 20.35
CA PRO A 930 -3.74 3.08 19.09
C PRO A 930 -2.32 3.62 18.92
N TYR A 931 -1.33 2.71 18.95
CA TYR A 931 0.02 3.05 18.62
C TYR A 931 0.04 3.66 17.20
N VAL A 932 0.72 4.79 17.04
CA VAL A 932 0.69 5.50 15.78
C VAL A 932 1.32 4.64 14.68
N PHE A 933 2.43 3.96 14.97
CA PHE A 933 2.88 2.89 14.11
C PHE A 933 2.24 1.59 14.58
N PRO A 934 1.32 0.97 13.81
CA PRO A 934 0.55 -0.17 14.31
C PRO A 934 1.38 -1.45 14.34
N SER A 935 1.06 -2.29 15.32
CA SER A 935 1.73 -3.57 15.53
C SER A 935 0.79 -4.48 16.33
N GLU A 936 1.31 -5.62 16.76
CA GLU A 936 0.67 -6.39 17.83
C GLU A 936 0.38 -5.42 18.98
N ASN A 937 -0.82 -5.52 19.56
CA ASN A 937 -1.21 -4.66 20.66
C ASN A 937 -2.40 -5.27 21.40
N GLY A 938 -2.64 -4.74 22.61
CA GLY A 938 -3.85 -5.01 23.38
C GLY A 938 -3.87 -6.38 24.07
N LEU A 939 -2.77 -7.12 24.03
CA LEU A 939 -2.72 -8.43 24.67
C LEU A 939 -2.99 -8.27 26.16
N ARG A 940 -3.77 -9.19 26.73
CA ARG A 940 -3.92 -9.34 28.18
C ARG A 940 -3.48 -10.76 28.54
N CYS A 941 -2.81 -10.87 29.69
CA CYS A 941 -2.05 -12.05 30.03
C CYS A 941 -2.67 -12.77 31.22
N GLY A 942 -2.30 -14.06 31.35
CA GLY A 942 -2.78 -14.93 32.43
C GLY A 942 -4.28 -14.86 32.62
N THR A 943 -5.00 -15.21 31.55
CA THR A 943 -6.45 -15.15 31.54
C THR A 943 -7.03 -16.55 31.60
N ARG A 944 -8.08 -16.71 32.41
CA ARG A 944 -8.74 -18.01 32.60
C ARG A 944 -10.13 -18.05 31.98
N GLU A 945 -10.78 -16.90 31.86
CA GLU A 945 -12.08 -16.79 31.25
C GLU A 945 -12.11 -15.55 30.35
N LEU A 946 -12.58 -15.72 29.12
CA LEU A 946 -12.84 -14.61 28.19
C LEU A 946 -14.28 -14.68 27.69
N ASN A 947 -15.00 -13.56 27.82
CA ASN A 947 -16.42 -13.44 27.46
C ASN A 947 -16.62 -12.38 26.38
N TYR A 948 -17.09 -12.81 25.21
CA TYR A 948 -17.41 -11.90 24.11
C TYR A 948 -18.71 -12.33 23.42
N GLY A 949 -19.74 -11.49 23.53
CA GLY A 949 -21.06 -11.78 23.00
C GLY A 949 -21.67 -13.01 23.65
N PRO A 950 -22.13 -14.00 22.85
CA PRO A 950 -22.56 -15.28 23.41
C PRO A 950 -21.41 -16.24 23.75
N HIS A 951 -20.20 -15.92 23.26
CA HIS A 951 -19.08 -16.83 23.42
C HIS A 951 -18.46 -16.73 24.81
N GLN A 952 -17.79 -17.82 25.21
CA GLN A 952 -16.95 -17.85 26.40
C GLN A 952 -15.81 -18.84 26.15
N TRP A 953 -14.58 -18.41 26.48
CA TRP A 953 -13.41 -19.30 26.41
C TRP A 953 -12.83 -19.47 27.82
N ARG A 954 -12.33 -20.68 28.10
CA ARG A 954 -11.74 -21.00 29.39
C ARG A 954 -10.43 -21.74 29.14
N GLY A 955 -9.47 -21.51 30.04
CA GLY A 955 -8.14 -22.13 29.97
C GLY A 955 -7.10 -21.33 30.74
N ASP A 956 -5.88 -21.31 30.22
CA ASP A 956 -4.82 -20.47 30.75
C ASP A 956 -4.08 -19.85 29.58
N PHE A 957 -4.53 -18.68 29.14
CA PHE A 957 -4.11 -18.15 27.84
C PHE A 957 -3.86 -16.64 27.93
N GLN A 958 -3.27 -16.13 26.85
CA GLN A 958 -3.10 -14.71 26.58
C GLN A 958 -3.92 -14.40 25.31
N PHE A 959 -4.57 -13.23 25.29
CA PHE A 959 -5.47 -12.90 24.21
C PHE A 959 -5.41 -11.42 23.85
N ASN A 960 -5.65 -11.12 22.57
CA ASN A 960 -6.08 -9.80 22.13
C ASN A 960 -7.34 -9.96 21.27
N ILE A 961 -8.17 -8.92 21.28
CA ILE A 961 -9.45 -8.93 20.60
C ILE A 961 -9.68 -7.53 19.99
N SER A 962 -9.92 -7.49 18.68
CA SER A 962 -9.94 -6.22 17.94
C SER A 962 -10.69 -6.39 16.62
N ARG A 963 -10.91 -5.24 15.95
CA ARG A 963 -11.43 -5.22 14.59
C ARG A 963 -10.29 -5.19 13.54
N TYR A 964 -9.04 -5.46 13.96
CA TYR A 964 -7.88 -5.33 13.10
C TYR A 964 -7.07 -6.63 13.11
N SER A 965 -7.00 -7.28 11.96
CA SER A 965 -6.24 -8.51 11.83
C SER A 965 -4.75 -8.21 12.06
N GLN A 966 -3.98 -9.26 12.32
CA GLN A 966 -2.54 -9.18 12.41
C GLN A 966 -1.95 -8.91 11.02
N GLN A 967 -2.69 -9.25 9.95
CA GLN A 967 -2.23 -8.93 8.61
C GLN A 967 -2.32 -7.42 8.39
N GLN A 968 -3.47 -6.81 8.73
CA GLN A 968 -3.68 -5.39 8.48
C GLN A 968 -2.65 -4.58 9.29
N LEU A 969 -2.44 -4.92 10.57
CA LEU A 969 -1.53 -4.16 11.43
C LEU A 969 -0.12 -4.23 10.86
N MET A 970 0.26 -5.41 10.36
CA MET A 970 1.61 -5.62 9.85
C MET A 970 1.85 -4.82 8.55
N GLU A 971 0.80 -4.55 7.77
CA GLU A 971 0.91 -3.95 6.47
C GLU A 971 0.67 -2.43 6.51
N THR A 972 0.05 -1.93 7.58
CA THR A 972 -0.33 -0.54 7.68
C THR A 972 0.75 0.23 8.45
N SER A 973 1.14 1.39 7.91
CA SER A 973 2.24 2.18 8.47
C SER A 973 1.75 3.26 9.45
N HIS A 974 0.47 3.63 9.40
CA HIS A 974 -0.06 4.65 10.30
C HIS A 974 -1.43 4.21 10.82
N ARG A 975 -1.71 4.52 12.08
CA ARG A 975 -2.94 4.11 12.73
C ARG A 975 -4.15 4.71 12.00
N HIS A 976 -4.00 5.91 11.42
CA HIS A 976 -5.13 6.62 10.79
C HIS A 976 -5.53 6.00 9.44
N LEU A 977 -4.72 5.10 8.88
CA LEU A 977 -5.07 4.33 7.67
C LEU A 977 -5.77 3.00 8.01
N LEU A 978 -5.98 2.68 9.28
CA LEU A 978 -6.59 1.38 9.67
C LEU A 978 -8.11 1.49 9.46
N HIS A 979 -8.69 0.41 8.95
CA HIS A 979 -10.15 0.28 8.79
C HIS A 979 -10.63 -0.97 9.53
N ALA A 980 -11.76 -0.84 10.22
CA ALA A 980 -12.39 -1.97 10.88
C ALA A 980 -12.79 -3.03 9.85
N GLU A 981 -12.35 -4.27 10.05
CA GLU A 981 -12.73 -5.38 9.21
C GLU A 981 -14.10 -5.92 9.67
N GLU A 982 -14.71 -6.78 8.83
CA GLU A 982 -15.98 -7.38 9.14
C GLU A 982 -15.81 -8.21 10.43
N GLY A 983 -16.66 -7.96 11.42
CA GLY A 983 -16.61 -8.74 12.65
C GLY A 983 -15.41 -8.41 13.51
N THR A 984 -14.95 -9.40 14.28
CA THR A 984 -13.93 -9.23 15.30
C THR A 984 -12.85 -10.30 15.14
N TRP A 985 -11.59 -9.86 15.18
CA TRP A 985 -10.46 -10.77 15.12
C TRP A 985 -10.03 -11.09 16.56
N LEU A 986 -9.80 -12.39 16.81
CA LEU A 986 -9.45 -12.89 18.13
C LEU A 986 -8.20 -13.74 18.02
N ASN A 987 -7.17 -13.37 18.80
CA ASN A 987 -5.98 -14.18 18.98
C ASN A 987 -5.98 -14.73 20.41
N ILE A 988 -5.90 -16.05 20.54
CA ILE A 988 -5.76 -16.73 21.81
C ILE A 988 -4.45 -17.53 21.78
N ASP A 989 -3.51 -17.15 22.64
CA ASP A 989 -2.20 -17.77 22.68
C ASP A 989 -2.01 -18.45 24.03
N GLY A 990 -1.57 -19.71 23.99
CA GLY A 990 -1.02 -20.33 25.16
C GLY A 990 0.23 -19.62 25.59
N PHE A 991 1.06 -19.23 24.63
CA PHE A 991 2.35 -18.63 24.90
C PHE A 991 2.57 -17.44 23.97
N HIS A 992 3.37 -16.48 24.44
CA HIS A 992 3.65 -15.25 23.70
C HIS A 992 5.03 -14.75 24.11
N MET A 993 5.86 -14.47 23.10
CA MET A 993 7.19 -13.94 23.31
C MET A 993 7.11 -12.55 23.95
N GLY A 994 8.10 -12.23 24.77
CA GLY A 994 8.20 -10.90 25.34
C GLY A 994 8.40 -9.84 24.26
N ILE A 995 8.26 -8.58 24.66
CA ILE A 995 8.30 -7.47 23.76
C ILE A 995 9.66 -6.75 23.77
N GLY A 996 10.48 -6.94 24.82
CA GLY A 996 11.78 -6.27 24.91
C GLY A 996 11.63 -4.75 25.11
N GLY A 997 12.73 -4.04 24.92
CA GLY A 997 12.76 -2.59 25.09
C GLY A 997 14.02 -2.01 25.71
N ASP A 998 14.98 -2.84 26.15
CA ASP A 998 16.23 -2.31 26.71
C ASP A 998 16.89 -1.34 25.73
N ASP A 999 16.76 -1.63 24.43
CA ASP A 999 16.87 -0.64 23.36
C ASP A 999 15.97 -1.10 22.22
N SER A 1000 15.87 -0.28 21.16
CA SER A 1000 15.02 -0.57 20.02
C SER A 1000 15.79 -0.64 18.72
N TRP A 1001 17.06 -1.08 18.76
CA TRP A 1001 17.83 -1.27 17.52
C TRP A 1001 18.65 -2.57 17.54
N SER A 1002 18.48 -3.37 18.59
CA SER A 1002 19.08 -4.68 18.69
C SER A 1002 18.10 -5.62 19.38
N PRO A 1003 18.24 -6.95 19.21
CA PRO A 1003 17.34 -7.87 19.89
C PRO A 1003 17.49 -7.68 21.40
N SER A 1004 16.37 -7.50 22.08
CA SER A 1004 16.36 -7.07 23.47
C SER A 1004 15.47 -7.94 24.36
N VAL A 1005 14.92 -9.04 23.82
CA VAL A 1005 14.02 -9.86 24.61
C VAL A 1005 14.86 -10.88 25.38
N SER A 1006 14.80 -10.79 26.71
CA SER A 1006 15.59 -11.63 27.58
C SER A 1006 15.22 -13.11 27.34
N ALA A 1007 16.19 -14.00 27.52
CA ALA A 1007 16.07 -15.41 27.18
C ALA A 1007 14.86 -16.06 27.83
N GLU A 1008 14.55 -15.71 29.07
CA GLU A 1008 13.47 -16.35 29.80
C GLU A 1008 12.11 -15.99 29.19
N PHE A 1009 12.07 -15.04 28.26
CA PHE A 1009 10.81 -14.63 27.62
C PHE A 1009 10.82 -14.99 26.13
N GLN A 1010 11.79 -15.80 25.70
CA GLN A 1010 11.83 -16.34 24.35
C GLN A 1010 11.24 -17.76 24.35
N LEU A 1011 10.33 -18.03 23.41
CA LEU A 1011 9.63 -19.33 23.34
C LEU A 1011 10.60 -20.36 22.78
N SER A 1012 11.41 -20.93 23.68
CA SER A 1012 12.56 -21.78 23.35
C SER A 1012 12.32 -23.25 23.79
N ALA A 1013 11.15 -23.55 24.37
CA ALA A 1013 10.97 -24.84 25.05
C ALA A 1013 11.09 -26.01 24.06
N GLY A 1014 10.63 -25.85 22.83
CA GLY A 1014 10.74 -26.92 21.83
C GLY A 1014 9.42 -27.68 21.65
N ARG A 1015 8.67 -27.88 22.75
CA ARG A 1015 7.34 -28.47 22.71
C ARG A 1015 6.46 -27.71 23.71
N TYR A 1016 5.22 -27.43 23.33
CA TYR A 1016 4.30 -26.63 24.13
C TYR A 1016 2.93 -27.34 24.23
N HIS A 1017 2.20 -27.06 25.31
CA HIS A 1017 0.88 -27.58 25.54
C HIS A 1017 0.03 -26.44 26.06
N TYR A 1018 -1.17 -26.26 25.49
CA TYR A 1018 -2.17 -25.39 26.07
C TYR A 1018 -3.55 -26.00 25.79
N GLN A 1019 -4.54 -25.57 26.56
CA GLN A 1019 -5.85 -26.20 26.59
C GLN A 1019 -6.91 -25.11 26.75
N LEU A 1020 -7.98 -25.23 25.96
CA LEU A 1020 -9.05 -24.25 25.90
C LEU A 1020 -10.39 -24.99 25.91
N VAL A 1021 -11.43 -24.29 26.34
CA VAL A 1021 -12.80 -24.78 26.24
C VAL A 1021 -13.65 -23.65 25.66
N TRP A 1022 -14.23 -23.91 24.49
CA TRP A 1022 -15.13 -22.98 23.82
C TRP A 1022 -16.59 -23.39 24.10
N CYS A 1023 -17.39 -22.45 24.60
CA CYS A 1023 -18.78 -22.70 24.92
C CYS A 1023 -19.62 -21.44 24.63
N GLN A 1024 -20.95 -21.59 24.75
CA GLN A 1024 -21.90 -20.49 24.68
C GLN A 1024 -22.62 -20.38 26.03
N LYS A 1025 -22.83 -19.15 26.52
CA LYS A 1025 -23.57 -18.94 27.77
C LYS A 1025 -24.35 -17.62 27.74
N ILE B 5 33.42 46.15 -13.12
CA ILE B 5 32.50 46.66 -12.05
C ILE B 5 31.04 46.37 -12.44
N THR B 6 30.65 46.87 -13.61
CA THR B 6 29.36 46.62 -14.20
C THR B 6 29.29 45.24 -14.87
N ASP B 7 30.39 44.47 -14.81
CA ASP B 7 30.40 43.05 -15.14
C ASP B 7 30.07 42.18 -13.92
N SER B 8 30.06 42.77 -12.71
CA SER B 8 29.88 41.99 -11.51
C SER B 8 28.46 41.42 -11.45
N LEU B 9 28.32 40.31 -10.72
CA LEU B 9 27.00 39.72 -10.48
C LEU B 9 26.08 40.72 -9.79
N ALA B 10 26.64 41.56 -8.92
CA ALA B 10 25.84 42.51 -8.14
C ALA B 10 25.11 43.48 -9.06
N VAL B 11 25.76 43.96 -10.09
CA VAL B 11 25.16 44.94 -10.97
C VAL B 11 24.22 44.24 -11.96
N VAL B 12 24.66 43.11 -12.51
CA VAL B 12 23.92 42.47 -13.59
C VAL B 12 22.61 41.89 -13.02
N LEU B 13 22.70 41.20 -11.88
CA LEU B 13 21.51 40.64 -11.29
C LEU B 13 20.57 41.73 -10.75
N GLN B 14 21.11 42.92 -10.52
CA GLN B 14 20.34 44.00 -9.96
C GLN B 14 19.14 44.34 -10.84
N ARG B 15 19.31 44.31 -12.17
CA ARG B 15 18.25 44.72 -13.09
C ARG B 15 17.12 43.68 -13.15
N ARG B 16 17.34 42.48 -12.63
CA ARG B 16 16.32 41.40 -12.60
C ARG B 16 15.63 41.27 -13.98
N ASP B 17 16.43 41.03 -15.00
CA ASP B 17 15.92 40.93 -16.38
C ASP B 17 15.03 39.69 -16.56
N TRP B 18 15.10 38.73 -15.63
CA TRP B 18 14.27 37.52 -15.71
C TRP B 18 12.88 37.71 -15.10
N GLU B 19 12.56 38.94 -14.64
CA GLU B 19 11.24 39.29 -14.15
C GLU B 19 10.68 40.50 -14.92
N ASN B 20 10.85 40.47 -16.26
CA ASN B 20 10.53 41.62 -17.11
C ASN B 20 10.35 41.16 -18.55
N PRO B 21 9.12 40.99 -19.04
CA PRO B 21 8.91 40.51 -20.41
C PRO B 21 9.15 41.59 -21.46
N GLY B 22 9.58 42.77 -21.04
CA GLY B 22 10.06 43.80 -21.93
C GLY B 22 11.53 43.68 -22.25
N VAL B 23 12.24 42.83 -21.49
CA VAL B 23 13.62 42.41 -21.79
C VAL B 23 13.63 40.89 -22.04
N THR B 24 13.61 40.48 -23.31
CA THR B 24 13.73 39.05 -23.63
C THR B 24 15.17 38.67 -24.03
N GLN B 25 16.04 39.68 -24.19
CA GLN B 25 17.42 39.45 -24.57
C GLN B 25 18.19 40.77 -24.44
N LEU B 26 19.51 40.66 -24.30
CA LEU B 26 20.42 41.77 -24.41
C LEU B 26 21.61 41.37 -25.28
N ASN B 27 21.89 42.19 -26.30
CA ASN B 27 23.05 42.05 -27.20
C ASN B 27 23.00 40.72 -27.99
N ARG B 28 21.83 40.11 -28.12
CA ARG B 28 21.66 38.87 -28.88
C ARG B 28 21.57 39.18 -30.38
N LEU B 29 22.24 38.36 -31.20
CA LEU B 29 22.34 38.56 -32.65
C LEU B 29 21.07 38.06 -33.33
N ALA B 30 20.84 38.59 -34.54
CA ALA B 30 19.60 38.28 -35.28
C ALA B 30 19.50 36.80 -35.62
N ALA B 31 18.29 36.33 -35.82
CA ALA B 31 18.02 34.93 -36.16
C ALA B 31 18.15 34.71 -37.67
N HIS B 32 18.35 33.45 -38.07
CA HIS B 32 18.70 33.11 -39.45
C HIS B 32 18.61 31.60 -39.65
N PRO B 33 18.61 31.10 -40.90
CA PRO B 33 18.67 29.66 -41.13
C PRO B 33 20.05 29.10 -40.81
N PRO B 34 20.19 27.77 -40.63
CA PRO B 34 21.45 27.19 -40.17
C PRO B 34 22.65 27.57 -41.04
N PHE B 35 23.72 28.03 -40.38
CA PHE B 35 24.93 28.49 -41.01
C PHE B 35 26.07 27.56 -40.62
N ALA B 36 27.11 27.58 -41.46
CA ALA B 36 28.35 26.83 -41.24
C ALA B 36 29.58 27.57 -41.78
N SER B 37 29.37 28.60 -42.60
CA SER B 37 30.45 29.46 -43.12
C SER B 37 31.57 28.62 -43.75
N TRP B 38 31.20 27.75 -44.69
CA TRP B 38 32.20 27.05 -45.50
C TRP B 38 33.04 28.10 -46.26
N ARG B 39 34.34 27.82 -46.39
CA ARG B 39 35.22 28.62 -47.23
C ARG B 39 35.64 27.85 -48.49
N ASN B 40 34.96 26.73 -48.75
CA ASN B 40 35.12 25.96 -49.95
C ASN B 40 33.73 25.56 -50.44
N SER B 41 33.42 25.83 -51.72
CA SER B 41 32.06 25.61 -52.24
C SER B 41 31.67 24.13 -52.34
N GLU B 42 32.64 23.24 -52.53
CA GLU B 42 32.30 21.83 -52.74
C GLU B 42 32.00 21.15 -51.39
N GLU B 43 32.60 21.66 -50.31
CA GLU B 43 32.29 21.17 -48.98
C GLU B 43 30.84 21.55 -48.64
N ALA B 44 30.46 22.78 -49.02
CA ALA B 44 29.08 23.27 -48.87
C ALA B 44 28.10 22.42 -49.67
N ARG B 45 28.47 22.05 -50.89
CA ARG B 45 27.57 21.28 -51.75
C ARG B 45 27.35 19.88 -51.18
N THR B 46 28.38 19.30 -50.58
CA THR B 46 28.35 17.91 -50.12
C THR B 46 27.78 17.78 -48.70
N ASP B 47 27.59 18.91 -47.99
CA ASP B 47 27.07 18.95 -46.63
C ASP B 47 28.06 18.29 -45.67
N ARG B 48 29.36 18.43 -45.96
CA ARG B 48 30.41 17.90 -45.12
C ARG B 48 30.73 18.90 -44.00
N PRO B 49 31.39 18.44 -42.93
CA PRO B 49 31.74 19.36 -41.83
C PRO B 49 32.45 20.63 -42.29
N SER B 50 32.33 21.69 -41.50
CA SER B 50 32.99 22.96 -41.74
C SER B 50 33.99 23.23 -40.60
N GLN B 51 35.19 23.64 -40.99
CA GLN B 51 36.23 23.96 -40.04
C GLN B 51 35.91 25.27 -39.30
N GLN B 52 34.84 25.97 -39.72
CA GLN B 52 34.48 27.24 -39.11
C GLN B 52 33.36 27.08 -38.07
N LEU B 53 32.91 25.84 -37.86
CA LEU B 53 31.87 25.52 -36.91
C LEU B 53 32.40 24.44 -35.95
N ARG B 54 32.81 24.87 -34.75
CA ARG B 54 33.27 23.98 -33.70
C ARG B 54 32.12 23.63 -32.75
N SER B 55 32.12 22.39 -32.24
CA SER B 55 31.26 22.00 -31.14
C SER B 55 31.97 22.26 -29.81
N LEU B 56 31.25 22.84 -28.85
CA LEU B 56 31.74 22.98 -27.46
C LEU B 56 30.96 22.02 -26.54
N ASN B 57 30.30 21.02 -27.10
CA ASN B 57 29.72 19.96 -26.31
C ASN B 57 30.85 19.16 -25.65
N GLY B 58 30.50 18.41 -24.61
CA GLY B 58 31.46 17.65 -23.82
C GLY B 58 31.43 18.03 -22.36
N GLU B 59 32.63 17.98 -21.73
CA GLU B 59 32.73 18.10 -20.29
C GLU B 59 32.87 19.57 -19.90
N TRP B 60 31.86 20.05 -19.18
CA TRP B 60 31.83 21.39 -18.58
C TRP B 60 31.90 21.25 -17.06
N ARG B 61 32.19 22.37 -16.40
CA ARG B 61 32.12 22.46 -14.95
C ARG B 61 30.78 23.08 -14.56
N PHE B 62 30.10 22.47 -13.59
CA PHE B 62 28.76 22.86 -13.20
C PHE B 62 28.64 22.97 -11.67
N ALA B 63 27.82 23.93 -11.22
CA ALA B 63 27.55 24.11 -9.81
C ALA B 63 26.13 24.66 -9.64
N TRP B 64 25.43 24.12 -8.65
CA TRP B 64 24.02 24.41 -8.42
C TRP B 64 23.86 25.41 -7.25
N PHE B 65 22.89 26.30 -7.38
CA PHE B 65 22.59 27.27 -6.36
C PHE B 65 21.08 27.41 -6.25
N PRO B 66 20.52 27.68 -5.05
CA PRO B 66 19.06 27.77 -4.92
C PRO B 66 18.49 29.10 -5.44
N ALA B 67 19.33 30.10 -5.67
CA ALA B 67 18.88 31.40 -6.20
C ALA B 67 20.07 32.12 -6.78
N PRO B 68 19.90 32.94 -7.84
CA PRO B 68 21.05 33.59 -8.46
C PRO B 68 21.81 34.54 -7.53
N GLU B 69 21.13 35.07 -6.52
CA GLU B 69 21.81 35.96 -5.56
C GLU B 69 22.82 35.18 -4.72
N ALA B 70 22.69 33.85 -4.66
CA ALA B 70 23.64 33.03 -3.90
C ALA B 70 24.95 32.76 -4.65
N VAL B 71 25.01 33.07 -5.94
CA VAL B 71 26.20 32.79 -6.73
C VAL B 71 27.30 33.72 -6.24
N PRO B 72 28.47 33.20 -5.82
CA PRO B 72 29.57 34.06 -5.42
C PRO B 72 30.22 34.73 -6.62
N GLU B 73 30.73 35.95 -6.40
CA GLU B 73 31.32 36.78 -7.44
C GLU B 73 32.61 36.13 -7.95
N SER B 74 33.26 35.31 -7.12
CA SER B 74 34.48 34.63 -7.53
C SER B 74 34.24 33.82 -8.80
N TRP B 75 32.99 33.35 -9.01
CA TRP B 75 32.71 32.38 -10.09
C TRP B 75 32.95 32.99 -11.48
N LEU B 76 32.82 34.33 -11.61
CA LEU B 76 33.11 35.04 -12.86
C LEU B 76 34.61 34.98 -13.17
N GLU B 77 35.44 35.00 -12.13
CA GLU B 77 36.90 35.10 -12.27
C GLU B 77 37.56 33.71 -12.35
N CYS B 78 37.04 32.74 -11.62
CA CYS B 78 37.75 31.48 -11.35
C CYS B 78 36.73 30.34 -11.23
N ASP B 79 37.18 29.12 -11.52
CA ASP B 79 36.37 27.92 -11.32
C ASP B 79 36.06 27.73 -9.83
N LEU B 80 34.81 27.43 -9.51
CA LEU B 80 34.44 27.13 -8.12
C LEU B 80 35.02 25.77 -7.74
N PRO B 81 35.73 25.66 -6.59
CA PRO B 81 36.27 24.37 -6.18
C PRO B 81 35.18 23.33 -5.85
N GLU B 82 34.00 23.81 -5.44
CA GLU B 82 32.85 22.93 -5.11
C GLU B 82 32.19 22.36 -6.37
N ALA B 83 32.57 22.84 -7.56
CA ALA B 83 31.87 22.49 -8.78
C ALA B 83 32.26 21.08 -9.23
N ASP B 84 31.34 20.46 -9.99
CA ASP B 84 31.53 19.14 -10.57
C ASP B 84 31.83 19.24 -12.07
N THR B 85 32.23 18.12 -12.66
CA THR B 85 32.39 17.99 -14.09
C THR B 85 31.18 17.24 -14.63
N VAL B 86 30.56 17.81 -15.66
CA VAL B 86 29.31 17.28 -16.20
C VAL B 86 29.33 17.36 -17.73
N VAL B 87 28.53 16.51 -18.35
CA VAL B 87 28.44 16.47 -19.81
C VAL B 87 27.37 17.49 -20.23
N VAL B 88 27.68 18.26 -21.28
CA VAL B 88 26.77 19.22 -21.90
C VAL B 88 26.66 18.87 -23.38
N PRO B 89 25.44 18.84 -23.95
CA PRO B 89 24.19 19.19 -23.33
C PRO B 89 23.64 18.21 -22.29
N SER B 90 22.86 18.74 -21.34
CA SER B 90 22.17 17.98 -20.35
C SER B 90 21.11 18.86 -19.68
N ASN B 91 20.13 18.21 -19.05
CA ASN B 91 19.26 18.83 -18.07
C ASN B 91 19.81 18.48 -16.69
N TRP B 92 19.95 19.48 -15.80
CA TRP B 92 20.66 19.22 -14.56
C TRP B 92 19.83 18.33 -13.63
N GLN B 93 18.51 18.24 -13.85
CA GLN B 93 17.66 17.31 -13.07
C GLN B 93 18.10 15.85 -13.30
N MET B 94 18.53 15.54 -14.53
CA MET B 94 18.90 14.17 -14.88
C MET B 94 20.26 13.81 -14.27
N HIS B 95 20.98 14.78 -13.71
CA HIS B 95 22.18 14.52 -12.90
C HIS B 95 21.89 14.59 -11.39
N GLY B 96 20.61 14.64 -11.01
CA GLY B 96 20.17 14.58 -9.61
C GLY B 96 20.29 15.89 -8.81
N TYR B 97 20.47 17.05 -9.47
CA TYR B 97 20.76 18.26 -8.75
C TYR B 97 19.51 18.88 -8.10
N ASP B 98 18.36 18.75 -8.76
CA ASP B 98 17.06 19.02 -8.13
C ASP B 98 16.02 18.17 -8.85
N ALA B 99 14.75 18.31 -8.45
CA ALA B 99 13.77 17.40 -8.97
C ALA B 99 13.18 17.91 -10.28
N PRO B 100 12.92 17.00 -11.25
CA PRO B 100 12.03 17.33 -12.35
C PRO B 100 10.58 17.33 -11.85
N ILE B 101 9.78 18.30 -12.33
CA ILE B 101 8.42 18.49 -11.89
C ILE B 101 7.49 18.16 -13.03
N TYR B 102 6.56 17.22 -12.79
CA TYR B 102 5.55 16.94 -13.81
C TYR B 102 4.22 17.52 -13.38
N THR B 103 3.83 18.61 -14.03
CA THR B 103 2.52 19.23 -13.88
C THR B 103 1.97 19.52 -15.26
N ASN B 104 0.65 19.40 -15.38
CA ASN B 104 -0.04 19.58 -16.64
C ASN B 104 -0.38 21.06 -16.84
N VAL B 105 -1.55 21.48 -16.34
CA VAL B 105 -2.05 22.83 -16.55
C VAL B 105 -1.47 23.79 -15.52
N THR B 106 -1.59 23.47 -14.24
CA THR B 106 -1.18 24.40 -13.19
C THR B 106 0.31 24.68 -13.31
N TYR B 107 0.66 25.96 -13.40
CA TYR B 107 2.05 26.39 -13.46
C TYR B 107 2.84 25.85 -12.27
N PRO B 108 4.11 25.46 -12.46
CA PRO B 108 4.93 24.97 -11.35
C PRO B 108 5.45 26.07 -10.42
N ILE B 109 4.99 27.31 -10.63
CA ILE B 109 5.32 28.45 -9.79
C ILE B 109 4.02 29.20 -9.48
N THR B 110 4.06 30.04 -8.45
CA THR B 110 2.95 30.91 -8.13
C THR B 110 2.66 31.78 -9.36
N VAL B 111 1.39 31.86 -9.75
CA VAL B 111 1.01 32.69 -10.88
C VAL B 111 0.99 34.15 -10.44
N ASN B 112 1.98 34.92 -10.86
CA ASN B 112 2.08 36.31 -10.47
C ASN B 112 2.94 37.06 -11.47
N PRO B 113 2.54 37.13 -12.75
CA PRO B 113 3.42 37.67 -13.78
C PRO B 113 3.70 39.14 -13.53
N PRO B 114 4.93 39.60 -13.80
CA PRO B 114 5.98 38.79 -14.41
C PRO B 114 6.99 38.23 -13.39
N PHE B 115 6.53 37.96 -12.18
CA PHE B 115 7.41 37.64 -11.06
C PHE B 115 7.54 36.13 -10.91
N VAL B 116 8.62 35.77 -10.23
CA VAL B 116 9.06 34.41 -10.15
C VAL B 116 9.51 34.15 -8.73
N PRO B 117 9.35 32.93 -8.20
CA PRO B 117 9.84 32.63 -6.84
C PRO B 117 11.29 33.09 -6.68
N THR B 118 11.61 33.60 -5.49
CA THR B 118 13.00 33.88 -5.18
C THR B 118 13.78 32.59 -5.03
N GLU B 119 13.09 31.50 -4.66
CA GLU B 119 13.59 30.15 -4.79
C GLU B 119 13.61 29.78 -6.27
N ASN B 120 14.77 30.00 -6.91
CA ASN B 120 14.90 29.91 -8.34
C ASN B 120 16.18 29.17 -8.67
N PRO B 121 16.12 27.83 -8.79
CA PRO B 121 17.33 27.04 -8.97
C PRO B 121 18.19 27.60 -10.11
N THR B 122 19.48 27.71 -9.85
CA THR B 122 20.43 28.41 -10.70
C THR B 122 21.57 27.46 -11.10
N GLY B 123 21.77 27.30 -12.40
CA GLY B 123 22.83 26.45 -12.92
C GLY B 123 24.00 27.26 -13.43
N CYS B 124 25.17 27.07 -12.81
CA CYS B 124 26.36 27.80 -13.17
C CYS B 124 27.30 26.88 -13.95
N TYR B 125 27.24 26.98 -15.29
CA TYR B 125 28.10 26.23 -16.17
C TYR B 125 29.31 27.09 -16.53
N SER B 126 30.47 26.45 -16.65
CA SER B 126 31.69 27.16 -17.11
C SER B 126 32.51 26.22 -17.99
N LEU B 127 33.28 26.82 -18.90
CA LEU B 127 34.14 26.03 -19.78
C LEU B 127 35.40 26.83 -20.10
N THR B 128 36.56 26.21 -19.89
CA THR B 128 37.84 26.74 -20.34
C THR B 128 38.16 26.08 -21.69
N PHE B 129 38.56 26.90 -22.66
CA PHE B 129 38.68 26.42 -24.03
C PHE B 129 39.63 27.32 -24.81
N ASN B 130 40.15 26.76 -25.91
CA ASN B 130 41.12 27.40 -26.76
C ASN B 130 40.43 27.89 -28.04
N VAL B 131 40.91 29.02 -28.57
CA VAL B 131 40.53 29.46 -29.90
C VAL B 131 41.82 29.80 -30.66
N ASP B 132 41.89 29.31 -31.90
CA ASP B 132 43.04 29.45 -32.78
C ASP B 132 43.23 30.91 -33.18
N GLU B 133 44.49 31.29 -33.39
CA GLU B 133 44.87 32.70 -33.68
C GLU B 133 44.22 33.17 -34.99
N SER B 134 43.96 32.23 -35.92
CA SER B 134 43.24 32.49 -37.16
C SER B 134 41.96 33.30 -36.89
N TRP B 135 41.18 32.86 -35.89
CA TRP B 135 39.84 33.35 -35.63
C TRP B 135 39.86 34.76 -35.05
N LEU B 136 40.95 35.14 -34.38
CA LEU B 136 41.01 36.43 -33.71
C LEU B 136 41.59 37.50 -34.62
N GLN B 137 42.40 37.13 -35.63
CA GLN B 137 43.04 38.14 -36.48
C GLN B 137 42.01 38.75 -37.44
N GLU B 138 41.11 37.92 -37.98
CA GLU B 138 40.16 38.35 -39.01
C GLU B 138 38.78 37.77 -38.70
N GLY B 139 37.74 38.54 -38.98
CA GLY B 139 36.37 38.03 -39.00
C GLY B 139 35.68 38.05 -37.64
N GLN B 140 34.52 37.38 -37.60
CA GLN B 140 33.60 37.44 -36.50
C GLN B 140 33.43 36.04 -35.89
N THR B 141 33.68 35.95 -34.59
CA THR B 141 33.55 34.71 -33.83
C THR B 141 32.34 34.84 -32.91
N ARG B 142 31.37 33.94 -33.06
CA ARG B 142 30.14 33.97 -32.27
C ARG B 142 29.91 32.61 -31.61
N ILE B 143 29.20 32.64 -30.50
CA ILE B 143 28.80 31.43 -29.79
C ILE B 143 27.31 31.23 -30.03
N ILE B 144 26.90 29.96 -30.14
CA ILE B 144 25.52 29.60 -30.45
C ILE B 144 25.05 28.59 -29.40
N PHE B 145 24.09 29.01 -28.58
CA PHE B 145 23.40 28.12 -27.64
C PHE B 145 22.06 27.70 -28.27
N ASP B 146 22.00 26.45 -28.71
CA ASP B 146 20.82 25.94 -29.36
C ASP B 146 19.63 25.87 -28.40
N GLY B 147 19.87 25.72 -27.10
CA GLY B 147 18.79 25.50 -26.14
C GLY B 147 19.24 25.67 -24.70
N VAL B 148 18.70 26.70 -24.05
CA VAL B 148 18.96 26.98 -22.64
C VAL B 148 17.62 27.21 -21.93
N ASN B 149 17.34 26.40 -20.91
CA ASN B 149 16.06 26.39 -20.23
C ASN B 149 16.27 26.91 -18.79
N SER B 150 15.71 28.09 -18.46
CA SER B 150 14.79 28.84 -19.29
C SER B 150 15.32 30.19 -19.73
N ALA B 151 16.39 30.66 -19.10
CA ALA B 151 17.01 31.95 -19.49
C ALA B 151 18.42 31.96 -18.93
N PHE B 152 19.26 32.88 -19.42
CA PHE B 152 20.62 32.89 -18.98
C PHE B 152 21.31 34.22 -19.25
N HIS B 153 22.26 34.55 -18.36
CA HIS B 153 23.29 35.54 -18.56
C HIS B 153 24.58 34.83 -19.00
N LEU B 154 25.39 35.53 -19.79
CA LEU B 154 26.62 34.98 -20.35
C LEU B 154 27.78 35.94 -20.08
N TRP B 155 28.86 35.37 -19.52
CA TRP B 155 30.14 36.04 -19.39
C TRP B 155 31.19 35.27 -20.22
N CYS B 156 32.18 36.01 -20.70
CA CYS B 156 33.36 35.43 -21.32
C CYS B 156 34.60 36.19 -20.84
N ASN B 157 35.49 35.48 -20.13
CA ASN B 157 36.72 36.04 -19.56
C ASN B 157 36.39 37.09 -18.52
N GLY B 158 35.31 36.88 -17.77
CA GLY B 158 34.94 37.79 -16.67
C GLY B 158 34.04 38.94 -17.09
N ARG B 159 33.91 39.19 -18.41
CA ARG B 159 33.14 40.32 -18.92
C ARG B 159 31.75 39.84 -19.32
N TRP B 160 30.73 40.65 -18.98
CA TRP B 160 29.34 40.30 -19.31
C TRP B 160 29.09 40.52 -20.81
N VAL B 161 28.48 39.51 -21.46
CA VAL B 161 28.26 39.52 -22.90
C VAL B 161 26.79 39.80 -23.24
N GLY B 162 25.87 39.08 -22.61
CA GLY B 162 24.48 39.23 -22.94
C GLY B 162 23.57 38.37 -22.11
N TYR B 163 22.31 38.33 -22.54
CA TYR B 163 21.22 37.67 -21.82
C TYR B 163 20.27 37.11 -22.87
N GLY B 164 19.61 36.01 -22.57
CA GLY B 164 18.73 35.36 -23.56
C GLY B 164 17.55 34.64 -22.93
N GLN B 165 16.46 34.60 -23.69
CA GLN B 165 15.24 33.88 -23.28
C GLN B 165 14.71 33.10 -24.47
N ASP B 166 13.62 32.35 -24.24
CA ASP B 166 13.01 31.35 -25.14
C ASP B 166 13.88 30.09 -25.15
N SER B 167 13.37 29.01 -24.57
CA SER B 167 14.21 27.90 -24.25
C SER B 167 14.40 26.96 -25.44
N ARG B 168 13.65 27.17 -26.53
CA ARG B 168 13.68 26.19 -27.63
C ARG B 168 14.13 26.81 -28.97
N LEU B 169 14.81 27.95 -28.93
CA LEU B 169 15.39 28.52 -30.15
C LEU B 169 16.80 29.01 -29.84
N PRO B 170 17.70 29.01 -30.84
CA PRO B 170 19.11 29.34 -30.61
C PRO B 170 19.32 30.81 -30.26
N SER B 171 20.15 31.04 -29.23
CA SER B 171 20.62 32.36 -28.87
C SER B 171 22.10 32.45 -29.22
N GLU B 172 22.46 33.53 -29.91
CA GLU B 172 23.78 33.71 -30.50
C GLU B 172 24.36 35.05 -30.05
N PHE B 173 25.64 35.06 -29.66
CA PHE B 173 26.31 36.29 -29.26
C PHE B 173 27.68 36.39 -29.93
N ASP B 174 28.10 37.63 -30.20
CA ASP B 174 29.35 37.92 -30.83
C ASP B 174 30.42 37.94 -29.73
N LEU B 175 31.42 37.06 -29.83
CA LEU B 175 32.49 36.93 -28.84
C LEU B 175 33.80 37.56 -29.32
N SER B 176 33.85 38.09 -30.54
CA SER B 176 35.09 38.60 -31.13
C SER B 176 35.82 39.54 -30.16
N ALA B 177 35.11 40.55 -29.63
CA ALA B 177 35.74 41.59 -28.77
C ALA B 177 36.07 41.06 -27.38
N PHE B 178 35.65 39.83 -27.04
CA PHE B 178 35.84 39.26 -25.70
C PHE B 178 36.92 38.18 -25.65
N LEU B 179 37.26 37.57 -26.79
CA LEU B 179 38.19 36.44 -26.80
C LEU B 179 39.63 36.96 -26.83
N ARG B 180 40.52 36.15 -26.24
CA ARG B 180 41.96 36.39 -26.31
C ARG B 180 42.62 35.14 -26.89
N ALA B 181 43.85 35.32 -27.35
CA ALA B 181 44.63 34.20 -27.86
C ALA B 181 44.87 33.21 -26.71
N GLY B 182 44.55 31.95 -26.97
CA GLY B 182 44.82 30.88 -26.02
C GLY B 182 43.61 30.59 -25.17
N GLU B 183 43.80 30.67 -23.84
CA GLU B 183 42.83 30.19 -22.89
C GLU B 183 41.75 31.24 -22.67
N ASN B 184 40.48 30.80 -22.75
CA ASN B 184 39.32 31.62 -22.51
C ASN B 184 38.37 30.84 -21.61
N ARG B 185 37.49 31.57 -20.91
CA ARG B 185 36.56 30.93 -19.97
C ARG B 185 35.15 31.52 -20.16
N LEU B 186 34.20 30.62 -20.46
CA LEU B 186 32.79 30.97 -20.49
C LEU B 186 32.22 30.78 -19.09
N ALA B 187 31.32 31.69 -18.71
CA ALA B 187 30.53 31.56 -17.50
C ALA B 187 29.08 31.80 -17.89
N VAL B 188 28.25 30.76 -17.76
CA VAL B 188 26.86 30.82 -18.16
C VAL B 188 25.98 30.53 -16.94
N MET B 189 25.13 31.49 -16.59
CA MET B 189 24.25 31.37 -15.46
C MET B 189 22.84 31.12 -15.97
N VAL B 190 22.33 29.92 -15.71
CA VAL B 190 21.05 29.48 -16.25
C VAL B 190 20.02 29.51 -15.13
N LEU B 191 18.89 30.17 -15.39
CA LEU B 191 17.83 30.31 -14.41
C LEU B 191 16.71 29.35 -14.76
N ARG B 192 16.30 28.52 -13.79
CA ARG B 192 15.17 27.61 -13.97
C ARG B 192 13.90 28.39 -14.36
N TRP B 193 13.62 29.52 -13.69
CA TRP B 193 12.38 30.27 -13.89
C TRP B 193 12.68 31.69 -14.34
N SER B 194 11.81 32.21 -15.20
CA SER B 194 11.93 33.50 -15.81
C SER B 194 10.54 33.95 -16.29
N ASP B 195 10.49 35.20 -16.76
CA ASP B 195 9.23 35.73 -17.35
C ASP B 195 8.84 34.77 -18.50
N GLY B 196 9.85 34.21 -19.16
CA GLY B 196 9.63 33.25 -20.22
C GLY B 196 8.85 32.04 -19.76
N SER B 197 9.01 31.67 -18.48
CA SER B 197 8.34 30.48 -17.94
C SER B 197 6.81 30.66 -17.97
N TYR B 198 6.34 31.91 -18.09
CA TYR B 198 4.91 32.14 -18.19
C TYR B 198 4.38 31.73 -19.57
N LEU B 199 5.27 31.65 -20.57
CA LEU B 199 4.89 31.27 -21.94
C LEU B 199 5.34 29.84 -22.25
N GLU B 200 5.68 29.05 -21.22
CA GLU B 200 6.23 27.70 -21.41
C GLU B 200 5.52 26.70 -20.49
N ASP B 201 4.18 26.70 -20.56
CA ASP B 201 3.40 25.85 -19.67
C ASP B 201 2.94 24.58 -20.40
N GLN B 202 3.81 23.99 -21.23
CA GLN B 202 3.45 22.76 -21.92
C GLN B 202 3.31 21.62 -20.87
N ASP B 203 2.30 20.78 -21.08
CA ASP B 203 2.10 19.57 -20.28
C ASP B 203 3.25 18.57 -20.46
N MET B 204 4.28 18.70 -19.63
CA MET B 204 5.47 17.87 -19.73
C MET B 204 6.35 18.12 -18.51
N TRP B 205 7.39 17.28 -18.39
CA TRP B 205 8.37 17.46 -17.33
C TRP B 205 8.97 18.85 -17.44
N ARG B 206 9.02 19.56 -16.32
CA ARG B 206 9.67 20.87 -16.26
C ARG B 206 11.10 20.66 -15.77
N MET B 207 12.06 20.79 -16.70
CA MET B 207 13.48 20.62 -16.42
C MET B 207 14.16 21.98 -16.67
N SER B 208 15.49 21.97 -16.76
CA SER B 208 16.27 23.18 -16.99
C SER B 208 17.71 22.81 -17.33
N GLY B 209 18.43 23.78 -17.91
CA GLY B 209 19.85 23.66 -18.16
C GLY B 209 20.20 23.94 -19.63
N ILE B 210 21.48 23.67 -19.96
CA ILE B 210 21.98 23.80 -21.32
C ILE B 210 21.79 22.44 -21.99
N PHE B 211 20.61 22.26 -22.62
CA PHE B 211 20.12 20.96 -23.02
C PHE B 211 20.16 20.76 -24.55
N ARG B 212 20.70 21.74 -25.29
CA ARG B 212 20.98 21.56 -26.73
C ARG B 212 22.39 22.03 -27.00
N ASP B 213 22.82 21.91 -28.25
CA ASP B 213 24.24 22.02 -28.63
C ASP B 213 24.75 23.44 -28.34
N VAL B 214 26.05 23.52 -28.10
CA VAL B 214 26.76 24.80 -27.99
C VAL B 214 27.88 24.77 -29.01
N SER B 215 28.04 25.88 -29.73
CA SER B 215 28.92 25.92 -30.90
C SER B 215 29.62 27.28 -30.98
N LEU B 216 30.76 27.28 -31.65
CA LEU B 216 31.37 28.52 -32.11
C LEU B 216 31.26 28.56 -33.63
N LEU B 217 30.90 29.73 -34.17
CA LEU B 217 30.78 29.93 -35.59
C LEU B 217 31.66 31.12 -35.95
N HIS B 218 32.53 30.92 -36.94
CA HIS B 218 33.39 31.96 -37.47
C HIS B 218 32.91 32.36 -38.86
N LYS B 219 32.56 33.64 -39.01
CA LYS B 219 32.16 34.19 -40.27
C LYS B 219 33.12 35.32 -40.62
N PRO B 220 33.30 35.64 -41.92
CA PRO B 220 34.04 36.84 -42.31
C PRO B 220 33.23 38.09 -41.99
N THR B 221 33.93 39.22 -41.81
CA THR B 221 33.34 40.52 -41.59
C THR B 221 32.28 40.82 -42.66
N THR B 222 32.56 40.46 -43.92
CA THR B 222 31.64 40.58 -45.02
C THR B 222 30.99 39.20 -45.23
N GLN B 223 29.69 39.08 -44.95
CA GLN B 223 29.09 37.78 -44.70
C GLN B 223 27.69 37.71 -45.31
N ILE B 224 27.28 36.48 -45.62
CA ILE B 224 25.89 36.13 -45.83
C ILE B 224 25.19 36.14 -44.47
N SER B 225 24.25 37.07 -44.30
CA SER B 225 23.55 37.24 -43.02
C SER B 225 22.18 36.57 -43.01
N ASP B 226 21.64 36.23 -44.18
CA ASP B 226 20.33 35.60 -44.29
C ASP B 226 20.10 35.20 -45.74
N PHE B 227 19.34 34.12 -45.95
CA PHE B 227 18.90 33.75 -47.28
C PHE B 227 17.59 32.95 -47.18
N HIS B 228 16.69 33.23 -48.13
CA HIS B 228 15.37 32.62 -48.20
C HIS B 228 15.20 31.91 -49.55
N VAL B 229 14.60 30.73 -49.51
CA VAL B 229 14.44 29.89 -50.67
C VAL B 229 12.94 29.70 -50.89
N ALA B 230 12.47 30.10 -52.07
CA ALA B 230 11.08 29.94 -52.49
C ALA B 230 11.02 29.19 -53.81
N THR B 231 9.96 28.38 -53.99
CA THR B 231 9.74 27.65 -55.22
C THR B 231 8.28 27.86 -55.67
N ARG B 232 8.14 28.31 -56.92
CA ARG B 232 6.86 28.59 -57.55
C ARG B 232 6.71 27.70 -58.78
N PHE B 233 5.46 27.32 -59.07
CA PHE B 233 5.15 26.33 -60.09
C PHE B 233 4.05 26.85 -61.04
N ASN B 234 4.00 26.20 -62.20
CA ASN B 234 2.93 26.40 -63.15
C ASN B 234 1.83 25.40 -62.78
N ASP B 235 0.73 25.38 -63.54
CA ASP B 235 -0.49 24.69 -63.09
C ASP B 235 -0.26 23.17 -63.08
N ASP B 236 0.59 22.62 -63.95
CA ASP B 236 0.78 21.16 -64.00
C ASP B 236 2.14 20.72 -63.41
N PHE B 237 2.90 21.66 -62.84
CA PHE B 237 4.18 21.39 -62.15
C PHE B 237 5.28 20.90 -63.11
N SER B 238 5.14 21.14 -64.41
CA SER B 238 6.17 20.76 -65.36
C SER B 238 7.31 21.77 -65.35
N ARG B 239 7.08 22.97 -64.83
CA ARG B 239 8.15 23.97 -64.72
C ARG B 239 8.06 24.65 -63.34
N ALA B 240 9.22 24.99 -62.79
CA ALA B 240 9.33 25.71 -61.53
C ALA B 240 10.34 26.85 -61.68
N VAL B 241 10.22 27.82 -60.77
CA VAL B 241 11.20 28.87 -60.61
C VAL B 241 11.62 28.89 -59.12
N LEU B 242 12.93 28.78 -58.87
CA LEU B 242 13.49 28.91 -57.57
C LEU B 242 13.94 30.36 -57.37
N GLU B 243 13.36 31.06 -56.40
CA GLU B 243 13.83 32.34 -55.98
C GLU B 243 14.68 32.17 -54.72
N ALA B 244 15.86 32.80 -54.73
CA ALA B 244 16.76 32.78 -53.63
C ALA B 244 17.10 34.24 -53.30
N GLU B 245 16.62 34.72 -52.15
CA GLU B 245 16.99 36.04 -51.68
C GLU B 245 18.20 35.84 -50.79
N VAL B 246 19.24 36.64 -51.01
CA VAL B 246 20.45 36.56 -50.23
C VAL B 246 20.73 37.95 -49.67
N GLN B 247 20.98 38.02 -48.36
CA GLN B 247 21.25 39.26 -47.65
C GLN B 247 22.66 39.20 -47.09
N MET B 248 23.30 40.37 -46.96
CA MET B 248 24.67 40.45 -46.51
C MET B 248 24.80 41.49 -45.41
N CYS B 249 25.85 41.34 -44.61
CA CYS B 249 26.33 42.36 -43.69
C CYS B 249 27.82 42.59 -43.93
N GLY B 250 28.29 43.77 -43.53
CA GLY B 250 29.65 44.20 -43.74
C GLY B 250 29.73 45.37 -44.69
N GLU B 251 30.92 45.63 -45.22
CA GLU B 251 31.15 46.76 -46.12
C GLU B 251 30.72 46.34 -47.53
N LEU B 252 29.73 47.05 -48.09
CA LEU B 252 29.32 46.84 -49.47
C LEU B 252 30.41 47.40 -50.40
N ARG B 253 30.79 46.59 -51.38
CA ARG B 253 31.77 46.99 -52.39
C ARG B 253 31.23 46.60 -53.76
N ASP B 254 31.59 47.39 -54.77
CA ASP B 254 31.09 47.19 -56.14
C ASP B 254 31.49 45.82 -56.70
N TYR B 255 32.61 45.27 -56.23
CA TYR B 255 33.11 44.01 -56.79
C TYR B 255 32.41 42.80 -56.19
N LEU B 256 31.51 42.98 -55.22
CA LEU B 256 30.86 41.87 -54.54
C LEU B 256 29.82 41.24 -55.46
N ARG B 257 29.79 39.91 -55.49
CA ARG B 257 28.80 39.19 -56.25
C ARG B 257 28.34 37.97 -55.48
N VAL B 258 27.20 37.42 -55.92
CA VAL B 258 26.58 36.28 -55.29
C VAL B 258 26.23 35.31 -56.40
N THR B 259 26.52 34.03 -56.16
CA THR B 259 26.15 32.98 -57.06
C THR B 259 25.31 31.98 -56.27
N VAL B 260 24.27 31.47 -56.90
CA VAL B 260 23.43 30.46 -56.29
C VAL B 260 23.34 29.32 -57.28
N SER B 261 23.54 28.09 -56.79
CA SER B 261 23.65 26.91 -57.60
C SER B 261 22.66 25.89 -57.08
N LEU B 262 22.05 25.14 -57.99
CA LEU B 262 21.12 24.10 -57.63
C LEU B 262 21.63 22.78 -58.18
N TRP B 263 21.76 21.79 -57.30
CA TRP B 263 22.31 20.49 -57.63
C TRP B 263 21.28 19.40 -57.31
N GLN B 264 21.42 18.26 -57.98
CA GLN B 264 20.64 17.06 -57.68
C GLN B 264 21.57 15.85 -57.85
N GLY B 265 22.20 15.42 -56.76
CA GLY B 265 23.37 14.56 -56.83
C GLY B 265 24.56 15.32 -57.39
N GLU B 266 25.19 14.78 -58.44
CA GLU B 266 26.36 15.42 -59.08
C GLU B 266 25.96 16.27 -60.30
N THR B 267 24.68 16.24 -60.67
CA THR B 267 24.14 17.08 -61.72
C THR B 267 23.93 18.50 -61.20
N GLN B 268 24.46 19.50 -61.90
CA GLN B 268 24.14 20.91 -61.66
C GLN B 268 22.94 21.26 -62.54
N VAL B 269 21.82 21.58 -61.92
CA VAL B 269 20.55 21.78 -62.60
C VAL B 269 20.40 23.22 -63.06
N ALA B 270 20.91 24.19 -62.31
CA ALA B 270 20.82 25.60 -62.70
C ALA B 270 21.82 26.41 -61.90
N SER B 271 22.02 27.67 -62.30
CA SER B 271 22.89 28.58 -61.57
C SER B 271 22.76 30.00 -62.09
N GLY B 272 22.92 30.98 -61.21
CA GLY B 272 22.89 32.38 -61.58
C GLY B 272 23.78 33.21 -60.68
N THR B 273 24.16 34.38 -61.19
CA THR B 273 25.13 35.23 -60.54
C THR B 273 24.72 36.68 -60.76
N ALA B 274 24.91 37.51 -59.73
CA ALA B 274 24.49 38.89 -59.80
C ALA B 274 25.26 39.69 -58.78
N PRO B 275 25.43 41.02 -59.01
CA PRO B 275 25.91 41.90 -57.95
C PRO B 275 24.76 42.18 -56.97
N PHE B 276 25.09 42.86 -55.87
CA PHE B 276 24.08 43.23 -54.91
C PHE B 276 23.28 44.41 -55.47
N GLY B 277 22.00 44.45 -55.10
CA GLY B 277 21.10 45.48 -55.55
C GLY B 277 19.75 44.89 -55.92
N GLY B 278 18.75 45.09 -55.06
CA GLY B 278 17.41 44.55 -55.29
C GLY B 278 16.55 45.49 -56.12
N GLU B 279 15.37 44.99 -56.49
CA GLU B 279 14.28 45.76 -57.08
C GLU B 279 14.03 47.04 -56.29
N ILE B 280 13.41 48.03 -56.93
CA ILE B 280 12.92 49.19 -56.19
C ILE B 280 11.74 48.75 -55.32
N ILE B 281 11.75 49.16 -54.06
CA ILE B 281 10.77 48.73 -53.07
C ILE B 281 9.78 49.85 -52.79
N ASP B 282 10.27 51.08 -52.61
CA ASP B 282 9.42 52.22 -52.33
C ASP B 282 10.15 53.50 -52.79
N GLU B 283 9.76 54.65 -52.25
CA GLU B 283 10.17 55.93 -52.75
C GLU B 283 11.64 56.21 -52.43
N ARG B 284 12.25 55.44 -51.53
CA ARG B 284 13.66 55.67 -51.16
C ARG B 284 14.62 54.76 -51.93
N GLY B 285 14.08 53.87 -52.76
CA GLY B 285 14.89 52.95 -53.56
C GLY B 285 14.63 51.50 -53.20
N GLY B 286 15.71 50.74 -53.03
CA GLY B 286 15.63 49.33 -52.71
C GLY B 286 16.71 48.90 -51.75
N TYR B 287 16.84 47.59 -51.55
CA TYR B 287 17.88 47.05 -50.68
C TYR B 287 19.19 46.89 -51.45
N ALA B 288 20.15 47.76 -51.16
CA ALA B 288 21.49 47.68 -51.75
C ALA B 288 22.29 46.47 -51.20
N ASP B 289 21.90 45.93 -50.04
CA ASP B 289 22.61 44.84 -49.36
C ASP B 289 21.92 43.50 -49.62
N ARG B 290 21.12 43.41 -50.69
CA ARG B 290 20.39 42.18 -50.95
C ARG B 290 20.36 41.90 -52.45
N VAL B 291 20.06 40.64 -52.77
CA VAL B 291 20.05 40.19 -54.16
C VAL B 291 19.14 38.96 -54.21
N THR B 292 18.30 38.89 -55.23
CA THR B 292 17.41 37.76 -55.43
C THR B 292 17.77 37.16 -56.79
N LEU B 293 17.99 35.85 -56.81
CA LEU B 293 18.33 35.12 -57.99
C LEU B 293 17.20 34.18 -58.34
N ARG B 294 16.85 34.16 -59.61
CA ARG B 294 15.76 33.36 -60.12
C ARG B 294 16.30 32.30 -61.08
N LEU B 295 16.07 31.03 -60.75
CA LEU B 295 16.55 29.90 -61.50
C LEU B 295 15.37 29.12 -62.06
N ASN B 296 15.43 28.79 -63.34
CA ASN B 296 14.43 27.95 -63.98
C ASN B 296 14.79 26.48 -63.78
N VAL B 297 13.78 25.65 -63.52
CA VAL B 297 13.92 24.21 -63.42
C VAL B 297 12.74 23.56 -64.13
N GLU B 298 13.01 22.76 -65.17
CA GLU B 298 11.95 22.09 -65.92
C GLU B 298 11.79 20.67 -65.39
N ASN B 299 10.53 20.22 -65.33
CA ASN B 299 10.12 18.92 -64.80
C ASN B 299 10.88 18.64 -63.52
N PRO B 300 10.73 19.47 -62.48
CA PRO B 300 11.43 19.22 -61.22
C PRO B 300 10.86 17.97 -60.53
N LYS B 301 11.74 17.22 -59.88
CA LYS B 301 11.33 16.10 -59.05
C LYS B 301 10.81 16.68 -57.74
N LEU B 302 9.55 16.36 -57.44
CA LEU B 302 8.78 17.08 -56.41
C LEU B 302 8.97 16.39 -55.06
N TRP B 303 8.97 17.21 -54.01
CA TRP B 303 9.08 16.75 -52.63
C TRP B 303 7.71 16.35 -52.11
N SER B 304 7.68 15.21 -51.44
CA SER B 304 6.54 14.78 -50.68
C SER B 304 7.03 13.79 -49.61
N ALA B 305 6.15 13.46 -48.67
CA ALA B 305 6.48 12.44 -47.69
C ALA B 305 6.47 11.06 -48.36
N GLU B 306 5.83 10.94 -49.53
CA GLU B 306 5.83 9.71 -50.31
C GLU B 306 7.19 9.52 -51.00
N ILE B 307 7.71 10.58 -51.63
CA ILE B 307 9.00 10.56 -52.31
C ILE B 307 9.75 11.83 -51.96
N PRO B 308 10.67 11.77 -50.97
CA PRO B 308 11.34 12.99 -50.53
C PRO B 308 12.50 13.44 -51.41
N ASN B 309 12.19 13.79 -52.65
CA ASN B 309 13.19 14.31 -53.58
C ASN B 309 13.76 15.63 -53.06
N LEU B 310 15.08 15.71 -52.98
CA LEU B 310 15.76 16.89 -52.50
C LEU B 310 16.78 17.34 -53.53
N TYR B 311 16.89 18.66 -53.68
CA TYR B 311 17.94 19.31 -54.41
C TYR B 311 18.85 19.98 -53.38
N ARG B 312 19.98 20.50 -53.84
CA ARG B 312 20.91 21.16 -52.99
C ARG B 312 21.20 22.56 -53.52
N ALA B 313 21.02 23.56 -52.66
CA ALA B 313 21.27 24.95 -53.02
C ALA B 313 22.56 25.41 -52.35
N VAL B 314 23.42 26.05 -53.13
CA VAL B 314 24.68 26.55 -52.62
C VAL B 314 24.71 28.03 -52.92
N VAL B 315 24.99 28.81 -51.88
CA VAL B 315 25.02 30.26 -51.99
C VAL B 315 26.46 30.71 -51.74
N GLU B 316 27.10 31.20 -52.81
CA GLU B 316 28.47 31.68 -52.73
C GLU B 316 28.47 33.20 -52.71
N LEU B 317 29.13 33.77 -51.71
CA LEU B 317 29.50 35.17 -51.71
C LEU B 317 30.97 35.26 -52.14
N HIS B 318 31.24 36.02 -53.21
CA HIS B 318 32.58 36.13 -53.78
C HIS B 318 32.77 37.51 -54.42
N THR B 319 33.98 37.74 -54.91
CA THR B 319 34.30 38.95 -55.67
C THR B 319 34.12 38.68 -57.16
N ALA B 320 34.22 39.75 -57.96
CA ALA B 320 34.11 39.62 -59.42
C ALA B 320 35.24 38.74 -59.96
N ASP B 321 36.46 38.95 -59.44
CA ASP B 321 37.65 38.17 -59.86
C ASP B 321 37.60 36.73 -59.34
N GLY B 322 36.56 36.34 -58.59
CA GLY B 322 36.25 34.91 -58.32
C GLY B 322 36.69 34.38 -56.95
N THR B 323 37.46 35.17 -56.19
CA THR B 323 37.90 34.70 -54.87
C THR B 323 36.67 34.60 -53.96
N LEU B 324 36.43 33.37 -53.46
CA LEU B 324 35.31 33.07 -52.57
C LEU B 324 35.51 33.75 -51.21
N ILE B 325 34.42 34.32 -50.68
CA ILE B 325 34.41 34.91 -49.34
C ILE B 325 33.82 33.93 -48.32
N GLU B 326 32.72 33.28 -48.69
CA GLU B 326 32.14 32.22 -47.88
C GLU B 326 30.96 31.63 -48.65
N ALA B 327 30.48 30.48 -48.19
CA ALA B 327 29.37 29.84 -48.80
C ALA B 327 28.47 29.25 -47.72
N GLU B 328 27.17 29.36 -47.93
CA GLU B 328 26.16 28.64 -47.14
C GLU B 328 25.36 27.76 -48.09
N ALA B 329 24.55 26.88 -47.53
CA ALA B 329 23.84 25.91 -48.32
C ALA B 329 22.66 25.38 -47.53
N CYS B 330 21.72 24.77 -48.25
CA CYS B 330 20.63 24.03 -47.65
C CYS B 330 20.09 23.01 -48.66
N ASP B 331 19.38 22.02 -48.15
CA ASP B 331 18.58 21.14 -48.96
C ASP B 331 17.33 21.90 -49.45
N VAL B 332 16.79 21.46 -50.58
CA VAL B 332 15.68 22.11 -51.23
C VAL B 332 14.67 21.03 -51.62
N GLY B 333 13.40 21.26 -51.30
CA GLY B 333 12.31 20.36 -51.69
C GLY B 333 11.30 21.12 -52.52
N PHE B 334 11.11 20.70 -53.78
CA PHE B 334 10.17 21.38 -54.67
C PHE B 334 8.77 20.89 -54.31
N ARG B 335 7.99 21.78 -53.67
CA ARG B 335 6.66 21.45 -53.26
C ARG B 335 5.90 22.74 -52.98
N GLU B 336 4.58 22.66 -53.15
CA GLU B 336 3.71 23.78 -52.96
C GLU B 336 2.62 23.35 -51.97
N VAL B 337 2.40 24.19 -50.96
CA VAL B 337 1.35 24.02 -49.98
C VAL B 337 0.38 25.18 -50.19
N ARG B 338 -0.90 24.85 -50.42
CA ARG B 338 -1.94 25.85 -50.51
C ARG B 338 -3.25 25.26 -50.01
N ILE B 339 -4.15 26.14 -49.57
CA ILE B 339 -5.50 25.80 -49.29
C ILE B 339 -6.35 26.42 -50.39
N GLU B 340 -7.13 25.59 -51.08
CA GLU B 340 -7.86 25.95 -52.27
C GLU B 340 -9.23 25.29 -52.17
N ASN B 341 -10.29 26.11 -52.24
CA ASN B 341 -11.67 25.68 -52.17
C ASN B 341 -11.85 24.72 -50.98
N GLY B 342 -11.30 25.11 -49.83
CA GLY B 342 -11.54 24.44 -48.56
C GLY B 342 -10.70 23.20 -48.32
N LEU B 343 -9.67 22.97 -49.15
CA LEU B 343 -8.86 21.76 -48.97
C LEU B 343 -7.38 22.14 -48.86
N LEU B 344 -6.65 21.45 -47.97
CA LEU B 344 -5.20 21.56 -47.89
C LEU B 344 -4.59 20.70 -49.00
N LEU B 345 -3.84 21.35 -49.90
CA LEU B 345 -3.25 20.73 -51.06
C LEU B 345 -1.73 20.75 -50.97
N LEU B 346 -1.11 19.64 -51.37
CA LEU B 346 0.32 19.56 -51.58
C LEU B 346 0.53 19.13 -53.03
N ASN B 347 1.20 20.00 -53.80
CA ASN B 347 1.45 19.78 -55.22
C ASN B 347 0.14 19.44 -55.93
N GLY B 348 -0.92 20.17 -55.60
CA GLY B 348 -2.21 20.07 -56.30
C GLY B 348 -3.10 18.96 -55.78
N LYS B 349 -2.64 18.14 -54.84
CA LYS B 349 -3.42 17.03 -54.34
C LYS B 349 -3.85 17.22 -52.88
N PRO B 350 -5.06 16.78 -52.51
CA PRO B 350 -5.53 16.90 -51.14
C PRO B 350 -4.81 15.93 -50.21
N LEU B 351 -4.12 16.47 -49.20
CA LEU B 351 -3.46 15.65 -48.19
C LEU B 351 -4.52 14.98 -47.30
N LEU B 352 -4.20 13.76 -46.87
CA LEU B 352 -4.88 13.10 -45.76
C LEU B 352 -3.84 12.87 -44.68
N ILE B 353 -3.95 13.63 -43.59
CA ILE B 353 -2.87 13.74 -42.61
C ILE B 353 -2.93 12.54 -41.68
N ARG B 354 -1.88 11.71 -41.75
CA ARG B 354 -1.69 10.58 -40.84
C ARG B 354 -0.68 11.01 -39.78
N GLY B 355 -1.15 11.85 -38.86
CA GLY B 355 -0.27 12.61 -38.01
C GLY B 355 -0.11 12.05 -36.61
N VAL B 356 0.96 12.47 -35.95
CA VAL B 356 1.16 12.21 -34.54
C VAL B 356 1.85 13.42 -33.92
N ASN B 357 1.48 13.75 -32.68
CA ASN B 357 2.22 14.71 -31.88
C ASN B 357 3.43 13.98 -31.26
N ARG B 358 4.59 14.66 -31.25
CA ARG B 358 5.81 14.09 -30.72
C ARG B 358 6.57 15.13 -29.90
N HIS B 359 6.78 14.80 -28.62
CA HIS B 359 7.63 15.57 -27.72
C HIS B 359 9.09 15.10 -27.84
N GLU B 360 10.01 15.97 -27.43
CA GLU B 360 11.42 15.62 -27.32
C GLU B 360 11.66 15.07 -25.90
N HIS B 361 11.52 13.76 -25.77
CA HIS B 361 11.66 13.07 -24.49
C HIS B 361 12.54 11.84 -24.65
N HIS B 362 13.35 11.59 -23.63
CA HIS B 362 14.20 10.42 -23.53
C HIS B 362 14.19 10.00 -22.07
N PRO B 363 13.88 8.72 -21.77
CA PRO B 363 13.71 8.31 -20.37
C PRO B 363 14.97 8.45 -19.51
N LEU B 364 16.16 8.53 -20.14
CA LEU B 364 17.42 8.67 -19.39
C LEU B 364 17.97 10.11 -19.47
N HIS B 365 17.95 10.73 -20.66
CA HIS B 365 18.62 12.02 -20.83
C HIS B 365 17.62 13.18 -20.84
N GLY B 366 16.36 12.90 -20.52
CA GLY B 366 15.35 13.93 -20.32
C GLY B 366 14.92 14.54 -21.65
N GLN B 367 15.24 15.82 -21.83
CA GLN B 367 14.79 16.56 -22.99
C GLN B 367 15.96 16.89 -23.92
N VAL B 368 17.07 16.15 -23.75
CA VAL B 368 18.18 16.21 -24.67
C VAL B 368 17.94 15.17 -25.77
N MET B 369 18.07 15.59 -27.04
CA MET B 369 17.83 14.73 -28.20
C MET B 369 19.14 14.32 -28.89
N ASP B 370 19.12 13.13 -29.47
CA ASP B 370 20.24 12.57 -30.21
C ASP B 370 19.74 12.07 -31.57
N GLU B 371 20.66 11.97 -32.55
CA GLU B 371 20.34 11.55 -33.89
C GLU B 371 19.70 10.15 -33.85
N GLN B 372 20.25 9.24 -33.05
CA GLN B 372 19.81 7.84 -33.07
C GLN B 372 18.34 7.73 -32.65
N THR B 373 17.98 8.44 -31.58
CA THR B 373 16.62 8.42 -31.08
C THR B 373 15.67 9.05 -32.11
N MET B 374 16.13 10.12 -32.77
CA MET B 374 15.35 10.80 -33.79
C MET B 374 15.04 9.85 -34.96
N VAL B 375 16.10 9.21 -35.47
CA VAL B 375 15.98 8.25 -36.56
C VAL B 375 15.06 7.09 -36.14
N GLN B 376 15.23 6.60 -34.91
CA GLN B 376 14.40 5.50 -34.43
C GLN B 376 12.93 5.94 -34.42
N ASP B 377 12.65 7.19 -34.02
CA ASP B 377 11.29 7.69 -33.98
C ASP B 377 10.72 7.75 -35.39
N ILE B 378 11.50 8.28 -36.33
CA ILE B 378 11.04 8.48 -37.71
C ILE B 378 10.73 7.14 -38.39
N LEU B 379 11.66 6.18 -38.25
CA LEU B 379 11.46 4.86 -38.85
C LEU B 379 10.20 4.20 -38.26
N LEU B 380 10.03 4.28 -36.94
CA LEU B 380 8.88 3.65 -36.32
C LEU B 380 7.60 4.31 -36.81
N MET B 381 7.67 5.62 -37.09
CA MET B 381 6.50 6.35 -37.52
C MET B 381 6.09 5.92 -38.93
N LYS B 382 7.06 5.90 -39.86
CA LYS B 382 6.76 5.57 -41.24
C LYS B 382 6.35 4.10 -41.36
N GLN B 383 6.95 3.21 -40.56
CA GLN B 383 6.61 1.79 -40.59
C GLN B 383 5.20 1.55 -40.06
N ASN B 384 4.63 2.53 -39.37
CA ASN B 384 3.26 2.43 -38.88
C ASN B 384 2.33 3.43 -39.59
N ASN B 385 2.71 3.85 -40.81
CA ASN B 385 1.82 4.56 -41.73
C ASN B 385 1.50 5.97 -41.23
N PHE B 386 2.52 6.66 -40.72
CA PHE B 386 2.38 8.04 -40.32
C PHE B 386 2.99 8.96 -41.39
N ASN B 387 2.20 9.96 -41.78
CA ASN B 387 2.50 10.99 -42.78
C ASN B 387 3.29 12.16 -42.17
N ALA B 388 2.99 12.49 -40.92
CA ALA B 388 3.24 13.83 -40.42
C ALA B 388 3.46 13.83 -38.90
N VAL B 389 4.11 14.90 -38.45
CA VAL B 389 4.44 15.07 -37.05
C VAL B 389 4.22 16.54 -36.67
N ARG B 390 3.61 16.73 -35.49
CA ARG B 390 3.41 18.06 -34.95
C ARG B 390 4.45 18.25 -33.85
N CYS B 391 5.24 19.33 -33.98
CA CYS B 391 6.23 19.70 -32.98
C CYS B 391 5.52 20.30 -31.76
N SER B 392 4.97 19.43 -30.91
CA SER B 392 4.26 19.83 -29.71
C SER B 392 5.25 20.03 -28.57
N HIS B 393 5.36 21.25 -28.02
CA HIS B 393 4.81 22.49 -28.59
C HIS B 393 5.90 23.54 -28.62
N TYR B 394 6.90 23.37 -29.48
CA TYR B 394 8.04 24.25 -29.50
C TYR B 394 8.95 23.88 -30.67
N PRO B 395 9.79 24.81 -31.15
CA PRO B 395 10.76 24.46 -32.19
C PRO B 395 11.68 23.36 -31.68
N ASN B 396 11.98 22.42 -32.58
CA ASN B 396 12.70 21.20 -32.23
C ASN B 396 14.17 21.44 -32.41
N HIS B 397 14.96 20.46 -31.93
CA HIS B 397 16.39 20.37 -32.29
C HIS B 397 16.53 20.49 -33.81
N PRO B 398 17.43 21.35 -34.30
CA PRO B 398 17.53 21.61 -35.74
C PRO B 398 17.69 20.37 -36.64
N LEU B 399 18.34 19.32 -36.13
CA LEU B 399 18.58 18.10 -36.92
C LEU B 399 17.27 17.38 -37.27
N TRP B 400 16.22 17.62 -36.49
CA TRP B 400 14.94 16.95 -36.70
C TRP B 400 14.35 17.33 -38.05
N TYR B 401 14.47 18.61 -38.45
CA TYR B 401 13.84 19.09 -39.67
C TYR B 401 14.61 18.57 -40.87
N THR B 402 15.93 18.43 -40.73
CA THR B 402 16.78 17.82 -41.74
C THR B 402 16.39 16.35 -41.93
N LEU B 403 16.15 15.63 -40.85
CA LEU B 403 15.80 14.21 -40.96
C LEU B 403 14.43 14.05 -41.61
N CYS B 404 13.47 14.93 -41.31
CA CYS B 404 12.13 14.83 -41.93
C CYS B 404 12.17 15.29 -43.40
N ASP B 405 13.04 16.26 -43.71
CA ASP B 405 13.33 16.64 -45.08
C ASP B 405 13.73 15.39 -45.89
N ARG B 406 14.57 14.54 -45.29
CA ARG B 406 15.26 13.48 -46.03
C ARG B 406 14.48 12.16 -46.00
N TYR B 407 13.89 11.82 -44.87
CA TYR B 407 13.12 10.58 -44.76
C TYR B 407 11.69 10.79 -45.28
N GLY B 408 11.22 12.04 -45.27
CA GLY B 408 9.89 12.37 -45.77
C GLY B 408 8.80 12.30 -44.72
N LEU B 409 8.63 13.40 -43.96
CA LEU B 409 7.45 13.61 -43.09
C LEU B 409 7.00 15.07 -43.18
N TYR B 410 5.68 15.29 -43.22
CA TYR B 410 5.11 16.64 -43.14
C TYR B 410 5.21 17.11 -41.69
N VAL B 411 5.72 18.31 -41.49
CA VAL B 411 5.95 18.85 -40.16
C VAL B 411 5.10 20.10 -39.92
N VAL B 412 4.45 20.16 -38.74
CA VAL B 412 3.91 21.40 -38.19
C VAL B 412 4.92 21.99 -37.21
N ASP B 413 5.46 23.17 -37.53
CA ASP B 413 6.42 23.87 -36.69
C ASP B 413 5.65 24.84 -35.78
N GLU B 414 5.85 24.71 -34.47
CA GLU B 414 4.99 25.35 -33.46
C GLU B 414 5.82 26.27 -32.58
N ALA B 415 5.35 27.51 -32.42
CA ALA B 415 6.06 28.48 -31.60
C ALA B 415 6.03 28.06 -30.13
N ASN B 416 7.08 28.41 -29.41
CA ASN B 416 7.21 28.05 -28.00
C ASN B 416 6.39 29.04 -27.15
N ILE B 417 5.06 28.90 -27.20
CA ILE B 417 4.10 29.71 -26.47
C ILE B 417 2.96 28.81 -26.00
N GLU B 418 2.94 28.50 -24.69
CA GLU B 418 1.77 27.95 -24.04
C GLU B 418 1.57 28.67 -22.70
N THR B 419 0.36 29.17 -22.49
CA THR B 419 -0.02 29.84 -21.25
C THR B 419 -1.27 29.17 -20.66
N HIS B 420 -1.27 27.84 -20.63
CA HIS B 420 -2.47 27.06 -20.29
C HIS B 420 -2.96 27.44 -18.89
N GLY B 421 -2.03 27.53 -17.92
CA GLY B 421 -2.37 27.68 -16.51
C GLY B 421 -2.88 29.06 -16.11
N MET B 422 -2.97 30.02 -17.04
CA MET B 422 -3.56 31.32 -16.72
C MET B 422 -5.08 31.20 -16.61
N VAL B 423 -5.69 32.17 -15.95
CA VAL B 423 -7.13 32.26 -15.78
C VAL B 423 -7.58 33.68 -16.13
N PRO B 424 -8.29 33.84 -17.25
CA PRO B 424 -8.52 32.82 -18.25
C PRO B 424 -7.26 32.56 -19.09
N MET B 425 -7.30 31.59 -20.00
CA MET B 425 -6.13 31.24 -20.78
C MET B 425 -5.66 32.44 -21.61
N ASN B 426 -6.60 33.33 -21.89
CA ASN B 426 -6.45 34.56 -22.66
C ASN B 426 -5.49 35.59 -22.03
N ARG B 427 -5.18 35.48 -20.73
CA ARG B 427 -4.74 36.64 -19.94
C ARG B 427 -3.49 37.32 -20.52
N LEU B 428 -2.47 36.54 -20.89
CA LEU B 428 -1.24 37.12 -21.42
C LEU B 428 -1.32 37.34 -22.93
N THR B 429 -1.98 36.45 -23.67
CA THR B 429 -1.96 36.55 -25.12
C THR B 429 -2.88 37.66 -25.63
N ASP B 430 -3.76 38.22 -24.78
CA ASP B 430 -4.59 39.34 -25.18
C ASP B 430 -3.97 40.67 -24.75
N ASP B 431 -2.87 40.61 -24.01
CA ASP B 431 -2.25 41.76 -23.39
C ASP B 431 -1.13 42.27 -24.28
N PRO B 432 -1.23 43.52 -24.79
CA PRO B 432 -0.17 44.07 -25.64
C PRO B 432 1.23 44.10 -25.01
N ARG B 433 1.33 44.22 -23.69
CA ARG B 433 2.67 44.24 -23.06
C ARG B 433 3.39 42.87 -23.20
N TRP B 434 2.65 41.81 -23.53
CA TRP B 434 3.26 40.51 -23.78
C TRP B 434 3.40 40.24 -25.28
N LEU B 435 3.00 41.17 -26.14
CA LEU B 435 3.12 40.99 -27.57
C LEU B 435 4.60 40.90 -27.95
N PRO B 436 5.52 41.72 -27.40
CA PRO B 436 6.93 41.59 -27.78
C PRO B 436 7.51 40.20 -27.51
N ALA B 437 7.27 39.68 -26.30
CA ALA B 437 7.81 38.39 -25.93
C ALA B 437 7.26 37.31 -26.86
N MET B 438 5.98 37.42 -27.23
CA MET B 438 5.34 36.44 -28.07
C MET B 438 5.88 36.55 -29.49
N SER B 439 6.07 37.77 -30.01
CA SER B 439 6.48 37.94 -31.39
C SER B 439 7.85 37.31 -31.61
N GLU B 440 8.77 37.50 -30.66
CA GLU B 440 10.09 36.91 -30.76
C GLU B 440 10.01 35.38 -30.81
N ARG B 441 9.02 34.78 -30.15
CA ARG B 441 8.92 33.33 -30.18
C ARG B 441 8.36 32.85 -31.53
N VAL B 442 7.51 33.66 -32.17
CA VAL B 442 6.94 33.33 -33.49
C VAL B 442 7.93 33.70 -34.60
N THR B 443 8.47 34.92 -34.58
CA THR B 443 9.27 35.44 -35.70
C THR B 443 10.59 34.66 -35.82
N ARG B 444 11.24 34.40 -34.68
CA ARG B 444 12.54 33.74 -34.71
C ARG B 444 12.43 32.27 -35.11
N MET B 445 11.26 31.65 -34.93
CA MET B 445 11.06 30.31 -35.43
C MET B 445 11.01 30.34 -36.95
N VAL B 446 10.19 31.24 -37.51
CA VAL B 446 10.05 31.34 -38.94
C VAL B 446 11.40 31.68 -39.56
N GLN B 447 12.18 32.55 -38.92
CA GLN B 447 13.44 33.00 -39.50
C GLN B 447 14.46 31.86 -39.55
N ARG B 448 14.30 30.87 -38.65
CA ARG B 448 15.24 29.75 -38.56
C ARG B 448 14.87 28.63 -39.54
N ASP B 449 13.58 28.29 -39.68
CA ASP B 449 13.16 27.00 -40.24
C ASP B 449 12.42 27.17 -41.57
N ARG B 450 12.45 28.38 -42.16
CA ARG B 450 11.57 28.66 -43.31
C ARG B 450 12.06 28.01 -44.60
N ASN B 451 13.33 27.55 -44.64
CA ASN B 451 13.87 26.91 -45.85
C ASN B 451 13.71 25.39 -45.83
N HIS B 452 13.16 24.81 -44.76
CA HIS B 452 12.96 23.37 -44.68
C HIS B 452 11.69 22.97 -45.42
N PRO B 453 11.76 22.14 -46.47
CA PRO B 453 10.55 21.72 -47.15
C PRO B 453 9.54 20.92 -46.31
N SER B 454 10.00 20.22 -45.26
CA SER B 454 9.07 19.34 -44.55
C SER B 454 8.13 20.15 -43.64
N VAL B 455 8.51 21.38 -43.29
CA VAL B 455 7.58 22.29 -42.63
C VAL B 455 6.57 22.77 -43.67
N ILE B 456 5.31 22.37 -43.49
CA ILE B 456 4.25 22.75 -44.41
C ILE B 456 3.22 23.67 -43.73
N ILE B 457 3.18 23.68 -42.39
CA ILE B 457 2.20 24.46 -41.64
C ILE B 457 2.90 25.09 -40.46
N TRP B 458 2.75 26.42 -40.31
CA TRP B 458 3.19 27.11 -39.11
C TRP B 458 2.07 27.07 -38.05
N SER B 459 2.47 27.00 -36.78
CA SER B 459 1.53 27.06 -35.65
C SER B 459 1.96 28.13 -34.65
N LEU B 460 0.98 28.88 -34.12
CA LEU B 460 1.27 30.03 -33.23
C LEU B 460 1.48 29.60 -31.78
N GLY B 461 1.38 28.32 -31.48
CA GLY B 461 1.60 27.81 -30.15
C GLY B 461 0.50 26.84 -29.77
N ASN B 462 0.33 26.65 -28.46
CA ASN B 462 -0.64 25.70 -27.97
C ASN B 462 -1.28 26.22 -26.68
N GLU B 463 -2.59 26.00 -26.56
CA GLU B 463 -3.36 26.23 -25.35
C GLU B 463 -2.98 27.56 -24.69
N SER B 464 -3.32 28.66 -25.36
CA SER B 464 -3.11 29.98 -24.80
C SER B 464 -4.35 30.87 -25.00
N GLY B 465 -5.54 30.25 -25.11
CA GLY B 465 -6.74 30.97 -25.41
C GLY B 465 -6.59 31.70 -26.75
N HIS B 466 -7.47 32.67 -27.00
CA HIS B 466 -7.35 33.53 -28.17
C HIS B 466 -7.29 35.01 -27.77
N GLY B 467 -6.12 35.62 -27.94
CA GLY B 467 -5.96 37.06 -27.77
C GLY B 467 -5.59 37.77 -29.07
N ALA B 468 -5.58 39.09 -29.00
CA ALA B 468 -5.25 39.92 -30.14
C ALA B 468 -3.82 39.68 -30.64
N ASN B 469 -2.91 39.26 -29.75
CA ASN B 469 -1.53 39.05 -30.18
C ASN B 469 -1.45 37.89 -31.17
N HIS B 470 -2.33 36.89 -31.02
CA HIS B 470 -2.42 35.78 -31.97
C HIS B 470 -2.77 36.31 -33.36
N ASP B 471 -3.81 37.16 -33.42
CA ASP B 471 -4.22 37.73 -34.70
C ASP B 471 -3.07 38.52 -35.34
N ALA B 472 -2.32 39.28 -34.52
CA ALA B 472 -1.26 40.11 -35.06
C ALA B 472 -0.15 39.20 -35.65
N LEU B 473 0.21 38.14 -34.92
CA LEU B 473 1.30 37.29 -35.31
C LEU B 473 0.87 36.30 -36.41
N TYR B 474 -0.42 35.97 -36.46
CA TYR B 474 -0.95 35.24 -37.60
C TYR B 474 -0.69 36.05 -38.88
N ARG B 475 -1.00 37.35 -38.83
CA ARG B 475 -0.92 38.20 -40.00
C ARG B 475 0.55 38.48 -40.34
N TRP B 476 1.42 38.45 -39.34
CA TRP B 476 2.83 38.65 -39.59
C TRP B 476 3.38 37.53 -40.48
N ILE B 477 3.03 36.28 -40.12
CA ILE B 477 3.50 35.12 -40.85
C ILE B 477 2.96 35.16 -42.27
N LYS B 478 1.69 35.53 -42.44
CA LYS B 478 1.06 35.55 -43.76
C LYS B 478 1.82 36.50 -44.69
N SER B 479 2.25 37.66 -44.17
CA SER B 479 2.94 38.67 -44.94
C SER B 479 4.37 38.24 -45.29
N VAL B 480 5.02 37.54 -44.36
CA VAL B 480 6.42 37.23 -44.46
C VAL B 480 6.66 35.88 -45.18
N ASP B 481 5.69 34.95 -45.09
CA ASP B 481 5.83 33.65 -45.68
C ASP B 481 4.46 33.19 -46.18
N PRO B 482 4.07 33.60 -47.40
CA PRO B 482 2.82 33.12 -47.98
C PRO B 482 2.80 31.63 -48.34
N SER B 483 3.97 30.96 -48.31
CA SER B 483 4.06 29.59 -48.84
C SER B 483 3.47 28.55 -47.88
N ARG B 484 3.10 28.91 -46.66
CA ARG B 484 2.59 27.93 -45.69
C ARG B 484 1.36 28.49 -44.99
N PRO B 485 0.32 27.66 -44.81
CA PRO B 485 -0.79 28.03 -43.93
C PRO B 485 -0.37 28.11 -42.45
N VAL B 486 -1.09 28.95 -41.72
CA VAL B 486 -0.91 29.15 -40.29
C VAL B 486 -2.11 28.52 -39.59
N GLN B 487 -1.85 27.82 -38.49
CA GLN B 487 -2.91 27.22 -37.69
C GLN B 487 -2.67 27.50 -36.21
N TYR B 488 -3.77 27.53 -35.46
CA TYR B 488 -3.76 27.72 -34.01
C TYR B 488 -5.11 27.27 -33.46
N GLU B 489 -5.08 26.49 -32.38
CA GLU B 489 -6.31 25.84 -31.86
C GLU B 489 -6.97 26.71 -30.77
N GLY B 490 -6.19 27.56 -30.11
CA GLY B 490 -6.69 28.27 -28.94
C GLY B 490 -7.94 29.07 -29.24
N GLY B 491 -8.82 29.16 -28.22
CA GLY B 491 -9.99 30.00 -28.29
C GLY B 491 -11.08 29.45 -29.21
N GLY B 492 -11.15 28.13 -29.36
CA GLY B 492 -12.27 27.49 -30.03
C GLY B 492 -11.95 26.84 -31.35
N ALA B 493 -10.67 26.76 -31.72
CA ALA B 493 -10.17 26.01 -32.87
C ALA B 493 -10.53 26.64 -34.22
N ASP B 494 -11.34 27.69 -34.24
CA ASP B 494 -11.77 28.25 -35.51
C ASP B 494 -11.74 29.79 -35.50
N THR B 495 -10.77 30.37 -34.79
CA THR B 495 -10.70 31.80 -34.65
C THR B 495 -10.19 32.42 -35.94
N THR B 496 -10.03 33.75 -35.93
CA THR B 496 -9.47 34.46 -37.04
C THR B 496 -7.97 34.23 -37.19
N ALA B 497 -7.35 33.43 -36.31
CA ALA B 497 -5.88 33.23 -36.33
C ALA B 497 -5.49 31.85 -36.85
N THR B 498 -6.39 31.17 -37.58
CA THR B 498 -6.09 29.84 -38.11
C THR B 498 -6.75 29.69 -39.50
N ASP B 499 -5.97 29.15 -40.45
CA ASP B 499 -6.43 28.80 -41.78
C ASP B 499 -7.07 27.41 -41.80
N ILE B 500 -6.87 26.61 -40.74
CA ILE B 500 -7.40 25.25 -40.61
C ILE B 500 -8.19 25.16 -39.30
N ILE B 501 -9.36 24.52 -39.36
CA ILE B 501 -10.10 24.19 -38.16
C ILE B 501 -9.36 23.05 -37.46
N CYS B 502 -8.70 23.36 -36.31
CA CYS B 502 -7.76 22.41 -35.72
C CYS B 502 -8.14 22.08 -34.28
N PRO B 503 -9.31 21.47 -34.04
CA PRO B 503 -9.73 21.18 -32.67
C PRO B 503 -8.88 20.07 -32.03
N MET B 504 -8.95 19.98 -30.71
CA MET B 504 -8.34 18.89 -29.97
C MET B 504 -9.46 18.11 -29.25
N TYR B 505 -9.59 16.83 -29.59
CA TYR B 505 -10.53 15.91 -28.97
C TYR B 505 -11.97 16.25 -29.32
N ALA B 506 -12.18 16.91 -30.45
CA ALA B 506 -13.53 16.96 -31.04
C ALA B 506 -13.89 15.55 -31.47
N ARG B 507 -15.09 15.10 -31.08
CA ARG B 507 -15.50 13.73 -31.40
C ARG B 507 -16.14 13.69 -32.79
N VAL B 508 -16.31 12.47 -33.32
CA VAL B 508 -16.75 12.29 -34.69
C VAL B 508 -18.21 12.68 -34.84
N ASP B 509 -19.07 12.09 -34.01
CA ASP B 509 -20.51 12.29 -34.09
C ASP B 509 -21.06 13.14 -32.93
N GLU B 510 -20.40 13.08 -31.78
CA GLU B 510 -20.96 13.61 -30.51
C GLU B 510 -20.50 15.05 -30.29
N ASP B 511 -21.48 15.95 -30.14
CA ASP B 511 -21.23 17.34 -29.80
C ASP B 511 -20.85 17.46 -28.32
N GLN B 512 -19.84 18.30 -28.04
CA GLN B 512 -19.52 18.73 -26.68
C GLN B 512 -19.66 20.24 -26.61
N PRO B 513 -20.87 20.78 -26.37
CA PRO B 513 -21.11 22.21 -26.51
C PRO B 513 -20.73 23.02 -25.27
N PHE B 514 -19.44 22.94 -24.89
CA PHE B 514 -18.89 23.78 -23.86
C PHE B 514 -19.15 25.24 -24.19
N PRO B 515 -19.50 26.10 -23.20
CA PRO B 515 -19.71 27.52 -23.48
C PRO B 515 -18.42 28.19 -23.93
N ALA B 516 -18.58 29.16 -24.84
CA ALA B 516 -17.50 29.98 -25.43
C ALA B 516 -16.64 29.18 -26.42
N VAL B 517 -16.23 27.97 -26.03
CA VAL B 517 -15.26 27.18 -26.81
C VAL B 517 -15.79 25.76 -27.02
N PRO B 518 -16.96 25.59 -27.68
CA PRO B 518 -17.50 24.24 -27.86
C PRO B 518 -16.58 23.39 -28.72
N LYS B 519 -16.76 22.07 -28.63
CA LYS B 519 -16.18 21.12 -29.55
C LYS B 519 -17.30 20.40 -30.26
N TRP B 520 -17.67 20.92 -31.44
CA TRP B 520 -18.73 20.30 -32.24
C TRP B 520 -18.24 18.97 -32.81
N SER B 521 -19.19 18.09 -33.11
CA SER B 521 -18.92 16.98 -34.05
C SER B 521 -18.15 17.51 -35.26
N ILE B 522 -17.04 16.87 -35.61
CA ILE B 522 -16.21 17.34 -36.72
C ILE B 522 -17.03 17.31 -38.02
N LYS B 523 -18.05 16.46 -38.10
CA LYS B 523 -18.88 16.38 -39.30
C LYS B 523 -19.81 17.58 -39.35
N LYS B 524 -20.39 17.91 -38.21
CA LYS B 524 -21.29 19.04 -38.13
C LYS B 524 -20.50 20.34 -38.27
N TRP B 525 -19.26 20.37 -37.75
CA TRP B 525 -18.47 21.58 -37.69
C TRP B 525 -18.25 22.16 -39.09
N LEU B 526 -17.94 21.29 -40.05
CA LEU B 526 -17.68 21.70 -41.41
C LEU B 526 -18.84 22.50 -42.02
N SER B 527 -20.08 22.14 -41.67
CA SER B 527 -21.29 22.57 -42.35
C SER B 527 -21.93 23.81 -41.69
N LEU B 528 -21.44 24.25 -40.54
CA LEU B 528 -22.00 25.41 -39.88
C LEU B 528 -21.92 26.59 -40.84
N PRO B 529 -22.93 27.47 -40.86
CA PRO B 529 -22.96 28.58 -41.82
C PRO B 529 -21.72 29.45 -41.76
N GLY B 530 -21.19 29.78 -42.94
CA GLY B 530 -20.06 30.67 -43.10
C GLY B 530 -18.73 29.96 -43.13
N GLU B 531 -18.66 28.70 -42.68
CA GLU B 531 -17.40 28.00 -42.51
C GLU B 531 -16.98 27.31 -43.81
N THR B 532 -15.76 27.61 -44.28
CA THR B 532 -15.28 27.06 -45.56
C THR B 532 -13.99 26.24 -45.43
N ARG B 533 -13.37 26.25 -44.24
CA ARG B 533 -12.02 25.75 -44.05
C ARG B 533 -11.99 24.23 -43.94
N PRO B 534 -10.83 23.62 -44.21
CA PRO B 534 -10.63 22.21 -43.86
C PRO B 534 -10.56 22.04 -42.33
N LEU B 535 -10.73 20.79 -41.89
CA LEU B 535 -10.63 20.44 -40.49
C LEU B 535 -9.60 19.31 -40.32
N ILE B 536 -8.46 19.65 -39.71
CA ILE B 536 -7.42 18.69 -39.33
C ILE B 536 -7.19 18.81 -37.83
N LEU B 537 -7.46 17.74 -37.10
CA LEU B 537 -7.42 17.78 -35.65
C LEU B 537 -5.98 17.97 -35.20
N CYS B 538 -5.73 19.01 -34.40
CA CYS B 538 -4.39 19.27 -33.87
C CYS B 538 -3.99 18.15 -32.90
N GLN B 539 -4.97 17.57 -32.20
CA GLN B 539 -4.75 16.45 -31.31
C GLN B 539 -6.04 15.64 -31.30
N TYR B 540 -5.91 14.30 -31.29
CA TYR B 540 -7.07 13.41 -31.20
C TYR B 540 -6.59 12.01 -30.79
N ALA B 541 -7.51 11.21 -30.24
CA ALA B 541 -7.24 9.86 -29.79
C ALA B 541 -6.16 9.86 -28.71
N HIS B 542 -6.52 10.26 -27.49
CA HIS B 542 -5.60 10.34 -26.37
C HIS B 542 -5.14 8.95 -25.95
N ALA B 543 -3.88 8.62 -26.24
CA ALA B 543 -3.34 7.25 -26.10
C ALA B 543 -2.78 6.98 -24.70
N MET B 544 -3.59 7.24 -23.66
CA MET B 544 -3.14 7.15 -22.27
C MET B 544 -3.44 5.75 -21.75
N GLY B 545 -2.39 4.94 -21.61
CA GLY B 545 -2.59 3.57 -21.21
C GLY B 545 -3.38 2.77 -22.24
N ASN B 546 -4.39 2.06 -21.76
CA ASN B 546 -5.17 1.18 -22.58
C ASN B 546 -6.22 2.04 -23.30
N SER B 547 -5.86 2.52 -24.49
CA SER B 547 -6.65 3.57 -25.14
C SER B 547 -6.71 3.33 -26.66
N LEU B 548 -7.15 4.38 -27.38
CA LEU B 548 -7.49 4.42 -28.80
C LEU B 548 -8.76 3.62 -29.08
N GLY B 549 -9.65 3.50 -28.10
CA GLY B 549 -10.96 2.95 -28.36
C GLY B 549 -11.77 3.95 -29.17
N GLY B 550 -12.26 3.51 -30.33
CA GLY B 550 -13.03 4.34 -31.25
C GLY B 550 -12.19 4.91 -32.38
N PHE B 551 -10.94 4.47 -32.52
CA PHE B 551 -10.01 5.03 -33.51
C PHE B 551 -10.53 4.89 -34.95
N ALA B 552 -11.19 3.77 -35.27
CA ALA B 552 -11.67 3.53 -36.64
C ALA B 552 -12.78 4.51 -37.01
N LYS B 553 -13.56 4.94 -36.03
CA LYS B 553 -14.65 5.88 -36.29
C LYS B 553 -14.11 7.17 -36.93
N TYR B 554 -12.95 7.62 -36.49
CA TYR B 554 -12.35 8.84 -37.02
C TYR B 554 -11.97 8.62 -38.49
N TRP B 555 -11.27 7.52 -38.77
CA TRP B 555 -10.69 7.32 -40.08
C TRP B 555 -11.79 6.99 -41.12
N GLN B 556 -12.88 6.35 -40.68
CA GLN B 556 -14.03 6.19 -41.54
C GLN B 556 -14.51 7.59 -41.97
N ALA B 557 -14.61 8.52 -41.02
CA ALA B 557 -15.11 9.86 -41.29
C ALA B 557 -14.09 10.66 -42.12
N PHE B 558 -12.80 10.49 -41.83
CA PHE B 558 -11.76 11.14 -42.64
C PHE B 558 -11.87 10.72 -44.11
N ARG B 559 -12.20 9.45 -44.37
CA ARG B 559 -12.29 8.93 -45.73
C ARG B 559 -13.60 9.36 -46.41
N GLN B 560 -14.68 9.60 -45.64
CA GLN B 560 -15.99 9.90 -46.22
C GLN B 560 -16.10 11.40 -46.54
N TYR B 561 -15.51 12.28 -45.72
CA TYR B 561 -15.69 13.74 -45.86
C TYR B 561 -14.44 14.33 -46.49
N PRO B 562 -14.55 14.99 -47.65
CA PRO B 562 -13.37 15.60 -48.28
C PRO B 562 -12.61 16.59 -47.39
N ARG B 563 -13.34 17.42 -46.64
CA ARG B 563 -12.74 18.48 -45.85
C ARG B 563 -12.29 18.00 -44.45
N LEU B 564 -12.58 16.74 -44.07
CA LEU B 564 -11.90 16.14 -42.92
C LEU B 564 -10.59 15.54 -43.45
N GLN B 565 -9.48 16.23 -43.23
CA GLN B 565 -8.21 15.79 -43.81
C GLN B 565 -7.27 15.19 -42.75
N GLY B 566 -7.82 14.62 -41.70
CA GLY B 566 -7.04 13.84 -40.74
C GLY B 566 -6.78 14.58 -39.43
N GLY B 567 -5.67 14.22 -38.78
CA GLY B 567 -5.29 14.80 -37.51
C GLY B 567 -4.01 14.19 -36.97
N PHE B 568 -3.57 14.73 -35.84
CA PHE B 568 -2.38 14.27 -35.15
C PHE B 568 -2.77 13.59 -33.84
N VAL B 569 -2.42 12.32 -33.69
CA VAL B 569 -2.72 11.59 -32.47
C VAL B 569 -1.92 12.20 -31.32
N TRP B 570 -2.55 12.28 -30.12
CA TRP B 570 -1.83 12.56 -28.88
C TRP B 570 -1.64 11.27 -28.09
N ASP B 571 -0.39 10.75 -28.04
CA ASP B 571 0.77 11.31 -28.74
C ASP B 571 1.76 10.17 -28.96
N TRP B 572 3.02 10.51 -29.30
CA TRP B 572 3.96 9.49 -29.76
C TRP B 572 4.46 8.61 -28.60
N VAL B 573 5.24 9.21 -27.68
CA VAL B 573 5.98 8.44 -26.69
C VAL B 573 5.57 8.83 -25.26
N ASP B 574 5.48 7.82 -24.41
CA ASP B 574 5.34 7.98 -22.96
C ASP B 574 6.47 8.85 -22.43
N GLN B 575 6.11 9.87 -21.63
CA GLN B 575 7.09 10.65 -20.86
C GLN B 575 7.37 9.97 -19.51
N SER B 576 7.82 8.72 -19.56
CA SER B 576 8.30 8.02 -18.38
C SER B 576 9.76 8.43 -18.15
N LEU B 577 10.17 8.43 -16.89
CA LEU B 577 11.58 8.62 -16.55
C LEU B 577 12.09 7.40 -15.77
N ILE B 578 13.40 7.13 -15.93
CA ILE B 578 14.05 5.98 -15.35
C ILE B 578 14.53 6.34 -13.94
N LYS B 579 14.08 5.55 -12.95
CA LYS B 579 14.67 5.56 -11.62
C LYS B 579 15.29 4.19 -11.36
N TYR B 580 16.04 4.07 -10.27
CA TYR B 580 16.65 2.81 -9.88
C TYR B 580 16.22 2.47 -8.46
N ASP B 581 15.93 1.18 -8.22
CA ASP B 581 15.52 0.68 -6.93
C ASP B 581 16.79 0.38 -6.11
N GLU B 582 16.57 -0.14 -4.90
CA GLU B 582 17.65 -0.39 -3.91
C GLU B 582 18.76 -1.25 -4.51
N ASN B 583 18.44 -2.13 -5.46
CA ASN B 583 19.43 -3.03 -6.07
C ASN B 583 19.94 -2.49 -7.42
N GLY B 584 19.54 -1.28 -7.82
CA GLY B 584 19.97 -0.70 -9.10
C GLY B 584 19.23 -1.28 -10.31
N ASN B 585 18.04 -1.86 -10.08
CA ASN B 585 17.15 -2.28 -11.14
C ASN B 585 16.36 -1.07 -11.62
N PRO B 586 16.34 -0.77 -12.94
CA PRO B 586 15.59 0.39 -13.43
C PRO B 586 14.07 0.13 -13.41
N TRP B 587 13.31 1.18 -13.10
CA TRP B 587 11.88 1.20 -13.30
C TRP B 587 11.45 2.55 -13.90
N SER B 588 10.23 2.57 -14.45
CA SER B 588 9.69 3.73 -15.13
C SER B 588 8.86 4.57 -14.15
N ALA B 589 9.23 5.85 -14.03
CA ALA B 589 8.62 6.76 -13.07
C ALA B 589 7.75 7.79 -13.79
N TYR B 590 6.73 8.28 -13.07
CA TYR B 590 5.86 9.30 -13.59
C TYR B 590 5.66 10.40 -12.54
N GLY B 591 4.57 11.17 -12.68
CA GLY B 591 4.32 12.33 -11.85
C GLY B 591 4.37 12.03 -10.35
N GLY B 592 5.23 12.75 -9.63
CA GLY B 592 5.31 12.68 -8.18
C GLY B 592 6.35 11.69 -7.67
N ASP B 593 6.98 10.93 -8.56
CA ASP B 593 7.96 9.93 -8.17
C ASP B 593 9.33 10.55 -7.87
N PHE B 594 9.41 11.88 -7.84
CA PHE B 594 10.67 12.57 -7.54
C PHE B 594 10.49 13.55 -6.38
N GLY B 595 9.45 13.35 -5.58
CA GLY B 595 9.07 14.29 -4.53
C GLY B 595 8.38 15.52 -5.09
N ASP B 596 8.23 15.61 -6.42
CA ASP B 596 7.62 16.76 -7.09
C ASP B 596 6.13 16.81 -6.78
N THR B 597 5.69 17.91 -6.15
CA THR B 597 4.29 18.10 -5.77
C THR B 597 4.01 19.60 -5.82
N PRO B 598 2.82 20.00 -6.26
CA PRO B 598 1.80 19.17 -6.88
C PRO B 598 2.23 18.59 -8.24
N ASN B 599 1.69 17.41 -8.55
CA ASN B 599 1.96 16.74 -9.82
C ASN B 599 0.64 16.20 -10.37
N ASP B 600 0.69 15.72 -11.61
CA ASP B 600 -0.46 15.13 -12.29
C ASP B 600 -0.13 13.68 -12.69
N ARG B 601 0.52 12.96 -11.77
CA ARG B 601 0.71 11.50 -11.76
C ARG B 601 1.00 10.97 -13.16
N GLN B 602 0.13 10.09 -13.66
CA GLN B 602 0.47 9.26 -14.82
C GLN B 602 0.09 9.97 -16.12
N PHE B 603 -0.46 11.20 -16.04
CA PHE B 603 -0.87 11.91 -17.25
C PHE B 603 0.32 12.30 -18.13
N CYS B 604 1.56 12.15 -17.62
CA CYS B 604 2.74 12.36 -18.43
C CYS B 604 2.92 11.26 -19.49
N MET B 605 2.19 10.13 -19.33
CA MET B 605 2.32 8.97 -20.21
C MET B 605 1.05 8.85 -21.09
N ASN B 606 1.18 9.23 -22.37
CA ASN B 606 0.04 9.17 -23.30
C ASN B 606 0.48 8.61 -24.65
N GLY B 607 1.59 7.88 -24.67
CA GLY B 607 2.22 7.55 -25.94
C GLY B 607 1.60 6.34 -26.61
N LEU B 608 1.84 6.22 -27.92
CA LEU B 608 1.62 4.98 -28.63
C LEU B 608 2.80 4.02 -28.38
N VAL B 609 3.96 4.54 -27.98
CA VAL B 609 5.09 3.70 -27.64
C VAL B 609 5.58 4.05 -26.23
N PHE B 610 6.08 3.04 -25.49
CA PHE B 610 6.74 3.24 -24.21
C PHE B 610 7.96 4.13 -24.39
N ALA B 611 8.54 4.58 -23.27
CA ALA B 611 9.66 5.54 -23.30
C ALA B 611 10.88 4.93 -24.01
N ASP B 612 11.04 3.61 -23.89
CA ASP B 612 12.17 2.93 -24.57
C ASP B 612 11.83 2.68 -26.05
N ARG B 613 10.62 3.05 -26.48
CA ARG B 613 10.14 2.98 -27.89
C ARG B 613 9.62 1.59 -28.24
N THR B 614 9.35 0.76 -27.25
CA THR B 614 8.55 -0.44 -27.45
C THR B 614 7.11 -0.03 -27.71
N PRO B 615 6.42 -0.66 -28.67
CA PRO B 615 5.02 -0.31 -28.92
C PRO B 615 4.07 -0.73 -27.80
N HIS B 616 3.12 0.16 -27.49
CA HIS B 616 1.88 -0.19 -26.87
C HIS B 616 1.03 -0.95 -27.89
N PRO B 617 0.04 -1.75 -27.46
CA PRO B 617 -0.85 -2.44 -28.39
C PRO B 617 -1.50 -1.50 -29.42
N ALA B 618 -1.91 -0.31 -28.98
CA ALA B 618 -2.68 0.61 -29.84
C ALA B 618 -1.90 1.00 -31.11
N LEU B 619 -0.57 0.87 -31.12
CA LEU B 619 0.18 1.31 -32.28
C LEU B 619 -0.25 0.56 -33.54
N THR B 620 -0.55 -0.74 -33.41
CA THR B 620 -0.92 -1.54 -34.59
C THR B 620 -2.33 -1.16 -35.06
N GLU B 621 -3.22 -0.73 -34.16
CA GLU B 621 -4.55 -0.29 -34.57
C GLU B 621 -4.42 0.97 -35.43
N ALA B 622 -3.52 1.88 -35.05
CA ALA B 622 -3.27 3.08 -35.83
C ALA B 622 -2.67 2.68 -37.19
N LYS B 623 -1.73 1.75 -37.19
CA LYS B 623 -1.10 1.32 -38.42
C LYS B 623 -2.15 0.79 -39.39
N HIS B 624 -3.12 0.03 -38.87
CA HIS B 624 -4.15 -0.57 -39.70
C HIS B 624 -5.05 0.53 -40.29
N GLN B 625 -5.57 1.42 -39.45
CA GLN B 625 -6.55 2.41 -39.91
C GLN B 625 -5.89 3.42 -40.87
N GLN B 626 -4.60 3.72 -40.68
CA GLN B 626 -3.89 4.70 -41.47
C GLN B 626 -3.19 4.05 -42.68
N GLN B 627 -3.58 2.84 -43.07
CA GLN B 627 -2.88 2.15 -44.17
C GLN B 627 -3.28 2.79 -45.49
N PHE B 628 -2.36 2.76 -46.46
CA PHE B 628 -2.50 3.48 -47.72
C PHE B 628 -3.19 2.65 -48.81
N PHE B 629 -3.57 1.40 -48.50
CA PHE B 629 -4.28 0.55 -49.43
C PHE B 629 -5.58 0.12 -48.76
N GLN B 630 -6.70 0.36 -49.46
CA GLN B 630 -8.01 -0.04 -49.02
C GLN B 630 -8.49 -1.19 -49.92
N PHE B 631 -9.36 -2.03 -49.36
CA PHE B 631 -9.72 -3.29 -49.96
C PHE B 631 -11.24 -3.47 -49.91
N ARG B 632 -11.79 -3.99 -51.01
CA ARG B 632 -13.16 -4.44 -51.10
C ARG B 632 -13.18 -5.84 -51.72
N LEU B 633 -14.21 -6.63 -51.36
CA LEU B 633 -14.37 -7.97 -51.88
C LEU B 633 -15.79 -8.13 -52.44
N SER B 634 -15.87 -8.66 -53.66
CA SER B 634 -17.12 -9.21 -54.21
C SER B 634 -16.84 -10.62 -54.72
N GLY B 635 -17.52 -11.62 -54.13
CA GLY B 635 -17.25 -13.00 -54.47
C GLY B 635 -15.81 -13.40 -54.21
N GLN B 636 -15.02 -13.59 -55.28
CA GLN B 636 -13.61 -13.97 -55.19
C GLN B 636 -12.73 -12.93 -55.92
N THR B 637 -13.26 -11.72 -56.12
CA THR B 637 -12.48 -10.62 -56.72
C THR B 637 -12.22 -9.53 -55.69
N ILE B 638 -10.96 -9.06 -55.63
CA ILE B 638 -10.55 -8.04 -54.66
C ILE B 638 -10.19 -6.75 -55.40
N GLU B 639 -10.84 -5.67 -54.99
CA GLU B 639 -10.56 -4.32 -55.44
C GLU B 639 -9.61 -3.65 -54.44
N VAL B 640 -8.42 -3.30 -54.93
CA VAL B 640 -7.46 -2.58 -54.13
C VAL B 640 -7.44 -1.13 -54.60
N THR B 641 -7.72 -0.21 -53.67
CA THR B 641 -7.64 1.21 -53.91
C THR B 641 -6.37 1.76 -53.24
N SER B 642 -5.65 2.63 -53.95
CA SER B 642 -4.47 3.30 -53.40
C SER B 642 -4.82 4.73 -52.96
N GLU B 643 -4.41 5.06 -51.73
CA GLU B 643 -4.59 6.39 -51.19
C GLU B 643 -3.29 7.20 -51.29
N TYR B 644 -2.28 6.66 -51.97
CA TYR B 644 -1.12 7.46 -52.30
C TYR B 644 -1.49 8.52 -53.35
N LEU B 645 -0.79 9.65 -53.32
CA LEU B 645 -1.12 10.79 -54.15
C LEU B 645 -0.14 10.93 -55.31
N PHE B 646 1.10 10.44 -55.15
CA PHE B 646 2.19 10.76 -56.09
C PHE B 646 2.93 9.54 -56.64
N ARG B 647 2.75 8.35 -56.09
CA ARG B 647 3.60 7.23 -56.50
C ARG B 647 2.75 6.01 -56.83
N HIS B 648 3.23 5.23 -57.81
CA HIS B 648 2.71 3.89 -58.10
C HIS B 648 3.19 2.89 -57.03
N SER B 649 2.48 1.77 -56.93
CA SER B 649 2.84 0.72 -55.97
C SER B 649 4.01 -0.12 -56.51
N ASP B 650 5.18 0.51 -56.63
CA ASP B 650 6.34 -0.11 -57.27
C ASP B 650 7.29 -0.77 -56.25
N ASN B 651 6.77 -1.14 -55.08
CA ASN B 651 7.50 -1.96 -54.12
C ASN B 651 6.47 -2.63 -53.20
N GLU B 652 5.57 -3.37 -53.82
CA GLU B 652 4.40 -3.90 -53.17
C GLU B 652 3.96 -5.18 -53.89
N LEU B 653 3.72 -6.24 -53.13
CA LEU B 653 3.01 -7.43 -53.59
C LEU B 653 1.82 -7.64 -52.67
N LEU B 654 0.82 -8.35 -53.17
CA LEU B 654 -0.29 -8.80 -52.36
C LEU B 654 -0.13 -10.31 -52.12
N HIS B 655 -0.02 -10.69 -50.84
CA HIS B 655 -0.11 -12.06 -50.41
C HIS B 655 -1.54 -12.30 -49.93
N TRP B 656 -2.09 -13.48 -50.24
CA TRP B 656 -3.44 -13.85 -49.81
C TRP B 656 -3.43 -15.26 -49.24
N MET B 657 -4.28 -15.49 -48.23
CA MET B 657 -4.34 -16.76 -47.54
C MET B 657 -5.79 -17.05 -47.15
N VAL B 658 -6.27 -18.25 -47.51
CA VAL B 658 -7.55 -18.73 -47.04
C VAL B 658 -7.28 -19.82 -46.01
N ALA B 659 -8.11 -19.86 -44.95
CA ALA B 659 -7.90 -20.81 -43.88
C ALA B 659 -9.24 -21.12 -43.20
N LEU B 660 -9.38 -22.38 -42.75
CA LEU B 660 -10.55 -22.87 -42.06
C LEU B 660 -10.21 -23.01 -40.58
N ASP B 661 -10.86 -22.20 -39.73
CA ASP B 661 -10.65 -22.18 -38.28
C ASP B 661 -9.16 -22.32 -37.96
N GLY B 662 -8.32 -21.55 -38.66
CA GLY B 662 -6.90 -21.49 -38.41
C GLY B 662 -6.07 -22.35 -39.36
N LYS B 663 -6.68 -23.39 -39.93
CA LYS B 663 -5.96 -24.38 -40.74
C LYS B 663 -5.75 -23.82 -42.14
N PRO B 664 -4.50 -23.59 -42.59
CA PRO B 664 -4.26 -23.08 -43.94
C PRO B 664 -4.69 -24.10 -45.01
N LEU B 665 -5.28 -23.59 -46.11
CA LEU B 665 -5.70 -24.40 -47.24
C LEU B 665 -5.03 -23.92 -48.53
N ALA B 666 -5.08 -22.60 -48.80
CA ALA B 666 -4.55 -22.03 -50.03
C ALA B 666 -3.83 -20.72 -49.73
N SER B 667 -2.73 -20.49 -50.46
CA SER B 667 -1.92 -19.30 -50.38
C SER B 667 -1.71 -18.77 -51.80
N GLY B 668 -0.80 -17.82 -51.98
CA GLY B 668 -0.53 -17.26 -53.29
C GLY B 668 -0.25 -15.78 -53.22
N GLU B 669 0.48 -15.29 -54.23
CA GLU B 669 0.98 -13.94 -54.28
C GLU B 669 0.71 -13.33 -55.67
N VAL B 670 0.41 -12.03 -55.68
CA VAL B 670 0.10 -11.29 -56.90
C VAL B 670 0.89 -9.99 -56.90
N PRO B 671 1.55 -9.60 -58.02
CA PRO B 671 2.22 -8.30 -58.07
C PRO B 671 1.16 -7.19 -57.98
N LEU B 672 1.55 -6.06 -57.37
CA LEU B 672 0.65 -4.94 -57.19
C LEU B 672 1.12 -3.79 -58.08
N ASP B 673 0.19 -3.30 -58.89
CA ASP B 673 0.39 -2.21 -59.83
C ASP B 673 -0.84 -1.30 -59.76
N VAL B 674 -0.85 -0.38 -58.78
CA VAL B 674 -1.92 0.59 -58.59
C VAL B 674 -1.33 1.99 -58.75
N ALA B 675 -1.97 2.78 -59.62
CA ALA B 675 -1.59 4.15 -59.83
C ALA B 675 -2.07 4.95 -58.62
N PRO B 676 -1.46 6.12 -58.34
CA PRO B 676 -1.91 6.96 -57.23
C PRO B 676 -3.40 7.29 -57.38
N GLN B 677 -4.17 7.00 -56.32
CA GLN B 677 -5.62 7.20 -56.29
C GLN B 677 -6.34 6.24 -57.24
N GLY B 678 -5.61 5.27 -57.80
CA GLY B 678 -6.17 4.32 -58.74
C GLY B 678 -6.76 3.09 -58.06
N LYS B 679 -7.22 2.16 -58.89
CA LYS B 679 -7.75 0.87 -58.42
C LYS B 679 -7.08 -0.26 -59.20
N GLN B 680 -7.02 -1.44 -58.59
CA GLN B 680 -6.57 -2.64 -59.28
C GLN B 680 -7.50 -3.79 -58.86
N LEU B 681 -8.00 -4.52 -59.86
CA LEU B 681 -8.86 -5.65 -59.63
C LEU B 681 -8.02 -6.93 -59.72
N ILE B 682 -8.19 -7.81 -58.73
CA ILE B 682 -7.50 -9.08 -58.65
C ILE B 682 -8.54 -10.17 -58.50
N GLU B 683 -8.57 -11.10 -59.47
CA GLU B 683 -9.42 -12.27 -59.40
C GLU B 683 -8.63 -13.39 -58.73
N LEU B 684 -9.21 -13.98 -57.68
CA LEU B 684 -8.54 -15.07 -56.98
C LEU B 684 -8.86 -16.37 -57.69
N PRO B 685 -7.87 -17.30 -57.83
CA PRO B 685 -8.13 -18.60 -58.42
C PRO B 685 -9.22 -19.35 -57.62
N GLU B 686 -9.77 -20.39 -58.25
CA GLU B 686 -10.72 -21.29 -57.60
C GLU B 686 -10.15 -21.71 -56.25
N LEU B 687 -10.87 -21.36 -55.18
CA LEU B 687 -10.43 -21.60 -53.82
C LEU B 687 -10.98 -22.94 -53.34
N PRO B 688 -10.41 -23.52 -52.26
CA PRO B 688 -10.95 -24.77 -51.71
C PRO B 688 -12.40 -24.57 -51.23
N GLN B 689 -13.20 -25.64 -51.32
CA GLN B 689 -14.59 -25.60 -50.90
C GLN B 689 -14.90 -26.85 -50.08
N PRO B 690 -14.30 -27.00 -48.89
CA PRO B 690 -14.40 -28.25 -48.15
C PRO B 690 -15.73 -28.37 -47.41
N GLU B 691 -16.10 -29.61 -47.07
CA GLU B 691 -17.35 -29.89 -46.39
C GLU B 691 -17.19 -29.72 -44.87
N SER B 692 -15.95 -29.76 -44.37
CA SER B 692 -15.65 -29.69 -42.90
C SER B 692 -16.39 -28.52 -42.26
N ALA B 693 -16.90 -28.71 -41.05
CA ALA B 693 -17.58 -27.64 -40.31
C ALA B 693 -16.58 -26.51 -40.00
N GLY B 694 -17.12 -25.34 -39.68
CA GLY B 694 -16.29 -24.21 -39.30
C GLY B 694 -16.43 -23.02 -40.24
N GLN B 695 -15.46 -22.10 -40.13
CA GLN B 695 -15.57 -20.77 -40.76
C GLN B 695 -14.35 -20.54 -41.65
N LEU B 696 -14.58 -20.16 -42.90
CA LEU B 696 -13.50 -19.88 -43.84
C LEU B 696 -13.18 -18.38 -43.79
N TRP B 697 -11.89 -18.06 -43.81
CA TRP B 697 -11.43 -16.70 -43.65
C TRP B 697 -10.44 -16.38 -44.75
N LEU B 698 -10.67 -15.23 -45.42
CA LEU B 698 -9.71 -14.69 -46.37
C LEU B 698 -8.91 -13.58 -45.68
N THR B 699 -7.59 -13.64 -45.85
CA THR B 699 -6.68 -12.67 -45.33
C THR B 699 -5.76 -12.22 -46.46
N VAL B 700 -5.67 -10.90 -46.66
CA VAL B 700 -4.76 -10.36 -47.67
C VAL B 700 -3.82 -9.39 -46.97
N ARG B 701 -2.63 -9.23 -47.54
CA ARG B 701 -1.57 -8.52 -46.86
C ARG B 701 -0.66 -7.93 -47.93
N VAL B 702 -0.31 -6.65 -47.76
CA VAL B 702 0.58 -6.01 -48.69
C VAL B 702 1.99 -6.12 -48.12
N VAL B 703 2.95 -6.49 -48.96
CA VAL B 703 4.31 -6.74 -48.52
C VAL B 703 5.25 -6.03 -49.47
N GLN B 704 6.23 -5.34 -48.89
CA GLN B 704 7.22 -4.60 -49.66
C GLN B 704 8.46 -5.47 -49.82
N PRO B 705 8.72 -6.01 -51.03
CA PRO B 705 9.85 -6.92 -51.22
C PRO B 705 11.22 -6.32 -50.90
N ASN B 706 11.43 -5.04 -51.22
CA ASN B 706 12.77 -4.43 -51.10
C ASN B 706 12.81 -3.49 -49.90
N ALA B 707 14.00 -3.39 -49.31
CA ALA B 707 14.24 -2.48 -48.22
C ALA B 707 14.17 -1.04 -48.75
N THR B 708 13.81 -0.11 -47.85
CA THR B 708 13.88 1.34 -48.10
C THR B 708 14.91 1.96 -47.16
N ALA B 709 14.95 3.30 -47.12
CA ALA B 709 15.69 4.00 -46.09
C ALA B 709 14.97 3.91 -44.74
N TRP B 710 13.72 3.45 -44.72
CA TRP B 710 12.93 3.42 -43.47
C TRP B 710 12.37 2.03 -43.13
N SER B 711 12.58 1.03 -43.98
CA SER B 711 11.92 -0.27 -43.80
C SER B 711 12.85 -1.42 -44.17
N GLU B 712 12.54 -2.59 -43.61
CA GLU B 712 13.20 -3.85 -43.94
C GLU B 712 12.50 -4.48 -45.14
N ALA B 713 13.23 -5.32 -45.88
CA ALA B 713 12.63 -6.21 -46.87
C ALA B 713 11.64 -7.13 -46.18
N GLY B 714 10.44 -7.26 -46.76
CA GLY B 714 9.38 -8.08 -46.19
C GLY B 714 8.42 -7.31 -45.31
N HIS B 715 8.65 -6.00 -45.16
CA HIS B 715 7.80 -5.14 -44.33
C HIS B 715 6.34 -5.20 -44.82
N ILE B 716 5.42 -5.33 -43.86
CA ILE B 716 3.99 -5.37 -44.13
C ILE B 716 3.36 -4.00 -43.89
N SER B 717 2.63 -3.48 -44.89
CA SER B 717 2.15 -2.09 -44.87
C SER B 717 0.63 -2.01 -44.70
N ALA B 718 -0.10 -3.10 -44.96
CA ALA B 718 -1.57 -3.09 -44.84
C ALA B 718 -2.08 -4.53 -44.87
N TRP B 719 -3.34 -4.71 -44.47
CA TRP B 719 -3.96 -5.99 -44.44
C TRP B 719 -5.47 -5.83 -44.26
N GLN B 720 -6.20 -6.89 -44.56
CA GLN B 720 -7.65 -6.92 -44.41
C GLN B 720 -8.09 -8.38 -44.37
N GLN B 721 -9.22 -8.64 -43.71
CA GLN B 721 -9.75 -9.98 -43.56
C GLN B 721 -11.24 -9.98 -43.86
N TRP B 722 -11.69 -11.03 -44.56
CA TRP B 722 -13.11 -11.27 -44.77
C TRP B 722 -13.47 -12.70 -44.34
N ARG B 723 -14.66 -12.82 -43.77
CA ARG B 723 -15.32 -14.08 -43.56
C ARG B 723 -15.92 -14.55 -44.89
N LEU B 724 -15.40 -15.64 -45.44
CA LEU B 724 -15.98 -16.27 -46.62
C LEU B 724 -17.09 -17.21 -46.17
N ALA B 725 -17.13 -18.44 -46.70
CA ALA B 725 -18.20 -19.38 -46.39
C ALA B 725 -18.07 -19.91 -44.96
N GLU B 726 -19.22 -20.25 -44.37
CA GLU B 726 -19.30 -20.95 -43.09
C GLU B 726 -20.13 -22.23 -43.27
N ASN B 727 -19.77 -23.26 -42.49
CA ASN B 727 -20.49 -24.51 -42.44
C ASN B 727 -20.78 -24.85 -40.98
N LEU B 728 -22.03 -24.68 -40.56
CA LEU B 728 -22.42 -25.05 -39.22
C LEU B 728 -22.34 -26.56 -39.06
N SER B 729 -21.78 -27.01 -37.94
CA SER B 729 -21.63 -28.42 -37.63
C SER B 729 -23.01 -29.04 -37.36
N VAL B 730 -23.27 -30.17 -38.01
CA VAL B 730 -24.57 -30.89 -37.91
C VAL B 730 -24.44 -32.16 -37.09
N THR B 731 -23.20 -32.63 -36.88
CA THR B 731 -22.96 -33.98 -36.40
C THR B 731 -23.18 -34.03 -34.90
N LEU B 732 -23.73 -35.14 -34.40
CA LEU B 732 -23.81 -35.41 -32.97
C LEU B 732 -22.45 -35.88 -32.48
N PRO B 733 -21.95 -35.35 -31.34
CA PRO B 733 -20.71 -35.87 -30.74
C PRO B 733 -20.76 -37.38 -30.51
N ALA B 734 -19.63 -38.06 -30.74
CA ALA B 734 -19.57 -39.52 -30.66
C ALA B 734 -19.98 -39.98 -29.26
N ALA B 735 -20.90 -40.95 -29.20
CA ALA B 735 -21.45 -41.42 -27.94
C ALA B 735 -20.33 -41.99 -27.06
N SER B 736 -20.37 -41.67 -25.77
CA SER B 736 -19.47 -42.21 -24.76
C SER B 736 -20.13 -43.40 -24.06
N HIS B 737 -19.30 -44.32 -23.54
CA HIS B 737 -19.80 -45.53 -22.91
C HIS B 737 -19.78 -45.41 -21.39
N ALA B 738 -20.11 -44.24 -20.82
CA ALA B 738 -20.04 -44.05 -19.38
C ALA B 738 -20.94 -42.89 -18.96
N ILE B 739 -21.43 -42.98 -17.73
CA ILE B 739 -22.37 -42.03 -17.16
C ILE B 739 -21.71 -41.40 -15.94
N PRO B 740 -21.71 -40.06 -15.81
CA PRO B 740 -21.14 -39.44 -14.61
C PRO B 740 -22.04 -39.64 -13.39
N HIS B 741 -21.39 -39.76 -12.22
CA HIS B 741 -22.04 -40.15 -10.97
C HIS B 741 -22.13 -38.93 -10.06
N LEU B 742 -23.31 -38.72 -9.45
CA LEU B 742 -23.54 -37.59 -8.54
C LEU B 742 -23.52 -38.09 -7.10
N THR B 743 -22.71 -37.43 -6.27
CA THR B 743 -22.60 -37.71 -4.85
C THR B 743 -23.08 -36.48 -4.08
N THR B 744 -24.12 -36.66 -3.26
CA THR B 744 -24.75 -35.54 -2.57
C THR B 744 -24.39 -35.57 -1.08
N SER B 745 -23.69 -34.51 -0.63
CA SER B 745 -23.54 -34.20 0.79
C SER B 745 -24.54 -33.09 1.15
N GLU B 746 -24.59 -32.72 2.43
CA GLU B 746 -25.38 -31.54 2.82
C GLU B 746 -24.63 -30.28 2.37
N MET B 747 -23.31 -30.37 2.23
CA MET B 747 -22.48 -29.22 1.91
C MET B 747 -22.05 -29.21 0.43
N ASP B 748 -21.94 -30.38 -0.22
CA ASP B 748 -21.34 -30.46 -1.56
C ASP B 748 -22.21 -31.28 -2.52
N PHE B 749 -22.14 -30.91 -3.81
CA PHE B 749 -22.45 -31.78 -4.94
C PHE B 749 -21.13 -32.11 -5.64
N CYS B 750 -20.76 -33.39 -5.68
CA CYS B 750 -19.53 -33.80 -6.34
C CYS B 750 -19.87 -34.79 -7.47
N ILE B 751 -19.07 -34.76 -8.54
CA ILE B 751 -19.31 -35.49 -9.77
C ILE B 751 -18.02 -36.23 -10.15
N GLU B 752 -18.15 -37.48 -10.61
CA GLU B 752 -17.02 -38.30 -10.97
C GLU B 752 -17.23 -38.86 -12.38
N LEU B 753 -16.11 -39.03 -13.10
CA LEU B 753 -16.08 -39.74 -14.36
C LEU B 753 -14.61 -40.05 -14.69
N GLY B 754 -14.23 -41.32 -14.60
CA GLY B 754 -12.84 -41.73 -14.80
C GLY B 754 -11.97 -41.22 -13.67
N ASN B 755 -10.89 -40.51 -14.02
CA ASN B 755 -9.97 -39.96 -13.03
C ASN B 755 -10.39 -38.53 -12.63
N LYS B 756 -11.49 -38.01 -13.22
CA LYS B 756 -11.83 -36.58 -13.07
C LYS B 756 -13.03 -36.41 -12.14
N ARG B 757 -13.00 -35.34 -11.34
CA ARG B 757 -14.04 -35.01 -10.36
C ARG B 757 -14.28 -33.50 -10.33
N TRP B 758 -15.54 -33.12 -10.06
CA TRP B 758 -15.98 -31.72 -10.02
C TRP B 758 -16.72 -31.48 -8.71
N GLN B 759 -16.31 -30.46 -7.95
CA GLN B 759 -16.95 -30.17 -6.67
C GLN B 759 -17.69 -28.83 -6.74
N PHE B 760 -18.95 -28.85 -6.31
CA PHE B 760 -19.80 -27.67 -6.24
C PHE B 760 -20.17 -27.40 -4.79
N ASN B 761 -19.63 -26.30 -4.26
CA ASN B 761 -19.94 -25.83 -2.93
C ASN B 761 -21.41 -25.37 -2.89
N ARG B 762 -22.22 -25.99 -2.02
CA ARG B 762 -23.65 -25.71 -1.96
C ARG B 762 -23.95 -24.56 -0.99
N GLN B 763 -22.94 -24.05 -0.29
CA GLN B 763 -23.11 -22.88 0.58
C GLN B 763 -22.84 -21.60 -0.23
N SER B 764 -21.82 -21.66 -1.09
CA SER B 764 -21.44 -20.60 -2.01
C SER B 764 -22.29 -20.68 -3.28
N GLY B 765 -22.35 -21.86 -3.89
CA GLY B 765 -23.04 -22.07 -5.16
C GLY B 765 -22.11 -22.01 -6.36
N PHE B 766 -20.80 -22.19 -6.15
CA PHE B 766 -19.83 -22.09 -7.22
C PHE B 766 -19.02 -23.38 -7.32
N LEU B 767 -18.50 -23.64 -8.51
CA LEU B 767 -17.62 -24.78 -8.70
C LEU B 767 -16.29 -24.48 -8.00
N SER B 768 -16.09 -25.11 -6.83
CA SER B 768 -15.00 -24.75 -5.92
C SER B 768 -13.70 -25.52 -6.21
N GLN B 769 -13.77 -26.69 -6.84
CA GLN B 769 -12.54 -27.41 -7.19
C GLN B 769 -12.88 -28.49 -8.23
N MET B 770 -11.84 -28.87 -8.97
CA MET B 770 -11.87 -29.93 -9.96
C MET B 770 -10.56 -30.70 -9.92
N TRP B 771 -10.66 -32.02 -10.14
CA TRP B 771 -9.54 -32.94 -9.99
C TRP B 771 -9.25 -33.66 -11.31
N ILE B 772 -7.99 -34.04 -11.52
CA ILE B 772 -7.63 -35.10 -12.48
C ILE B 772 -6.44 -35.86 -11.87
N GLY B 773 -6.76 -37.02 -11.29
CA GLY B 773 -5.83 -37.73 -10.42
C GLY B 773 -5.86 -37.13 -9.02
N ASP B 774 -4.70 -37.04 -8.39
CA ASP B 774 -4.55 -36.33 -7.11
C ASP B 774 -4.33 -34.82 -7.33
N LYS B 775 -4.15 -34.40 -8.59
CA LYS B 775 -3.79 -33.01 -8.95
C LYS B 775 -5.06 -32.14 -8.99
N LYS B 776 -5.22 -31.27 -7.98
CA LYS B 776 -6.28 -30.27 -7.95
C LYS B 776 -5.95 -29.17 -8.98
N GLN B 777 -6.98 -28.45 -9.44
CA GLN B 777 -6.86 -27.52 -10.58
C GLN B 777 -7.33 -26.09 -10.26
N LEU B 778 -8.05 -25.87 -9.16
CA LEU B 778 -8.52 -24.51 -8.76
C LEU B 778 -7.86 -24.04 -7.46
N LEU B 779 -7.44 -22.77 -7.44
CA LEU B 779 -7.01 -22.11 -6.20
C LEU B 779 -8.09 -21.15 -5.72
N THR B 780 -8.93 -20.66 -6.65
CA THR B 780 -10.10 -19.85 -6.31
C THR B 780 -11.30 -20.41 -7.06
N PRO B 781 -12.49 -20.43 -6.45
CA PRO B 781 -13.68 -20.92 -7.17
C PRO B 781 -13.97 -20.14 -8.46
N LEU B 782 -14.78 -20.73 -9.33
CA LEU B 782 -15.26 -20.08 -10.53
C LEU B 782 -16.46 -19.21 -10.17
N ARG B 783 -16.25 -17.89 -10.18
CA ARG B 783 -17.29 -16.92 -9.81
C ARG B 783 -17.52 -15.93 -10.96
N ASP B 784 -18.69 -15.29 -10.95
CA ASP B 784 -19.00 -14.21 -11.86
C ASP B 784 -18.13 -12.99 -11.54
N GLN B 785 -17.87 -12.18 -12.56
CA GLN B 785 -17.17 -10.90 -12.41
C GLN B 785 -17.90 -9.84 -13.24
N PHE B 786 -18.17 -8.69 -12.62
CA PHE B 786 -18.86 -7.57 -13.27
C PHE B 786 -18.02 -6.29 -13.23
N THR B 787 -16.71 -6.42 -12.95
CA THR B 787 -15.82 -5.29 -12.74
C THR B 787 -14.48 -5.58 -13.42
N ARG B 788 -13.73 -4.49 -13.68
CA ARG B 788 -12.37 -4.60 -14.16
C ARG B 788 -11.49 -3.67 -13.33
N ALA B 789 -10.19 -3.99 -13.32
CA ALA B 789 -9.20 -3.07 -12.77
C ALA B 789 -9.17 -1.81 -13.65
N PRO B 790 -9.66 -0.66 -13.14
CA PRO B 790 -9.99 0.48 -13.99
C PRO B 790 -8.83 1.01 -14.82
N LEU B 791 -9.12 1.31 -16.09
CA LEU B 791 -8.18 1.88 -17.02
C LEU B 791 -8.03 3.37 -16.71
N ASP B 792 -6.96 3.98 -17.24
CA ASP B 792 -6.78 5.43 -17.16
C ASP B 792 -8.04 6.15 -17.63
N ASN B 793 -8.67 5.66 -18.71
CA ASN B 793 -9.87 6.28 -19.26
C ASN B 793 -11.07 6.11 -18.32
N ASP B 794 -11.06 5.05 -17.51
CA ASP B 794 -12.12 4.86 -16.51
C ASP B 794 -11.94 5.86 -15.38
N ILE B 795 -10.69 6.08 -14.98
CA ILE B 795 -10.40 6.95 -13.84
C ILE B 795 -10.57 8.42 -14.22
N GLY B 796 -10.01 8.83 -15.35
CA GLY B 796 -10.04 10.23 -15.75
C GLY B 796 -9.15 11.02 -14.82
N VAL B 797 -9.68 12.12 -14.29
CA VAL B 797 -8.92 13.02 -13.38
C VAL B 797 -9.34 12.79 -11.93
N SER B 798 -10.12 11.74 -11.66
CA SER B 798 -10.55 11.45 -10.30
C SER B 798 -9.33 11.08 -9.44
N GLU B 799 -9.28 11.65 -8.23
CA GLU B 799 -8.30 11.28 -7.20
C GLU B 799 -9.05 11.06 -5.88
N ALA B 800 -8.38 10.43 -4.91
CA ALA B 800 -8.89 10.42 -3.53
C ALA B 800 -8.99 11.86 -2.99
N THR B 801 -8.04 12.72 -3.37
CA THR B 801 -8.06 14.17 -3.10
C THR B 801 -9.43 14.77 -3.47
N ARG B 802 -9.74 14.80 -4.77
CA ARG B 802 -10.94 15.39 -5.32
C ARG B 802 -11.58 14.32 -6.21
N ILE B 803 -12.65 13.70 -5.72
CA ILE B 803 -13.41 12.74 -6.51
C ILE B 803 -14.11 13.47 -7.67
N ASP B 804 -14.04 12.86 -8.86
CA ASP B 804 -14.86 13.29 -10.01
C ASP B 804 -16.01 12.30 -10.16
N PRO B 805 -17.23 12.63 -9.70
CA PRO B 805 -18.28 11.62 -9.61
C PRO B 805 -18.74 11.11 -10.98
N ASN B 806 -18.41 11.85 -12.05
CA ASN B 806 -18.88 11.56 -13.39
C ASN B 806 -18.03 10.48 -14.08
N ALA B 807 -16.81 10.22 -13.61
CA ALA B 807 -15.96 9.22 -14.23
C ALA B 807 -16.53 7.82 -13.98
N TRP B 808 -16.16 6.88 -14.84
CA TRP B 808 -16.72 5.52 -14.82
C TRP B 808 -16.37 4.82 -13.52
N VAL B 809 -15.12 4.95 -13.07
CA VAL B 809 -14.64 4.25 -11.90
C VAL B 809 -15.44 4.70 -10.66
N GLU B 810 -15.90 5.96 -10.66
CA GLU B 810 -16.56 6.51 -9.48
C GLU B 810 -18.06 6.18 -9.50
N ARG B 811 -18.64 6.03 -10.68
CA ARG B 811 -20.03 5.62 -10.77
C ARG B 811 -20.14 4.15 -10.36
N TRP B 812 -19.14 3.35 -10.75
CA TRP B 812 -19.07 1.96 -10.33
C TRP B 812 -18.92 1.88 -8.80
N LYS B 813 -17.95 2.62 -8.26
CA LYS B 813 -17.66 2.58 -6.84
C LYS B 813 -18.88 3.02 -6.04
N ALA B 814 -19.51 4.13 -6.43
CA ALA B 814 -20.66 4.65 -5.71
C ALA B 814 -21.78 3.61 -5.65
N ALA B 815 -21.96 2.84 -6.73
CA ALA B 815 -23.07 1.88 -6.84
C ALA B 815 -22.74 0.56 -6.15
N GLY B 816 -21.52 0.38 -5.67
CA GLY B 816 -21.14 -0.82 -4.96
C GLY B 816 -20.68 -1.96 -5.85
N HIS B 817 -20.37 -1.66 -7.11
CA HIS B 817 -19.92 -2.72 -8.01
C HIS B 817 -18.71 -3.45 -7.45
N TYR B 818 -17.85 -2.75 -6.70
CA TYR B 818 -16.57 -3.32 -6.30
C TYR B 818 -16.66 -4.07 -4.97
N GLN B 819 -17.69 -3.77 -4.16
CA GLN B 819 -17.85 -4.43 -2.87
C GLN B 819 -19.17 -5.23 -2.81
N ALA B 820 -19.75 -5.58 -3.96
CA ALA B 820 -20.95 -6.40 -4.00
C ALA B 820 -20.58 -7.85 -3.69
N GLU B 821 -21.39 -8.50 -2.83
CA GLU B 821 -21.17 -9.88 -2.40
C GLU B 821 -22.30 -10.75 -2.95
N ALA B 822 -21.94 -11.91 -3.52
CA ALA B 822 -22.92 -12.83 -4.10
C ALA B 822 -23.74 -13.48 -2.98
N ALA B 823 -25.06 -13.41 -3.11
CA ALA B 823 -26.01 -14.04 -2.19
C ALA B 823 -26.76 -15.15 -2.93
N LEU B 824 -26.49 -16.41 -2.59
CA LEU B 824 -27.05 -17.56 -3.28
C LEU B 824 -28.56 -17.59 -3.10
N LEU B 825 -29.29 -17.83 -4.21
CA LEU B 825 -30.74 -17.91 -4.21
C LEU B 825 -31.21 -19.35 -4.47
N GLN B 826 -30.38 -20.17 -5.12
CA GLN B 826 -30.80 -21.49 -5.59
C GLN B 826 -29.57 -22.30 -5.98
N CYS B 827 -29.48 -23.55 -5.53
CA CYS B 827 -28.43 -24.48 -5.96
C CYS B 827 -28.97 -25.91 -5.86
N THR B 828 -29.25 -26.50 -7.02
CA THR B 828 -29.86 -27.82 -7.14
C THR B 828 -29.03 -28.70 -8.06
N ALA B 829 -29.13 -30.01 -7.82
CA ALA B 829 -28.57 -31.03 -8.70
C ALA B 829 -29.73 -31.84 -9.30
N ASP B 830 -29.41 -32.53 -10.40
CA ASP B 830 -30.34 -33.41 -11.06
C ASP B 830 -29.55 -34.45 -11.86
N THR B 831 -29.97 -35.72 -11.76
CA THR B 831 -29.39 -36.79 -12.55
C THR B 831 -30.20 -36.96 -13.84
N LEU B 832 -29.49 -36.98 -14.97
CA LEU B 832 -30.06 -37.25 -16.30
C LEU B 832 -29.40 -38.51 -16.87
N ALA B 833 -30.06 -39.12 -17.86
CA ALA B 833 -29.60 -40.38 -18.43
C ALA B 833 -28.20 -40.24 -19.02
N ASP B 834 -27.88 -39.08 -19.60
CA ASP B 834 -26.61 -38.87 -20.31
C ASP B 834 -25.60 -38.09 -19.45
N ALA B 835 -26.09 -37.34 -18.46
CA ALA B 835 -25.28 -36.33 -17.78
C ALA B 835 -25.88 -35.96 -16.42
N VAL B 836 -25.13 -35.15 -15.67
CA VAL B 836 -25.61 -34.55 -14.43
C VAL B 836 -25.61 -33.03 -14.64
N LEU B 837 -26.60 -32.34 -14.05
CA LEU B 837 -26.86 -30.96 -14.34
C LEU B 837 -27.09 -30.18 -13.04
N ILE B 838 -26.21 -29.22 -12.78
CA ILE B 838 -26.28 -28.32 -11.63
C ILE B 838 -26.81 -26.97 -12.10
N THR B 839 -27.83 -26.47 -11.40
CA THR B 839 -28.44 -25.18 -11.68
C THR B 839 -28.20 -24.27 -10.47
N THR B 840 -27.87 -22.99 -10.73
CA THR B 840 -27.58 -22.03 -9.66
C THR B 840 -28.20 -20.67 -10.00
N ALA B 841 -28.33 -19.83 -8.98
CA ALA B 841 -28.89 -18.51 -9.10
C ALA B 841 -28.37 -17.63 -7.97
N HIS B 842 -27.61 -16.58 -8.33
CA HIS B 842 -27.01 -15.65 -7.39
C HIS B 842 -27.56 -14.24 -7.61
N ALA B 843 -27.68 -13.49 -6.52
CA ALA B 843 -27.95 -12.05 -6.57
C ALA B 843 -26.75 -11.30 -5.97
N TRP B 844 -26.31 -10.23 -6.64
CA TRP B 844 -25.32 -9.31 -6.09
C TRP B 844 -26.01 -8.04 -5.61
N GLN B 845 -25.74 -7.65 -4.38
CA GLN B 845 -26.48 -6.58 -3.73
C GLN B 845 -25.49 -5.59 -3.09
N HIS B 846 -26.04 -4.42 -2.73
CA HIS B 846 -25.32 -3.39 -2.04
C HIS B 846 -26.35 -2.46 -1.41
N GLN B 847 -26.36 -2.41 -0.08
CA GLN B 847 -27.29 -1.58 0.71
C GLN B 847 -28.73 -1.92 0.31
N GLY B 848 -29.02 -3.22 0.15
CA GLY B 848 -30.37 -3.72 -0.10
C GLY B 848 -30.80 -3.73 -1.55
N LYS B 849 -30.04 -3.07 -2.43
CA LYS B 849 -30.35 -2.95 -3.85
C LYS B 849 -29.68 -4.09 -4.63
N THR B 850 -30.45 -4.72 -5.52
CA THR B 850 -29.92 -5.82 -6.31
C THR B 850 -29.35 -5.27 -7.62
N LEU B 851 -28.07 -5.55 -7.87
CA LEU B 851 -27.36 -5.03 -9.04
C LEU B 851 -27.43 -6.05 -10.16
N PHE B 852 -27.05 -7.28 -9.84
CA PHE B 852 -26.97 -8.36 -10.84
C PHE B 852 -27.63 -9.62 -10.29
N ILE B 853 -28.22 -10.40 -11.20
CA ILE B 853 -28.67 -11.76 -10.95
C ILE B 853 -28.01 -12.64 -12.00
N SER B 854 -27.53 -13.80 -11.59
CA SER B 854 -26.80 -14.69 -12.48
C SER B 854 -27.34 -16.12 -12.36
N ARG B 855 -28.02 -16.59 -13.40
CA ARG B 855 -28.61 -17.94 -13.44
C ARG B 855 -27.78 -18.81 -14.38
N LYS B 856 -27.28 -19.93 -13.86
CA LYS B 856 -26.38 -20.77 -14.65
C LYS B 856 -26.83 -22.23 -14.60
N THR B 857 -26.26 -23.03 -15.50
CA THR B 857 -26.41 -24.46 -15.52
C THR B 857 -25.10 -25.08 -16.00
N TYR B 858 -24.63 -26.08 -15.24
CA TYR B 858 -23.44 -26.83 -15.54
C TYR B 858 -23.87 -28.25 -15.93
N ARG B 859 -23.54 -28.67 -17.14
CA ARG B 859 -23.88 -30.00 -17.63
C ARG B 859 -22.59 -30.77 -17.87
N ILE B 860 -22.33 -31.75 -16.99
CA ILE B 860 -21.18 -32.65 -17.14
C ILE B 860 -21.69 -33.96 -17.73
N ASP B 861 -21.11 -34.37 -18.86
CA ASP B 861 -21.57 -35.52 -19.63
C ASP B 861 -20.43 -36.56 -19.68
N GLY B 862 -20.76 -37.72 -20.26
CA GLY B 862 -19.87 -38.88 -20.24
C GLY B 862 -18.58 -38.66 -21.02
N SER B 863 -18.50 -37.61 -21.84
CA SER B 863 -17.28 -37.26 -22.58
C SER B 863 -16.29 -36.48 -21.70
N GLY B 864 -16.74 -36.04 -20.51
CA GLY B 864 -15.89 -35.27 -19.61
C GLY B 864 -15.81 -33.80 -19.98
N GLN B 865 -16.93 -33.24 -20.47
CA GLN B 865 -17.01 -31.85 -20.88
C GLN B 865 -18.12 -31.16 -20.09
N MET B 866 -17.82 -29.94 -19.63
CA MET B 866 -18.69 -29.18 -18.74
C MET B 866 -19.29 -28.01 -19.52
N ALA B 867 -20.61 -28.09 -19.75
CA ALA B 867 -21.31 -27.10 -20.52
C ALA B 867 -21.94 -26.10 -19.55
N ILE B 868 -21.44 -24.86 -19.57
CA ILE B 868 -21.92 -23.80 -18.69
C ILE B 868 -22.72 -22.80 -19.52
N THR B 869 -23.93 -22.49 -19.04
CA THR B 869 -24.82 -21.50 -19.60
C THR B 869 -25.05 -20.41 -18.56
N VAL B 870 -24.88 -19.14 -18.94
CA VAL B 870 -25.03 -18.02 -18.01
C VAL B 870 -26.07 -17.02 -18.57
N ASP B 871 -26.94 -16.55 -17.69
CA ASP B 871 -28.02 -15.64 -18.05
C ASP B 871 -28.12 -14.56 -16.98
N VAL B 872 -27.48 -13.42 -17.25
CA VAL B 872 -27.31 -12.34 -16.28
C VAL B 872 -28.36 -11.26 -16.51
N GLU B 873 -29.01 -10.82 -15.43
CA GLU B 873 -29.80 -9.62 -15.40
C GLU B 873 -28.92 -8.48 -14.84
N VAL B 874 -29.06 -7.29 -15.44
CA VAL B 874 -28.43 -6.08 -14.95
C VAL B 874 -29.53 -5.03 -14.79
N ALA B 875 -29.61 -4.46 -13.59
CA ALA B 875 -30.62 -3.47 -13.28
C ALA B 875 -30.45 -2.28 -14.22
N SER B 876 -31.59 -1.73 -14.65
CA SER B 876 -31.69 -0.60 -15.56
C SER B 876 -30.92 0.63 -15.05
N ASP B 877 -30.92 0.81 -13.73
CA ASP B 877 -30.50 2.08 -13.11
C ASP B 877 -29.12 1.99 -12.47
N THR B 878 -28.48 0.82 -12.47
CA THR B 878 -27.09 0.76 -12.08
C THR B 878 -26.23 1.23 -13.26
N PRO B 879 -25.08 1.87 -13.01
CA PRO B 879 -24.10 2.09 -14.07
C PRO B 879 -23.80 0.82 -14.86
N HIS B 880 -23.73 0.94 -16.18
CA HIS B 880 -23.47 -0.21 -17.02
C HIS B 880 -22.15 -0.84 -16.61
N PRO B 881 -22.10 -2.17 -16.37
CA PRO B 881 -20.90 -2.79 -15.83
C PRO B 881 -19.77 -2.89 -16.85
N ALA B 882 -18.55 -3.04 -16.34
CA ALA B 882 -17.36 -3.02 -17.17
C ALA B 882 -17.23 -4.33 -17.97
N ARG B 883 -17.75 -5.43 -17.43
CA ARG B 883 -17.67 -6.71 -18.11
C ARG B 883 -18.74 -7.63 -17.55
N ILE B 884 -19.01 -8.72 -18.29
CA ILE B 884 -19.93 -9.75 -17.86
C ILE B 884 -19.30 -11.09 -18.18
N GLY B 885 -18.74 -11.73 -17.16
CA GLY B 885 -18.05 -12.98 -17.34
C GLY B 885 -17.79 -13.70 -16.03
N LEU B 886 -16.82 -14.62 -16.09
CA LEU B 886 -16.41 -15.43 -14.95
C LEU B 886 -14.91 -15.27 -14.75
N ASN B 887 -14.47 -15.45 -13.50
CA ASN B 887 -13.07 -15.45 -13.13
C ASN B 887 -12.76 -16.74 -12.36
N CYS B 888 -11.47 -17.06 -12.32
CA CYS B 888 -10.96 -18.10 -11.45
C CYS B 888 -9.43 -18.07 -11.52
N GLN B 889 -8.79 -18.64 -10.49
CA GLN B 889 -7.33 -18.73 -10.40
C GLN B 889 -6.94 -20.21 -10.57
N LEU B 890 -6.35 -20.54 -11.71
CA LEU B 890 -5.93 -21.90 -12.01
C LEU B 890 -4.70 -22.24 -11.17
N ALA B 891 -4.53 -23.53 -10.88
CA ALA B 891 -3.33 -24.02 -10.24
C ALA B 891 -2.17 -24.12 -11.24
N GLN B 892 -2.51 -24.30 -12.52
CA GLN B 892 -1.50 -24.56 -13.54
C GLN B 892 -0.76 -23.26 -13.87
N VAL B 893 0.54 -23.39 -14.17
CA VAL B 893 1.33 -22.36 -14.81
C VAL B 893 1.99 -23.00 -16.03
N ALA B 894 1.39 -22.79 -17.20
CA ALA B 894 1.95 -23.26 -18.45
C ALA B 894 2.72 -22.13 -19.15
N GLU B 895 3.66 -22.52 -20.00
CA GLU B 895 4.53 -21.59 -20.69
C GLU B 895 3.79 -20.92 -21.86
N ARG B 896 2.80 -21.59 -22.45
CA ARG B 896 2.20 -21.13 -23.71
C ARG B 896 0.70 -20.89 -23.53
N VAL B 897 0.15 -20.06 -24.42
CA VAL B 897 -1.29 -19.85 -24.54
C VAL B 897 -1.68 -19.93 -26.02
N ASN B 898 -2.63 -20.81 -26.33
CA ASN B 898 -3.06 -21.11 -27.68
C ASN B 898 -4.55 -20.79 -27.78
N TRP B 899 -4.92 -19.96 -28.76
CA TRP B 899 -6.32 -19.59 -28.90
C TRP B 899 -6.66 -19.38 -30.38
N LEU B 900 -7.97 -19.45 -30.65
CA LEU B 900 -8.55 -19.19 -31.95
C LEU B 900 -9.50 -18.00 -31.77
N GLY B 901 -9.09 -16.87 -32.36
CA GLY B 901 -9.83 -15.62 -32.24
C GLY B 901 -8.98 -14.47 -32.75
N LEU B 902 -9.40 -13.25 -32.39
CA LEU B 902 -8.74 -12.05 -32.85
C LEU B 902 -7.40 -11.91 -32.11
N GLY B 903 -6.34 -11.69 -32.88
CA GLY B 903 -5.00 -11.58 -32.36
C GLY B 903 -4.00 -11.15 -33.43
N PRO B 904 -2.71 -11.29 -33.15
CA PRO B 904 -2.17 -11.80 -31.90
C PRO B 904 -2.16 -10.84 -30.70
N GLN B 905 -2.27 -9.53 -30.95
CA GLN B 905 -2.06 -8.53 -29.91
C GLN B 905 -3.37 -8.26 -29.17
N GLU B 906 -3.22 -7.62 -27.99
CA GLU B 906 -4.32 -7.17 -27.17
C GLU B 906 -5.33 -6.38 -28.03
N ASN B 907 -6.62 -6.66 -27.84
CA ASN B 907 -7.67 -6.00 -28.57
C ASN B 907 -8.93 -5.98 -27.71
N TYR B 908 -9.73 -4.94 -27.87
CA TYR B 908 -10.93 -4.69 -27.08
C TYR B 908 -12.06 -4.33 -28.03
N PRO B 909 -13.34 -4.43 -27.59
CA PRO B 909 -14.48 -4.22 -28.48
C PRO B 909 -14.38 -3.01 -29.43
N ASP B 910 -13.95 -1.86 -28.91
CA ASP B 910 -13.84 -0.64 -29.73
C ASP B 910 -12.41 -0.42 -30.21
N ARG B 911 -11.55 -1.46 -30.12
CA ARG B 911 -10.23 -1.40 -30.74
C ARG B 911 -9.76 -2.82 -31.12
N LEU B 912 -10.43 -3.41 -32.12
CA LEU B 912 -10.04 -4.75 -32.61
C LEU B 912 -9.97 -4.85 -34.15
N THR B 913 -10.00 -3.72 -34.84
CA THR B 913 -10.00 -3.73 -36.30
C THR B 913 -8.66 -4.28 -36.81
N ALA B 914 -7.58 -4.00 -36.08
CA ALA B 914 -6.24 -4.42 -36.53
C ALA B 914 -6.05 -5.93 -36.30
N ALA B 915 -6.79 -6.51 -35.35
CA ALA B 915 -6.64 -7.91 -35.01
C ALA B 915 -7.25 -8.75 -36.12
N CYS B 916 -6.64 -9.92 -36.36
CA CYS B 916 -7.09 -10.91 -37.35
C CYS B 916 -7.50 -12.20 -36.65
N PHE B 917 -8.53 -12.84 -37.18
CA PHE B 917 -8.98 -14.14 -36.69
C PHE B 917 -8.07 -15.24 -37.27
N ASP B 918 -7.46 -16.01 -36.38
CA ASP B 918 -6.53 -17.06 -36.73
C ASP B 918 -6.24 -17.88 -35.47
N ARG B 919 -5.40 -18.89 -35.63
CA ARG B 919 -4.88 -19.65 -34.51
C ARG B 919 -3.62 -18.93 -34.05
N TRP B 920 -3.63 -18.50 -32.78
CA TRP B 920 -2.53 -17.72 -32.22
C TRP B 920 -1.88 -18.50 -31.07
N ASP B 921 -0.54 -18.44 -31.02
CA ASP B 921 0.23 -19.16 -30.03
C ASP B 921 1.39 -18.28 -29.54
N LEU B 922 1.29 -17.85 -28.27
CA LEU B 922 2.26 -16.93 -27.68
C LEU B 922 2.67 -17.39 -26.29
N PRO B 923 3.85 -16.93 -25.80
CA PRO B 923 4.20 -17.09 -24.38
C PRO B 923 3.20 -16.34 -23.49
N LEU B 924 3.01 -16.84 -22.28
CA LEU B 924 2.08 -16.24 -21.32
C LEU B 924 2.47 -14.78 -21.02
N SER B 925 3.78 -14.48 -21.10
CA SER B 925 4.28 -13.13 -20.93
C SER B 925 3.51 -12.14 -21.84
N ASP B 926 3.36 -12.52 -23.12
CA ASP B 926 2.80 -11.67 -24.18
C ASP B 926 1.29 -11.47 -24.02
N MET B 927 0.65 -12.21 -23.12
CA MET B 927 -0.78 -12.08 -22.87
C MET B 927 -1.04 -11.06 -21.75
N TYR B 928 0.02 -10.42 -21.25
CA TYR B 928 -0.06 -9.28 -20.35
C TYR B 928 0.65 -8.10 -21.00
N THR B 929 0.01 -6.93 -20.94
CA THR B 929 0.62 -5.70 -21.44
C THR B 929 1.17 -4.89 -20.29
N PRO B 930 2.49 -4.62 -20.26
CA PRO B 930 3.12 -3.94 -19.13
C PRO B 930 2.93 -2.42 -19.13
N TYR B 931 1.67 -1.97 -19.12
CA TYR B 931 1.37 -0.57 -18.91
C TYR B 931 1.98 -0.14 -17.58
N VAL B 932 2.69 0.98 -17.58
CA VAL B 932 3.40 1.42 -16.41
C VAL B 932 2.40 1.71 -15.27
N PHE B 933 1.27 2.34 -15.58
CA PHE B 933 0.16 2.33 -14.64
C PHE B 933 -0.72 1.10 -14.92
N PRO B 934 -0.78 0.11 -14.01
CA PRO B 934 -1.45 -1.15 -14.32
C PRO B 934 -2.97 -1.03 -14.25
N SER B 935 -3.63 -1.80 -15.09
CA SER B 935 -5.09 -1.87 -15.17
C SER B 935 -5.49 -3.18 -15.84
N GLU B 936 -6.78 -3.31 -16.18
CA GLU B 936 -7.21 -4.31 -17.14
C GLU B 936 -6.30 -4.25 -18.36
N ASN B 937 -5.85 -5.41 -18.84
CA ASN B 937 -4.99 -5.46 -20.01
C ASN B 937 -5.00 -6.89 -20.59
N GLY B 938 -4.52 -7.00 -21.82
CA GLY B 938 -4.23 -8.29 -22.47
C GLY B 938 -5.46 -9.01 -23.02
N LEU B 939 -6.64 -8.39 -22.98
CA LEU B 939 -7.85 -9.05 -23.47
C LEU B 939 -7.69 -9.35 -24.96
N ARG B 940 -8.14 -10.54 -25.37
CA ARG B 940 -8.34 -10.87 -26.80
C ARG B 940 -9.82 -11.15 -27.00
N CYS B 941 -10.38 -10.65 -28.11
CA CYS B 941 -11.82 -10.69 -28.30
C CYS B 941 -12.20 -11.65 -29.43
N GLY B 942 -13.51 -11.97 -29.47
CA GLY B 942 -14.08 -12.90 -30.46
C GLY B 942 -13.31 -14.20 -30.52
N THR B 943 -13.22 -14.87 -29.38
CA THR B 943 -12.48 -16.12 -29.27
C THR B 943 -13.47 -17.28 -29.15
N ARG B 944 -13.15 -18.38 -29.85
CA ARG B 944 -14.00 -19.57 -29.87
C ARG B 944 -13.32 -20.74 -29.17
N GLU B 945 -11.98 -20.77 -29.16
CA GLU B 945 -11.23 -21.81 -28.50
C GLU B 945 -10.06 -21.18 -27.74
N LEU B 946 -9.91 -21.54 -26.45
CA LEU B 946 -8.77 -21.14 -25.63
C LEU B 946 -8.12 -22.38 -25.01
N ASN B 947 -6.81 -22.51 -25.22
CA ASN B 947 -6.00 -23.66 -24.79
C ASN B 947 -4.90 -23.24 -23.82
N TYR B 948 -4.99 -23.71 -22.57
CA TYR B 948 -3.97 -23.42 -21.55
C TYR B 948 -3.70 -24.69 -20.73
N GLY B 949 -2.47 -25.21 -20.85
CA GLY B 949 -2.07 -26.44 -20.20
C GLY B 949 -2.90 -27.63 -20.67
N PRO B 950 -3.49 -28.42 -19.74
CA PRO B 950 -4.46 -29.45 -20.13
C PRO B 950 -5.86 -28.91 -20.44
N HIS B 951 -6.13 -27.66 -20.09
CA HIS B 951 -7.47 -27.11 -20.22
C HIS B 951 -7.76 -26.68 -21.66
N GLN B 952 -9.05 -26.65 -21.98
CA GLN B 952 -9.57 -26.04 -23.19
C GLN B 952 -10.95 -25.47 -22.90
N TRP B 953 -11.18 -24.23 -23.35
CA TRP B 953 -12.50 -23.59 -23.27
C TRP B 953 -13.01 -23.31 -24.68
N ARG B 954 -14.33 -23.45 -24.88
CA ARG B 954 -14.91 -23.14 -26.19
C ARG B 954 -16.23 -22.43 -25.96
N GLY B 955 -16.54 -21.54 -26.91
CA GLY B 955 -17.75 -20.71 -26.90
C GLY B 955 -17.60 -19.49 -27.81
N ASP B 956 -18.11 -18.35 -27.35
CA ASP B 956 -17.88 -17.09 -28.03
C ASP B 956 -17.62 -16.02 -26.97
N PHE B 957 -16.34 -15.86 -26.62
CA PHE B 957 -15.97 -15.12 -25.41
C PHE B 957 -14.77 -14.20 -25.69
N GLN B 958 -14.52 -13.34 -24.70
CA GLN B 958 -13.32 -12.53 -24.58
C GLN B 958 -12.58 -12.98 -23.32
N PHE B 959 -11.25 -13.05 -23.40
CA PHE B 959 -10.46 -13.54 -22.30
C PHE B 959 -9.17 -12.73 -22.14
N ASN B 960 -8.72 -12.66 -20.89
CA ASN B 960 -7.32 -12.36 -20.57
C ASN B 960 -6.80 -13.44 -19.62
N ILE B 961 -5.49 -13.64 -19.66
CA ILE B 961 -4.82 -14.68 -18.91
C ILE B 961 -3.48 -14.13 -18.42
N SER B 962 -3.26 -14.19 -17.11
CA SER B 962 -2.12 -13.50 -16.46
C SER B 962 -1.79 -14.16 -15.12
N ARG B 963 -0.63 -13.74 -14.57
CA ARG B 963 -0.27 -14.05 -13.19
C ARG B 963 -0.70 -12.92 -12.23
N TYR B 964 -1.54 -12.00 -12.69
CA TYR B 964 -1.92 -10.83 -11.90
C TYR B 964 -3.45 -10.73 -11.87
N SER B 965 -4.01 -10.86 -10.67
CA SER B 965 -5.44 -10.73 -10.49
C SER B 965 -5.85 -9.30 -10.83
N GLN B 966 -7.15 -9.11 -11.05
CA GLN B 966 -7.72 -7.79 -11.25
C GLN B 966 -7.68 -7.01 -9.94
N GLN B 967 -7.61 -7.70 -8.79
CA GLN B 967 -7.47 -7.00 -7.52
C GLN B 967 -6.07 -6.38 -7.42
N GLN B 968 -5.03 -7.15 -7.77
CA GLN B 968 -3.67 -6.65 -7.65
C GLN B 968 -3.48 -5.47 -8.63
N LEU B 969 -3.94 -5.60 -9.87
CA LEU B 969 -3.76 -4.54 -10.88
C LEU B 969 -4.46 -3.25 -10.40
N MET B 970 -5.64 -3.41 -9.79
CA MET B 970 -6.41 -2.27 -9.32
C MET B 970 -5.71 -1.56 -8.13
N GLU B 971 -4.92 -2.29 -7.34
CA GLU B 971 -4.34 -1.76 -6.11
C GLU B 971 -2.91 -1.25 -6.33
N THR B 972 -2.25 -1.70 -7.40
CA THR B 972 -0.86 -1.37 -7.65
C THR B 972 -0.76 -0.15 -8.57
N SER B 973 0.11 0.80 -8.21
CA SER B 973 0.23 2.07 -8.92
C SER B 973 1.34 2.04 -9.97
N HIS B 974 2.27 1.09 -9.89
CA HIS B 974 3.36 1.00 -10.85
C HIS B 974 3.59 -0.46 -11.22
N ARG B 975 3.91 -0.71 -12.50
CA ARG B 975 4.07 -2.05 -13.01
C ARG B 975 5.21 -2.77 -12.27
N HIS B 976 6.25 -2.04 -11.83
CA HIS B 976 7.44 -2.66 -11.24
C HIS B 976 7.18 -3.18 -9.82
N LEU B 977 6.06 -2.80 -9.19
CA LEU B 977 5.66 -3.37 -7.89
C LEU B 977 4.76 -4.61 -8.03
N LEU B 978 4.46 -5.06 -9.26
CA LEU B 978 3.61 -6.23 -9.47
C LEU B 978 4.40 -7.50 -9.13
N HIS B 979 3.74 -8.44 -8.43
CA HIS B 979 4.32 -9.73 -8.11
CA HIS B 979 4.33 -9.73 -8.11
C HIS B 979 3.40 -10.83 -8.66
N ALA B 980 4.01 -11.85 -9.27
CA ALA B 980 3.27 -13.00 -9.73
C ALA B 980 2.59 -13.69 -8.55
N GLU B 981 1.28 -13.87 -8.63
CA GLU B 981 0.54 -14.66 -7.66
C GLU B 981 0.70 -16.14 -7.98
N GLU B 982 0.27 -16.99 -7.03
CA GLU B 982 0.31 -18.43 -7.22
C GLU B 982 -0.58 -18.78 -8.41
N GLY B 983 -0.01 -19.53 -9.37
CA GLY B 983 -0.81 -20.00 -10.49
C GLY B 983 -1.16 -18.89 -11.47
N THR B 984 -2.28 -19.08 -12.17
CA THR B 984 -2.68 -18.22 -13.30
C THR B 984 -4.11 -17.75 -13.12
N TRP B 985 -4.32 -16.45 -13.30
CA TRP B 985 -5.65 -15.87 -13.22
C TRP B 985 -6.24 -15.81 -14.64
N LEU B 986 -7.50 -16.23 -14.74
CA LEU B 986 -8.20 -16.28 -16.00
C LEU B 986 -9.52 -15.54 -15.86
N ASN B 987 -9.72 -14.55 -16.74
CA ASN B 987 -11.02 -13.90 -16.91
C ASN B 987 -11.60 -14.32 -18.25
N ILE B 988 -12.81 -14.88 -18.23
CA ILE B 988 -13.56 -15.23 -19.43
C ILE B 988 -14.86 -14.43 -19.42
N ASP B 989 -15.01 -13.52 -20.40
CA ASP B 989 -16.15 -12.65 -20.50
C ASP B 989 -16.94 -12.99 -21.76
N GLY B 990 -18.26 -13.14 -21.60
CA GLY B 990 -19.14 -13.09 -22.72
C GLY B 990 -19.11 -11.70 -23.34
N PHE B 991 -19.12 -10.68 -22.48
CA PHE B 991 -19.23 -9.30 -22.91
C PHE B 991 -18.23 -8.42 -22.16
N HIS B 992 -17.82 -7.32 -22.79
CA HIS B 992 -16.84 -6.42 -22.21
C HIS B 992 -17.06 -5.00 -22.74
N MET B 993 -17.14 -4.05 -21.82
CA MET B 993 -17.29 -2.65 -22.15
C MET B 993 -16.05 -2.15 -22.92
N GLY B 994 -16.28 -1.21 -23.83
CA GLY B 994 -15.20 -0.58 -24.57
C GLY B 994 -14.30 0.20 -23.64
N ILE B 995 -13.16 0.62 -24.17
CA ILE B 995 -12.13 1.24 -23.40
C ILE B 995 -12.11 2.77 -23.57
N GLY B 996 -12.75 3.31 -24.62
CA GLY B 996 -12.79 4.74 -24.86
C GLY B 996 -11.41 5.28 -25.23
N GLY B 997 -11.29 6.63 -25.22
CA GLY B 997 -10.02 7.26 -25.57
C GLY B 997 -10.12 8.58 -26.32
N ASP B 998 -11.31 8.99 -26.74
CA ASP B 998 -11.48 10.29 -27.43
C ASP B 998 -10.84 11.42 -26.61
N ASP B 999 -10.96 11.32 -25.28
CA ASP B 999 -10.10 11.99 -24.32
C ASP B 999 -10.03 11.11 -23.07
N SER B 1000 -9.20 11.50 -22.10
CA SER B 1000 -8.99 10.75 -20.88
C SER B 1000 -9.32 11.58 -19.65
N TRP B 1001 -10.29 12.49 -19.75
CA TRP B 1001 -10.73 13.26 -18.56
C TRP B 1001 -12.26 13.41 -18.52
N SER B 1002 -12.96 12.76 -19.45
CA SER B 1002 -14.41 12.66 -19.44
C SER B 1002 -14.80 11.27 -19.92
N PRO B 1003 -16.01 10.78 -19.59
CA PRO B 1003 -16.43 9.49 -20.11
C PRO B 1003 -16.49 9.56 -21.64
N SER B 1004 -15.83 8.60 -22.29
CA SER B 1004 -15.60 8.64 -23.72
C SER B 1004 -15.89 7.30 -24.39
N VAL B 1005 -16.56 6.37 -23.69
CA VAL B 1005 -16.90 5.11 -24.30
C VAL B 1005 -18.23 5.31 -25.03
N SER B 1006 -18.21 5.14 -26.36
CA SER B 1006 -19.38 5.36 -27.19
C SER B 1006 -20.48 4.40 -26.76
N ALA B 1007 -21.74 4.84 -26.89
CA ALA B 1007 -22.89 4.13 -26.31
C ALA B 1007 -22.98 2.69 -26.83
N GLU B 1008 -22.65 2.46 -28.09
CA GLU B 1008 -22.79 1.14 -28.68
C GLU B 1008 -21.78 0.14 -28.08
N PHE B 1009 -20.83 0.63 -27.28
CA PHE B 1009 -19.86 -0.25 -26.61
C PHE B 1009 -20.05 -0.25 -25.10
N GLN B 1010 -21.18 0.28 -24.62
CA GLN B 1010 -21.57 0.17 -23.22
C GLN B 1010 -22.52 -1.00 -23.03
N LEU B 1011 -22.29 -1.80 -21.98
CA LEU B 1011 -23.10 -3.00 -21.70
C LEU B 1011 -24.46 -2.56 -21.15
N SER B 1012 -25.38 -2.26 -22.07
CA SER B 1012 -26.68 -1.62 -21.74
C SER B 1012 -27.87 -2.58 -21.98
N ALA B 1013 -27.61 -3.81 -22.43
CA ALA B 1013 -28.70 -4.65 -22.96
C ALA B 1013 -29.73 -5.01 -21.88
N GLY B 1014 -29.30 -5.15 -20.63
CA GLY B 1014 -30.25 -5.48 -19.54
C GLY B 1014 -30.23 -6.95 -19.18
N ARG B 1015 -30.07 -7.82 -20.20
CA ARG B 1015 -29.89 -9.25 -20.00
C ARG B 1015 -28.92 -9.78 -21.03
N TYR B 1016 -28.06 -10.70 -20.62
CA TYR B 1016 -27.00 -11.22 -21.48
C TYR B 1016 -26.99 -12.75 -21.39
N HIS B 1017 -26.56 -13.38 -22.49
CA HIS B 1017 -26.38 -14.81 -22.52
C HIS B 1017 -25.00 -15.12 -23.09
N TYR B 1018 -24.26 -16.00 -22.40
CA TYR B 1018 -23.05 -16.56 -22.98
C TYR B 1018 -22.92 -18.02 -22.53
N GLN B 1019 -22.11 -18.77 -23.28
CA GLN B 1019 -22.05 -20.20 -23.15
C GLN B 1019 -20.61 -20.66 -23.35
N LEU B 1020 -20.13 -21.50 -22.43
CA LEU B 1020 -18.78 -22.05 -22.46
C LEU B 1020 -18.87 -23.56 -22.30
N VAL B 1021 -17.84 -24.25 -22.82
CA VAL B 1021 -17.64 -25.64 -22.52
C VAL B 1021 -16.19 -25.82 -22.07
N TRP B 1022 -16.05 -26.29 -20.82
CA TRP B 1022 -14.77 -26.56 -20.21
C TRP B 1022 -14.47 -28.06 -20.33
N CYS B 1023 -13.29 -28.39 -20.88
CA CYS B 1023 -12.87 -29.76 -21.07
C CYS B 1023 -11.35 -29.85 -20.92
N GLN B 1024 -10.83 -31.09 -20.95
CA GLN B 1024 -9.40 -31.35 -20.94
C GLN B 1024 -9.03 -32.05 -22.25
N LYS B 1025 -7.97 -31.58 -22.91
CA LYS B 1025 -7.66 -31.98 -24.29
C LYS B 1025 -6.21 -32.46 -24.44
N THR C 3 63.84 -42.94 91.03
CA THR C 3 64.89 -42.30 91.87
C THR C 3 64.90 -40.78 91.60
N MET C 4 63.82 -40.14 92.03
CA MET C 4 63.65 -38.68 92.02
C MET C 4 62.37 -38.34 92.79
N ILE C 5 61.62 -37.33 92.35
CA ILE C 5 60.39 -36.93 93.07
C ILE C 5 59.59 -35.95 92.22
N THR C 6 60.28 -34.92 91.73
CA THR C 6 59.64 -33.92 90.90
C THR C 6 59.52 -34.40 89.44
N ASP C 7 59.97 -35.63 89.16
CA ASP C 7 59.63 -36.32 87.89
C ASP C 7 58.33 -37.14 88.03
N SER C 8 57.85 -37.35 89.26
CA SER C 8 56.78 -38.29 89.46
C SER C 8 55.47 -37.76 88.87
N LEU C 9 54.54 -38.66 88.58
CA LEU C 9 53.22 -38.30 88.09
C LEU C 9 52.51 -37.38 89.11
N ALA C 10 52.73 -37.63 90.40
CA ALA C 10 52.03 -36.88 91.44
C ALA C 10 52.36 -35.40 91.35
N VAL C 11 53.63 -35.06 91.11
CA VAL C 11 54.03 -33.66 91.11
C VAL C 11 53.65 -33.02 89.78
N VAL C 12 53.92 -33.73 88.68
CA VAL C 12 53.79 -33.13 87.36
C VAL C 12 52.30 -32.93 87.05
N LEU C 13 51.50 -33.96 87.29
CA LEU C 13 50.06 -33.84 87.03
C LEU C 13 49.41 -32.84 87.99
N GLN C 14 50.06 -32.56 89.12
CA GLN C 14 49.49 -31.67 90.11
C GLN C 14 49.25 -30.28 89.51
N ARG C 15 50.17 -29.82 88.65
CA ARG C 15 50.09 -28.45 88.15
C ARG C 15 48.98 -28.31 87.10
N ARG C 16 48.41 -29.43 86.63
CA ARG C 16 47.27 -29.43 85.71
C ARG C 16 47.50 -28.43 84.57
N ASP C 17 48.61 -28.62 83.86
CA ASP C 17 49.01 -27.70 82.78
C ASP C 17 48.01 -27.73 81.61
N TRP C 18 47.18 -28.79 81.54
CA TRP C 18 46.20 -28.93 80.46
C TRP C 18 44.90 -28.16 80.73
N GLU C 19 44.84 -27.42 81.84
CA GLU C 19 43.69 -26.57 82.18
C GLU C 19 44.17 -25.16 82.46
N ASN C 20 45.02 -24.64 81.57
CA ASN C 20 45.69 -23.36 81.75
C ASN C 20 46.20 -22.86 80.41
N PRO C 21 45.53 -21.91 79.75
CA PRO C 21 45.97 -21.43 78.45
C PRO C 21 47.16 -20.48 78.53
N GLY C 22 47.67 -20.23 79.74
CA GLY C 22 48.93 -19.53 79.91
C GLY C 22 50.13 -20.46 79.86
N VAL C 23 49.90 -21.78 79.90
CA VAL C 23 50.93 -22.79 79.67
C VAL C 23 50.55 -23.61 78.43
N THR C 24 51.12 -23.29 77.27
CA THR C 24 50.91 -24.08 76.04
C THR C 24 52.06 -25.05 75.79
N GLN C 25 53.16 -24.93 76.54
CA GLN C 25 54.31 -25.80 76.40
C GLN C 25 55.28 -25.57 77.55
N LEU C 26 56.11 -26.58 77.83
CA LEU C 26 57.23 -26.45 78.74
C LEU C 26 58.46 -27.09 78.09
N ASN C 27 59.56 -26.32 78.05
CA ASN C 27 60.86 -26.76 77.56
C ASN C 27 60.82 -27.12 76.07
N ARG C 28 59.82 -26.63 75.33
CA ARG C 28 59.70 -26.91 73.91
C ARG C 28 60.62 -26.00 73.09
N LEU C 29 61.31 -26.58 72.09
CA LEU C 29 62.28 -25.86 71.26
C LEU C 29 61.53 -25.03 70.21
N ALA C 30 62.22 -24.00 69.71
CA ALA C 30 61.65 -23.09 68.72
C ALA C 30 61.20 -23.82 67.45
N ALA C 31 60.29 -23.17 66.73
CA ALA C 31 59.79 -23.62 65.43
C ALA C 31 60.75 -23.18 64.32
N HIS C 32 60.66 -23.89 63.18
CA HIS C 32 61.60 -23.73 62.08
C HIS C 32 61.11 -24.51 60.86
N PRO C 33 61.65 -24.25 59.66
CA PRO C 33 61.35 -25.07 58.49
C PRO C 33 61.99 -26.45 58.59
N PRO C 34 61.56 -27.43 57.77
CA PRO C 34 62.00 -28.82 57.91
C PRO C 34 63.52 -28.98 57.85
N PHE C 35 64.02 -29.74 58.83
CA PHE C 35 65.43 -30.01 58.99
C PHE C 35 65.70 -31.50 58.77
N ALA C 36 66.95 -31.79 58.45
CA ALA C 36 67.46 -33.16 58.30
C ALA C 36 68.94 -33.24 58.70
N SER C 37 69.62 -32.09 58.81
CA SER C 37 71.01 -32.01 59.24
C SER C 37 71.90 -32.99 58.46
N TRP C 38 71.86 -32.89 57.13
CA TRP C 38 72.81 -33.61 56.30
C TRP C 38 74.23 -33.21 56.69
N ARG C 39 75.17 -34.17 56.63
CA ARG C 39 76.60 -33.87 56.78
C ARG C 39 77.35 -34.01 55.45
N ASN C 40 76.60 -34.14 54.36
CA ASN C 40 77.14 -34.17 53.02
C ASN C 40 76.26 -33.28 52.14
N SER C 41 76.87 -32.35 51.41
CA SER C 41 76.14 -31.34 50.64
C SER C 41 75.31 -31.94 49.48
N GLU C 42 75.78 -33.05 48.89
CA GLU C 42 75.13 -33.51 47.66
C GLU C 42 73.91 -34.37 48.02
N GLU C 43 73.92 -34.98 49.21
CA GLU C 43 72.73 -35.69 49.68
C GLU C 43 71.63 -34.66 49.96
N ALA C 44 72.03 -33.51 50.52
CA ALA C 44 71.13 -32.37 50.74
C ALA C 44 70.54 -31.88 49.43
N ARG C 45 71.37 -31.75 48.39
CA ARG C 45 70.91 -31.24 47.11
C ARG C 45 69.92 -32.21 46.48
N THR C 46 70.12 -33.51 46.66
CA THR C 46 69.31 -34.52 45.97
C THR C 46 68.05 -34.87 46.76
N ASP C 47 67.93 -34.39 48.02
CA ASP C 47 66.79 -34.63 48.90
C ASP C 47 66.69 -36.12 49.25
N ARG C 48 67.85 -36.75 49.41
CA ARG C 48 67.93 -38.16 49.77
C ARG C 48 67.95 -38.33 51.27
N PRO C 49 67.70 -39.54 51.80
CA PRO C 49 67.68 -39.75 53.24
C PRO C 49 68.91 -39.18 53.96
N SER C 50 68.69 -38.76 55.21
CA SER C 50 69.74 -38.29 56.08
C SER C 50 69.89 -39.28 57.22
N GLN C 51 71.13 -39.65 57.55
CA GLN C 51 71.29 -40.59 58.64
C GLN C 51 71.26 -39.85 59.97
N GLN C 52 71.01 -38.54 59.95
CA GLN C 52 70.84 -37.76 61.18
C GLN C 52 69.36 -37.52 61.48
N LEU C 53 68.46 -38.09 60.66
CA LEU C 53 67.03 -38.05 60.87
C LEU C 53 66.47 -39.48 60.86
N ARG C 54 66.24 -40.03 62.06
CA ARG C 54 65.67 -41.36 62.25
C ARG C 54 64.15 -41.27 62.39
N SER C 55 63.45 -42.27 61.87
CA SER C 55 62.04 -42.47 62.17
C SER C 55 61.93 -43.37 63.42
N LEU C 56 61.05 -42.99 64.36
CA LEU C 56 60.67 -43.83 65.48
C LEU C 56 59.26 -44.39 65.31
N ASN C 57 58.71 -44.30 64.08
CA ASN C 57 57.45 -44.92 63.76
C ASN C 57 57.60 -46.44 63.86
N GLY C 58 56.50 -47.12 64.13
CA GLY C 58 56.53 -48.57 64.28
C GLY C 58 55.74 -49.04 65.47
N GLU C 59 56.19 -50.14 66.07
CA GLU C 59 55.47 -50.81 67.15
C GLU C 59 55.86 -50.18 68.49
N TRP C 60 54.90 -49.52 69.13
CA TRP C 60 55.04 -48.95 70.47
C TRP C 60 54.14 -49.74 71.43
N ARG C 61 54.37 -49.54 72.73
CA ARG C 61 53.52 -50.09 73.77
C ARG C 61 52.57 -49.00 74.25
N PHE C 62 51.29 -49.36 74.39
CA PHE C 62 50.22 -48.41 74.65
C PHE C 62 49.29 -48.97 75.73
N ALA C 63 48.74 -48.08 76.55
CA ALA C 63 47.75 -48.42 77.55
C ALA C 63 46.79 -47.24 77.73
N TRP C 64 45.50 -47.55 77.81
CA TRP C 64 44.42 -46.58 77.95
C TRP C 64 44.00 -46.44 79.41
N PHE C 65 43.66 -45.21 79.82
CA PHE C 65 43.19 -44.93 81.16
C PHE C 65 42.05 -43.94 81.08
N PRO C 66 41.07 -44.01 81.99
CA PRO C 66 39.92 -43.09 81.93
C PRO C 66 40.25 -41.66 82.39
N ALA C 67 41.37 -41.50 83.09
CA ALA C 67 41.80 -40.20 83.58
C ALA C 67 43.28 -40.27 83.92
N PRO C 68 44.04 -39.17 83.79
CA PRO C 68 45.47 -39.20 84.10
C PRO C 68 45.81 -39.58 85.54
N GLU C 69 44.89 -39.31 86.47
CA GLU C 69 45.07 -39.68 87.87
C GLU C 69 45.16 -41.21 88.02
N ALA C 70 44.62 -41.97 87.06
CA ALA C 70 44.59 -43.43 87.15
C ALA C 70 45.88 -44.09 86.65
N VAL C 71 46.79 -43.31 86.06
CA VAL C 71 48.02 -43.92 85.53
C VAL C 71 48.91 -44.21 86.72
N PRO C 72 49.35 -45.46 86.94
CA PRO C 72 50.24 -45.75 88.06
C PRO C 72 51.65 -45.20 87.82
N GLU C 73 52.34 -44.87 88.92
CA GLU C 73 53.67 -44.27 88.88
C GLU C 73 54.67 -45.27 88.31
N SER C 74 54.38 -46.57 88.42
CA SER C 74 55.26 -47.61 87.91
C SER C 74 55.55 -47.36 86.42
N TRP C 75 54.59 -46.78 85.70
CA TRP C 75 54.65 -46.69 84.23
C TRP C 75 55.85 -45.86 83.77
N LEU C 76 56.30 -44.90 84.58
CA LEU C 76 57.49 -44.09 84.29
C LEU C 76 58.73 -44.97 84.34
N GLU C 77 58.73 -45.98 85.23
CA GLU C 77 59.89 -46.79 85.55
C GLU C 77 60.01 -48.00 84.63
N CYS C 78 58.90 -48.62 84.26
CA CYS C 78 58.96 -49.77 83.34
C CYS C 78 57.60 -50.01 82.69
N ASP C 79 57.60 -50.85 81.65
CA ASP C 79 56.44 -51.10 80.83
C ASP C 79 55.35 -51.77 81.68
N LEU C 80 54.11 -51.30 81.51
CA LEU C 80 52.96 -51.92 82.18
C LEU C 80 52.70 -53.28 81.55
N PRO C 81 52.55 -54.36 82.36
CA PRO C 81 52.20 -55.67 81.79
C PRO C 81 50.82 -55.67 81.12
N GLU C 82 49.93 -54.78 81.57
CA GLU C 82 48.56 -54.61 81.05
C GLU C 82 48.56 -53.99 79.64
N ALA C 83 49.69 -53.43 79.21
CA ALA C 83 49.75 -52.64 77.99
C ALA C 83 49.77 -53.57 76.77
N ASP C 84 49.30 -53.02 75.65
CA ASP C 84 49.30 -53.68 74.36
C ASP C 84 50.41 -53.11 73.46
N THR C 85 50.67 -53.78 72.34
CA THR C 85 51.55 -53.27 71.33
C THR C 85 50.70 -52.72 70.18
N VAL C 86 50.97 -51.47 69.78
CA VAL C 86 50.22 -50.81 68.71
C VAL C 86 51.19 -50.09 67.77
N VAL C 87 50.72 -49.83 66.54
CA VAL C 87 51.51 -49.12 65.57
C VAL C 87 51.32 -47.62 65.83
N VAL C 88 52.44 -46.88 65.71
CA VAL C 88 52.47 -45.43 65.79
C VAL C 88 53.10 -44.92 64.50
N PRO C 89 52.49 -43.91 63.86
CA PRO C 89 51.36 -43.14 64.37
C PRO C 89 49.99 -43.83 64.25
N SER C 90 49.07 -43.40 65.12
CA SER C 90 47.72 -43.91 65.15
C SER C 90 46.84 -42.95 65.97
N ASN C 91 45.53 -43.02 65.75
CA ASN C 91 44.55 -42.52 66.69
C ASN C 91 44.01 -43.70 67.49
N TRP C 92 43.96 -43.59 68.82
CA TRP C 92 43.66 -44.78 69.62
C TRP C 92 42.18 -45.21 69.45
N GLN C 93 41.32 -44.31 69.01
CA GLN C 93 39.92 -44.63 68.71
C GLN C 93 39.84 -45.69 67.60
N MET C 94 40.75 -45.62 66.62
CA MET C 94 40.72 -46.53 65.48
C MET C 94 41.22 -47.91 65.89
N HIS C 95 41.78 -48.06 67.10
CA HIS C 95 42.11 -49.38 67.66
C HIS C 95 41.06 -49.85 68.67
N GLY C 96 39.94 -49.13 68.80
CA GLY C 96 38.80 -49.55 69.64
C GLY C 96 38.94 -49.21 71.12
N TYR C 97 39.84 -48.30 71.51
CA TYR C 97 40.07 -48.05 72.94
C TYR C 97 39.00 -47.15 73.55
N ASP C 98 38.48 -46.20 72.77
CA ASP C 98 37.27 -45.47 73.15
C ASP C 98 36.61 -44.98 71.86
N ALA C 99 35.48 -44.27 72.00
CA ALA C 99 34.73 -43.92 70.82
C ALA C 99 35.25 -42.63 70.20
N PRO C 100 35.28 -42.54 68.86
CA PRO C 100 35.39 -41.26 68.18
C PRO C 100 34.05 -40.54 68.25
N ILE C 101 34.10 -39.22 68.43
CA ILE C 101 32.92 -38.37 68.59
C ILE C 101 32.79 -37.49 67.36
N TYR C 102 31.65 -37.55 66.68
CA TYR C 102 31.41 -36.62 65.58
C TYR C 102 30.39 -35.59 66.02
N THR C 103 30.86 -34.36 66.25
CA THR C 103 30.02 -33.21 66.52
C THR C 103 30.51 -32.03 65.67
N ASN C 104 29.56 -31.21 65.25
CA ASN C 104 29.85 -30.08 64.38
C ASN C 104 30.24 -28.86 65.22
N VAL C 105 29.24 -28.07 65.65
CA VAL C 105 29.46 -26.86 66.38
C VAL C 105 29.59 -27.14 67.88
N THR C 106 28.61 -27.83 68.46
CA THR C 106 28.62 -28.08 69.89
C THR C 106 29.92 -28.78 70.30
N TYR C 107 30.64 -28.17 71.25
CA TYR C 107 31.88 -28.74 71.76
C TYR C 107 31.61 -30.12 72.34
N PRO C 108 32.54 -31.09 72.19
CA PRO C 108 32.34 -32.43 72.74
C PRO C 108 32.49 -32.51 74.27
N ILE C 109 32.81 -31.39 74.91
CA ILE C 109 32.96 -31.29 76.36
C ILE C 109 32.13 -30.10 76.84
N THR C 110 31.83 -30.09 78.14
CA THR C 110 31.09 -28.98 78.73
C THR C 110 31.90 -27.70 78.52
N VAL C 111 31.23 -26.65 78.07
CA VAL C 111 31.92 -25.39 77.83
C VAL C 111 32.14 -24.67 79.16
N ASN C 112 33.38 -24.67 79.63
CA ASN C 112 33.72 -24.10 80.92
C ASN C 112 35.21 -23.76 80.93
N PRO C 113 35.66 -22.82 80.07
CA PRO C 113 37.09 -22.60 79.90
C PRO C 113 37.71 -22.05 81.18
N PRO C 114 38.96 -22.45 81.48
CA PRO C 114 39.76 -23.34 80.64
C PRO C 114 39.72 -24.81 81.07
N PHE C 115 38.61 -25.23 81.66
CA PHE C 115 38.52 -26.51 82.36
C PHE C 115 37.97 -27.60 81.43
N VAL C 116 38.23 -28.83 81.84
CA VAL C 116 38.06 -30.00 81.05
C VAL C 116 37.56 -31.12 81.95
N PRO C 117 36.74 -32.06 81.44
CA PRO C 117 36.22 -33.15 82.27
C PRO C 117 37.32 -33.80 83.11
N THR C 118 36.99 -34.16 84.35
CA THR C 118 37.92 -34.91 85.17
C THR C 118 38.07 -36.32 84.59
N GLU C 119 37.01 -36.84 83.95
CA GLU C 119 37.16 -38.10 83.22
C GLU C 119 37.70 -37.72 81.83
N ASN C 120 39.01 -37.90 81.65
CA ASN C 120 39.74 -37.41 80.50
C ASN C 120 40.58 -38.54 79.93
N PRO C 121 40.09 -39.23 78.88
CA PRO C 121 40.80 -40.40 78.35
C PRO C 121 42.29 -40.09 78.13
N THR C 122 43.13 -41.02 78.60
CA THR C 122 44.56 -40.81 78.70
C THR C 122 45.30 -41.94 77.98
N GLY C 123 46.16 -41.57 77.02
CA GLY C 123 46.92 -42.54 76.25
C GLY C 123 48.38 -42.58 76.70
N CYS C 124 48.80 -43.74 77.19
CA CYS C 124 50.15 -43.92 77.70
C CYS C 124 50.96 -44.71 76.67
N TYR C 125 51.71 -43.99 75.83
CA TYR C 125 52.60 -44.60 74.86
C TYR C 125 54.01 -44.69 75.46
N SER C 126 54.71 -45.77 75.15
CA SER C 126 56.10 -45.93 75.56
C SER C 126 56.88 -46.66 74.44
N LEU C 127 58.17 -46.39 74.38
CA LEU C 127 59.03 -47.00 73.37
C LEU C 127 60.42 -47.22 73.94
N THR C 128 60.90 -48.47 73.84
CA THR C 128 62.28 -48.82 74.13
C THR C 128 63.04 -48.81 72.81
N PHE C 129 64.19 -48.13 72.80
CA PHE C 129 64.91 -47.89 71.57
C PHE C 129 66.38 -47.63 71.88
N ASN C 130 67.21 -47.79 70.84
CA ASN C 130 68.64 -47.63 70.96
C ASN C 130 69.09 -46.31 70.34
N VAL C 131 70.18 -45.78 70.88
CA VAL C 131 70.86 -44.64 70.32
C VAL C 131 72.34 -44.98 70.20
N ASP C 132 72.93 -44.69 69.03
CA ASP C 132 74.34 -44.97 68.79
C ASP C 132 75.20 -43.98 69.58
N GLU C 133 76.39 -44.44 70.01
CA GLU C 133 77.28 -43.65 70.87
C GLU C 133 77.81 -42.41 70.14
N SER C 134 77.82 -42.42 68.81
CA SER C 134 78.21 -41.23 68.03
C SER C 134 77.32 -40.04 68.42
N TRP C 135 76.02 -40.28 68.57
CA TRP C 135 75.04 -39.22 68.85
C TRP C 135 75.22 -38.63 70.26
N LEU C 136 75.79 -39.40 71.18
CA LEU C 136 75.90 -38.98 72.57
C LEU C 136 77.19 -38.22 72.82
N GLN C 137 78.26 -38.50 72.05
CA GLN C 137 79.57 -37.94 72.37
C GLN C 137 79.64 -36.47 71.92
N GLU C 138 79.01 -36.14 70.79
CA GLU C 138 78.97 -34.75 70.29
C GLU C 138 77.56 -34.39 69.84
N GLY C 139 77.22 -33.12 69.99
CA GLY C 139 76.05 -32.53 69.31
C GLY C 139 74.74 -32.70 70.07
N GLN C 140 73.66 -32.35 69.39
CA GLN C 140 72.35 -32.21 70.00
C GLN C 140 71.37 -33.22 69.39
N THR C 141 70.76 -34.02 70.26
CA THR C 141 69.77 -35.01 69.87
C THR C 141 68.40 -34.55 70.37
N ARG C 142 67.47 -34.35 69.44
CA ARG C 142 66.13 -33.92 69.73
C ARG C 142 65.10 -34.92 69.19
N ILE C 143 63.94 -34.95 69.84
CA ILE C 143 62.82 -35.76 69.37
C ILE C 143 61.79 -34.79 68.78
N ILE C 144 61.11 -35.24 67.73
CA ILE C 144 60.13 -34.42 67.01
C ILE C 144 58.82 -35.19 66.93
N PHE C 145 57.78 -34.63 67.55
CA PHE C 145 56.43 -35.15 67.48
C PHE C 145 55.65 -34.29 66.47
N ASP C 146 55.42 -34.84 65.29
CA ASP C 146 54.74 -34.09 64.22
C ASP C 146 53.28 -33.78 64.59
N GLY C 147 52.65 -34.63 65.41
CA GLY C 147 51.23 -34.47 65.70
C GLY C 147 50.78 -35.31 66.88
N VAL C 148 50.36 -34.62 67.95
CA VAL C 148 49.88 -35.25 69.17
C VAL C 148 48.56 -34.56 69.56
N ASN C 149 47.51 -35.37 69.72
CA ASN C 149 46.18 -34.85 69.95
C ASN C 149 45.70 -35.32 71.32
N SER C 150 45.49 -34.40 72.28
CA SER C 150 45.55 -32.95 72.08
C SER C 150 46.69 -32.28 72.85
N ALA C 151 47.27 -32.98 73.81
CA ALA C 151 48.38 -32.45 74.60
C ALA C 151 49.10 -33.61 75.24
N PHE C 152 50.33 -33.39 75.67
CA PHE C 152 51.09 -34.47 76.24
C PHE C 152 52.21 -33.97 77.13
N HIS C 153 52.53 -34.80 78.13
CA HIS C 153 53.78 -34.78 78.88
C HIS C 153 54.72 -35.84 78.33
N LEU C 154 56.02 -35.58 78.42
CA LEU C 154 57.06 -36.47 77.90
C LEU C 154 58.10 -36.76 78.98
N TRP C 155 58.38 -38.05 79.17
CA TRP C 155 59.49 -38.52 79.98
C TRP C 155 60.46 -39.28 79.07
N CYS C 156 61.74 -39.24 79.44
CA CYS C 156 62.77 -40.05 78.82
C CYS C 156 63.65 -40.66 79.92
N ASN C 157 63.63 -41.99 80.05
CA ASN C 157 64.39 -42.73 81.05
C ASN C 157 63.96 -42.32 82.47
N GLY C 158 62.65 -42.10 82.64
CA GLY C 158 62.07 -41.78 83.95
C GLY C 158 62.09 -40.30 84.32
N ARG C 159 62.83 -39.48 83.56
CA ARG C 159 62.96 -38.05 83.88
C ARG C 159 61.98 -37.26 83.00
N TRP C 160 61.30 -36.29 83.62
CA TRP C 160 60.34 -35.46 82.91
C TRP C 160 61.07 -34.46 82.01
N VAL C 161 60.65 -34.38 80.74
CA VAL C 161 61.33 -33.57 79.73
C VAL C 161 60.53 -32.32 79.40
N GLY C 162 59.22 -32.48 79.15
CA GLY C 162 58.44 -31.33 78.75
C GLY C 162 56.98 -31.64 78.51
N TYR C 163 56.28 -30.64 77.97
CA TYR C 163 54.86 -30.67 77.76
C TYR C 163 54.55 -29.89 76.48
N GLY C 164 53.50 -30.30 75.77
CA GLY C 164 53.16 -29.65 74.51
C GLY C 164 51.68 -29.61 74.21
N GLN C 165 51.28 -28.56 73.48
CA GLN C 165 49.92 -28.39 72.98
C GLN C 165 49.97 -27.96 71.50
N ASP C 166 48.78 -27.86 70.90
CA ASP C 166 48.51 -27.64 69.45
C ASP C 166 48.69 -28.96 68.70
N SER C 167 47.58 -29.51 68.22
CA SER C 167 47.53 -30.89 67.77
C SER C 167 48.12 -31.05 66.38
N ARG C 168 48.25 -29.94 65.64
CA ARG C 168 48.55 -30.04 64.21
C ARG C 168 49.87 -29.35 63.84
N LEU C 169 50.77 -29.17 64.82
CA LEU C 169 52.08 -28.65 64.57
C LEU C 169 53.08 -29.45 65.38
N PRO C 170 54.34 -29.54 64.90
CA PRO C 170 55.36 -30.34 65.57
C PRO C 170 55.81 -29.73 66.90
N SER C 171 55.93 -30.59 67.91
CA SER C 171 56.58 -30.25 69.16
C SER C 171 57.92 -30.97 69.26
N GLU C 172 58.99 -30.22 69.54
CA GLU C 172 60.34 -30.77 69.56
C GLU C 172 61.01 -30.52 70.91
N PHE C 173 61.69 -31.54 71.44
CA PHE C 173 62.37 -31.41 72.72
C PHE C 173 63.79 -31.95 72.64
N ASP C 174 64.68 -31.31 73.40
CA ASP C 174 66.09 -31.64 73.44
C ASP C 174 66.27 -32.80 74.42
N LEU C 175 66.76 -33.96 73.93
CA LEU C 175 66.90 -35.15 74.76
C LEU C 175 68.38 -35.41 75.10
N SER C 176 69.30 -34.54 74.65
CA SER C 176 70.74 -34.79 74.81
C SER C 176 71.09 -35.21 76.24
N ALA C 177 70.64 -34.43 77.24
CA ALA C 177 71.03 -34.63 78.63
C ALA C 177 70.29 -35.81 79.27
N PHE C 178 69.32 -36.41 78.56
CA PHE C 178 68.49 -37.47 79.12
C PHE C 178 68.88 -38.85 78.59
N LEU C 179 69.50 -38.93 77.42
CA LEU C 179 69.73 -40.21 76.76
C LEU C 179 71.03 -40.85 77.28
N ARG C 180 71.04 -42.18 77.31
CA ARG C 180 72.20 -42.95 77.75
C ARG C 180 72.59 -43.93 76.65
N ALA C 181 73.81 -44.45 76.75
CA ALA C 181 74.30 -45.44 75.80
C ALA C 181 73.44 -46.70 75.90
N GLY C 182 72.94 -47.15 74.74
CA GLY C 182 72.21 -48.39 74.64
C GLY C 182 70.71 -48.18 74.77
N GLU C 183 70.10 -48.82 75.78
CA GLU C 183 68.66 -48.90 75.92
C GLU C 183 68.11 -47.62 76.55
N ASN C 184 67.09 -47.04 75.90
CA ASN C 184 66.40 -45.88 76.41
C ASN C 184 64.90 -46.14 76.31
N ARG C 185 64.12 -45.42 77.11
CA ARG C 185 62.67 -45.56 77.13
C ARG C 185 62.00 -44.17 77.13
N LEU C 186 61.13 -43.96 76.14
CA LEU C 186 60.23 -42.82 76.11
C LEU C 186 58.95 -43.19 76.84
N ALA C 187 58.39 -42.24 77.58
CA ALA C 187 57.06 -42.36 78.17
C ALA C 187 56.30 -41.09 77.83
N VAL C 188 55.24 -41.25 77.03
CA VAL C 188 54.45 -40.13 76.55
C VAL C 188 53.01 -40.29 77.02
N MET C 189 52.54 -39.32 77.80
CA MET C 189 51.18 -39.34 78.31
C MET C 189 50.38 -38.31 77.50
N VAL C 190 49.44 -38.84 76.70
CA VAL C 190 48.61 -38.04 75.82
C VAL C 190 47.23 -37.84 76.47
N LEU C 191 46.80 -36.59 76.53
CA LEU C 191 45.48 -36.26 77.06
C LEU C 191 44.55 -35.95 75.91
N ARG C 192 43.38 -36.60 75.92
CA ARG C 192 42.35 -36.34 74.90
C ARG C 192 41.91 -34.88 74.95
N TRP C 193 41.70 -34.33 76.15
CA TRP C 193 41.18 -32.98 76.30
C TRP C 193 42.20 -32.09 77.01
N SER C 194 42.20 -30.81 76.64
CA SER C 194 43.08 -29.80 77.21
C SER C 194 42.50 -28.43 76.90
N ASP C 195 43.13 -27.38 77.43
CA ASP C 195 42.67 -26.04 77.12
C ASP C 195 42.85 -25.78 75.63
N GLY C 196 43.75 -26.51 75.00
CA GLY C 196 43.87 -26.47 73.55
C GLY C 196 42.58 -26.92 72.86
N SER C 197 41.84 -27.83 73.49
CA SER C 197 40.61 -28.35 72.92
C SER C 197 39.60 -27.23 72.71
N TYR C 198 39.73 -26.12 73.42
CA TYR C 198 38.82 -24.99 73.20
C TYR C 198 39.10 -24.28 71.88
N LEU C 199 40.32 -24.44 71.33
CA LEU C 199 40.69 -23.82 70.04
C LEU C 199 40.68 -24.84 68.90
N GLU C 200 40.08 -26.02 69.12
CA GLU C 200 40.08 -27.11 68.14
C GLU C 200 38.66 -27.64 67.95
N ASP C 201 37.71 -26.76 67.65
CA ASP C 201 36.32 -27.18 67.48
C ASP C 201 35.96 -27.32 66.00
N GLN C 202 36.89 -27.84 65.19
CA GLN C 202 36.61 -28.06 63.78
C GLN C 202 35.55 -29.16 63.65
N ASP C 203 34.63 -28.94 62.71
CA ASP C 203 33.58 -29.89 62.39
C ASP C 203 34.16 -31.18 61.80
N MET C 204 34.48 -32.14 62.66
CA MET C 204 35.14 -33.38 62.27
C MET C 204 35.16 -34.35 63.44
N TRP C 205 35.51 -35.61 63.14
CA TRP C 205 35.65 -36.62 64.15
C TRP C 205 36.65 -36.13 65.19
N ARG C 206 36.27 -36.23 66.48
CA ARG C 206 37.15 -35.88 67.56
C ARG C 206 37.87 -37.15 68.03
N MET C 207 39.17 -37.22 67.73
CA MET C 207 40.02 -38.36 68.03
C MET C 207 41.14 -37.87 68.95
N SER C 208 42.17 -38.70 69.14
CA SER C 208 43.31 -38.37 69.96
C SER C 208 44.43 -39.40 69.73
N GLY C 209 45.64 -39.04 70.16
CA GLY C 209 46.79 -39.92 70.14
C GLY C 209 47.97 -39.30 69.43
N ILE C 210 49.01 -40.12 69.24
CA ILE C 210 50.19 -39.73 68.48
C ILE C 210 49.94 -40.13 67.02
N PHE C 211 49.38 -39.21 66.24
CA PHE C 211 48.76 -39.52 64.94
C PHE C 211 49.58 -38.97 63.76
N ARG C 212 50.75 -38.40 64.03
CA ARG C 212 51.72 -38.05 62.97
C ARG C 212 53.10 -38.52 63.43
N ASP C 213 54.09 -38.38 62.55
CA ASP C 213 55.36 -39.08 62.66
C ASP C 213 56.11 -38.66 63.94
N VAL C 214 56.96 -39.56 64.40
CA VAL C 214 57.90 -39.31 65.49
C VAL C 214 59.31 -39.56 64.96
N SER C 215 60.23 -38.64 65.25
CA SER C 215 61.58 -38.74 64.71
C SER C 215 62.61 -38.26 65.73
N LEU C 216 63.84 -38.76 65.55
CA LEU C 216 64.99 -38.19 66.22
C LEU C 216 65.81 -37.39 65.21
N LEU C 217 66.26 -36.21 65.62
CA LEU C 217 67.09 -35.40 64.78
C LEU C 217 68.37 -35.08 65.54
N HIS C 218 69.51 -35.36 64.90
CA HIS C 218 70.83 -35.01 65.43
C HIS C 218 71.40 -33.83 64.66
N LYS C 219 71.66 -32.74 65.39
CA LYS C 219 72.32 -31.58 64.85
C LYS C 219 73.62 -31.36 65.60
N PRO C 220 74.63 -30.76 64.94
CA PRO C 220 75.83 -30.34 65.67
C PRO C 220 75.50 -29.14 66.59
N THR C 221 76.29 -28.97 67.64
CA THR C 221 76.09 -27.93 68.61
C THR C 221 76.10 -26.55 67.94
N THR C 222 76.95 -26.39 66.93
CA THR C 222 77.00 -25.21 66.08
C THR C 222 76.18 -25.50 64.82
N GLN C 223 75.03 -24.83 64.66
CA GLN C 223 73.98 -25.33 63.79
C GLN C 223 73.28 -24.20 63.06
N ILE C 224 72.66 -24.57 61.93
CA ILE C 224 71.65 -23.76 61.30
C ILE C 224 70.36 -23.91 62.10
N SER C 225 69.91 -22.81 62.69
CA SER C 225 68.71 -22.84 63.54
C SER C 225 67.45 -22.39 62.81
N ASP C 226 67.62 -21.72 61.65
CA ASP C 226 66.48 -21.20 60.89
C ASP C 226 67.02 -20.61 59.58
N PHE C 227 66.21 -20.67 58.53
CA PHE C 227 66.53 -20.02 57.27
C PHE C 227 65.24 -19.69 56.51
N HIS C 228 65.20 -18.50 55.92
CA HIS C 228 64.06 -18.00 55.15
C HIS C 228 64.50 -17.68 53.73
N VAL C 229 63.65 -18.03 52.76
CA VAL C 229 63.90 -17.83 51.38
C VAL C 229 62.83 -16.89 50.83
N ALA C 230 63.29 -15.79 50.20
CA ALA C 230 62.43 -14.86 49.49
C ALA C 230 62.84 -14.75 48.03
N THR C 231 61.87 -14.49 47.15
CA THR C 231 62.12 -14.19 45.75
C THR C 231 61.41 -12.91 45.34
N ARG C 232 62.18 -11.94 44.82
CA ARG C 232 61.64 -10.70 44.27
C ARG C 232 62.02 -10.58 42.79
N PHE C 233 61.17 -9.86 42.04
CA PHE C 233 61.21 -9.81 40.61
C PHE C 233 61.17 -8.37 40.08
N ASN C 234 61.56 -8.22 38.81
CA ASN C 234 61.38 -7.01 38.07
C ASN C 234 60.01 -7.08 37.40
N ASP C 235 59.64 -6.05 36.64
CA ASP C 235 58.24 -5.86 36.18
C ASP C 235 57.83 -7.00 35.25
N ASP C 236 58.74 -7.51 34.41
CA ASP C 236 58.37 -8.52 33.39
C ASP C 236 58.90 -9.91 33.76
N PHE C 237 59.45 -10.05 34.98
CA PHE C 237 59.92 -11.32 35.56
C PHE C 237 61.11 -11.89 34.79
N SER C 238 61.83 -11.08 34.03
CA SER C 238 63.00 -11.57 33.30
C SER C 238 64.21 -11.69 34.23
N ARG C 239 64.22 -11.02 35.39
CA ARG C 239 65.26 -11.27 36.38
C ARG C 239 64.67 -11.30 37.79
N ALA C 240 65.26 -12.15 38.64
CA ALA C 240 64.88 -12.33 40.01
C ALA C 240 66.09 -12.19 40.92
N VAL C 241 65.82 -11.90 42.19
CA VAL C 241 66.81 -12.02 43.25
C VAL C 241 66.26 -12.97 44.33
N LEU C 242 67.05 -13.99 44.66
CA LEU C 242 66.75 -14.88 45.75
C LEU C 242 67.52 -14.38 46.99
N GLU C 243 66.77 -14.00 48.02
CA GLU C 243 67.35 -13.64 49.29
C GLU C 243 67.16 -14.82 50.25
N ALA C 244 68.25 -15.20 50.92
CA ALA C 244 68.25 -16.31 51.83
C ALA C 244 68.87 -15.84 53.15
N GLU C 245 68.03 -15.70 54.17
CA GLU C 245 68.51 -15.36 55.48
C GLU C 245 68.79 -16.67 56.20
N VAL C 246 69.97 -16.77 56.81
CA VAL C 246 70.37 -17.95 57.53
C VAL C 246 70.71 -17.53 58.95
N GLN C 247 70.17 -18.26 59.93
CA GLN C 247 70.41 -18.00 61.34
C GLN C 247 71.08 -19.21 61.97
N MET C 248 71.93 -18.97 62.96
CA MET C 248 72.70 -20.01 63.59
C MET C 248 72.54 -19.97 65.11
N CYS C 249 72.77 -21.11 65.75
CA CYS C 249 72.96 -21.20 67.18
C CYS C 249 74.25 -21.94 67.46
N GLY C 250 74.78 -21.72 68.67
CA GLY C 250 76.08 -22.22 69.07
C GLY C 250 77.06 -21.08 69.27
N GLU C 251 78.35 -21.42 69.41
CA GLU C 251 79.37 -20.40 69.60
C GLU C 251 79.76 -19.86 68.23
N LEU C 252 79.64 -18.54 68.09
CA LEU C 252 80.10 -17.84 66.91
C LEU C 252 81.62 -17.81 66.90
N ARG C 253 82.20 -18.16 65.75
CA ARG C 253 83.62 -18.00 65.52
C ARG C 253 83.83 -17.30 64.18
N ASP C 254 84.91 -16.54 64.08
CA ASP C 254 85.20 -15.73 62.90
C ASP C 254 85.46 -16.60 61.67
N TYR C 255 85.88 -17.86 61.85
CA TYR C 255 86.14 -18.72 60.70
C TYR C 255 84.85 -19.31 60.11
N LEU C 256 83.68 -19.07 60.74
CA LEU C 256 82.43 -19.68 60.28
C LEU C 256 81.92 -18.93 59.05
N ARG C 257 81.45 -19.70 58.08
CA ARG C 257 80.88 -19.13 56.87
C ARG C 257 79.63 -19.91 56.47
N VAL C 258 78.86 -19.31 55.58
CA VAL C 258 77.67 -19.92 55.03
C VAL C 258 77.75 -19.78 53.52
N THR C 259 77.36 -20.84 52.82
CA THR C 259 77.22 -20.81 51.39
C THR C 259 75.79 -21.24 51.06
N VAL C 260 75.20 -20.56 50.06
CA VAL C 260 73.87 -20.87 49.63
C VAL C 260 73.95 -21.08 48.12
N SER C 261 73.37 -22.20 47.67
CA SER C 261 73.52 -22.66 46.30
C SER C 261 72.12 -22.89 45.73
N LEU C 262 71.95 -22.55 44.46
CA LEU C 262 70.68 -22.73 43.79
C LEU C 262 70.90 -23.62 42.57
N TRP C 263 70.11 -24.69 42.46
CA TRP C 263 70.24 -25.69 41.43
C TRP C 263 68.92 -25.84 40.68
N GLN C 264 68.99 -26.34 39.45
CA GLN C 264 67.83 -26.73 38.66
C GLN C 264 68.20 -27.98 37.86
N GLY C 265 67.83 -29.16 38.38
CA GLY C 265 68.47 -30.41 37.96
C GLY C 265 69.89 -30.47 38.52
N GLU C 266 70.88 -30.76 37.68
CA GLU C 266 72.30 -30.73 38.12
C GLU C 266 73.01 -29.49 37.56
N THR C 267 72.27 -28.56 36.96
CA THR C 267 72.84 -27.23 36.68
C THR C 267 72.82 -26.37 37.95
N GLN C 268 73.97 -25.83 38.32
CA GLN C 268 74.07 -24.86 39.42
C GLN C 268 73.87 -23.47 38.83
N VAL C 269 72.77 -22.81 39.22
CA VAL C 269 72.34 -21.57 38.62
C VAL C 269 73.03 -20.37 39.30
N ALA C 270 73.28 -20.43 40.60
CA ALA C 270 73.98 -19.35 41.28
C ALA C 270 74.48 -19.86 42.63
N SER C 271 75.34 -19.05 43.25
CA SER C 271 75.90 -19.42 44.55
C SER C 271 76.61 -18.23 45.18
N GLY C 272 76.54 -18.16 46.51
CA GLY C 272 77.19 -17.08 47.25
C GLY C 272 77.68 -17.56 48.59
N THR C 273 78.68 -16.84 49.11
CA THR C 273 79.32 -17.23 50.36
C THR C 273 79.63 -15.98 51.17
N ALA C 274 79.49 -16.07 52.49
CA ALA C 274 79.70 -14.92 53.34
C ALA C 274 80.01 -15.40 54.75
N PRO C 275 80.72 -14.58 55.55
CA PRO C 275 80.78 -14.81 57.00
C PRO C 275 79.47 -14.31 57.64
N PHE C 276 79.30 -14.61 58.93
CA PHE C 276 78.15 -14.16 59.66
C PHE C 276 78.29 -12.67 59.97
N GLY C 277 77.15 -12.00 60.06
CA GLY C 277 77.10 -10.58 60.34
C GLY C 277 76.13 -9.88 59.42
N GLY C 278 74.93 -9.56 59.93
CA GLY C 278 73.91 -8.86 59.18
C GLY C 278 74.14 -7.36 59.14
N GLU C 279 73.46 -6.71 58.19
CA GLU C 279 73.39 -5.26 58.09
C GLU C 279 72.89 -4.66 59.40
N ILE C 280 73.14 -3.36 59.54
CA ILE C 280 72.73 -2.64 60.73
C ILE C 280 71.18 -2.61 60.81
N ILE C 281 70.66 -2.92 61.98
CA ILE C 281 69.22 -3.00 62.18
C ILE C 281 68.72 -1.75 62.92
N ASP C 282 69.39 -1.41 64.02
CA ASP C 282 68.98 -0.31 64.86
C ASP C 282 70.23 0.25 65.57
N GLU C 283 69.99 1.01 66.63
CA GLU C 283 71.01 1.77 67.32
C GLU C 283 72.07 0.86 67.96
N ARG C 284 71.76 -0.43 68.17
CA ARG C 284 72.66 -1.34 68.87
C ARG C 284 73.48 -2.21 67.92
N GLY C 285 73.24 -2.07 66.61
CA GLY C 285 73.99 -2.82 65.60
C GLY C 285 73.07 -3.71 64.78
N GLY C 286 73.53 -4.93 64.55
CA GLY C 286 72.80 -5.94 63.76
C GLY C 286 72.88 -7.31 64.38
N TYR C 287 72.39 -8.31 63.64
CA TYR C 287 72.43 -9.70 64.09
C TYR C 287 73.79 -10.31 63.73
N ALA C 288 74.61 -10.55 64.75
CA ALA C 288 75.91 -11.19 64.57
C ALA C 288 75.77 -12.68 64.23
N ASP C 289 74.61 -13.28 64.56
CA ASP C 289 74.38 -14.73 64.38
C ASP C 289 73.53 -14.98 63.13
N ARG C 290 73.53 -14.03 62.18
CA ARG C 290 72.71 -14.19 60.97
C ARG C 290 73.46 -13.62 59.78
N VAL C 291 73.08 -14.11 58.59
CA VAL C 291 73.61 -13.56 57.35
C VAL C 291 72.57 -13.83 56.26
N THR C 292 72.45 -12.86 55.34
CA THR C 292 71.56 -12.95 54.22
C THR C 292 72.41 -12.93 52.96
N LEU C 293 72.12 -13.85 52.05
CA LEU C 293 72.84 -13.97 50.81
C LEU C 293 71.86 -13.68 49.69
N ARG C 294 72.32 -12.91 48.71
CA ARG C 294 71.51 -12.45 47.61
C ARG C 294 72.09 -13.01 46.32
N LEU C 295 71.29 -13.81 45.60
CA LEU C 295 71.69 -14.41 44.34
C LEU C 295 70.86 -13.81 43.22
N ASN C 296 71.55 -13.42 42.14
CA ASN C 296 70.88 -13.01 40.92
C ASN C 296 70.54 -14.24 40.09
N VAL C 297 69.35 -14.23 39.48
CA VAL C 297 68.84 -15.27 38.64
C VAL C 297 68.19 -14.63 37.41
N GLU C 298 68.72 -14.93 36.22
CA GLU C 298 68.19 -14.36 34.99
C GLU C 298 67.17 -15.33 34.38
N ASN C 299 66.12 -14.74 33.80
CA ASN C 299 65.06 -15.45 33.09
C ASN C 299 64.64 -16.69 33.87
N PRO C 300 64.22 -16.58 35.14
CA PRO C 300 63.93 -17.76 35.94
C PRO C 300 62.68 -18.48 35.43
N LYS C 301 62.68 -19.82 35.55
CA LYS C 301 61.52 -20.62 35.31
C LYS C 301 60.59 -20.46 36.50
N LEU C 302 59.36 -20.02 36.22
CA LEU C 302 58.44 -19.54 37.25
C LEU C 302 57.55 -20.69 37.71
N TRP C 303 57.21 -20.66 39.00
CA TRP C 303 56.33 -21.62 39.63
C TRP C 303 54.88 -21.22 39.43
N SER C 304 54.05 -22.20 39.10
CA SER C 304 52.63 -22.07 39.09
C SER C 304 52.01 -23.47 39.20
N ALA C 305 50.71 -23.52 39.41
CA ALA C 305 50.00 -24.81 39.42
C ALA C 305 49.95 -25.38 37.99
N GLU C 306 50.12 -24.52 36.99
CA GLU C 306 50.10 -24.94 35.59
C GLU C 306 51.44 -25.61 35.25
N ILE C 307 52.55 -25.01 35.68
CA ILE C 307 53.88 -25.57 35.45
C ILE C 307 54.68 -25.40 36.73
N PRO C 308 54.73 -26.42 37.59
CA PRO C 308 55.42 -26.30 38.87
C PRO C 308 56.96 -26.39 38.76
N ASN C 309 57.56 -25.39 38.12
CA ASN C 309 59.01 -25.30 38.05
C ASN C 309 59.59 -25.11 39.45
N LEU C 310 60.54 -25.97 39.82
CA LEU C 310 61.20 -25.91 41.10
C LEU C 310 62.72 -25.81 40.90
N TYR C 311 63.35 -25.02 41.76
CA TYR C 311 64.77 -25.01 41.94
C TYR C 311 65.07 -25.66 43.29
N ARG C 312 66.35 -25.78 43.61
CA ARG C 312 66.76 -26.42 44.84
C ARG C 312 67.80 -25.53 45.52
N ALA C 313 67.55 -25.20 46.78
CA ALA C 313 68.40 -24.33 47.56
C ALA C 313 69.13 -25.18 48.60
N VAL C 314 70.44 -24.99 48.69
CA VAL C 314 71.26 -25.75 49.61
C VAL C 314 71.96 -24.75 50.51
N VAL C 315 71.85 -24.96 51.81
CA VAL C 315 72.43 -24.06 52.79
C VAL C 315 73.53 -24.81 53.52
N GLU C 316 74.78 -24.42 53.27
CA GLU C 316 75.92 -25.08 53.88
C GLU C 316 76.47 -24.16 54.96
N LEU C 317 76.61 -24.70 56.18
CA LEU C 317 77.37 -24.07 57.24
C LEU C 317 78.73 -24.79 57.30
N HIS C 318 79.81 -24.02 57.16
CA HIS C 318 81.17 -24.56 57.08
C HIS C 318 82.20 -23.57 57.63
N THR C 319 83.46 -24.00 57.67
CA THR C 319 84.57 -23.15 58.06
C THR C 319 85.20 -22.52 56.81
N ALA C 320 86.10 -21.55 57.05
CA ALA C 320 86.83 -20.90 55.97
C ALA C 320 87.65 -21.93 55.18
N ASP C 321 88.33 -22.84 55.89
CA ASP C 321 89.16 -23.88 55.27
C ASP C 321 88.31 -24.98 54.61
N GLY C 322 86.97 -24.86 54.63
CA GLY C 322 86.07 -25.69 53.79
C GLY C 322 85.39 -26.87 54.49
N THR C 323 85.76 -27.16 55.74
CA THR C 323 85.15 -28.21 56.52
C THR C 323 83.65 -27.95 56.66
N LEU C 324 82.82 -28.83 56.09
CA LEU C 324 81.36 -28.76 56.25
C LEU C 324 80.99 -29.08 57.70
N ILE C 325 80.07 -28.29 58.26
CA ILE C 325 79.50 -28.55 59.57
C ILE C 325 78.14 -29.22 59.45
N GLU C 326 77.29 -28.72 58.54
CA GLU C 326 76.01 -29.35 58.24
C GLU C 326 75.36 -28.62 57.08
N ALA C 327 74.34 -29.24 56.51
CA ALA C 327 73.62 -28.66 55.42
C ALA C 327 72.12 -28.87 55.61
N GLU C 328 71.34 -27.84 55.26
CA GLU C 328 69.89 -27.96 55.12
C GLU C 328 69.53 -27.55 53.69
N ALA C 329 68.29 -27.81 53.30
CA ALA C 329 67.89 -27.54 51.92
C ALA C 329 66.37 -27.44 51.84
N CYS C 330 65.91 -26.75 50.78
CA CYS C 330 64.48 -26.69 50.47
C CYS C 330 64.30 -26.61 48.95
N ASP C 331 63.11 -26.99 48.49
CA ASP C 331 62.69 -26.68 47.15
C ASP C 331 62.32 -25.19 47.09
N VAL C 332 62.47 -24.59 45.90
CA VAL C 332 62.23 -23.21 45.69
C VAL C 332 61.37 -23.05 44.44
N GLY C 333 60.32 -22.24 44.56
CA GLY C 333 59.45 -21.92 43.44
C GLY C 333 59.43 -20.41 43.22
N PHE C 334 59.89 -19.98 42.04
CA PHE C 334 59.94 -18.57 41.73
C PHE C 334 58.54 -18.12 41.35
N ARG C 335 57.92 -17.33 42.23
CA ARG C 335 56.58 -16.86 42.02
C ARG C 335 56.30 -15.71 42.99
N GLU C 336 55.42 -14.82 42.56
CA GLU C 336 55.07 -13.61 43.32
C GLU C 336 53.55 -13.57 43.49
N VAL C 337 53.11 -13.36 44.74
CA VAL C 337 51.70 -13.22 45.06
C VAL C 337 51.49 -11.81 45.58
N ARG C 338 50.64 -11.04 44.89
CA ARG C 338 50.27 -9.69 45.30
C ARG C 338 48.76 -9.53 45.06
N ILE C 339 48.16 -8.62 45.82
CA ILE C 339 46.89 -8.08 45.48
C ILE C 339 47.13 -6.66 44.98
N GLU C 340 46.67 -6.38 43.76
CA GLU C 340 46.95 -5.14 43.06
C GLU C 340 45.66 -4.73 42.34
N ASN C 341 45.19 -3.52 42.62
CA ASN C 341 44.00 -2.95 42.04
C ASN C 341 42.85 -3.93 42.17
N GLY C 342 42.71 -4.52 43.36
CA GLY C 342 41.53 -5.32 43.70
C GLY C 342 41.62 -6.77 43.28
N LEU C 343 42.74 -7.22 42.72
CA LEU C 343 42.82 -8.57 42.16
C LEU C 343 43.97 -9.35 42.79
N LEU C 344 43.74 -10.64 43.03
CA LEU C 344 44.80 -11.55 43.45
C LEU C 344 45.61 -11.97 42.22
N LEU C 345 46.91 -11.66 42.23
CA LEU C 345 47.80 -11.88 41.10
C LEU C 345 48.88 -12.89 41.46
N LEU C 346 49.14 -13.79 40.52
CA LEU C 346 50.24 -14.74 40.58
C LEU C 346 51.11 -14.47 39.36
N ASN C 347 52.34 -14.02 39.59
CA ASN C 347 53.27 -13.65 38.53
C ASN C 347 52.60 -12.67 37.56
N GLY C 348 51.85 -11.71 38.11
CA GLY C 348 51.29 -10.61 37.32
C GLY C 348 49.98 -10.94 36.62
N LYS C 349 49.49 -12.17 36.77
CA LYS C 349 48.21 -12.54 36.16
C LYS C 349 47.14 -12.80 37.23
N PRO C 350 45.86 -12.48 36.95
CA PRO C 350 44.79 -12.74 37.89
C PRO C 350 44.48 -14.23 37.99
N LEU C 351 44.59 -14.81 39.18
CA LEU C 351 44.16 -16.18 39.42
C LEU C 351 42.63 -16.28 39.33
N LEU C 352 42.15 -17.42 38.82
CA LEU C 352 40.77 -17.85 39.02
C LEU C 352 40.82 -19.17 39.80
N ILE C 353 40.45 -19.12 41.07
CA ILE C 353 40.71 -20.19 42.01
C ILE C 353 39.69 -21.30 41.79
N ARG C 354 40.19 -22.47 41.35
CA ARG C 354 39.41 -23.68 41.23
C ARG C 354 39.69 -24.56 42.45
N GLY C 355 39.07 -24.17 43.57
CA GLY C 355 39.54 -24.62 44.88
C GLY C 355 38.67 -25.68 45.50
N VAL C 356 39.25 -26.42 46.45
CA VAL C 356 38.51 -27.35 47.26
C VAL C 356 39.08 -27.33 48.69
N ASN C 357 38.20 -27.46 49.68
CA ASN C 357 38.60 -27.75 51.05
C ASN C 357 38.88 -29.24 51.20
N ARG C 358 39.97 -29.58 51.91
CA ARG C 358 40.35 -30.96 52.12
C ARG C 358 40.80 -31.17 53.56
N HIS C 359 40.11 -32.09 54.25
CA HIS C 359 40.48 -32.58 55.57
C HIS C 359 41.48 -33.74 55.44
N GLU C 360 42.20 -34.00 56.53
CA GLU C 360 43.03 -35.20 56.65
C GLU C 360 42.18 -36.33 57.22
N HIS C 361 41.52 -37.08 56.33
CA HIS C 361 40.64 -38.17 56.72
C HIS C 361 40.98 -39.44 55.95
N HIS C 362 40.89 -40.58 56.66
CA HIS C 362 40.99 -41.90 56.06
C HIS C 362 39.99 -42.79 56.75
N PRO C 363 39.13 -43.51 56.00
CA PRO C 363 38.07 -44.29 56.62
C PRO C 363 38.56 -45.40 57.58
N LEU C 364 39.83 -45.82 57.45
CA LEU C 364 40.39 -46.88 58.29
C LEU C 364 41.37 -46.34 59.33
N HIS C 365 42.22 -45.38 58.95
CA HIS C 365 43.27 -44.91 59.85
C HIS C 365 42.92 -43.59 60.51
N GLY C 366 41.70 -43.10 60.28
CA GLY C 366 41.20 -41.90 60.96
C GLY C 366 41.87 -40.65 60.42
N GLN C 367 42.66 -39.99 61.26
CA GLN C 367 43.28 -38.72 60.89
C GLN C 367 44.79 -38.91 60.73
N VAL C 368 45.23 -40.15 60.55
CA VAL C 368 46.59 -40.48 60.13
C VAL C 368 46.67 -40.38 58.60
N MET C 369 47.67 -39.64 58.09
CA MET C 369 47.87 -39.48 56.64
C MET C 369 49.10 -40.24 56.17
N ASP C 370 49.02 -40.69 54.91
CA ASP C 370 50.04 -41.47 54.24
C ASP C 370 50.29 -40.85 52.85
N GLU C 371 51.48 -41.11 52.30
CA GLU C 371 51.88 -40.57 51.03
C GLU C 371 50.91 -41.02 49.94
N GLN C 372 50.52 -42.30 49.94
CA GLN C 372 49.72 -42.85 48.83
C GLN C 372 48.38 -42.13 48.74
N THR C 373 47.72 -41.94 49.89
CA THR C 373 46.42 -41.31 49.87
C THR C 373 46.56 -39.83 49.49
N MET C 374 47.65 -39.21 49.92
CA MET C 374 47.90 -37.79 49.57
C MET C 374 48.03 -37.65 48.06
N VAL C 375 48.86 -38.50 47.45
CA VAL C 375 49.09 -38.47 46.01
C VAL C 375 47.78 -38.80 45.28
N GLN C 376 47.02 -39.77 45.79
CA GLN C 376 45.77 -40.14 45.17
C GLN C 376 44.82 -38.94 45.19
N ASP C 377 44.82 -38.18 46.28
CA ASP C 377 43.97 -37.00 46.39
C ASP C 377 44.41 -35.94 45.37
N ILE C 378 45.72 -35.71 45.28
CA ILE C 378 46.25 -34.66 44.40
C ILE C 378 45.96 -34.97 42.93
N LEU C 379 46.24 -36.21 42.50
CA LEU C 379 45.98 -36.61 41.13
C LEU C 379 44.48 -36.45 40.83
N LEU C 380 43.62 -36.90 41.73
CA LEU C 380 42.19 -36.82 41.49
C LEU C 380 41.77 -35.36 41.39
N MET C 381 42.43 -34.49 42.15
CA MET C 381 42.08 -33.08 42.17
C MET C 381 42.43 -32.44 40.82
N LYS C 382 43.67 -32.65 40.37
CA LYS C 382 44.14 -32.04 39.12
C LYS C 382 43.42 -32.65 37.90
N GLN C 383 43.10 -33.93 37.95
CA GLN C 383 42.36 -34.59 36.85
C GLN C 383 40.92 -34.07 36.78
N ASN C 384 40.45 -33.40 37.84
CA ASN C 384 39.13 -32.81 37.81
C ASN C 384 39.21 -31.28 37.85
N ASN C 385 40.34 -30.72 37.40
CA ASN C 385 40.45 -29.29 37.09
C ASN C 385 40.45 -28.43 38.36
N PHE C 386 41.21 -28.87 39.34
CA PHE C 386 41.36 -28.15 40.62
C PHE C 386 42.75 -27.55 40.64
N ASN C 387 42.86 -26.26 40.91
CA ASN C 387 44.18 -25.62 41.00
C ASN C 387 44.55 -25.27 42.44
N ALA C 388 43.65 -25.41 43.40
CA ALA C 388 43.92 -24.97 44.78
C ALA C 388 43.21 -25.82 45.82
N VAL C 389 43.78 -25.90 47.01
CA VAL C 389 43.22 -26.60 48.15
C VAL C 389 43.47 -25.77 49.42
N ARG C 390 42.44 -25.71 50.27
CA ARG C 390 42.47 -25.05 51.53
C ARG C 390 42.66 -26.11 52.62
N CYS C 391 43.71 -25.95 53.43
CA CYS C 391 43.97 -26.83 54.57
C CYS C 391 42.95 -26.55 55.69
N SER C 392 41.76 -27.11 55.56
CA SER C 392 40.68 -26.91 56.53
C SER C 392 40.81 -27.92 57.65
N HIS C 393 40.99 -27.47 58.91
CA HIS C 393 41.32 -26.10 59.27
C HIS C 393 42.51 -26.12 60.22
N TYR C 394 43.68 -26.46 59.70
CA TYR C 394 44.86 -26.64 60.51
C TYR C 394 46.07 -26.93 59.61
N PRO C 395 47.31 -26.68 60.08
CA PRO C 395 48.48 -27.08 59.31
C PRO C 395 48.47 -28.58 59.05
N ASN C 396 48.88 -28.96 57.84
CA ASN C 396 48.77 -30.33 57.37
C ASN C 396 50.05 -31.08 57.73
N HIS C 397 49.99 -32.41 57.57
CA HIS C 397 51.17 -33.27 57.53
C HIS C 397 52.22 -32.60 56.64
N PRO C 398 53.48 -32.47 57.10
CA PRO C 398 54.47 -31.71 56.34
C PRO C 398 54.69 -32.18 54.89
N LEU C 399 54.47 -33.47 54.61
CA LEU C 399 54.67 -34.03 53.27
C LEU C 399 53.68 -33.43 52.25
N TRP C 400 52.54 -32.93 52.74
CA TRP C 400 51.49 -32.42 51.86
C TRP C 400 52.00 -31.22 51.05
N TYR C 401 52.75 -30.33 51.70
CA TYR C 401 53.18 -29.08 51.06
C TYR C 401 54.26 -29.39 50.04
N THR C 402 55.11 -30.38 50.32
CA THR C 402 56.09 -30.86 49.36
C THR C 402 55.41 -31.42 48.09
N LEU C 403 54.36 -32.22 48.27
CA LEU C 403 53.70 -32.81 47.11
C LEU C 403 52.98 -31.74 46.30
N CYS C 404 52.41 -30.72 46.94
CA CYS C 404 51.74 -29.63 46.19
C CYS C 404 52.77 -28.69 45.54
N ASP C 405 53.93 -28.53 46.18
CA ASP C 405 55.07 -27.84 45.57
C ASP C 405 55.36 -28.49 44.20
N ARG C 406 55.33 -29.84 44.15
CA ARG C 406 55.87 -30.59 43.03
C ARG C 406 54.82 -30.90 41.97
N TYR C 407 53.60 -31.24 42.37
CA TYR C 407 52.53 -31.49 41.42
C TYR C 407 51.89 -30.20 40.96
N GLY C 408 52.00 -29.15 41.78
CA GLY C 408 51.43 -27.85 41.45
C GLY C 408 49.99 -27.68 41.90
N LEU C 409 49.81 -27.27 43.17
CA LEU C 409 48.52 -26.77 43.67
C LEU C 409 48.75 -25.54 44.55
N TYR C 410 47.90 -24.53 44.40
CA TYR C 410 47.89 -23.37 45.28
C TYR C 410 47.27 -23.79 46.62
N VAL C 411 47.98 -23.49 47.71
CA VAL C 411 47.57 -23.91 49.03
C VAL C 411 47.26 -22.70 49.91
N VAL C 412 46.14 -22.76 50.64
CA VAL C 412 45.87 -21.90 51.78
C VAL C 412 46.28 -22.64 53.06
N ASP C 413 47.26 -22.10 53.78
CA ASP C 413 47.75 -22.67 55.05
C ASP C 413 47.00 -21.98 56.20
N GLU C 414 46.28 -22.77 57.01
CA GLU C 414 45.31 -22.26 57.96
C GLU C 414 45.73 -22.63 59.38
N ALA C 415 45.71 -21.65 60.28
CA ALA C 415 46.12 -21.86 61.65
C ALA C 415 45.10 -22.76 62.34
N ASN C 416 45.59 -23.59 63.27
CA ASN C 416 44.75 -24.48 64.03
C ASN C 416 44.03 -23.71 65.14
N ILE C 417 43.01 -22.91 64.76
CA ILE C 417 42.17 -22.15 65.68
C ILE C 417 40.72 -22.19 65.17
N GLU C 418 39.86 -22.97 65.85
CA GLU C 418 38.43 -22.87 65.67
C GLU C 418 37.74 -22.90 67.02
N THR C 419 36.89 -21.90 67.25
CA THR C 419 36.11 -21.78 68.48
C THR C 419 34.63 -21.61 68.15
N HIS C 420 34.14 -22.42 67.20
CA HIS C 420 32.79 -22.28 66.67
C HIS C 420 31.75 -22.33 67.81
N GLY C 421 31.91 -23.31 68.72
CA GLY C 421 30.90 -23.61 69.71
C GLY C 421 30.76 -22.60 70.85
N MET C 422 31.56 -21.52 70.86
CA MET C 422 31.45 -20.53 71.92
C MET C 422 30.22 -19.63 71.67
N VAL C 423 29.80 -18.94 72.72
CA VAL C 423 28.67 -18.02 72.68
C VAL C 423 29.08 -16.69 73.31
N PRO C 424 29.25 -15.63 72.52
CA PRO C 424 29.29 -15.65 71.07
C PRO C 424 30.60 -16.27 70.56
N MET C 425 30.72 -16.43 69.23
CA MET C 425 31.90 -17.09 68.65
C MET C 425 33.17 -16.29 69.02
N ASN C 426 32.97 -15.01 69.34
CA ASN C 426 33.98 -14.03 69.72
C ASN C 426 34.70 -14.35 71.05
N ARG C 427 34.14 -15.21 71.92
CA ARG C 427 34.38 -15.10 73.38
C ARG C 427 35.89 -15.23 73.72
N LEU C 428 36.56 -16.21 73.13
CA LEU C 428 37.98 -16.41 73.40
C LEU C 428 38.89 -15.54 72.51
N THR C 429 38.51 -15.33 71.25
CA THR C 429 39.39 -14.63 70.31
C THR C 429 39.42 -13.13 70.55
N ASP C 430 38.46 -12.60 71.32
CA ASP C 430 38.47 -11.18 71.67
C ASP C 430 39.10 -10.97 73.04
N ASP C 431 39.44 -12.07 73.74
CA ASP C 431 39.99 -12.03 75.09
C ASP C 431 41.50 -12.02 75.02
N PRO C 432 42.18 -10.95 75.50
CA PRO C 432 43.64 -10.90 75.47
C PRO C 432 44.33 -12.02 76.26
N ARG C 433 43.68 -12.57 77.28
CA ARG C 433 44.22 -13.70 78.03
C ARG C 433 44.42 -14.93 77.13
N TRP C 434 43.71 -15.02 76.00
CA TRP C 434 43.86 -16.12 75.05
C TRP C 434 44.74 -15.74 73.86
N LEU C 435 45.27 -14.52 73.83
CA LEU C 435 46.10 -14.09 72.73
C LEU C 435 47.36 -14.97 72.66
N PRO C 436 48.05 -15.28 73.77
CA PRO C 436 49.25 -16.12 73.66
C PRO C 436 49.01 -17.47 73.01
N ALA C 437 47.95 -18.17 73.43
CA ALA C 437 47.66 -19.48 72.89
C ALA C 437 47.41 -19.37 71.38
N MET C 438 46.74 -18.30 70.96
CA MET C 438 46.41 -18.13 69.57
C MET C 438 47.66 -17.80 68.75
N SER C 439 48.53 -16.93 69.28
CA SER C 439 49.70 -16.49 68.51
C SER C 439 50.64 -17.66 68.22
N GLU C 440 50.81 -18.55 69.19
CA GLU C 440 51.61 -19.76 68.97
C GLU C 440 51.05 -20.61 67.82
N ARG C 441 49.72 -20.65 67.66
CA ARG C 441 49.14 -21.43 66.58
C ARG C 441 49.35 -20.76 65.21
N VAL C 442 49.41 -19.42 65.20
CA VAL C 442 49.61 -18.66 63.96
C VAL C 442 51.11 -18.54 63.64
N THR C 443 51.93 -18.13 64.62
CA THR C 443 53.34 -17.82 64.36
C THR C 443 54.11 -19.10 64.01
N ARG C 444 53.82 -20.19 64.73
CA ARG C 444 54.61 -21.41 64.54
C ARG C 444 54.28 -22.07 63.20
N MET C 445 53.07 -21.82 62.67
CA MET C 445 52.73 -22.30 61.34
C MET C 445 53.59 -21.54 60.32
N VAL C 446 53.60 -20.22 60.39
CA VAL C 446 54.36 -19.41 59.44
C VAL C 446 55.83 -19.80 59.50
N GLN C 447 56.36 -20.05 60.70
CA GLN C 447 57.77 -20.38 60.86
C GLN C 447 58.11 -21.73 60.22
N ARG C 448 57.13 -22.65 60.17
CA ARG C 448 57.35 -24.00 59.62
C ARG C 448 57.25 -24.01 58.09
N ASP C 449 56.27 -23.28 57.52
CA ASP C 449 55.83 -23.51 56.14
C ASP C 449 56.14 -22.35 55.21
N ARG C 450 56.90 -21.35 55.66
CA ARG C 450 57.06 -20.11 54.88
C ARG C 450 57.97 -20.27 53.66
N ASN C 451 58.74 -21.36 53.58
CA ASN C 451 59.62 -21.59 52.41
C ASN C 451 58.93 -22.41 51.29
N HIS C 452 57.70 -22.86 51.51
CA HIS C 452 56.98 -23.65 50.49
C HIS C 452 56.36 -22.74 49.45
N PRO C 453 56.70 -22.86 48.16
CA PRO C 453 56.05 -22.04 47.14
C PRO C 453 54.53 -22.25 46.98
N SER C 454 54.04 -23.45 47.31
CA SER C 454 52.63 -23.76 47.07
C SER C 454 51.72 -22.99 48.02
N VAL C 455 52.26 -22.61 49.18
CA VAL C 455 51.51 -21.75 50.08
C VAL C 455 51.50 -20.34 49.51
N ILE C 456 50.33 -19.85 49.13
CA ILE C 456 50.18 -18.52 48.59
C ILE C 456 49.33 -17.62 49.47
N ILE C 457 48.56 -18.20 50.41
CA ILE C 457 47.69 -17.39 51.31
C ILE C 457 47.77 -17.99 52.71
N TRP C 458 48.05 -17.14 53.71
CA TRP C 458 47.93 -17.54 55.11
C TRP C 458 46.48 -17.32 55.57
N SER C 459 45.99 -18.21 56.44
CA SER C 459 44.65 -18.06 57.06
C SER C 459 44.77 -18.11 58.58
N LEU C 460 43.98 -17.27 59.27
CA LEU C 460 44.07 -17.15 60.73
C LEU C 460 43.20 -18.15 61.47
N GLY C 461 42.50 -19.01 60.75
CA GLY C 461 41.72 -20.08 61.33
C GLY C 461 40.34 -20.14 60.73
N ASN C 462 39.40 -20.71 61.48
CA ASN C 462 38.07 -20.92 60.96
C ASN C 462 37.03 -20.76 62.06
N GLU C 463 35.94 -20.06 61.71
CA GLU C 463 34.73 -19.93 62.55
C GLU C 463 35.11 -19.68 64.01
N SER C 464 35.71 -18.51 64.26
CA SER C 464 36.00 -18.08 65.60
C SER C 464 35.56 -16.63 65.83
N GLY C 465 34.54 -16.19 65.09
CA GLY C 465 34.09 -14.83 65.19
C GLY C 465 35.20 -13.89 64.80
N HIS C 466 35.04 -12.61 65.10
CA HIS C 466 36.13 -11.65 64.92
C HIS C 466 36.47 -10.96 66.24
N GLY C 467 37.64 -11.28 66.79
CA GLY C 467 38.18 -10.62 67.97
C GLY C 467 39.42 -9.80 67.64
N ALA C 468 39.85 -9.00 68.62
CA ALA C 468 41.03 -8.19 68.46
C ALA C 468 42.31 -9.04 68.29
N ASN C 469 42.32 -10.28 68.81
CA ASN C 469 43.50 -11.11 68.65
C ASN C 469 43.71 -11.45 67.17
N HIS C 470 42.62 -11.57 66.40
CA HIS C 470 42.69 -11.78 64.96
C HIS C 470 43.42 -10.59 64.31
N ASP C 471 43.00 -9.37 64.65
CA ASP C 471 43.62 -8.17 64.08
C ASP C 471 45.11 -8.14 64.41
N ALA C 472 45.46 -8.52 65.65
CA ALA C 472 46.85 -8.50 66.07
C ALA C 472 47.68 -9.50 65.25
N LEU C 473 47.15 -10.71 65.06
CA LEU C 473 47.87 -11.76 64.39
C LEU C 473 47.86 -11.56 62.86
N TYR C 474 46.83 -10.90 62.34
CA TYR C 474 46.85 -10.48 60.96
C TYR C 474 48.06 -9.57 60.73
N ARG C 475 48.26 -8.61 61.62
CA ARG C 475 49.31 -7.63 61.43
C ARG C 475 50.69 -8.25 61.67
N TRP C 476 50.75 -9.26 62.53
CA TRP C 476 51.99 -9.96 62.77
C TRP C 476 52.50 -10.63 61.48
N ILE C 477 51.60 -11.34 60.80
CA ILE C 477 51.94 -12.06 59.57
C ILE C 477 52.38 -11.05 58.50
N LYS C 478 51.66 -9.93 58.38
CA LYS C 478 51.98 -8.94 57.35
C LYS C 478 53.40 -8.42 57.53
N SER C 479 53.83 -8.27 58.79
CA SER C 479 55.14 -7.71 59.11
C SER C 479 56.24 -8.73 58.89
N VAL C 480 55.95 -10.01 59.18
CA VAL C 480 56.95 -11.05 59.14
C VAL C 480 57.05 -11.69 57.74
N ASP C 481 55.96 -11.71 56.97
CA ASP C 481 55.95 -12.30 55.65
C ASP C 481 55.06 -11.49 54.72
N PRO C 482 55.58 -10.42 54.13
CA PRO C 482 54.80 -9.65 53.15
C PRO C 482 54.51 -10.38 51.84
N SER C 483 55.13 -11.53 51.61
CA SER C 483 55.05 -12.19 50.31
C SER C 483 53.70 -12.90 50.08
N ARG C 484 52.84 -12.98 51.10
CA ARG C 484 51.58 -13.72 50.99
C ARG C 484 50.46 -12.91 51.63
N PRO C 485 49.28 -12.83 50.98
CA PRO C 485 48.08 -12.30 51.63
C PRO C 485 47.58 -13.15 52.79
N VAL C 486 46.91 -12.50 53.74
CA VAL C 486 46.27 -13.13 54.89
C VAL C 486 44.77 -13.03 54.71
N GLN C 487 44.05 -14.11 54.99
CA GLN C 487 42.59 -14.13 54.90
C GLN C 487 42.02 -14.77 56.16
N TYR C 488 40.80 -14.32 56.52
CA TYR C 488 40.04 -14.88 57.63
C TYR C 488 38.56 -14.52 57.44
N GLU C 489 37.70 -15.52 57.58
CA GLU C 489 36.28 -15.39 57.23
C GLU C 489 35.45 -14.97 58.45
N GLY C 490 35.94 -15.25 59.67
CA GLY C 490 35.14 -15.02 60.87
C GLY C 490 34.67 -13.58 60.97
N GLY C 491 33.48 -13.41 61.56
CA GLY C 491 32.98 -12.09 61.86
C GLY C 491 32.52 -11.33 60.64
N GLY C 492 32.08 -12.03 59.59
CA GLY C 492 31.41 -11.41 58.46
C GLY C 492 32.21 -11.35 57.17
N ALA C 493 33.35 -12.06 57.13
CA ALA C 493 34.10 -12.34 55.89
C ALA C 493 34.81 -11.10 55.33
N ASP C 494 34.60 -9.91 55.92
CA ASP C 494 35.22 -8.71 55.37
C ASP C 494 35.74 -7.81 56.49
N THR C 495 36.24 -8.42 57.57
CA THR C 495 36.75 -7.67 58.68
C THR C 495 38.09 -7.04 58.32
N THR C 496 38.68 -6.33 59.29
CA THR C 496 39.98 -5.76 59.13
C THR C 496 41.09 -6.81 59.19
N ALA C 497 40.75 -8.09 59.42
CA ALA C 497 41.77 -9.17 59.52
C ALA C 497 41.85 -10.03 58.25
N THR C 498 41.37 -9.52 57.11
CA THR C 498 41.45 -10.26 55.85
C THR C 498 41.76 -9.30 54.69
N ASP C 499 42.67 -9.74 53.80
CA ASP C 499 42.98 -9.04 52.56
C ASP C 499 42.01 -9.42 51.45
N ILE C 500 41.26 -10.52 51.64
CA ILE C 500 40.32 -11.07 50.66
C ILE C 500 38.94 -11.19 51.32
N ILE C 501 37.90 -10.76 50.61
CA ILE C 501 36.53 -11.07 51.02
C ILE C 501 36.30 -12.58 50.84
N CYS C 502 36.20 -13.31 51.96
CA CYS C 502 36.26 -14.77 51.93
C CYS C 502 35.03 -15.41 52.58
N PRO C 503 33.83 -15.15 52.06
CA PRO C 503 32.62 -15.67 52.70
C PRO C 503 32.47 -17.18 52.50
N MET C 504 31.59 -17.76 53.32
CA MET C 504 31.19 -19.16 53.15
C MET C 504 29.70 -19.22 52.86
N TYR C 505 29.36 -19.79 51.71
CA TYR C 505 27.97 -20.04 51.27
C TYR C 505 27.23 -18.74 50.98
N ALA C 506 27.95 -17.66 50.69
CA ALA C 506 27.32 -16.47 50.12
C ALA C 506 26.84 -16.84 48.72
N ARG C 507 25.59 -16.52 48.40
CA ARG C 507 24.98 -16.97 47.14
C ARG C 507 25.29 -15.97 46.02
N VAL C 508 24.98 -16.38 44.79
CA VAL C 508 25.38 -15.65 43.58
C VAL C 508 24.56 -14.35 43.47
N ASP C 509 23.24 -14.47 43.47
CA ASP C 509 22.34 -13.34 43.27
C ASP C 509 21.55 -13.03 44.54
N GLU C 510 21.33 -14.03 45.40
CA GLU C 510 20.40 -13.93 46.53
C GLU C 510 21.13 -13.44 47.79
N ASP C 511 20.62 -12.36 48.38
CA ASP C 511 21.14 -11.87 49.66
C ASP C 511 20.62 -12.72 50.82
N GLN C 512 21.48 -12.98 51.81
CA GLN C 512 21.09 -13.54 53.10
C GLN C 512 21.46 -12.56 54.21
N PRO C 513 20.61 -11.57 54.54
CA PRO C 513 21.01 -10.45 55.39
C PRO C 513 20.90 -10.76 56.89
N PHE C 514 21.62 -11.80 57.33
CA PHE C 514 21.75 -12.09 58.74
C PHE C 514 22.27 -10.87 59.48
N PRO C 515 21.75 -10.57 60.70
CA PRO C 515 22.23 -9.42 61.45
C PRO C 515 23.69 -9.60 61.88
N ALA C 516 24.42 -8.48 61.88
CA ALA C 516 25.84 -8.40 62.21
C ALA C 516 26.73 -9.03 61.12
N VAL C 517 26.39 -10.23 60.65
CA VAL C 517 27.25 -11.00 59.75
C VAL C 517 26.48 -11.44 58.51
N PRO C 518 25.95 -10.49 57.70
CA PRO C 518 25.17 -10.89 56.53
C PRO C 518 26.05 -11.65 55.53
N LYS C 519 25.38 -12.36 54.63
CA LYS C 519 26.02 -12.91 53.44
C LYS C 519 25.36 -12.25 52.22
N TRP C 520 25.98 -11.19 51.71
CA TRP C 520 25.47 -10.54 50.51
C TRP C 520 25.67 -11.44 49.30
N SER C 521 24.85 -11.24 48.27
CA SER C 521 25.20 -11.66 46.92
C SER C 521 26.66 -11.27 46.63
N ILE C 522 27.46 -12.24 46.18
CA ILE C 522 28.86 -11.98 45.89
C ILE C 522 28.99 -10.88 44.83
N LYS C 523 27.99 -10.72 43.96
CA LYS C 523 28.04 -9.72 42.92
C LYS C 523 27.76 -8.36 43.52
N LYS C 524 26.80 -8.29 44.44
CA LYS C 524 26.50 -7.08 45.15
C LYS C 524 27.65 -6.69 46.08
N TRP C 525 28.27 -7.71 46.72
CA TRP C 525 29.27 -7.54 47.76
C TRP C 525 30.43 -6.69 47.25
N LEU C 526 30.90 -6.96 46.03
CA LEU C 526 32.04 -6.25 45.46
C LEU C 526 31.81 -4.75 45.42
N SER C 527 30.57 -4.33 45.14
CA SER C 527 30.25 -2.91 44.83
C SER C 527 29.83 -2.09 46.07
N LEU C 528 29.74 -2.72 47.24
CA LEU C 528 29.37 -1.97 48.45
C LEU C 528 30.36 -0.84 48.64
N PRO C 529 29.89 0.35 49.08
CA PRO C 529 30.73 1.54 49.03
C PRO C 529 31.97 1.38 49.91
N GLY C 530 33.14 1.74 49.36
CA GLY C 530 34.42 1.71 50.05
C GLY C 530 35.17 0.39 49.91
N GLU C 531 34.51 -0.65 49.39
CA GLU C 531 35.07 -2.00 49.31
C GLU C 531 35.87 -2.16 48.01
N THR C 532 37.13 -2.59 48.15
CA THR C 532 38.09 -2.66 47.03
C THR C 532 38.63 -4.06 46.78
N ARG C 533 38.38 -5.00 47.71
CA ARG C 533 39.09 -6.27 47.75
C ARG C 533 38.51 -7.26 46.75
N PRO C 534 39.27 -8.29 46.37
CA PRO C 534 38.72 -9.42 45.63
C PRO C 534 37.80 -10.25 46.53
N LEU C 535 36.97 -11.10 45.91
CA LEU C 535 36.14 -12.03 46.64
C LEU C 535 36.42 -13.45 46.16
N ILE C 536 37.00 -14.25 47.06
CA ILE C 536 37.23 -15.69 46.86
C ILE C 536 36.57 -16.43 48.00
N LEU C 537 35.55 -17.23 47.69
CA LEU C 537 34.77 -17.90 48.72
C LEU C 537 35.65 -18.92 49.44
N CYS C 538 35.76 -18.79 50.77
CA CYS C 538 36.54 -19.73 51.56
C CYS C 538 35.88 -21.11 51.52
N GLN C 539 34.54 -21.14 51.39
CA GLN C 539 33.79 -22.37 51.27
C GLN C 539 32.53 -22.05 50.47
N TYR C 540 32.16 -22.95 49.56
CA TYR C 540 30.92 -22.78 48.79
C TYR C 540 30.55 -24.13 48.18
N ALA C 541 29.27 -24.26 47.82
CA ALA C 541 28.73 -25.49 47.18
C ALA C 541 28.89 -26.68 48.12
N HIS C 542 28.05 -26.73 49.16
CA HIS C 542 28.11 -27.78 50.17
C HIS C 542 27.73 -29.13 49.55
N ALA C 543 28.72 -30.02 49.40
CA ALA C 543 28.56 -31.28 48.65
C ALA C 543 28.06 -32.42 49.55
N MET C 544 26.96 -32.19 50.27
CA MET C 544 26.44 -33.17 51.21
C MET C 544 25.43 -34.07 50.49
N GLY C 545 25.85 -35.29 50.20
CA GLY C 545 24.99 -36.20 49.49
C GLY C 545 24.70 -35.73 48.07
N ASN C 546 23.42 -35.76 47.70
CA ASN C 546 23.00 -35.41 46.37
C ASN C 546 22.96 -33.89 46.29
N SER C 547 24.08 -33.29 45.89
CA SER C 547 24.25 -31.84 46.00
C SER C 547 25.00 -31.29 44.77
N LEU C 548 25.46 -30.05 44.90
CA LEU C 548 26.06 -29.19 43.85
C LEU C 548 25.01 -28.72 42.85
N GLY C 549 23.74 -28.63 43.27
CA GLY C 549 22.75 -28.02 42.46
C GLY C 549 22.98 -26.52 42.43
N GLY C 550 23.15 -25.95 41.22
CA GLY C 550 23.40 -24.54 41.02
C GLY C 550 24.88 -24.17 40.97
N PHE C 551 25.75 -25.18 40.90
CA PHE C 551 27.20 -24.98 40.78
C PHE C 551 27.58 -24.09 39.58
N ALA C 552 26.88 -24.23 38.44
CA ALA C 552 27.22 -23.47 37.23
C ALA C 552 26.93 -21.98 37.42
N LYS C 553 25.92 -21.65 38.22
CA LYS C 553 25.58 -20.24 38.44
C LYS C 553 26.78 -19.48 39.05
N TYR C 554 27.55 -20.15 39.90
CA TYR C 554 28.72 -19.54 40.51
C TYR C 554 29.76 -19.25 39.41
N TRP C 555 30.07 -20.27 38.60
CA TRP C 555 31.17 -20.15 37.65
C TRP C 555 30.82 -19.20 36.51
N GLN C 556 29.54 -19.08 36.17
CA GLN C 556 29.10 -18.04 35.24
C GLN C 556 29.48 -16.67 35.82
N ALA C 557 29.19 -16.46 37.11
CA ALA C 557 29.49 -15.18 37.75
C ALA C 557 31.00 -15.01 37.98
N PHE C 558 31.71 -16.08 38.31
CA PHE C 558 33.18 -16.02 38.43
C PHE C 558 33.80 -15.55 37.12
N ARG C 559 33.28 -16.02 35.98
CA ARG C 559 33.85 -15.65 34.67
C ARG C 559 33.43 -14.23 34.26
N GLN C 560 32.29 -13.74 34.72
CA GLN C 560 31.77 -12.44 34.29
C GLN C 560 32.43 -11.30 35.09
N TYR C 561 32.72 -11.52 36.39
CA TYR C 561 33.21 -10.45 37.26
C TYR C 561 34.71 -10.62 37.48
N PRO C 562 35.54 -9.61 37.14
CA PRO C 562 36.98 -9.73 37.39
C PRO C 562 37.34 -9.98 38.86
N ARG C 563 36.62 -9.35 39.80
CA ARG C 563 37.02 -9.46 41.20
C ARG C 563 36.36 -10.66 41.90
N LEU C 564 35.52 -11.42 41.19
CA LEU C 564 35.13 -12.75 41.67
C LEU C 564 36.18 -13.71 41.14
N GLN C 565 37.11 -14.12 41.98
CA GLN C 565 38.20 -14.98 41.55
C GLN C 565 38.04 -16.40 42.08
N GLY C 566 36.79 -16.88 42.20
CA GLY C 566 36.51 -18.29 42.52
C GLY C 566 36.23 -18.58 44.00
N GLY C 567 36.53 -19.80 44.41
CA GLY C 567 36.35 -20.24 45.77
C GLY C 567 36.76 -21.69 45.97
N PHE C 568 36.65 -22.15 47.21
CA PHE C 568 36.97 -23.51 47.60
C PHE C 568 35.68 -24.27 47.95
N VAL C 569 35.39 -25.35 47.22
CA VAL C 569 34.22 -26.15 47.47
C VAL C 569 34.37 -26.85 48.83
N TRP C 570 33.25 -26.92 49.58
CA TRP C 570 33.15 -27.76 50.77
C TRP C 570 32.38 -29.04 50.44
N ASP C 571 33.07 -30.19 50.37
CA ASP C 571 34.52 -30.30 50.51
C ASP C 571 34.99 -31.54 49.75
N TRP C 572 36.21 -32.01 50.01
CA TRP C 572 36.80 -33.07 49.19
C TRP C 572 36.22 -34.46 49.53
N VAL C 573 36.48 -34.95 50.75
CA VAL C 573 36.18 -36.33 51.13
C VAL C 573 35.07 -36.42 52.17
N ASP C 574 34.16 -37.38 51.97
CA ASP C 574 33.28 -37.88 53.01
C ASP C 574 34.10 -38.31 54.22
N GLN C 575 33.74 -37.83 55.42
CA GLN C 575 34.33 -38.32 56.66
C GLN C 575 33.52 -39.52 57.17
N SER C 576 33.41 -40.55 56.32
CA SER C 576 32.85 -41.82 56.70
C SER C 576 33.93 -42.58 57.48
N LEU C 577 33.50 -43.38 58.46
CA LEU C 577 34.40 -44.33 59.11
C LEU C 577 33.91 -45.75 58.87
N ILE C 578 34.86 -46.67 58.80
CA ILE C 578 34.57 -48.09 58.65
C ILE C 578 34.28 -48.71 60.02
N LYS C 579 33.10 -49.31 60.13
CA LYS C 579 32.75 -50.19 61.21
C LYS C 579 32.60 -51.61 60.67
N TYR C 580 32.53 -52.55 61.59
CA TYR C 580 32.31 -53.95 61.27
C TYR C 580 31.06 -54.40 62.03
N ASP C 581 30.22 -55.19 61.36
CA ASP C 581 28.99 -55.68 61.95
C ASP C 581 29.32 -56.96 62.73
N GLU C 582 28.27 -57.59 63.29
CA GLU C 582 28.41 -58.74 64.21
C GLU C 582 29.29 -59.83 63.61
N ASN C 583 29.29 -59.98 62.27
CA ASN C 583 30.04 -61.04 61.59
C ASN C 583 31.20 -60.47 60.76
N GLY C 584 31.60 -59.22 61.04
CA GLY C 584 32.87 -58.67 60.51
C GLY C 584 32.78 -58.15 59.09
N ASN C 585 31.57 -57.85 58.60
CA ASN C 585 31.40 -57.20 57.29
C ASN C 585 31.53 -55.69 57.46
N PRO C 586 32.39 -55.01 56.68
CA PRO C 586 32.57 -53.56 56.83
C PRO C 586 31.41 -52.75 56.27
N TRP C 587 31.07 -51.67 56.97
CA TRP C 587 30.11 -50.68 56.50
C TRP C 587 30.58 -49.28 56.90
N SER C 588 30.00 -48.27 56.25
CA SER C 588 30.49 -46.90 56.37
C SER C 588 29.61 -46.14 57.35
N ALA C 589 30.23 -45.63 58.43
CA ALA C 589 29.52 -45.09 59.59
C ALA C 589 29.68 -43.57 59.64
N TYR C 590 28.69 -42.93 60.27
CA TYR C 590 28.72 -41.50 60.46
C TYR C 590 28.36 -41.19 61.93
N GLY C 591 27.91 -39.96 62.18
CA GLY C 591 27.64 -39.48 63.52
C GLY C 591 26.68 -40.35 64.31
N GLY C 592 27.11 -40.80 65.48
CA GLY C 592 26.30 -41.56 66.42
C GLY C 592 26.44 -43.06 66.27
N ASP C 593 27.18 -43.53 65.27
CA ASP C 593 27.35 -44.95 65.00
C ASP C 593 28.38 -45.58 65.92
N PHE C 594 28.89 -44.82 66.92
CA PHE C 594 29.86 -45.34 67.88
C PHE C 594 29.41 -45.09 69.31
N GLY C 595 28.10 -44.88 69.51
CA GLY C 595 27.58 -44.52 70.81
C GLY C 595 27.87 -43.07 71.18
N ASP C 596 28.51 -42.33 70.27
CA ASP C 596 28.87 -40.93 70.49
C ASP C 596 27.61 -40.06 70.46
N THR C 597 27.28 -39.42 71.59
CA THR C 597 26.14 -38.51 71.69
C THR C 597 26.51 -37.39 72.66
N PRO C 598 26.10 -36.14 72.41
CA PRO C 598 25.42 -35.74 71.18
C PRO C 598 26.31 -35.83 69.93
N ASN C 599 25.69 -36.08 68.78
CA ASN C 599 26.36 -36.13 67.50
C ASN C 599 25.52 -35.37 66.48
N ASP C 600 26.12 -35.16 65.30
CA ASP C 600 25.43 -34.47 64.20
C ASP C 600 25.39 -35.41 62.98
N ARG C 601 25.04 -36.67 63.22
CA ARG C 601 24.66 -37.69 62.25
C ARG C 601 25.50 -37.58 60.98
N GLN C 602 24.86 -37.33 59.83
CA GLN C 602 25.48 -37.55 58.53
C GLN C 602 26.22 -36.30 58.07
N PHE C 603 26.21 -35.23 58.87
CA PHE C 603 26.86 -33.96 58.47
C PHE C 603 28.37 -34.09 58.35
N CYS C 604 28.96 -35.19 58.84
CA CYS C 604 30.38 -35.42 58.63
C CYS C 604 30.69 -35.80 57.17
N MET C 605 29.66 -36.09 56.37
CA MET C 605 29.84 -36.51 54.97
C MET C 605 29.39 -35.40 54.02
N ASN C 606 30.37 -34.67 53.45
CA ASN C 606 30.11 -33.55 52.57
C ASN C 606 31.01 -33.59 51.34
N GLY C 607 31.55 -34.74 51.00
CA GLY C 607 32.63 -34.82 50.03
C GLY C 607 32.13 -34.84 48.60
N LEU C 608 33.04 -34.46 47.68
CA LEU C 608 32.87 -34.74 46.28
C LEU C 608 33.22 -36.20 45.98
N VAL C 609 33.98 -36.85 46.86
CA VAL C 609 34.33 -38.25 46.72
C VAL C 609 34.01 -38.98 48.03
N PHE C 610 33.63 -40.25 47.94
CA PHE C 610 33.44 -41.12 49.08
C PHE C 610 34.77 -41.28 49.83
N ALA C 611 34.71 -41.86 51.03
CA ALA C 611 35.89 -42.01 51.88
C ALA C 611 36.95 -42.89 51.20
N ASP C 612 36.53 -43.87 50.39
CA ASP C 612 37.51 -44.69 49.66
C ASP C 612 38.04 -43.95 48.43
N ARG C 613 37.52 -42.76 48.14
CA ARG C 613 37.96 -41.85 47.04
C ARG C 613 37.29 -42.22 45.71
N THR C 614 36.23 -43.02 45.75
CA THR C 614 35.34 -43.15 44.63
C THR C 614 34.59 -41.84 44.44
N PRO C 615 34.42 -41.34 43.21
CA PRO C 615 33.69 -40.10 43.00
C PRO C 615 32.20 -40.24 43.31
N HIS C 616 31.65 -39.19 43.91
CA HIS C 616 30.24 -38.90 43.86
C HIS C 616 29.92 -38.41 42.46
N PRO C 617 28.64 -38.46 42.03
CA PRO C 617 28.25 -37.89 40.74
C PRO C 617 28.71 -36.43 40.55
N ALA C 618 28.58 -35.62 41.62
CA ALA C 618 28.84 -34.18 41.54
C ALA C 618 30.27 -33.87 41.08
N LEU C 619 31.21 -34.82 41.21
CA LEU C 619 32.58 -34.52 40.89
C LEU C 619 32.71 -34.07 39.43
N THR C 620 32.00 -34.73 38.52
CA THR C 620 32.18 -34.44 37.11
C THR C 620 31.51 -33.10 36.77
N GLU C 621 30.47 -32.70 37.51
CA GLU C 621 29.89 -31.37 37.33
C GLU C 621 30.93 -30.29 37.64
N ALA C 622 31.69 -30.48 38.72
CA ALA C 622 32.75 -29.56 39.07
C ALA C 622 33.84 -29.56 37.99
N LYS C 623 34.22 -30.75 37.52
CA LYS C 623 35.23 -30.87 36.50
C LYS C 623 34.82 -30.07 35.25
N HIS C 624 33.54 -30.14 34.89
CA HIS C 624 33.05 -29.47 33.70
C HIS C 624 33.10 -27.95 33.89
N GLN C 625 32.53 -27.44 34.99
CA GLN C 625 32.45 -25.98 35.17
C GLN C 625 33.85 -25.36 35.36
N GLN C 626 34.78 -26.11 35.94
CA GLN C 626 36.12 -25.62 36.24
C GLN C 626 37.11 -25.90 35.10
N GLN C 627 36.63 -26.23 33.90
CA GLN C 627 37.53 -26.61 32.81
C GLN C 627 38.22 -25.36 32.27
N PHE C 628 39.44 -25.56 31.77
CA PHE C 628 40.32 -24.45 31.40
C PHE C 628 40.15 -24.03 29.93
N PHE C 629 39.24 -24.67 29.18
CA PHE C 629 38.95 -24.28 27.80
C PHE C 629 37.45 -24.00 27.69
N GLN C 630 37.11 -22.82 27.16
CA GLN C 630 35.73 -22.41 26.93
C GLN C 630 35.48 -22.39 25.42
N PHE C 631 34.21 -22.63 25.04
CA PHE C 631 33.86 -22.89 23.66
C PHE C 631 32.63 -22.08 23.28
N ARG C 632 32.64 -21.56 22.05
CA ARG C 632 31.43 -20.97 21.44
C ARG C 632 31.34 -21.48 20.00
N LEU C 633 30.11 -21.51 19.49
CA LEU C 633 29.80 -21.97 18.15
C LEU C 633 29.07 -20.89 17.36
N SER C 634 29.55 -20.64 16.15
CA SER C 634 28.86 -19.75 15.19
C SER C 634 28.90 -20.44 13.82
N GLY C 635 27.73 -20.76 13.28
CA GLY C 635 27.64 -21.61 12.10
C GLY C 635 28.30 -22.96 12.31
N GLN C 636 29.43 -23.17 11.61
CA GLN C 636 30.21 -24.40 11.70
C GLN C 636 31.65 -24.07 12.16
N THR C 637 31.82 -22.92 12.82
CA THR C 637 33.11 -22.49 13.38
C THR C 637 33.07 -22.56 14.92
N ILE C 638 34.13 -23.09 15.50
CA ILE C 638 34.28 -23.19 16.96
C ILE C 638 35.41 -22.28 17.41
N GLU C 639 35.09 -21.41 18.37
CA GLU C 639 36.06 -20.58 19.06
C GLU C 639 36.46 -21.26 20.37
N VAL C 640 37.74 -21.58 20.51
CA VAL C 640 38.27 -22.12 21.74
C VAL C 640 39.05 -21.01 22.44
N THR C 641 38.65 -20.73 23.67
CA THR C 641 39.33 -19.76 24.51
C THR C 641 40.06 -20.50 25.63
N SER C 642 41.31 -20.11 25.89
CA SER C 642 42.10 -20.72 26.99
C SER C 642 42.09 -19.83 28.24
N GLU C 643 41.79 -20.44 29.39
CA GLU C 643 41.79 -19.75 30.66
C GLU C 643 43.10 -20.02 31.42
N TYR C 644 44.05 -20.71 30.79
CA TYR C 644 45.37 -20.84 31.37
C TYR C 644 46.07 -19.48 31.34
N LEU C 645 47.00 -19.28 32.28
CA LEU C 645 47.64 -17.98 32.45
C LEU C 645 49.08 -18.00 31.92
N PHE C 646 49.74 -19.16 31.94
CA PHE C 646 51.20 -19.21 31.71
C PHE C 646 51.66 -20.18 30.62
N ARG C 647 50.80 -21.09 30.15
CA ARG C 647 51.26 -22.14 29.25
C ARG C 647 50.39 -22.21 28.00
N HIS C 648 51.02 -22.56 26.87
CA HIS C 648 50.30 -22.91 25.64
C HIS C 648 49.69 -24.30 25.77
N SER C 649 48.69 -24.58 24.93
CA SER C 649 48.06 -25.88 24.89
C SER C 649 48.94 -26.90 24.15
N ASP C 650 50.08 -27.24 24.75
CA ASP C 650 51.09 -28.08 24.10
C ASP C 650 50.95 -29.55 24.53
N ASN C 651 49.75 -29.96 24.97
CA ASN C 651 49.44 -31.36 25.23
C ASN C 651 47.93 -31.51 25.15
N GLU C 652 47.36 -31.09 24.02
CA GLU C 652 45.93 -30.96 23.86
C GLU C 652 45.59 -31.13 22.39
N LEU C 653 44.61 -32.01 22.11
CA LEU C 653 43.97 -32.14 20.80
C LEU C 653 42.49 -31.91 21.00
N LEU C 654 41.83 -31.47 19.93
CA LEU C 654 40.40 -31.31 19.94
C LEU C 654 39.75 -32.40 19.09
N HIS C 655 38.93 -33.24 19.71
CA HIS C 655 38.17 -34.27 19.02
C HIS C 655 36.74 -33.78 18.93
N TRP C 656 36.08 -34.01 17.79
CA TRP C 656 34.72 -33.55 17.55
C TRP C 656 33.91 -34.68 16.92
N MET C 657 32.62 -34.75 17.27
CA MET C 657 31.74 -35.82 16.81
C MET C 657 30.35 -35.23 16.60
N VAL C 658 29.80 -35.50 15.42
CA VAL C 658 28.42 -35.16 15.10
C VAL C 658 27.62 -36.45 15.10
N ALA C 659 26.39 -36.40 15.62
CA ALA C 659 25.59 -37.61 15.73
C ALA C 659 24.11 -37.25 15.67
N LEU C 660 23.31 -38.16 15.13
CA LEU C 660 21.86 -38.01 15.02
C LEU C 660 21.23 -38.92 16.07
N ASP C 661 20.61 -38.32 17.09
CA ASP C 661 20.01 -39.01 18.23
C ASP C 661 20.79 -40.29 18.57
N GLY C 662 22.10 -40.15 18.79
CA GLY C 662 22.94 -41.23 19.27
C GLY C 662 23.82 -41.81 18.18
N LYS C 663 23.33 -41.82 16.95
CA LYS C 663 24.02 -42.55 15.87
C LYS C 663 25.13 -41.67 15.30
N PRO C 664 26.41 -42.07 15.41
CA PRO C 664 27.51 -41.26 14.88
C PRO C 664 27.46 -41.16 13.35
N LEU C 665 27.82 -39.98 12.83
CA LEU C 665 27.87 -39.71 11.38
C LEU C 665 29.26 -39.26 10.94
N ALA C 666 29.84 -38.29 11.67
CA ALA C 666 31.14 -37.72 11.32
C ALA C 666 31.97 -37.50 12.60
N SER C 667 33.27 -37.73 12.48
CA SER C 667 34.23 -37.58 13.56
C SER C 667 35.42 -36.79 13.01
N GLY C 668 36.53 -36.75 13.73
CA GLY C 668 37.70 -36.01 13.32
C GLY C 668 38.36 -35.30 14.49
N GLU C 669 39.66 -35.03 14.35
CA GLU C 669 40.44 -34.39 15.39
C GLU C 669 41.34 -33.32 14.78
N VAL C 670 41.57 -32.27 15.57
CA VAL C 670 42.28 -31.06 15.16
C VAL C 670 43.33 -30.73 16.21
N PRO C 671 44.56 -30.32 15.84
CA PRO C 671 45.55 -29.89 16.82
C PRO C 671 45.04 -28.66 17.57
N LEU C 672 45.37 -28.56 18.85
CA LEU C 672 45.04 -27.39 19.65
C LEU C 672 46.32 -26.63 19.98
N ASP C 673 46.35 -25.37 19.56
CA ASP C 673 47.46 -24.46 19.81
C ASP C 673 46.87 -23.10 20.18
N VAL C 674 46.53 -22.92 21.46
CA VAL C 674 46.06 -21.64 22.00
C VAL C 674 47.07 -21.13 23.03
N ALA C 675 47.42 -19.85 22.88
CA ALA C 675 48.27 -19.17 23.83
C ALA C 675 47.47 -18.95 25.12
N PRO C 676 48.15 -18.76 26.26
CA PRO C 676 47.45 -18.46 27.51
C PRO C 676 46.56 -17.22 27.34
N GLN C 677 45.28 -17.38 27.69
CA GLN C 677 44.25 -16.33 27.55
C GLN C 677 43.97 -16.03 26.08
N GLY C 678 44.50 -16.84 25.16
CA GLY C 678 44.28 -16.66 23.74
C GLY C 678 43.05 -17.40 23.24
N LYS C 679 42.84 -17.32 21.91
CA LYS C 679 41.73 -17.93 21.21
C LYS C 679 42.28 -18.68 19.99
N GLN C 680 41.53 -19.68 19.55
CA GLN C 680 41.83 -20.39 18.30
C GLN C 680 40.52 -20.72 17.61
N LEU C 681 40.46 -20.44 16.31
CA LEU C 681 39.27 -20.68 15.54
C LEU C 681 39.46 -21.96 14.72
N ILE C 682 38.43 -22.81 14.77
CA ILE C 682 38.41 -24.08 14.06
C ILE C 682 37.13 -24.14 13.23
N GLU C 683 37.30 -24.24 11.90
CA GLU C 683 36.16 -24.45 11.03
C GLU C 683 36.01 -25.96 10.82
N LEU C 684 34.79 -26.47 11.04
CA LEU C 684 34.48 -27.86 10.78
C LEU C 684 34.22 -28.05 9.28
N PRO C 685 34.69 -29.15 8.67
CA PRO C 685 34.37 -29.43 7.28
C PRO C 685 32.86 -29.53 7.08
N GLU C 686 32.41 -29.40 5.82
CA GLU C 686 31.00 -29.57 5.48
C GLU C 686 30.52 -30.91 6.07
N LEU C 687 29.53 -30.83 6.97
CA LEU C 687 29.08 -31.98 7.75
C LEU C 687 27.98 -32.70 6.99
N PRO C 688 27.69 -33.97 7.33
CA PRO C 688 26.62 -34.72 6.67
C PRO C 688 25.26 -34.04 6.89
N GLN C 689 24.35 -34.21 5.93
CA GLN C 689 23.08 -33.50 5.93
C GLN C 689 21.96 -34.47 5.60
N PRO C 690 21.64 -35.41 6.52
CA PRO C 690 20.65 -36.45 6.22
C PRO C 690 19.22 -35.91 6.31
N GLU C 691 18.30 -36.58 5.61
CA GLU C 691 16.89 -36.23 5.63
C GLU C 691 16.20 -36.90 6.82
N SER C 692 16.82 -37.94 7.40
CA SER C 692 16.28 -38.70 8.55
C SER C 692 15.77 -37.75 9.63
N ALA C 693 14.67 -38.11 10.28
CA ALA C 693 14.13 -37.29 11.37
C ALA C 693 15.10 -37.27 12.55
N GLY C 694 14.91 -36.29 13.44
CA GLY C 694 15.64 -36.22 14.70
C GLY C 694 16.47 -34.95 14.81
N GLN C 695 17.37 -34.94 15.80
CA GLN C 695 18.22 -33.80 16.12
C GLN C 695 19.69 -34.16 15.97
N LEU C 696 20.44 -33.30 15.27
CA LEU C 696 21.89 -33.44 15.15
C LEU C 696 22.57 -32.75 16.32
N TRP C 697 23.62 -33.37 16.86
CA TRP C 697 24.31 -32.93 18.03
C TRP C 697 25.80 -32.86 17.75
N LEU C 698 26.40 -31.71 18.06
CA LEU C 698 27.85 -31.54 18.01
C LEU C 698 28.40 -31.70 19.43
N THR C 699 29.44 -32.53 19.55
CA THR C 699 30.11 -32.78 20.80
C THR C 699 31.61 -32.64 20.57
N VAL C 700 32.28 -31.85 21.40
CA VAL C 700 33.71 -31.64 21.25
C VAL C 700 34.36 -31.99 22.58
N ARG C 701 35.58 -32.53 22.52
CA ARG C 701 36.32 -33.01 23.67
C ARG C 701 37.78 -32.54 23.51
N VAL C 702 38.36 -32.09 24.62
CA VAL C 702 39.79 -31.82 24.65
C VAL C 702 40.45 -33.06 25.23
N VAL C 703 41.53 -33.53 24.59
CA VAL C 703 42.16 -34.76 24.99
C VAL C 703 43.67 -34.53 25.01
N GLN C 704 44.31 -35.01 26.09
CA GLN C 704 45.73 -34.86 26.29
C GLN C 704 46.41 -36.13 25.77
N PRO C 705 47.13 -36.05 24.63
CA PRO C 705 47.72 -37.26 24.05
C PRO C 705 48.75 -37.94 24.95
N ASN C 706 49.55 -37.14 25.68
CA ASN C 706 50.66 -37.68 26.45
C ASN C 706 50.33 -37.68 27.95
N ALA C 707 50.93 -38.65 28.65
CA ALA C 707 50.82 -38.72 30.08
C ALA C 707 51.55 -37.51 30.70
N THR C 708 51.11 -37.15 31.91
CA THR C 708 51.72 -36.14 32.75
C THR C 708 52.25 -36.82 34.02
N ALA C 709 52.69 -36.01 34.99
CA ALA C 709 52.96 -36.52 36.32
C ALA C 709 51.65 -36.80 37.07
N TRP C 710 50.52 -36.32 36.54
CA TRP C 710 49.22 -36.40 37.22
C TRP C 710 48.13 -37.03 36.35
N SER C 711 48.42 -37.39 35.10
CA SER C 711 47.40 -37.85 34.16
C SER C 711 47.94 -38.97 33.27
N GLU C 712 47.03 -39.83 32.83
CA GLU C 712 47.33 -40.86 31.82
C GLU C 712 47.10 -40.28 30.43
N ALA C 713 47.75 -40.91 29.43
CA ALA C 713 47.51 -40.61 28.04
C ALA C 713 46.04 -40.85 27.70
N GLY C 714 45.44 -39.89 26.98
CA GLY C 714 44.03 -39.98 26.62
C GLY C 714 43.12 -39.23 27.57
N HIS C 715 43.68 -38.59 28.59
CA HIS C 715 42.90 -37.88 29.60
C HIS C 715 42.05 -36.78 28.96
N ILE C 716 40.79 -36.68 29.38
CA ILE C 716 39.85 -35.67 28.91
C ILE C 716 39.74 -34.52 29.91
N SER C 717 39.96 -33.28 29.44
CA SER C 717 40.07 -32.12 30.34
C SER C 717 38.89 -31.16 30.19
N ALA C 718 38.17 -31.21 29.08
CA ALA C 718 37.03 -30.32 28.85
C ALA C 718 36.15 -30.86 27.72
N TRP C 719 34.93 -30.33 27.64
CA TRP C 719 34.01 -30.74 26.62
C TRP C 719 32.85 -29.75 26.55
N GLN C 720 32.12 -29.82 25.45
CA GLN C 720 30.96 -28.99 25.22
C GLN C 720 30.09 -29.61 24.12
N GLN C 721 28.79 -29.32 24.18
CA GLN C 721 27.83 -29.93 23.29
C GLN C 721 26.85 -28.86 22.79
N TRP C 722 26.52 -28.94 21.49
CA TRP C 722 25.53 -28.06 20.88
C TRP C 722 24.53 -28.87 20.06
N ARG C 723 23.27 -28.42 20.07
CA ARG C 723 22.28 -28.81 19.09
C ARG C 723 22.62 -28.13 17.74
N LEU C 724 22.92 -28.92 16.72
CA LEU C 724 23.01 -28.41 15.35
C LEU C 724 21.59 -28.45 14.76
N ALA C 725 21.47 -28.87 13.50
CA ALA C 725 20.20 -28.86 12.79
C ALA C 725 19.25 -29.94 13.32
N GLU C 726 17.95 -29.70 13.17
CA GLU C 726 16.92 -30.68 13.50
C GLU C 726 15.95 -30.86 12.33
N ASN C 727 15.38 -32.07 12.22
CA ASN C 727 14.34 -32.39 11.25
C ASN C 727 13.19 -33.07 11.98
N LEU C 728 12.10 -32.34 12.18
CA LEU C 728 10.92 -32.91 12.81
C LEU C 728 10.32 -33.98 11.89
N SER C 729 9.98 -35.13 12.47
CA SER C 729 9.36 -36.22 11.73
C SER C 729 7.93 -35.83 11.35
N VAL C 730 7.58 -35.98 10.07
CA VAL C 730 6.25 -35.61 9.55
C VAL C 730 5.46 -36.86 9.16
N THR C 731 6.12 -38.01 9.07
CA THR C 731 5.49 -39.24 8.61
C THR C 731 4.58 -39.79 9.71
N LEU C 732 3.40 -40.30 9.33
CA LEU C 732 2.63 -41.16 10.22
C LEU C 732 3.17 -42.58 10.09
N PRO C 733 3.43 -43.29 11.20
CA PRO C 733 3.77 -44.71 11.14
C PRO C 733 2.70 -45.52 10.38
N ALA C 734 3.15 -46.51 9.59
CA ALA C 734 2.28 -47.22 8.66
C ALA C 734 1.13 -47.89 9.42
N ALA C 735 -0.10 -47.67 8.96
CA ALA C 735 -1.28 -48.33 9.54
C ALA C 735 -1.10 -49.85 9.41
N SER C 736 -1.40 -50.58 10.49
CA SER C 736 -1.30 -52.04 10.54
C SER C 736 -2.68 -52.62 10.85
N HIS C 737 -2.90 -53.85 10.38
CA HIS C 737 -4.25 -54.39 10.22
C HIS C 737 -4.67 -55.23 11.43
N ALA C 738 -4.82 -54.56 12.58
CA ALA C 738 -5.40 -55.16 13.78
C ALA C 738 -5.95 -54.07 14.68
N ILE C 739 -7.07 -54.38 15.35
CA ILE C 739 -7.69 -53.49 16.30
C ILE C 739 -7.67 -54.17 17.66
N PRO C 740 -7.21 -53.49 18.74
CA PRO C 740 -7.29 -54.08 20.08
C PRO C 740 -8.73 -54.13 20.60
N HIS C 741 -9.01 -55.18 21.39
CA HIS C 741 -10.34 -55.53 21.85
C HIS C 741 -10.50 -55.15 23.33
N LEU C 742 -11.63 -54.53 23.68
CA LEU C 742 -11.90 -54.13 25.06
C LEU C 742 -12.95 -55.06 25.68
N THR C 743 -12.61 -55.61 26.85
CA THR C 743 -13.47 -56.46 27.64
C THR C 743 -13.82 -55.76 28.95
N THR C 744 -15.11 -55.58 29.20
CA THR C 744 -15.57 -54.81 30.35
C THR C 744 -16.11 -55.72 31.45
N SER C 745 -15.47 -55.67 32.61
CA SER C 745 -15.94 -56.32 33.84
C SER C 745 -16.60 -55.28 34.74
N GLU C 746 -17.16 -55.74 35.87
CA GLU C 746 -17.62 -54.85 36.92
C GLU C 746 -16.40 -54.21 37.60
N MET C 747 -15.27 -54.94 37.61
CA MET C 747 -14.07 -54.53 38.33
C MET C 747 -13.00 -53.98 37.36
N ASP C 748 -12.97 -54.46 36.12
CA ASP C 748 -11.81 -54.26 35.23
C ASP C 748 -12.21 -53.78 33.84
N PHE C 749 -11.32 -53.00 33.22
CA PHE C 749 -11.24 -52.81 31.78
C PHE C 749 -9.98 -53.51 31.28
N CYS C 750 -10.14 -54.52 30.42
CA CYS C 750 -8.99 -55.28 29.93
C CYS C 750 -8.93 -55.18 28.40
N ILE C 751 -7.70 -55.21 27.86
CA ILE C 751 -7.41 -54.94 26.46
C ILE C 751 -6.48 -56.03 25.93
N GLU C 752 -6.75 -56.53 24.73
CA GLU C 752 -5.96 -57.61 24.14
C GLU C 752 -5.52 -57.20 22.73
N LEU C 753 -4.33 -57.66 22.33
CA LEU C 753 -3.87 -57.60 20.96
C LEU C 753 -2.61 -58.46 20.82
N GLY C 754 -2.69 -59.55 20.06
CA GLY C 754 -1.54 -60.43 19.85
C GLY C 754 -1.19 -61.17 21.13
N ASN C 755 0.06 -61.06 21.57
CA ASN C 755 0.50 -61.70 22.80
C ASN C 755 0.23 -60.82 24.03
N LYS C 756 -0.22 -59.57 23.83
CA LYS C 756 -0.21 -58.56 24.89
C LYS C 756 -1.62 -58.30 25.42
N ARG C 757 -1.70 -58.05 26.73
CA ARG C 757 -2.94 -57.68 27.41
C ARG C 757 -2.64 -56.61 28.48
N TRP C 758 -3.62 -55.72 28.69
CA TRP C 758 -3.52 -54.60 29.63
C TRP C 758 -4.75 -54.62 30.53
N GLN C 759 -4.55 -54.57 31.85
CA GLN C 759 -5.67 -54.54 32.77
C GLN C 759 -5.69 -53.22 33.54
N PHE C 760 -6.87 -52.59 33.58
CA PHE C 760 -7.11 -51.35 34.30
C PHE C 760 -8.13 -51.61 35.41
N ASN C 761 -7.67 -51.57 36.67
CA ASN C 761 -8.55 -51.69 37.83
C ASN C 761 -9.47 -50.44 37.89
N ARG C 762 -10.78 -50.67 37.88
CA ARG C 762 -11.76 -49.61 37.78
C ARG C 762 -12.12 -49.01 39.14
N GLN C 763 -11.71 -49.65 40.24
CA GLN C 763 -11.96 -49.11 41.58
C GLN C 763 -10.77 -48.25 42.02
N SER C 764 -9.57 -48.73 41.66
CA SER C 764 -8.31 -48.00 41.81
C SER C 764 -8.21 -46.86 40.78
N GLY C 765 -8.38 -47.21 39.50
CA GLY C 765 -8.22 -46.26 38.40
C GLY C 765 -6.84 -46.27 37.78
N PHE C 766 -6.06 -47.31 38.03
CA PHE C 766 -4.70 -47.40 37.56
C PHE C 766 -4.52 -48.68 36.75
N LEU C 767 -3.54 -48.66 35.85
CA LEU C 767 -3.14 -49.85 35.12
C LEU C 767 -2.50 -50.80 36.12
N SER C 768 -3.23 -51.85 36.51
CA SER C 768 -2.78 -52.75 37.56
C SER C 768 -1.95 -53.92 37.03
N GLN C 769 -2.05 -54.28 35.74
CA GLN C 769 -1.24 -55.37 35.22
C GLN C 769 -1.17 -55.28 33.70
N MET C 770 -0.09 -55.85 33.15
CA MET C 770 0.12 -56.05 31.73
C MET C 770 0.78 -57.42 31.51
N TRP C 771 0.43 -58.06 30.39
CA TRP C 771 0.88 -59.41 30.07
C TRP C 771 1.68 -59.42 28.76
N ILE C 772 2.60 -60.38 28.66
CA ILE C 772 3.22 -60.77 27.39
C ILE C 772 3.38 -62.31 27.41
N GLY C 773 2.41 -63.01 26.82
CA GLY C 773 2.27 -64.45 26.98
C GLY C 773 1.62 -64.79 28.30
N ASP C 774 2.13 -65.80 29.01
CA ASP C 774 1.69 -66.12 30.35
C ASP C 774 2.36 -65.19 31.40
N LYS C 775 3.44 -64.50 31.01
CA LYS C 775 4.30 -63.74 31.94
C LYS C 775 3.70 -62.38 32.25
N LYS C 776 3.22 -62.20 33.49
CA LYS C 776 2.79 -60.89 34.00
C LYS C 776 4.01 -59.98 34.21
N GLN C 777 3.78 -58.65 34.21
CA GLN C 777 4.88 -57.68 34.09
C GLN C 777 4.93 -56.66 35.24
N LEU C 778 3.84 -56.51 36.01
CA LEU C 778 3.77 -55.53 37.11
C LEU C 778 3.59 -56.23 38.46
N LEU C 779 4.36 -55.77 39.45
CA LEU C 779 4.15 -56.16 40.84
C LEU C 779 3.41 -55.05 41.60
N THR C 780 3.49 -53.81 41.09
CA THR C 780 2.76 -52.69 41.61
C THR C 780 2.10 -51.97 40.44
N PRO C 781 0.85 -51.47 40.61
CA PRO C 781 0.22 -50.66 39.57
C PRO C 781 1.06 -49.43 39.19
N LEU C 782 0.77 -48.86 38.01
CA LEU C 782 1.34 -47.60 37.57
C LEU C 782 0.55 -46.46 38.21
N ARG C 783 1.17 -45.79 39.18
CA ARG C 783 0.50 -44.75 39.97
C ARG C 783 1.31 -43.44 39.88
N ASP C 784 0.64 -42.32 40.16
CA ASP C 784 1.30 -41.03 40.18
C ASP C 784 2.25 -40.97 41.37
N GLN C 785 3.28 -40.13 41.25
CA GLN C 785 4.18 -39.82 42.36
C GLN C 785 4.45 -38.31 42.38
N PHE C 786 4.30 -37.70 43.56
CA PHE C 786 4.56 -36.27 43.75
C PHE C 786 5.61 -36.01 44.83
N THR C 787 6.37 -37.04 45.21
CA THR C 787 7.30 -36.96 46.34
C THR C 787 8.56 -37.73 46.01
N ARG C 788 9.62 -37.44 46.76
CA ARG C 788 10.87 -38.20 46.64
C ARG C 788 11.37 -38.55 48.04
N ALA C 789 12.20 -39.58 48.11
CA ALA C 789 12.94 -39.88 49.32
C ALA C 789 13.91 -38.72 49.59
N PRO C 790 13.67 -37.91 50.64
CA PRO C 790 14.32 -36.61 50.76
C PRO C 790 15.85 -36.69 50.81
N LEU C 791 16.49 -35.76 50.09
CA LEU C 791 17.91 -35.62 50.07
C LEU C 791 18.34 -34.90 51.34
N ASP C 792 19.64 -34.97 51.64
CA ASP C 792 20.23 -34.21 52.74
C ASP C 792 19.85 -32.74 52.64
N ASN C 793 19.83 -32.17 51.44
CA ASN C 793 19.47 -30.77 51.22
C ASN C 793 17.97 -30.52 51.48
N ASP C 794 17.14 -31.54 51.29
CA ASP C 794 15.72 -31.41 51.63
C ASP C 794 15.54 -31.41 53.15
N ILE C 795 16.33 -32.24 53.84
CA ILE C 795 16.18 -32.43 55.28
C ILE C 795 16.77 -31.24 56.03
N GLY C 796 17.99 -30.84 55.67
CA GLY C 796 18.68 -29.77 56.39
C GLY C 796 19.05 -30.26 57.79
N VAL C 797 18.71 -29.46 58.81
CA VAL C 797 19.03 -29.80 60.20
C VAL C 797 17.80 -30.32 60.95
N SER C 798 16.70 -30.59 60.22
CA SER C 798 15.50 -31.10 60.86
C SER C 798 15.75 -32.49 61.43
N GLU C 799 15.29 -32.69 62.67
CA GLU C 799 15.24 -34.00 63.34
C GLU C 799 13.84 -34.19 63.93
N ALA C 800 13.51 -35.43 64.32
CA ALA C 800 12.30 -35.68 65.10
C ALA C 800 12.37 -34.93 66.45
N THR C 801 13.57 -34.84 67.05
CA THR C 801 13.81 -34.06 68.26
C THR C 801 13.37 -32.60 68.07
N ARG C 802 14.06 -31.90 67.16
CA ARG C 802 13.84 -30.48 66.89
C ARG C 802 13.51 -30.33 65.40
N ILE C 803 12.21 -30.22 65.10
CA ILE C 803 11.75 -30.03 63.73
C ILE C 803 12.15 -28.63 63.29
N ASP C 804 12.67 -28.54 62.05
CA ASP C 804 12.88 -27.24 61.38
C ASP C 804 11.77 -27.05 60.37
N PRO C 805 10.72 -26.27 60.67
CA PRO C 805 9.53 -26.26 59.81
C PRO C 805 9.82 -25.67 58.42
N ASN C 806 10.94 -24.95 58.27
CA ASN C 806 11.25 -24.27 57.02
C ASN C 806 11.91 -25.18 55.99
N ALA C 807 12.46 -26.31 56.41
CA ALA C 807 13.10 -27.24 55.48
C ALA C 807 12.06 -27.87 54.57
N TRP C 808 12.49 -28.31 53.38
CA TRP C 808 11.59 -28.79 52.33
C TRP C 808 10.84 -30.05 52.79
N VAL C 809 11.56 -30.95 53.46
CA VAL C 809 10.96 -32.22 53.86
C VAL C 809 9.82 -31.96 54.87
N GLU C 810 9.91 -30.89 55.64
CA GLU C 810 8.93 -30.64 56.71
C GLU C 810 7.73 -29.90 56.14
N ARG C 811 7.94 -29.09 55.09
CA ARG C 811 6.85 -28.44 54.42
C ARG C 811 6.01 -29.48 53.69
N TRP C 812 6.69 -30.47 53.08
CA TRP C 812 6.02 -31.55 52.41
C TRP C 812 5.22 -32.38 53.41
N LYS C 813 5.88 -32.78 54.50
CA LYS C 813 5.25 -33.62 55.51
C LYS C 813 4.02 -32.91 56.08
N ALA C 814 4.16 -31.63 56.45
CA ALA C 814 3.07 -30.89 57.06
C ALA C 814 1.86 -30.84 56.12
N ALA C 815 2.10 -30.72 54.81
CA ALA C 815 1.02 -30.55 53.84
C ALA C 815 0.40 -31.89 53.43
N GLY C 816 0.96 -33.00 53.91
CA GLY C 816 0.41 -34.30 53.65
C GLY C 816 0.85 -34.91 52.31
N HIS C 817 1.93 -34.37 51.72
CA HIS C 817 2.41 -34.91 50.47
C HIS C 817 2.71 -36.40 50.60
N TYR C 818 3.16 -36.83 51.78
CA TYR C 818 3.66 -38.20 51.94
C TYR C 818 2.55 -39.18 52.32
N GLN C 819 1.43 -38.67 52.85
CA GLN C 819 0.33 -39.49 53.30
C GLN C 819 -0.95 -39.19 52.51
N ALA C 820 -0.82 -38.54 51.34
CA ALA C 820 -1.98 -38.29 50.47
C ALA C 820 -2.36 -39.59 49.77
N GLU C 821 -3.67 -39.88 49.77
CA GLU C 821 -4.23 -41.09 49.18
C GLU C 821 -5.06 -40.66 47.97
N ALA C 822 -4.87 -41.38 46.86
CA ALA C 822 -5.58 -41.09 45.61
C ALA C 822 -7.06 -41.43 45.76
N ALA C 823 -7.92 -40.47 45.43
CA ALA C 823 -9.37 -40.66 45.41
C ALA C 823 -9.85 -40.53 43.96
N LEU C 824 -10.26 -41.65 43.36
CA LEU C 824 -10.64 -41.67 41.95
C LEU C 824 -11.90 -40.84 41.73
N LEU C 825 -11.90 -40.03 40.66
CA LEU C 825 -13.03 -39.18 40.29
C LEU C 825 -13.75 -39.70 39.05
N GLN C 826 -13.05 -40.45 38.18
CA GLN C 826 -13.62 -40.89 36.92
C GLN C 826 -12.73 -41.96 36.31
N CYS C 827 -13.35 -43.04 35.79
CA CYS C 827 -12.66 -44.08 35.04
C CYS C 827 -13.61 -44.64 33.96
N THR C 828 -13.33 -44.31 32.70
CA THR C 828 -14.19 -44.67 31.56
C THR C 828 -13.35 -45.35 30.47
N ALA C 829 -14.02 -46.20 29.69
CA ALA C 829 -13.44 -46.82 28.52
C ALA C 829 -14.22 -46.37 27.28
N ASP C 830 -13.58 -46.52 26.11
CA ASP C 830 -14.18 -46.13 24.84
C ASP C 830 -13.48 -46.90 23.73
N THR C 831 -14.26 -47.54 22.86
CA THR C 831 -13.72 -48.28 21.72
C THR C 831 -13.75 -47.37 20.50
N LEU C 832 -12.60 -47.21 19.85
CA LEU C 832 -12.43 -46.34 18.68
C LEU C 832 -11.89 -47.15 17.51
N ALA C 833 -11.99 -46.60 16.30
CA ALA C 833 -11.71 -47.33 15.08
C ALA C 833 -10.27 -47.85 15.05
N ASP C 834 -9.33 -47.08 15.62
CA ASP C 834 -7.91 -47.43 15.56
C ASP C 834 -7.43 -48.05 16.87
N ALA C 835 -8.14 -47.78 17.99
CA ALA C 835 -7.56 -48.01 19.31
C ALA C 835 -8.65 -48.06 20.39
N VAL C 836 -8.22 -48.41 21.60
CA VAL C 836 -8.99 -48.31 22.83
C VAL C 836 -8.41 -47.17 23.67
N LEU C 837 -9.29 -46.41 24.32
CA LEU C 837 -8.89 -45.21 25.03
C LEU C 837 -9.54 -45.20 26.42
N ILE C 838 -8.69 -45.24 27.45
CA ILE C 838 -9.10 -45.18 28.85
C ILE C 838 -8.78 -43.78 29.39
N THR C 839 -9.77 -43.15 30.02
CA THR C 839 -9.65 -41.85 30.61
C THR C 839 -9.77 -42.00 32.12
N THR C 840 -8.94 -41.27 32.89
CA THR C 840 -8.96 -41.34 34.36
C THR C 840 -8.77 -39.94 34.94
N ALA C 841 -9.15 -39.80 36.21
CA ALA C 841 -9.03 -38.54 36.92
C ALA C 841 -8.99 -38.82 38.42
N HIS C 842 -7.85 -38.52 39.06
CA HIS C 842 -7.64 -38.72 40.49
C HIS C 842 -7.42 -37.38 41.19
N ALA C 843 -7.89 -37.30 42.44
CA ALA C 843 -7.57 -36.21 43.34
C ALA C 843 -6.79 -36.76 44.53
N TRP C 844 -5.72 -36.07 44.92
CA TRP C 844 -4.99 -36.38 46.15
C TRP C 844 -5.34 -35.37 47.22
N GLN C 845 -5.78 -35.84 48.39
CA GLN C 845 -6.28 -34.97 49.43
C GLN C 845 -5.59 -35.29 50.76
N HIS C 846 -5.77 -34.38 51.71
CA HIS C 846 -5.26 -34.50 53.05
C HIS C 846 -6.04 -33.51 53.92
N GLN C 847 -6.78 -34.05 54.89
CA GLN C 847 -7.59 -33.25 55.82
C GLN C 847 -8.53 -32.34 55.04
N GLY C 848 -9.13 -32.88 53.97
CA GLY C 848 -10.21 -32.23 53.23
C GLY C 848 -9.76 -31.33 52.09
N LYS C 849 -8.46 -31.02 51.99
CA LYS C 849 -7.98 -30.12 50.96
C LYS C 849 -7.27 -30.91 49.86
N THR C 850 -7.55 -30.53 48.60
CA THR C 850 -6.99 -31.20 47.45
C THR C 850 -5.61 -30.61 47.11
N LEU C 851 -4.62 -31.50 47.02
CA LEU C 851 -3.25 -31.13 46.70
C LEU C 851 -3.05 -31.19 45.19
N PHE C 852 -3.38 -32.34 44.60
CA PHE C 852 -3.14 -32.60 43.19
C PHE C 852 -4.40 -33.19 42.55
N ILE C 853 -4.58 -32.88 41.26
CA ILE C 853 -5.52 -33.55 40.38
C ILE C 853 -4.72 -34.06 39.20
N SER C 854 -5.04 -35.27 38.74
CA SER C 854 -4.29 -35.89 37.68
C SER C 854 -5.26 -36.53 36.68
N ARG C 855 -5.37 -35.93 35.50
CA ARG C 855 -6.21 -36.41 34.41
C ARG C 855 -5.33 -37.07 33.35
N LYS C 856 -5.64 -38.32 33.00
CA LYS C 856 -4.83 -39.05 32.06
C LYS C 856 -5.69 -39.66 30.95
N THR C 857 -5.01 -40.08 29.88
CA THR C 857 -5.58 -40.86 28.81
C THR C 857 -4.56 -41.91 28.41
N TYR C 858 -5.03 -43.17 28.31
CA TYR C 858 -4.21 -44.26 27.80
C TYR C 858 -4.78 -44.65 26.44
N ARG C 859 -3.95 -44.57 25.38
CA ARG C 859 -4.37 -44.91 24.04
C ARG C 859 -3.55 -46.10 23.58
N ILE C 860 -4.19 -47.27 23.52
CA ILE C 860 -3.57 -48.51 23.05
C ILE C 860 -4.06 -48.75 21.62
N ASP C 861 -3.11 -48.84 20.69
CA ASP C 861 -3.40 -48.86 19.27
C ASP C 861 -2.91 -50.18 18.65
N GLY C 862 -3.22 -50.35 17.37
CA GLY C 862 -3.07 -51.61 16.66
C GLY C 862 -1.65 -52.11 16.56
N SER C 863 -0.67 -51.21 16.71
CA SER C 863 0.75 -51.64 16.64
C SER C 863 1.28 -52.00 18.03
N GLY C 864 0.44 -51.90 19.06
CA GLY C 864 0.78 -52.43 20.39
C GLY C 864 1.54 -51.43 21.25
N GLN C 865 1.22 -50.15 21.13
CA GLN C 865 1.91 -49.07 21.87
C GLN C 865 0.86 -48.27 22.66
N MET C 866 1.20 -47.94 23.92
CA MET C 866 0.30 -47.29 24.84
C MET C 866 0.74 -45.83 25.05
N ALA C 867 -0.06 -44.89 24.55
CA ALA C 867 0.19 -43.48 24.68
C ALA C 867 -0.49 -42.95 25.95
N ILE C 868 0.33 -42.53 26.92
CA ILE C 868 -0.17 -42.00 28.17
C ILE C 868 0.07 -40.49 28.21
N THR C 869 -1.00 -39.73 28.45
CA THR C 869 -0.97 -38.28 28.52
C THR C 869 -1.49 -37.87 29.90
N VAL C 870 -0.73 -37.00 30.58
CA VAL C 870 -1.00 -36.63 31.97
C VAL C 870 -1.11 -35.11 32.08
N ASP C 871 -2.10 -34.63 32.85
CA ASP C 871 -2.41 -33.23 32.97
C ASP C 871 -2.74 -32.93 34.44
N VAL C 872 -1.72 -32.45 35.17
CA VAL C 872 -1.75 -32.31 36.63
C VAL C 872 -2.07 -30.87 37.01
N GLU C 873 -2.99 -30.70 37.94
CA GLU C 873 -3.16 -29.43 38.65
C GLU C 873 -2.45 -29.53 40.00
N VAL C 874 -1.75 -28.45 40.39
CA VAL C 874 -1.09 -28.33 41.66
C VAL C 874 -1.62 -27.07 42.34
N ALA C 875 -2.15 -27.24 43.55
CA ALA C 875 -2.70 -26.11 44.27
C ALA C 875 -1.58 -25.08 44.48
N SER C 876 -1.92 -23.81 44.30
CA SER C 876 -0.92 -22.73 44.34
C SER C 876 -0.34 -22.58 45.75
N ASP C 877 -1.09 -23.00 46.79
CA ASP C 877 -0.74 -22.73 48.18
C ASP C 877 -0.16 -23.95 48.89
N THR C 878 -0.11 -25.11 48.23
CA THR C 878 0.67 -26.21 48.80
C THR C 878 2.14 -25.96 48.49
N PRO C 879 3.07 -26.40 49.36
CA PRO C 879 4.48 -26.44 49.00
C PRO C 879 4.71 -27.11 47.63
N HIS C 880 5.57 -26.50 46.82
CA HIS C 880 5.83 -26.99 45.50
C HIS C 880 6.32 -28.42 45.58
N PRO C 881 5.76 -29.36 44.81
CA PRO C 881 6.12 -30.78 44.95
C PRO C 881 7.52 -31.11 44.41
N ALA C 882 8.07 -32.22 44.89
CA ALA C 882 9.42 -32.62 44.57
C ALA C 882 9.52 -33.11 43.14
N ARG C 883 8.44 -33.70 42.61
CA ARG C 883 8.45 -34.25 41.28
C ARG C 883 7.01 -34.46 40.81
N ILE C 884 6.85 -34.65 39.50
CA ILE C 884 5.58 -34.87 38.84
C ILE C 884 5.78 -36.03 37.87
N GLY C 885 5.30 -37.21 38.24
CA GLY C 885 5.54 -38.38 37.41
C GLY C 885 4.69 -39.55 37.81
N LEU C 886 5.13 -40.71 37.33
CA LEU C 886 4.55 -42.00 37.64
C LEU C 886 5.65 -42.92 38.21
N ASN C 887 5.22 -43.89 39.02
CA ASN C 887 6.12 -44.96 39.47
C ASN C 887 5.40 -46.30 39.33
N CYS C 888 6.20 -47.36 39.29
CA CYS C 888 5.70 -48.72 39.30
C CYS C 888 6.86 -49.68 39.51
N GLN C 889 6.53 -50.90 39.93
CA GLN C 889 7.50 -51.94 40.22
C GLN C 889 7.37 -53.03 39.16
N LEU C 890 8.38 -53.10 38.29
CA LEU C 890 8.41 -54.08 37.22
C LEU C 890 8.72 -55.46 37.82
N ALA C 891 8.27 -56.52 37.15
CA ALA C 891 8.62 -57.88 37.51
C ALA C 891 10.02 -58.22 36.97
N GLN C 892 10.45 -57.55 35.90
CA GLN C 892 11.71 -57.94 35.29
C GLN C 892 12.87 -57.32 36.07
N VAL C 893 13.98 -58.06 36.08
CA VAL C 893 15.27 -57.60 36.53
C VAL C 893 16.25 -57.86 35.38
N ALA C 894 16.55 -56.82 34.61
CA ALA C 894 17.47 -56.92 33.48
C ALA C 894 18.85 -56.43 33.92
N GLU C 895 19.87 -56.95 33.22
CA GLU C 895 21.26 -56.66 33.49
C GLU C 895 21.61 -55.22 33.09
N ARG C 896 20.97 -54.70 32.04
CA ARG C 896 21.40 -53.46 31.39
C ARG C 896 20.28 -52.42 31.43
N VAL C 897 20.68 -51.15 31.26
CA VAL C 897 19.76 -50.02 31.05
C VAL C 897 20.28 -49.18 29.89
N ASN C 898 19.44 -48.99 28.87
CA ASN C 898 19.79 -48.31 27.64
C ASN C 898 18.86 -47.11 27.49
N TRP C 899 19.43 -45.91 27.31
CA TRP C 899 18.61 -44.72 27.21
C TRP C 899 19.27 -43.70 26.29
N LEU C 900 18.44 -42.78 25.80
CA LEU C 900 18.86 -41.66 24.99
C LEU C 900 18.46 -40.39 25.73
N GLY C 901 19.49 -39.70 26.23
CA GLY C 901 19.33 -38.49 27.02
C GLY C 901 20.65 -38.09 27.66
N LEU C 902 20.54 -37.24 28.68
CA LEU C 902 21.74 -36.71 29.35
C LEU C 902 22.36 -37.83 30.21
N GLY C 903 23.67 -38.02 30.05
CA GLY C 903 24.39 -39.06 30.72
C GLY C 903 25.90 -38.94 30.49
N PRO C 904 26.65 -39.99 30.84
CA PRO C 904 26.15 -41.23 31.44
C PRO C 904 25.82 -41.17 32.94
N GLN C 905 26.32 -40.17 33.67
CA GLN C 905 26.24 -40.16 35.13
C GLN C 905 24.93 -39.51 35.58
N GLU C 906 24.60 -39.73 36.86
CA GLU C 906 23.45 -39.13 37.53
C GLU C 906 23.48 -37.61 37.29
N ASN C 907 22.32 -37.04 36.94
CA ASN C 907 22.20 -35.62 36.71
C ASN C 907 20.80 -35.18 37.08
N TYR C 908 20.67 -33.93 37.53
CA TYR C 908 19.41 -33.34 38.02
C TYR C 908 19.20 -31.99 37.36
N PRO C 909 17.98 -31.45 37.37
CA PRO C 909 17.70 -30.20 36.65
C PRO C 909 18.73 -29.08 36.88
N ASP C 910 19.15 -28.87 38.13
CA ASP C 910 20.13 -27.82 38.44
C ASP C 910 21.53 -28.41 38.56
N ARG C 911 21.75 -29.65 38.09
CA ARG C 911 23.12 -30.19 37.99
C ARG C 911 23.21 -31.16 36.80
N LEU C 912 23.08 -30.64 35.58
CA LEU C 912 23.15 -31.47 34.36
C LEU C 912 24.09 -30.90 33.29
N THR C 913 24.90 -29.88 33.63
CA THR C 913 25.71 -29.23 32.61
C THR C 913 26.78 -30.20 32.13
N ALA C 914 27.29 -31.04 33.03
CA ALA C 914 28.38 -31.96 32.67
C ALA C 914 27.85 -33.14 31.84
N ALA C 915 26.55 -33.45 31.99
CA ALA C 915 25.96 -34.57 31.25
C ALA C 915 25.79 -34.16 29.79
N CYS C 916 25.95 -35.14 28.89
CA CYS C 916 25.79 -34.93 27.45
C CYS C 916 24.68 -35.85 26.90
N PHE C 917 23.96 -35.35 25.90
CA PHE C 917 22.94 -36.09 25.20
C PHE C 917 23.60 -37.08 24.22
N ASP C 918 23.27 -38.37 24.41
CA ASP C 918 23.78 -39.46 23.58
C ASP C 918 23.03 -40.74 23.97
N ARG C 919 23.39 -41.84 23.30
CA ARG C 919 22.89 -43.15 23.63
C ARG C 919 23.81 -43.72 24.70
N TRP C 920 23.23 -44.04 25.86
CA TRP C 920 23.98 -44.53 27.02
C TRP C 920 23.52 -45.93 27.37
N ASP C 921 24.49 -46.79 27.73
CA ASP C 921 24.22 -48.18 28.04
C ASP C 921 25.14 -48.61 29.21
N LEU C 922 24.51 -48.85 30.36
CA LEU C 922 25.22 -49.16 31.61
C LEU C 922 24.56 -50.34 32.31
N PRO C 923 25.29 -51.03 33.21
CA PRO C 923 24.66 -51.98 34.13
C PRO C 923 23.67 -51.26 35.05
N LEU C 924 22.65 -51.99 35.49
CA LEU C 924 21.63 -51.42 36.38
C LEU C 924 22.26 -50.96 37.70
N SER C 925 23.37 -51.57 38.10
CA SER C 925 24.15 -51.16 39.27
C SER C 925 24.44 -49.64 39.21
N ASP C 926 24.90 -49.18 38.04
CA ASP C 926 25.41 -47.82 37.83
C ASP C 926 24.27 -46.81 37.81
N MET C 927 23.01 -47.25 37.81
CA MET C 927 21.85 -46.36 37.82
C MET C 927 21.40 -46.08 39.27
N TYR C 928 22.13 -46.62 40.24
CA TYR C 928 21.94 -46.31 41.65
C TYR C 928 23.24 -45.71 42.20
N THR C 929 23.13 -44.59 42.91
CA THR C 929 24.27 -43.97 43.56
C THR C 929 24.27 -44.34 45.04
N PRO C 930 25.34 -45.01 45.52
CA PRO C 930 25.36 -45.49 46.91
C PRO C 930 25.75 -44.41 47.93
N TYR C 931 24.96 -43.33 47.98
CA TYR C 931 25.09 -42.37 49.02
C TYR C 931 24.94 -43.07 50.36
N VAL C 932 25.84 -42.78 51.30
CA VAL C 932 25.86 -43.45 52.59
C VAL C 932 24.54 -43.18 53.34
N PHE C 933 24.07 -41.93 53.33
CA PHE C 933 22.71 -41.67 53.71
C PHE C 933 21.83 -41.75 52.48
N PRO C 934 20.90 -42.75 52.37
CA PRO C 934 20.15 -42.95 51.14
C PRO C 934 19.05 -41.91 50.96
N SER C 935 18.80 -41.58 49.70
CA SER C 935 17.81 -40.62 49.29
C SER C 935 17.42 -40.90 47.83
N GLU C 936 16.62 -40.01 47.25
CA GLU C 936 16.52 -39.94 45.80
C GLU C 936 17.94 -39.96 45.20
N ASN C 937 18.13 -40.78 44.15
CA ASN C 937 19.41 -40.90 43.50
C ASN C 937 19.22 -41.51 42.11
N GLY C 938 20.26 -41.37 41.29
CA GLY C 938 20.40 -42.03 39.99
C GLY C 938 19.55 -41.43 38.87
N LEU C 939 18.88 -40.29 39.10
CA LEU C 939 18.06 -39.69 38.03
C LEU C 939 18.95 -39.32 36.86
N ARG C 940 18.46 -39.59 35.65
CA ARG C 940 19.02 -39.06 34.40
C ARG C 940 17.93 -38.22 33.74
N CYS C 941 18.31 -37.07 33.18
CA CYS C 941 17.32 -36.06 32.77
C CYS C 941 17.36 -35.88 31.26
N GLY C 942 16.31 -35.20 30.75
CA GLY C 942 16.15 -34.93 29.33
C GLY C 942 16.26 -36.18 28.48
N THR C 943 15.44 -37.18 28.81
CA THR C 943 15.48 -38.47 28.16
C THR C 943 14.29 -38.60 27.20
N ARG C 944 14.58 -39.15 26.01
CA ARG C 944 13.55 -39.32 24.97
C ARG C 944 13.21 -40.80 24.76
N GLU C 945 14.15 -41.70 25.04
CA GLU C 945 13.95 -43.12 24.91
C GLU C 945 14.59 -43.83 26.11
N LEU C 946 13.84 -44.73 26.74
CA LEU C 946 14.36 -45.58 27.84
C LEU C 946 14.05 -47.05 27.53
N ASN C 947 15.10 -47.88 27.57
CA ASN C 947 15.03 -49.29 27.22
C ASN C 947 15.46 -50.15 28.43
N TYR C 948 14.51 -50.95 28.95
CA TYR C 948 14.79 -51.88 30.04
C TYR C 948 14.08 -53.22 29.77
N GLY C 949 14.88 -54.26 29.56
CA GLY C 949 14.37 -55.58 29.24
C GLY C 949 13.61 -55.60 27.92
N PRO C 950 12.37 -56.12 27.90
CA PRO C 950 11.51 -56.00 26.72
C PRO C 950 10.86 -54.62 26.58
N HIS C 951 10.89 -53.81 27.63
CA HIS C 951 10.16 -52.54 27.65
C HIS C 951 10.93 -51.46 26.88
N GLN C 952 10.16 -50.47 26.41
CA GLN C 952 10.68 -49.22 25.90
C GLN C 952 9.68 -48.10 26.24
N TRP C 953 10.20 -46.98 26.75
CA TRP C 953 9.39 -45.78 26.97
C TRP C 953 9.93 -44.65 26.09
N ARG C 954 9.03 -43.82 25.58
CA ARG C 954 9.41 -42.67 24.76
C ARG C 954 8.61 -41.45 25.23
N GLY C 955 9.25 -40.28 25.06
CA GLY C 955 8.66 -38.98 25.43
C GLY C 955 9.73 -37.92 25.68
N ASP C 956 9.49 -37.07 26.68
CA ASP C 956 10.54 -36.20 27.18
C ASP C 956 10.43 -36.17 28.70
N PHE C 957 11.19 -37.06 29.35
CA PHE C 957 11.02 -37.36 30.77
C PHE C 957 12.39 -37.44 31.46
N GLN C 958 12.31 -37.50 32.80
CA GLN C 958 13.46 -37.80 33.65
C GLN C 958 13.13 -39.10 34.40
N PHE C 959 14.14 -39.95 34.60
CA PHE C 959 13.91 -41.27 35.15
C PHE C 959 15.03 -41.68 36.09
N ASN C 960 14.66 -42.47 37.11
CA ASN C 960 15.60 -43.32 37.83
C ASN C 960 15.03 -44.75 37.81
N ILE C 961 15.95 -45.72 37.89
CA ILE C 961 15.61 -47.12 37.83
C ILE C 961 16.51 -47.87 38.83
N SER C 962 15.87 -48.64 39.70
CA SER C 962 16.51 -49.14 40.91
C SER C 962 15.86 -50.46 41.36
N ARG C 963 16.56 -51.16 42.25
CA ARG C 963 15.97 -52.24 43.03
C ARG C 963 15.46 -51.71 44.38
N TYR C 964 15.42 -50.39 44.59
CA TYR C 964 15.09 -49.79 45.88
C TYR C 964 13.96 -48.77 45.69
N SER C 965 12.82 -49.05 46.32
CA SER C 965 11.68 -48.15 46.32
C SER C 965 12.09 -46.80 46.93
N GLN C 966 11.32 -45.76 46.62
CA GLN C 966 11.47 -44.47 47.26
C GLN C 966 11.00 -44.56 48.72
N GLN C 967 10.16 -45.55 49.05
CA GLN C 967 9.76 -45.78 50.44
C GLN C 967 10.96 -46.34 51.22
N GLN C 968 11.64 -47.33 50.66
CA GLN C 968 12.77 -47.94 51.37
C GLN C 968 13.87 -46.91 51.58
N LEU C 969 14.20 -46.13 50.54
CA LEU C 969 15.28 -45.14 50.62
C LEU C 969 14.94 -44.10 51.70
N MET C 970 13.67 -43.73 51.78
CA MET C 970 13.22 -42.69 52.68
C MET C 970 13.34 -43.13 54.15
N GLU C 971 13.19 -44.43 54.43
CA GLU C 971 13.10 -44.89 55.81
C GLU C 971 14.41 -45.53 56.27
N THR C 972 15.31 -45.84 55.34
CA THR C 972 16.61 -46.45 55.66
C THR C 972 17.65 -45.35 55.87
N SER C 973 18.42 -45.48 56.97
CA SER C 973 19.36 -44.43 57.40
C SER C 973 20.77 -44.71 56.89
N HIS C 974 21.08 -45.95 56.48
CA HIS C 974 22.41 -46.30 56.01
C HIS C 974 22.30 -47.17 54.76
N ARG C 975 23.21 -46.94 53.80
CA ARG C 975 23.16 -47.63 52.54
C ARG C 975 23.34 -49.14 52.75
N HIS C 976 24.09 -49.55 53.77
CA HIS C 976 24.43 -50.97 53.99
C HIS C 976 23.23 -51.77 54.53
N LEU C 977 22.18 -51.09 55.01
CA LEU C 977 20.93 -51.75 55.43
C LEU C 977 19.92 -51.89 54.27
N LEU C 978 20.26 -51.44 53.06
CA LEU C 978 19.36 -51.56 51.92
C LEU C 978 19.31 -53.01 51.44
N HIS C 979 18.10 -53.47 51.11
CA HIS C 979 17.89 -54.80 50.55
C HIS C 979 17.15 -54.65 49.21
N ALA C 980 17.63 -55.38 48.19
CA ALA C 980 17.00 -55.37 46.87
C ALA C 980 15.58 -55.91 47.00
N GLU C 981 14.61 -55.15 46.48
CA GLU C 981 13.22 -55.60 46.46
C GLU C 981 13.00 -56.53 45.26
N GLU C 982 11.83 -57.18 45.27
CA GLU C 982 11.43 -58.03 44.15
C GLU C 982 11.35 -57.14 42.91
N GLY C 983 12.07 -57.53 41.85
CA GLY C 983 12.00 -56.83 40.60
C GLY C 983 12.71 -55.49 40.64
N THR C 984 12.19 -54.54 39.84
CA THR C 984 12.80 -53.25 39.62
C THR C 984 11.77 -52.14 39.82
N TRP C 985 12.15 -51.12 40.60
CA TRP C 985 11.33 -49.94 40.77
C TRP C 985 11.76 -48.88 39.76
N LEU C 986 10.78 -48.29 39.08
CA LEU C 986 11.03 -47.30 38.06
C LEU C 986 10.17 -46.06 38.32
N ASN C 987 10.84 -44.91 38.39
CA ASN C 987 10.20 -43.62 38.46
C ASN C 987 10.43 -42.88 37.13
N ILE C 988 9.34 -42.48 36.48
CA ILE C 988 9.38 -41.64 35.29
C ILE C 988 8.67 -40.33 35.63
N ASP C 989 9.42 -39.22 35.56
CA ASP C 989 8.89 -37.92 35.86
C ASP C 989 8.92 -37.07 34.59
N GLY C 990 7.78 -36.42 34.30
CA GLY C 990 7.78 -35.29 33.43
C GLY C 990 8.64 -34.17 34.00
N PHE C 991 8.50 -33.95 35.31
CA PHE C 991 9.11 -32.83 35.99
C PHE C 991 9.77 -33.25 37.29
N HIS C 992 10.79 -32.51 37.70
CA HIS C 992 11.54 -32.82 38.90
C HIS C 992 12.16 -31.54 39.45
N MET C 993 11.89 -31.27 40.73
CA MET C 993 12.49 -30.15 41.45
C MET C 993 14.01 -30.33 41.53
N GLY C 994 14.72 -29.21 41.53
CA GLY C 994 16.16 -29.19 41.71
C GLY C 994 16.58 -29.71 43.08
N ILE C 995 17.88 -29.95 43.22
CA ILE C 995 18.42 -30.53 44.43
C ILE C 995 19.04 -29.50 45.38
N GLY C 996 19.36 -28.30 44.88
CA GLY C 996 20.00 -27.27 45.72
C GLY C 996 21.42 -27.65 46.14
N GLY C 997 21.96 -26.91 47.12
CA GLY C 997 23.32 -27.19 47.61
C GLY C 997 24.14 -25.97 48.01
N ASP C 998 23.65 -24.75 47.79
CA ASP C 998 24.41 -23.55 48.22
C ASP C 998 24.79 -23.66 49.69
N ASP C 999 23.88 -24.19 50.51
CA ASP C 999 24.22 -24.78 51.81
C ASP C 999 23.27 -25.96 52.05
N SER C 1000 23.47 -26.69 53.15
CA SER C 1000 22.66 -27.87 53.48
C SER C 1000 21.95 -27.71 54.82
N TRP C 1001 21.59 -26.46 55.20
CA TRP C 1001 20.83 -26.24 56.43
C TRP C 1001 19.73 -25.19 56.25
N SER C 1002 19.54 -24.73 55.01
CA SER C 1002 18.43 -23.86 54.66
C SER C 1002 17.95 -24.25 53.27
N PRO C 1003 16.70 -23.94 52.89
CA PRO C 1003 16.24 -24.20 51.54
C PRO C 1003 17.14 -23.44 50.56
N SER C 1004 17.65 -24.18 49.57
CA SER C 1004 18.67 -23.63 48.67
C SER C 1004 18.33 -23.94 47.20
N VAL C 1005 17.11 -24.36 46.91
CA VAL C 1005 16.71 -24.63 45.54
C VAL C 1005 16.17 -23.34 44.94
N SER C 1006 16.89 -22.77 43.97
CA SER C 1006 16.51 -21.49 43.38
C SER C 1006 15.15 -21.65 42.68
N ALA C 1007 14.42 -20.53 42.61
CA ALA C 1007 13.03 -20.49 42.21
C ALA C 1007 12.79 -21.13 40.84
N GLU C 1008 13.70 -20.93 39.89
CA GLU C 1008 13.50 -21.42 38.53
C GLU C 1008 13.55 -22.95 38.48
N PHE C 1009 13.92 -23.62 39.58
CA PHE C 1009 13.95 -25.08 39.61
C PHE C 1009 12.93 -25.61 40.62
N GLN C 1010 12.02 -24.77 41.07
CA GLN C 1010 10.89 -25.20 41.91
C GLN C 1010 9.64 -25.42 41.03
N LEU C 1011 8.95 -26.55 41.24
CA LEU C 1011 7.77 -26.87 40.44
C LEU C 1011 6.59 -26.01 40.86
N SER C 1012 6.56 -24.77 40.34
CA SER C 1012 5.58 -23.74 40.73
C SER C 1012 4.62 -23.40 39.60
N ALA C 1013 4.72 -24.08 38.44
CA ALA C 1013 3.91 -23.67 37.28
C ALA C 1013 2.41 -23.77 37.55
N GLY C 1014 1.99 -24.75 38.35
CA GLY C 1014 0.59 -24.91 38.75
C GLY C 1014 -0.16 -25.91 37.91
N ARG C 1015 0.19 -26.04 36.62
CA ARG C 1015 -0.35 -27.07 35.73
C ARG C 1015 0.77 -27.62 34.87
N TYR C 1016 0.86 -28.95 34.79
CA TYR C 1016 1.92 -29.59 34.05
C TYR C 1016 1.33 -30.61 33.07
N HIS C 1017 2.05 -30.81 31.96
CA HIS C 1017 1.69 -31.76 30.94
C HIS C 1017 2.93 -32.56 30.61
N TYR C 1018 2.79 -33.88 30.55
CA TYR C 1018 3.83 -34.74 30.00
C TYR C 1018 3.15 -35.91 29.29
N GLN C 1019 3.91 -36.54 28.39
CA GLN C 1019 3.38 -37.57 27.52
C GLN C 1019 4.45 -38.65 27.36
N LEU C 1020 4.02 -39.90 27.50
CA LEU C 1020 4.87 -41.08 27.37
C LEU C 1020 4.20 -42.09 26.44
N VAL C 1021 5.03 -42.94 25.82
CA VAL C 1021 4.51 -44.08 25.09
C VAL C 1021 5.25 -45.33 25.58
N TRP C 1022 4.46 -46.28 26.10
CA TRP C 1022 4.95 -47.56 26.56
C TRP C 1022 4.71 -48.61 25.47
N CYS C 1023 5.77 -49.35 25.10
CA CYS C 1023 5.63 -50.46 24.16
C CYS C 1023 6.69 -51.52 24.48
N GLN C 1024 6.62 -52.65 23.76
CA GLN C 1024 7.62 -53.72 23.85
C GLN C 1024 8.41 -53.80 22.54
N LYS C 1025 9.73 -53.96 22.67
CA LYS C 1025 10.66 -53.96 21.54
C LYS C 1025 11.80 -54.96 21.80
N ILE D 5 -68.09 27.09 -91.17
CA ILE D 5 -67.42 25.97 -91.91
C ILE D 5 -65.96 25.83 -91.47
N THR D 6 -65.29 26.94 -91.19
CA THR D 6 -64.02 26.90 -90.45
C THR D 6 -64.26 26.73 -88.94
N ASP D 7 -65.53 26.61 -88.51
CA ASP D 7 -65.91 26.15 -87.18
C ASP D 7 -66.08 24.62 -87.14
N SER D 8 -66.12 23.96 -88.29
CA SER D 8 -66.45 22.55 -88.31
C SER D 8 -65.31 21.74 -87.69
N LEU D 9 -65.64 20.52 -87.23
CA LEU D 9 -64.64 19.62 -86.69
C LEU D 9 -63.58 19.30 -87.74
N ALA D 10 -63.97 19.20 -89.01
CA ALA D 10 -63.04 18.78 -90.05
C ALA D 10 -61.91 19.80 -90.19
N VAL D 11 -62.21 21.10 -90.07
CA VAL D 11 -61.18 22.10 -90.25
C VAL D 11 -60.34 22.23 -88.97
N VAL D 12 -61.02 22.24 -87.82
CA VAL D 12 -60.36 22.51 -86.55
C VAL D 12 -59.42 21.34 -86.23
N LEU D 13 -59.94 20.11 -86.32
CA LEU D 13 -59.14 18.95 -85.97
C LEU D 13 -58.03 18.73 -87.00
N GLN D 14 -58.17 19.32 -88.18
CA GLN D 14 -57.17 19.17 -89.21
C GLN D 14 -55.81 19.65 -88.72
N ARG D 15 -55.79 20.75 -87.96
CA ARG D 15 -54.55 21.37 -87.55
C ARG D 15 -53.83 20.52 -86.50
N ARG D 16 -54.49 19.54 -85.89
CA ARG D 16 -53.91 18.65 -84.90
C ARG D 16 -53.06 19.45 -83.90
N ASP D 17 -53.70 20.42 -83.25
CA ASP D 17 -52.99 21.30 -82.32
C ASP D 17 -52.50 20.53 -81.08
N TRP D 18 -53.04 19.33 -80.84
CA TRP D 18 -52.65 18.52 -79.69
C TRP D 18 -51.41 17.67 -79.97
N GLU D 19 -50.79 17.83 -81.16
CA GLU D 19 -49.52 17.17 -81.50
C GLU D 19 -48.52 18.22 -81.97
N ASN D 20 -48.41 19.32 -81.23
CA ASN D 20 -47.58 20.45 -81.59
C ASN D 20 -47.29 21.29 -80.34
N PRO D 21 -46.08 21.15 -79.76
CA PRO D 21 -45.75 21.89 -78.54
C PRO D 21 -45.47 23.38 -78.78
N GLY D 22 -45.56 23.83 -80.03
CA GLY D 22 -45.50 25.22 -80.36
C GLY D 22 -46.85 25.92 -80.25
N VAL D 23 -47.94 25.13 -80.20
CA VAL D 23 -49.28 25.64 -79.93
C VAL D 23 -49.81 25.04 -78.63
N THR D 24 -49.75 25.81 -77.54
CA THR D 24 -50.23 25.38 -76.23
C THR D 24 -51.61 25.97 -75.92
N GLN D 25 -52.08 26.88 -76.77
CA GLN D 25 -53.38 27.55 -76.57
C GLN D 25 -53.69 28.38 -77.80
N LEU D 26 -54.97 28.64 -78.01
CA LEU D 26 -55.43 29.59 -79.01
C LEU D 26 -56.53 30.45 -78.38
N ASN D 27 -56.36 31.78 -78.49
CA ASN D 27 -57.33 32.78 -78.05
C ASN D 27 -57.59 32.70 -76.54
N ARG D 28 -56.65 32.13 -75.78
CA ARG D 28 -56.74 32.05 -74.34
C ARG D 28 -56.30 33.37 -73.70
N LEU D 29 -57.05 33.80 -72.66
CA LEU D 29 -56.78 35.06 -71.95
C LEU D 29 -55.59 34.88 -71.00
N ALA D 30 -54.97 36.00 -70.67
CA ALA D 30 -53.81 36.01 -69.76
C ALA D 30 -54.20 35.49 -68.37
N ALA D 31 -53.20 34.99 -67.64
CA ALA D 31 -53.33 34.49 -66.28
C ALA D 31 -53.26 35.66 -65.28
N HIS D 32 -53.79 35.41 -64.07
CA HIS D 32 -53.97 36.45 -63.07
C HIS D 32 -54.35 35.83 -61.72
N PRO D 33 -54.29 36.59 -60.61
CA PRO D 33 -54.79 36.09 -59.33
C PRO D 33 -56.33 36.00 -59.32
N PRO D 34 -56.92 35.27 -58.36
CA PRO D 34 -58.37 35.03 -58.36
C PRO D 34 -59.22 36.30 -58.42
N PHE D 35 -60.20 36.28 -59.33
CA PHE D 35 -61.08 37.40 -59.57
C PHE D 35 -62.50 37.01 -59.19
N ALA D 36 -63.32 38.03 -58.94
CA ALA D 36 -64.74 37.88 -58.66
C ALA D 36 -65.54 39.10 -59.13
N SER D 37 -64.85 40.22 -59.42
CA SER D 37 -65.47 41.41 -59.98
C SER D 37 -66.71 41.84 -59.15
N TRP D 38 -66.52 41.99 -57.84
CA TRP D 38 -67.55 42.59 -56.99
C TRP D 38 -67.87 43.99 -57.51
N ARG D 39 -69.14 44.38 -57.41
CA ARG D 39 -69.55 45.77 -57.70
C ARG D 39 -69.98 46.48 -56.41
N ASN D 40 -69.70 45.87 -55.26
CA ASN D 40 -69.86 46.48 -53.96
C ASN D 40 -68.61 46.17 -53.15
N SER D 41 -67.97 47.21 -52.59
CA SER D 41 -66.65 47.03 -51.98
C SER D 41 -66.71 46.25 -50.64
N GLU D 42 -67.85 46.24 -49.94
CA GLU D 42 -67.83 45.60 -48.63
C GLU D 42 -68.08 44.10 -48.77
N GLU D 43 -68.73 43.69 -49.86
CA GLU D 43 -68.85 42.25 -50.14
C GLU D 43 -67.47 41.71 -50.51
N ALA D 44 -66.67 42.53 -51.21
CA ALA D 44 -65.25 42.23 -51.49
C ALA D 44 -64.45 42.09 -50.19
N ARG D 45 -64.68 43.01 -49.25
CA ARG D 45 -63.96 43.01 -47.98
C ARG D 45 -64.30 41.74 -47.17
N THR D 46 -65.53 41.27 -47.25
CA THR D 46 -65.98 40.17 -46.41
C THR D 46 -65.77 38.81 -47.07
N ASP D 47 -65.37 38.79 -48.34
CA ASP D 47 -65.13 37.56 -49.12
C ASP D 47 -66.42 36.79 -49.30
N ARG D 48 -67.53 37.52 -49.47
CA ARG D 48 -68.84 36.92 -49.69
C ARG D 48 -69.05 36.67 -51.18
N PRO D 49 -70.01 35.79 -51.53
CA PRO D 49 -70.29 35.52 -52.94
C PRO D 49 -70.45 36.77 -53.79
N SER D 50 -70.09 36.66 -55.08
CA SER D 50 -70.22 37.72 -56.04
C SER D 50 -71.27 37.34 -57.09
N GLN D 51 -72.18 38.26 -57.41
CA GLN D 51 -73.20 38.01 -58.39
C GLN D 51 -72.60 37.99 -59.80
N GLN D 52 -71.31 38.34 -59.94
CA GLN D 52 -70.66 38.39 -61.24
C GLN D 52 -69.81 37.14 -61.48
N LEU D 53 -69.85 36.18 -60.54
CA LEU D 53 -69.13 34.93 -60.64
C LEU D 53 -70.12 33.77 -60.46
N ARG D 54 -70.56 33.19 -61.58
CA ARG D 54 -71.47 32.05 -61.61
C ARG D 54 -70.68 30.73 -61.67
N SER D 55 -71.22 29.70 -61.02
CA SER D 55 -70.76 28.33 -61.21
C SER D 55 -71.53 27.70 -62.38
N LEU D 56 -70.81 26.95 -63.22
CA LEU D 56 -71.41 26.09 -64.25
C LEU D 56 -71.30 24.61 -63.86
N ASN D 57 -70.93 24.34 -62.60
CA ASN D 57 -70.86 22.97 -62.12
C ASN D 57 -72.28 22.41 -62.05
N GLY D 58 -72.36 21.07 -62.07
CA GLY D 58 -73.64 20.39 -62.10
C GLY D 58 -73.74 19.42 -63.26
N GLU D 59 -74.97 19.27 -63.79
CA GLU D 59 -75.28 18.21 -64.72
C GLU D 59 -75.01 18.68 -66.16
N TRP D 60 -74.02 18.04 -66.79
CA TRP D 60 -73.67 18.24 -68.19
C TRP D 60 -74.04 16.98 -68.98
N ARG D 61 -74.06 17.12 -70.30
CA ARG D 61 -74.24 16.00 -71.19
C ARG D 61 -72.87 15.60 -71.73
N PHE D 62 -72.59 14.30 -71.72
CA PHE D 62 -71.28 13.76 -72.01
C PHE D 62 -71.39 12.57 -72.96
N ALA D 63 -70.39 12.43 -73.84
CA ALA D 63 -70.33 11.34 -74.77
C ALA D 63 -68.86 10.99 -75.02
N TRP D 64 -68.54 9.69 -74.95
CA TRP D 64 -67.20 9.19 -75.14
C TRP D 64 -66.97 8.69 -76.57
N PHE D 65 -65.75 8.90 -77.08
CA PHE D 65 -65.37 8.44 -78.39
C PHE D 65 -63.95 7.90 -78.32
N PRO D 66 -63.62 6.87 -79.12
CA PRO D 66 -62.28 6.31 -79.10
C PRO D 66 -61.23 7.21 -79.76
N ALA D 67 -61.66 8.19 -80.56
CA ALA D 67 -60.73 9.11 -81.22
C ALA D 67 -61.49 10.36 -81.65
N PRO D 68 -60.87 11.54 -81.67
CA PRO D 68 -61.59 12.77 -82.03
C PRO D 68 -62.20 12.78 -83.44
N GLU D 69 -61.59 12.03 -84.36
CA GLU D 69 -62.09 12.00 -85.72
C GLU D 69 -63.43 11.25 -85.77
N ALA D 70 -63.77 10.49 -84.72
CA ALA D 70 -65.06 9.77 -84.66
C ALA D 70 -66.22 10.67 -84.21
N VAL D 71 -65.94 11.87 -83.71
CA VAL D 71 -67.00 12.75 -83.22
C VAL D 71 -67.76 13.25 -84.44
N PRO D 72 -69.08 13.05 -84.53
CA PRO D 72 -69.84 13.54 -85.67
C PRO D 72 -70.03 15.06 -85.59
N GLU D 73 -70.16 15.69 -86.76
CA GLU D 73 -70.23 17.14 -86.88
C GLU D 73 -71.51 17.66 -86.26
N SER D 74 -72.53 16.81 -86.19
CA SER D 74 -73.81 17.18 -85.58
C SER D 74 -73.60 17.73 -84.18
N TRP D 75 -72.57 17.22 -83.47
CA TRP D 75 -72.40 17.48 -82.04
C TRP D 75 -72.21 18.97 -81.74
N LEU D 76 -71.64 19.71 -82.69
CA LEU D 76 -71.49 21.17 -82.53
C LEU D 76 -72.85 21.86 -82.60
N GLU D 77 -73.77 21.29 -83.38
CA GLU D 77 -75.08 21.88 -83.67
C GLU D 77 -76.15 21.41 -82.68
N CYS D 78 -76.09 20.15 -82.26
CA CYS D 78 -77.18 19.52 -81.48
C CYS D 78 -76.59 18.57 -80.42
N ASP D 79 -77.35 18.34 -79.36
CA ASP D 79 -76.95 17.38 -78.35
C ASP D 79 -77.08 15.97 -78.93
N LEU D 80 -76.05 15.13 -78.74
CA LEU D 80 -76.07 13.76 -79.25
C LEU D 80 -77.12 12.96 -78.47
N PRO D 81 -78.02 12.23 -79.15
CA PRO D 81 -79.02 11.43 -78.44
C PRO D 81 -78.38 10.28 -77.65
N GLU D 82 -77.21 9.80 -78.11
CA GLU D 82 -76.47 8.70 -77.46
C GLU D 82 -75.77 9.19 -76.19
N ALA D 83 -75.74 10.50 -75.95
CA ALA D 83 -74.99 11.04 -74.83
C ALA D 83 -75.75 10.81 -73.52
N ASP D 84 -74.98 10.79 -72.43
CA ASP D 84 -75.48 10.62 -71.08
C ASP D 84 -75.44 11.96 -70.34
N THR D 85 -76.08 12.01 -69.18
CA THR D 85 -75.98 13.13 -68.28
C THR D 85 -75.03 12.76 -67.15
N VAL D 86 -74.03 13.61 -66.90
CA VAL D 86 -73.03 13.36 -65.88
C VAL D 86 -72.77 14.63 -65.08
N VAL D 87 -72.21 14.46 -63.88
CA VAL D 87 -71.85 15.58 -63.04
C VAL D 87 -70.48 16.09 -63.47
N VAL D 88 -70.35 17.43 -63.52
CA VAL D 88 -69.09 18.12 -63.75
C VAL D 88 -68.84 19.06 -62.57
N PRO D 89 -67.63 19.04 -62.00
CA PRO D 89 -66.45 18.34 -62.51
C PRO D 89 -66.44 16.82 -62.25
N SER D 90 -65.69 16.11 -63.09
CA SER D 90 -65.49 14.67 -62.97
C SER D 90 -64.30 14.26 -63.84
N ASN D 91 -63.74 13.10 -63.53
CA ASN D 91 -62.89 12.36 -64.42
C ASN D 91 -63.74 11.25 -65.03
N TRP D 92 -63.73 11.09 -66.36
CA TRP D 92 -64.68 10.18 -67.00
C TRP D 92 -64.33 8.73 -66.70
N GLN D 93 -63.07 8.44 -66.29
CA GLN D 93 -62.69 7.09 -65.87
C GLN D 93 -63.50 6.65 -64.64
N MET D 94 -63.80 7.60 -63.74
CA MET D 94 -64.51 7.29 -62.50
C MET D 94 -66.00 7.03 -62.78
N HIS D 95 -66.47 7.32 -64.00
CA HIS D 95 -67.82 6.98 -64.44
C HIS D 95 -67.81 5.73 -65.35
N GLY D 96 -66.67 5.05 -65.46
CA GLY D 96 -66.58 3.76 -66.16
C GLY D 96 -66.46 3.86 -67.69
N TYR D 97 -66.09 5.03 -68.24
CA TYR D 97 -66.08 5.19 -69.69
C TYR D 97 -64.83 4.56 -70.31
N ASP D 98 -63.69 4.65 -69.64
CA ASP D 98 -62.50 3.87 -70.00
C ASP D 98 -61.68 3.67 -68.72
N ALA D 99 -60.55 2.98 -68.85
CA ALA D 99 -59.79 2.61 -67.69
C ALA D 99 -58.86 3.73 -67.25
N PRO D 100 -58.73 3.95 -65.92
CA PRO D 100 -57.61 4.72 -65.40
C PRO D 100 -56.35 3.86 -65.45
N ILE D 101 -55.23 4.50 -65.78
CA ILE D 101 -53.96 3.82 -65.97
C ILE D 101 -53.03 4.23 -64.84
N TYR D 102 -52.50 3.26 -64.09
CA TYR D 102 -51.49 3.58 -63.11
C TYR D 102 -50.13 3.09 -63.60
N THR D 103 -49.29 4.04 -64.01
CA THR D 103 -47.91 3.78 -64.37
C THR D 103 -47.04 4.84 -63.72
N ASN D 104 -45.86 4.43 -63.28
CA ASN D 104 -44.94 5.30 -62.54
C ASN D 104 -44.10 6.12 -63.52
N VAL D 105 -42.97 5.56 -63.97
CA VAL D 105 -42.06 6.24 -64.85
C VAL D 105 -42.48 6.08 -66.31
N THR D 106 -42.68 4.83 -66.75
CA THR D 106 -42.95 4.59 -68.15
C THR D 106 -44.23 5.32 -68.57
N TYR D 107 -44.10 6.17 -69.60
CA TYR D 107 -45.20 6.93 -70.13
C TYR D 107 -46.34 5.99 -70.54
N PRO D 108 -47.60 6.37 -70.34
CA PRO D 108 -48.73 5.55 -70.76
C PRO D 108 -48.96 5.51 -72.28
N ILE D 109 -48.14 6.23 -73.05
CA ILE D 109 -48.20 6.23 -74.51
C ILE D 109 -46.79 5.98 -75.04
N THR D 110 -46.72 5.57 -76.31
CA THR D 110 -45.46 5.38 -76.99
C THR D 110 -44.68 6.70 -76.94
N VAL D 111 -43.40 6.62 -76.60
CA VAL D 111 -42.59 7.83 -76.55
C VAL D 111 -42.17 8.20 -77.96
N ASN D 112 -42.80 9.24 -78.50
CA ASN D 112 -42.55 9.66 -79.86
C ASN D 112 -42.95 11.13 -80.01
N PRO D 113 -42.29 12.04 -79.29
CA PRO D 113 -42.76 13.42 -79.23
C PRO D 113 -42.66 14.08 -80.60
N PRO D 114 -43.62 14.94 -80.95
CA PRO D 114 -44.74 15.34 -80.09
C PRO D 114 -46.03 14.57 -80.34
N PHE D 115 -45.92 13.32 -80.79
CA PHE D 115 -47.07 12.57 -81.30
C PHE D 115 -47.69 11.72 -80.20
N VAL D 116 -48.97 11.41 -80.38
CA VAL D 116 -49.75 10.66 -79.45
C VAL D 116 -50.64 9.69 -80.23
N PRO D 117 -51.11 8.59 -79.61
CA PRO D 117 -51.88 7.58 -80.33
C PRO D 117 -52.98 8.19 -81.19
N THR D 118 -53.17 7.58 -82.37
CA THR D 118 -54.29 7.84 -83.21
C THR D 118 -55.59 7.53 -82.46
N GLU D 119 -55.57 6.45 -81.69
CA GLU D 119 -56.70 6.09 -80.86
C GLU D 119 -56.53 6.86 -79.55
N ASN D 120 -57.27 7.95 -79.41
CA ASN D 120 -57.09 8.93 -78.36
C ASN D 120 -58.43 9.21 -77.71
N PRO D 121 -58.74 8.57 -76.57
CA PRO D 121 -60.05 8.73 -75.94
C PRO D 121 -60.46 10.20 -75.85
N THR D 122 -61.69 10.48 -76.28
CA THR D 122 -62.19 11.82 -76.47
C THR D 122 -63.48 12.02 -75.71
N GLY D 123 -63.51 13.04 -74.83
CA GLY D 123 -64.67 13.38 -74.04
C GLY D 123 -65.39 14.59 -74.62
N CYS D 124 -66.64 14.40 -75.02
CA CYS D 124 -67.45 15.45 -75.58
C CYS D 124 -68.47 15.91 -74.53
N TYR D 125 -68.14 16.98 -73.82
CA TYR D 125 -69.02 17.59 -72.84
C TYR D 125 -69.80 18.71 -73.52
N SER D 126 -71.07 18.87 -73.14
CA SER D 126 -71.88 19.99 -73.62
C SER D 126 -72.80 20.46 -72.49
N LEU D 127 -73.18 21.73 -72.54
CA LEU D 127 -74.05 22.31 -71.53
C LEU D 127 -74.91 23.40 -72.19
N THR D 128 -76.23 23.28 -71.99
CA THR D 128 -77.18 24.31 -72.34
C THR D 128 -77.43 25.15 -71.09
N PHE D 129 -77.37 26.48 -71.23
CA PHE D 129 -77.41 27.36 -70.09
C PHE D 129 -77.90 28.74 -70.54
N ASN D 130 -78.38 29.53 -69.56
CA ASN D 130 -78.93 30.85 -69.80
C ASN D 130 -77.93 31.92 -69.33
N VAL D 131 -77.97 33.08 -69.99
CA VAL D 131 -77.27 34.25 -69.52
C VAL D 131 -78.23 35.43 -69.57
N ASP D 132 -78.23 36.23 -68.50
CA ASP D 132 -79.13 37.37 -68.36
C ASP D 132 -78.70 38.50 -69.32
N GLU D 133 -79.69 39.30 -69.72
CA GLU D 133 -79.54 40.41 -70.67
C GLU D 133 -78.54 41.44 -70.15
N SER D 134 -78.44 41.59 -68.82
CA SER D 134 -77.52 42.57 -68.23
C SER D 134 -76.08 42.26 -68.67
N TRP D 135 -75.71 40.97 -68.70
CA TRP D 135 -74.34 40.55 -69.01
C TRP D 135 -73.97 40.82 -70.47
N LEU D 136 -74.96 40.89 -71.36
CA LEU D 136 -74.69 41.04 -72.77
C LEU D 136 -74.65 42.52 -73.18
N GLN D 137 -75.35 43.39 -72.47
CA GLN D 137 -75.48 44.79 -72.92
C GLN D 137 -74.19 45.56 -72.61
N GLU D 138 -73.54 45.27 -71.48
CA GLU D 138 -72.29 45.92 -71.08
C GLU D 138 -71.28 44.86 -70.62
N GLY D 139 -70.01 45.11 -70.90
CA GLY D 139 -68.92 44.42 -70.23
C GLY D 139 -68.49 43.13 -70.90
N GLN D 140 -67.66 42.39 -70.17
CA GLN D 140 -66.95 41.23 -70.68
C GLN D 140 -67.39 39.97 -69.92
N THR D 141 -67.90 38.98 -70.67
CA THR D 141 -68.27 37.69 -70.11
C THR D 141 -67.24 36.65 -70.55
N ARG D 142 -66.62 35.99 -69.57
CA ARG D 142 -65.57 35.02 -69.82
C ARG D 142 -65.91 33.72 -69.11
N ILE D 143 -65.46 32.61 -69.70
CA ILE D 143 -65.62 31.28 -69.11
C ILE D 143 -64.26 30.86 -68.57
N ILE D 144 -64.27 30.15 -67.44
CA ILE D 144 -63.07 29.73 -66.74
C ILE D 144 -63.13 28.22 -66.51
N PHE D 145 -62.18 27.49 -67.09
CA PHE D 145 -62.01 26.07 -66.84
C PHE D 145 -60.83 25.88 -65.89
N ASP D 146 -61.13 25.59 -64.63
CA ASP D 146 -60.09 25.45 -63.60
C ASP D 146 -59.16 24.26 -63.88
N GLY D 147 -59.64 23.23 -64.56
CA GLY D 147 -58.85 22.02 -64.80
C GLY D 147 -59.46 21.12 -65.88
N VAL D 148 -58.73 20.96 -67.00
CA VAL D 148 -59.13 20.10 -68.09
C VAL D 148 -57.93 19.22 -68.49
N ASN D 149 -58.15 17.90 -68.48
CA ASN D 149 -57.09 16.93 -68.69
C ASN D 149 -57.35 16.16 -69.97
N SER D 150 -56.49 16.29 -71.00
CA SER D 150 -55.23 17.02 -70.95
C SER D 150 -55.19 18.23 -71.89
N ALA D 151 -56.15 18.31 -72.81
CA ALA D 151 -56.28 19.47 -73.69
C ALA D 151 -57.69 19.49 -74.22
N PHE D 152 -58.11 20.64 -74.75
CA PHE D 152 -59.47 20.73 -75.24
C PHE D 152 -59.64 21.87 -76.22
N HIS D 153 -60.57 21.64 -77.16
CA HIS D 153 -61.18 22.67 -77.99
C HIS D 153 -62.53 23.07 -77.39
N LEU D 154 -62.91 24.33 -77.62
CA LEU D 154 -64.15 24.89 -77.07
C LEU D 154 -64.94 25.54 -78.21
N TRP D 155 -66.23 25.19 -78.27
CA TRP D 155 -67.23 25.86 -79.08
C TRP D 155 -68.27 26.48 -78.16
N CYS D 156 -68.86 27.60 -78.61
CA CYS D 156 -70.01 28.18 -77.97
C CYS D 156 -71.01 28.61 -79.05
N ASN D 157 -72.19 27.95 -79.04
CA ASN D 157 -73.26 28.20 -80.00
C ASN D 157 -72.79 27.85 -81.41
N GLY D 158 -71.98 26.77 -81.51
CA GLY D 158 -71.53 26.24 -82.80
C GLY D 158 -70.29 26.93 -83.38
N ARG D 159 -69.86 28.05 -82.79
CA ARG D 159 -68.67 28.77 -83.24
C ARG D 159 -67.48 28.32 -82.40
N TRP D 160 -66.34 28.08 -83.05
CA TRP D 160 -65.13 27.69 -82.36
C TRP D 160 -64.54 28.91 -81.65
N VAL D 161 -64.20 28.74 -80.36
CA VAL D 161 -63.70 29.84 -79.54
C VAL D 161 -62.20 29.74 -79.29
N GLY D 162 -61.73 28.54 -78.93
CA GLY D 162 -60.31 28.42 -78.60
C GLY D 162 -59.90 27.03 -78.22
N TYR D 163 -58.66 26.93 -77.74
CA TYR D 163 -58.00 25.68 -77.43
C TYR D 163 -57.09 25.91 -76.22
N GLY D 164 -56.92 24.87 -75.40
CA GLY D 164 -56.10 25.01 -74.20
C GLY D 164 -55.35 23.76 -73.81
N GLN D 165 -54.19 23.96 -73.16
CA GLN D 165 -53.36 22.90 -72.61
C GLN D 165 -52.90 23.29 -71.21
N ASP D 166 -52.21 22.35 -70.54
CA ASP D 166 -51.82 22.34 -69.11
C ASP D 166 -53.01 21.95 -68.24
N SER D 167 -52.94 20.78 -67.63
CA SER D 167 -54.09 20.14 -67.01
C SER D 167 -54.41 20.75 -65.65
N ARG D 168 -53.48 21.48 -65.04
CA ARG D 168 -53.63 21.86 -63.63
C ARG D 168 -53.63 23.38 -63.43
N LEU D 169 -53.96 24.14 -64.47
CA LEU D 169 -54.07 25.57 -64.35
C LEU D 169 -55.31 26.02 -65.10
N PRO D 170 -55.94 27.14 -64.69
CA PRO D 170 -57.15 27.62 -65.34
C PRO D 170 -56.91 28.13 -66.77
N SER D 171 -57.79 27.73 -67.69
CA SER D 171 -57.86 28.30 -69.01
C SER D 171 -59.13 29.14 -69.12
N GLU D 172 -59.00 30.39 -69.57
CA GLU D 172 -60.09 31.33 -69.61
C GLU D 172 -60.26 31.88 -71.05
N PHE D 173 -61.51 31.99 -71.48
CA PHE D 173 -61.82 32.52 -72.81
C PHE D 173 -62.90 33.59 -72.72
N ASP D 174 -62.79 34.58 -73.61
CA ASP D 174 -63.76 35.63 -73.72
C ASP D 174 -64.93 35.14 -74.58
N LEU D 175 -66.15 35.08 -73.99
CA LEU D 175 -67.32 34.59 -74.70
C LEU D 175 -68.26 35.72 -75.11
N SER D 176 -67.90 36.98 -74.83
CA SER D 176 -68.80 38.13 -75.06
C SER D 176 -69.42 38.09 -76.46
N ALA D 177 -68.58 37.97 -77.50
CA ALA D 177 -69.05 38.06 -78.89
C ALA D 177 -69.74 36.78 -79.34
N PHE D 178 -69.74 35.72 -78.50
CA PHE D 178 -70.31 34.42 -78.85
C PHE D 178 -71.67 34.18 -78.21
N LEU D 179 -71.97 34.85 -77.08
CA LEU D 179 -73.19 34.58 -76.31
C LEU D 179 -74.37 35.33 -76.93
N ARG D 180 -75.55 34.73 -76.80
CA ARG D 180 -76.79 35.35 -77.25
C ARG D 180 -77.78 35.40 -76.08
N ALA D 181 -78.80 36.24 -76.24
CA ALA D 181 -79.88 36.29 -75.28
C ALA D 181 -80.58 34.92 -75.23
N GLY D 182 -80.75 34.42 -74.00
CA GLY D 182 -81.52 33.21 -73.77
C GLY D 182 -80.62 31.99 -73.75
N GLU D 183 -80.96 31.01 -74.61
CA GLU D 183 -80.36 29.70 -74.59
C GLU D 183 -79.01 29.73 -75.31
N ASN D 184 -77.98 29.17 -74.64
CA ASN D 184 -76.67 29.03 -75.22
C ASN D 184 -76.19 27.60 -74.97
N ARG D 185 -75.24 27.13 -75.80
CA ARG D 185 -74.71 25.77 -75.68
C ARG D 185 -73.19 25.81 -75.82
N LEU D 186 -72.52 25.29 -74.80
CA LEU D 186 -71.09 25.01 -74.86
C LEU D 186 -70.88 23.61 -75.43
N ALA D 187 -69.83 23.46 -76.24
CA ALA D 187 -69.33 22.17 -76.68
C ALA D 187 -67.84 22.11 -76.42
N VAL D 188 -67.42 21.21 -75.54
CA VAL D 188 -66.04 21.09 -75.10
C VAL D 188 -65.53 19.69 -75.44
N MET D 189 -64.50 19.64 -76.29
CA MET D 189 -63.92 18.37 -76.72
C MET D 189 -62.60 18.21 -75.99
N VAL D 190 -62.55 17.21 -75.10
CA VAL D 190 -61.40 16.93 -74.26
C VAL D 190 -60.65 15.74 -74.84
N LEU D 191 -59.35 15.90 -75.02
CA LEU D 191 -58.50 14.81 -75.51
C LEU D 191 -57.68 14.27 -74.34
N ARG D 192 -57.70 12.96 -74.18
CA ARG D 192 -56.93 12.28 -73.13
C ARG D 192 -55.43 12.54 -73.32
N TRP D 193 -54.93 12.48 -74.55
CA TRP D 193 -53.50 12.64 -74.83
C TRP D 193 -53.25 13.88 -75.69
N SER D 194 -52.10 14.51 -75.47
CA SER D 194 -51.65 15.66 -76.23
C SER D 194 -50.15 15.80 -76.05
N ASP D 195 -49.55 16.78 -76.73
CA ASP D 195 -48.15 17.05 -76.53
C ASP D 195 -47.92 17.50 -75.09
N GLY D 196 -48.97 18.02 -74.44
CA GLY D 196 -48.90 18.33 -73.03
C GLY D 196 -48.64 17.08 -72.20
N SER D 197 -49.12 15.92 -72.68
CA SER D 197 -48.97 14.67 -71.94
C SER D 197 -47.50 14.32 -71.77
N TYR D 198 -46.64 14.87 -72.61
CA TYR D 198 -45.19 14.63 -72.46
C TYR D 198 -44.62 15.35 -71.25
N LEU D 199 -45.31 16.39 -70.77
CA LEU D 199 -44.85 17.14 -69.59
C LEU D 199 -45.65 16.78 -68.34
N GLU D 200 -46.43 15.70 -68.41
CA GLU D 200 -47.32 15.30 -67.31
C GLU D 200 -47.13 13.82 -66.97
N ASP D 201 -45.88 13.42 -66.72
CA ASP D 201 -45.58 12.06 -66.39
C ASP D 201 -45.44 11.85 -64.87
N GLN D 202 -46.31 12.49 -64.09
CA GLN D 202 -46.27 12.30 -62.64
C GLN D 202 -46.70 10.87 -62.31
N ASP D 203 -45.99 10.25 -61.37
CA ASP D 203 -46.30 8.91 -60.89
C ASP D 203 -47.66 8.89 -60.18
N MET D 204 -48.72 8.63 -60.93
CA MET D 204 -50.08 8.68 -60.40
C MET D 204 -51.05 8.14 -61.46
N TRP D 205 -52.30 7.94 -61.04
CA TRP D 205 -53.34 7.50 -61.95
C TRP D 205 -53.43 8.52 -63.11
N ARG D 206 -53.46 8.01 -64.34
CA ARG D 206 -53.63 8.84 -65.51
C ARG D 206 -55.10 8.82 -65.90
N MET D 207 -55.78 9.95 -65.64
CA MET D 207 -57.20 10.12 -65.90
C MET D 207 -57.34 11.24 -66.94
N SER D 208 -58.57 11.74 -67.12
CA SER D 208 -58.86 12.81 -68.05
C SER D 208 -60.27 13.36 -67.80
N GLY D 209 -60.54 14.54 -68.35
CA GLY D 209 -61.85 15.16 -68.33
C GLY D 209 -61.81 16.57 -67.77
N ILE D 210 -63.01 17.13 -67.55
CA ILE D 210 -63.18 18.41 -66.91
C ILE D 210 -63.32 18.15 -65.40
N PHE D 211 -62.18 18.17 -64.69
CA PHE D 211 -62.07 17.65 -63.34
C PHE D 211 -61.91 18.75 -62.28
N ARG D 212 -61.98 20.01 -62.68
CA ARG D 212 -62.07 21.13 -61.73
C ARG D 212 -63.18 22.06 -62.21
N ASP D 213 -63.46 23.12 -61.43
CA ASP D 213 -64.68 23.91 -61.56
C ASP D 213 -64.73 24.61 -62.93
N VAL D 214 -65.94 24.89 -63.37
CA VAL D 214 -66.22 25.72 -64.53
C VAL D 214 -67.06 26.91 -64.07
N SER D 215 -66.69 28.12 -64.53
CA SER D 215 -67.36 29.33 -64.06
C SER D 215 -67.50 30.34 -65.19
N LEU D 216 -68.49 31.22 -65.06
CA LEU D 216 -68.56 32.42 -65.85
C LEU D 216 -68.18 33.61 -64.95
N LEU D 217 -67.39 34.53 -65.50
CA LEU D 217 -67.02 35.73 -64.80
C LEU D 217 -67.35 36.93 -65.68
N HIS D 218 -68.05 37.90 -65.08
CA HIS D 218 -68.42 39.14 -65.75
C HIS D 218 -67.60 40.29 -65.18
N LYS D 219 -66.83 40.94 -66.04
CA LYS D 219 -66.08 42.11 -65.69
C LYS D 219 -66.54 43.27 -66.55
N PRO D 220 -66.43 44.52 -66.05
CA PRO D 220 -66.64 45.68 -66.89
C PRO D 220 -65.50 45.81 -67.92
N THR D 221 -65.81 46.49 -69.04
CA THR D 221 -64.86 46.71 -70.10
C THR D 221 -63.61 47.42 -69.56
N THR D 222 -63.81 48.34 -68.61
CA THR D 222 -62.71 49.00 -67.92
C THR D 222 -62.50 48.28 -66.58
N GLN D 223 -61.37 47.58 -66.43
CA GLN D 223 -61.26 46.52 -65.46
C GLN D 223 -59.88 46.48 -64.80
N ILE D 224 -59.84 45.92 -63.59
CA ILE D 224 -58.61 45.46 -62.97
C ILE D 224 -58.19 44.16 -63.66
N SER D 225 -57.06 44.18 -64.35
CA SER D 225 -56.59 43.01 -65.11
C SER D 225 -55.54 42.20 -64.34
N ASP D 226 -54.95 42.79 -63.29
CA ASP D 226 -53.91 42.13 -62.53
C ASP D 226 -53.56 43.01 -61.33
N PHE D 227 -53.18 42.37 -60.22
CA PHE D 227 -52.68 43.10 -59.08
C PHE D 227 -51.73 42.21 -58.28
N HIS D 228 -50.63 42.80 -57.81
CA HIS D 228 -49.60 42.11 -57.03
C HIS D 228 -49.44 42.78 -55.68
N VAL D 229 -49.30 41.96 -54.63
CA VAL D 229 -49.15 42.43 -53.28
C VAL D 229 -47.78 42.00 -52.77
N ALA D 230 -46.98 42.98 -52.33
CA ALA D 230 -45.71 42.76 -51.68
C ALA D 230 -45.72 43.33 -50.25
N THR D 231 -44.96 42.69 -49.35
CA THR D 231 -44.73 43.20 -48.01
C THR D 231 -43.22 43.24 -47.69
N ARG D 232 -42.74 44.41 -47.28
CA ARG D 232 -41.35 44.62 -46.89
C ARG D 232 -41.30 45.11 -45.42
N PHE D 233 -40.21 44.77 -44.74
CA PHE D 233 -40.06 44.96 -43.32
C PHE D 233 -38.75 45.66 -42.95
N ASN D 234 -38.72 46.17 -41.72
CA ASN D 234 -37.51 46.67 -41.11
C ASN D 234 -36.86 45.50 -40.37
N ASP D 235 -35.73 45.72 -39.71
CA ASP D 235 -34.87 44.64 -39.19
C ASP D 235 -35.63 43.83 -38.12
N ASP D 236 -36.45 44.46 -37.28
CA ASP D 236 -37.11 43.75 -36.16
C ASP D 236 -38.61 43.53 -36.43
N PHE D 237 -39.07 43.84 -37.64
CA PHE D 237 -40.45 43.59 -38.10
C PHE D 237 -41.48 44.44 -37.34
N SER D 238 -41.06 45.54 -36.70
CA SER D 238 -42.00 46.39 -36.00
C SER D 238 -42.70 47.34 -36.98
N ARG D 239 -42.19 47.48 -38.19
CA ARG D 239 -42.83 48.33 -39.22
C ARG D 239 -42.80 47.60 -40.57
N ALA D 240 -43.89 47.75 -41.33
CA ALA D 240 -44.02 47.11 -42.63
C ALA D 240 -44.55 48.12 -43.65
N VAL D 241 -44.28 47.82 -44.92
CA VAL D 241 -44.85 48.55 -46.03
C VAL D 241 -45.52 47.53 -46.97
N LEU D 242 -46.80 47.75 -47.26
CA LEU D 242 -47.51 46.97 -48.24
C LEU D 242 -47.50 47.74 -49.56
N GLU D 243 -46.90 47.14 -50.59
CA GLU D 243 -46.96 47.66 -51.93
C GLU D 243 -48.00 46.84 -52.71
N ALA D 244 -48.90 47.54 -53.40
CA ALA D 244 -49.94 46.91 -54.19
C ALA D 244 -49.89 47.52 -55.58
N GLU D 245 -49.43 46.74 -56.55
CA GLU D 245 -49.41 47.15 -57.94
C GLU D 245 -50.76 46.75 -58.53
N VAL D 246 -51.40 47.69 -59.22
CA VAL D 246 -52.66 47.43 -59.85
C VAL D 246 -52.54 47.77 -61.32
N GLN D 247 -52.98 46.84 -62.17
CA GLN D 247 -52.98 47.01 -63.60
C GLN D 247 -54.42 46.99 -64.11
N MET D 248 -54.66 47.73 -65.18
CA MET D 248 -56.00 47.85 -65.75
C MET D 248 -55.97 47.56 -67.25
N CYS D 249 -57.13 47.19 -67.76
CA CYS D 249 -57.39 47.17 -69.21
C CYS D 249 -58.65 47.97 -69.48
N GLY D 250 -58.79 48.40 -70.73
CA GLY D 250 -59.89 49.24 -71.16
C GLY D 250 -59.40 50.64 -71.54
N GLU D 251 -60.34 51.58 -71.60
CA GLU D 251 -60.08 52.94 -72.01
C GLU D 251 -59.61 53.71 -70.79
N LEU D 252 -58.38 54.24 -70.88
CA LEU D 252 -57.82 55.07 -69.84
C LEU D 252 -58.51 56.43 -69.88
N ARG D 253 -58.98 56.90 -68.72
CA ARG D 253 -59.54 58.25 -68.59
C ARG D 253 -58.90 58.91 -67.38
N ASP D 254 -58.73 60.23 -67.46
CA ASP D 254 -58.10 61.01 -66.40
C ASP D 254 -58.87 60.93 -65.07
N TYR D 255 -60.17 60.68 -65.12
CA TYR D 255 -60.95 60.63 -63.87
C TYR D 255 -60.83 59.29 -63.15
N LEU D 256 -60.11 58.31 -63.73
CA LEU D 256 -60.03 56.98 -63.15
C LEU D 256 -59.04 56.98 -61.99
N ARG D 257 -59.42 56.32 -60.90
CA ARG D 257 -58.59 56.25 -59.73
C ARG D 257 -58.67 54.85 -59.12
N VAL D 258 -57.69 54.56 -58.25
CA VAL D 258 -57.61 53.28 -57.58
C VAL D 258 -57.42 53.57 -56.10
N THR D 259 -58.15 52.82 -55.27
CA THR D 259 -57.96 52.86 -53.84
C THR D 259 -57.67 51.43 -53.40
N VAL D 260 -56.73 51.30 -52.45
CA VAL D 260 -56.40 50.04 -51.88
C VAL D 260 -56.53 50.18 -50.37
N SER D 261 -57.22 49.22 -49.76
CA SER D 261 -57.59 49.29 -48.38
C SER D 261 -57.10 48.03 -47.68
N LEU D 262 -56.62 48.18 -46.46
CA LEU D 262 -56.12 47.06 -45.69
C LEU D 262 -56.93 46.97 -44.40
N TRP D 263 -57.47 45.77 -44.14
CA TRP D 263 -58.35 45.53 -43.00
C TRP D 263 -57.80 44.37 -42.19
N GLN D 264 -58.18 44.32 -40.91
CA GLN D 264 -57.96 43.13 -40.07
C GLN D 264 -59.14 43.00 -39.12
N GLY D 265 -60.10 42.14 -39.50
CA GLY D 265 -61.43 42.16 -38.90
C GLY D 265 -62.18 43.38 -39.40
N GLU D 266 -62.77 44.14 -38.47
CA GLU D 266 -63.53 45.36 -38.81
C GLU D 266 -62.66 46.63 -38.70
N THR D 267 -61.41 46.48 -38.25
CA THR D 267 -60.48 47.60 -38.21
C THR D 267 -59.88 47.83 -39.61
N GLN D 268 -59.97 49.07 -40.09
CA GLN D 268 -59.26 49.48 -41.29
C GLN D 268 -57.89 50.00 -40.84
N VAL D 269 -56.82 49.31 -41.24
CA VAL D 269 -55.48 49.62 -40.77
C VAL D 269 -54.83 50.70 -41.63
N ALA D 270 -55.10 50.74 -42.93
CA ALA D 270 -54.52 51.78 -43.79
C ALA D 270 -55.27 51.84 -45.11
N SER D 271 -55.00 52.89 -45.89
CA SER D 271 -55.66 53.09 -47.15
C SER D 271 -54.95 54.16 -47.98
N GLY D 272 -54.97 54.02 -49.29
CA GLY D 272 -54.35 54.97 -50.19
C GLY D 272 -55.08 55.03 -51.51
N THR D 273 -54.97 56.18 -52.19
CA THR D 273 -55.70 56.45 -53.41
C THR D 273 -54.78 57.20 -54.37
N ALA D 274 -54.94 56.95 -55.67
CA ALA D 274 -54.08 57.58 -56.66
C ALA D 274 -54.72 57.45 -58.03
N PRO D 275 -54.41 58.36 -58.97
CA PRO D 275 -54.73 58.13 -60.38
C PRO D 275 -53.73 57.14 -60.99
N PHE D 276 -54.01 56.70 -62.21
CA PHE D 276 -53.12 55.77 -62.91
C PHE D 276 -51.89 56.53 -63.40
N GLY D 277 -50.76 55.83 -63.43
CA GLY D 277 -49.48 56.40 -63.82
C GLY D 277 -48.37 55.94 -62.90
N GLY D 278 -47.57 54.97 -63.37
CA GLY D 278 -46.41 54.47 -62.63
C GLY D 278 -45.20 55.38 -62.80
N GLU D 279 -44.20 55.16 -61.94
CA GLU D 279 -42.92 55.86 -62.02
C GLU D 279 -42.24 55.58 -63.35
N ILE D 280 -41.28 56.43 -63.70
CA ILE D 280 -40.50 56.27 -64.92
C ILE D 280 -39.69 54.97 -64.86
N ILE D 281 -39.78 54.18 -65.94
CA ILE D 281 -39.16 52.86 -65.98
C ILE D 281 -37.96 52.83 -66.91
N ASP D 282 -38.09 53.46 -68.07
CA ASP D 282 -37.01 53.50 -69.03
C ASP D 282 -37.13 54.78 -69.86
N GLU D 283 -36.45 54.81 -71.01
CA GLU D 283 -36.30 56.00 -71.80
C GLU D 283 -37.65 56.46 -72.39
N ARG D 284 -38.63 55.56 -72.46
CA ARG D 284 -39.91 55.86 -73.11
C ARG D 284 -40.98 56.28 -72.09
N GLY D 285 -40.67 56.21 -70.79
CA GLY D 285 -41.58 56.66 -69.75
C GLY D 285 -41.88 55.55 -68.78
N GLY D 286 -43.16 55.43 -68.41
CA GLY D 286 -43.64 54.41 -67.49
C GLY D 286 -44.92 53.76 -67.96
N TYR D 287 -45.53 52.96 -67.07
CA TYR D 287 -46.80 52.32 -67.36
C TYR D 287 -47.95 53.29 -67.03
N ALA D 288 -48.61 53.78 -68.06
CA ALA D 288 -49.80 54.64 -67.88
C ALA D 288 -51.03 53.84 -67.44
N ASP D 289 -51.00 52.52 -67.62
CA ASP D 289 -52.13 51.64 -67.26
C ASP D 289 -51.89 50.94 -65.92
N ARG D 290 -50.98 51.48 -65.10
CA ARG D 290 -50.66 50.85 -63.82
C ARG D 290 -50.45 51.90 -62.75
N VAL D 291 -50.60 51.46 -61.49
CA VAL D 291 -50.33 52.31 -60.34
C VAL D 291 -50.01 51.39 -59.16
N THR D 292 -49.06 51.81 -58.32
CA THR D 292 -48.66 51.07 -57.15
C THR D 292 -48.92 51.96 -55.95
N LEU D 293 -49.57 51.41 -54.93
CA LEU D 293 -49.94 52.13 -53.75
C LEU D 293 -49.20 51.52 -52.57
N ARG D 294 -48.64 52.41 -51.74
CA ARG D 294 -47.79 52.03 -50.64
C ARG D 294 -48.47 52.43 -49.33
N LEU D 295 -48.73 51.44 -48.48
CA LEU D 295 -49.37 51.63 -47.20
C LEU D 295 -48.36 51.31 -46.09
N ASN D 296 -48.28 52.20 -45.11
CA ASN D 296 -47.53 51.92 -43.90
C ASN D 296 -48.39 51.15 -42.92
N VAL D 297 -47.78 50.19 -42.21
CA VAL D 297 -48.40 49.43 -41.18
C VAL D 297 -47.39 49.31 -40.02
N GLU D 298 -47.80 49.76 -38.83
CA GLU D 298 -46.96 49.65 -37.62
C GLU D 298 -47.30 48.36 -36.88
N ASN D 299 -46.25 47.73 -36.35
CA ASN D 299 -46.34 46.54 -35.51
C ASN D 299 -47.32 45.55 -36.13
N PRO D 300 -47.10 45.08 -37.38
CA PRO D 300 -48.05 44.17 -38.01
C PRO D 300 -48.06 42.80 -37.34
N LYS D 301 -49.24 42.18 -37.31
CA LYS D 301 -49.37 40.82 -36.82
C LYS D 301 -48.91 39.91 -37.94
N LEU D 302 -47.91 39.08 -37.65
CA LEU D 302 -47.13 38.38 -38.68
C LEU D 302 -47.75 37.01 -38.95
N TRP D 303 -47.65 36.59 -40.22
CA TRP D 303 -48.14 35.31 -40.68
C TRP D 303 -47.11 34.22 -40.43
N SER D 304 -47.58 33.07 -39.96
CA SER D 304 -46.79 31.89 -39.85
C SER D 304 -47.74 30.69 -39.77
N ALA D 305 -47.19 29.48 -39.91
CA ALA D 305 -47.98 28.28 -39.70
C ALA D 305 -48.36 28.12 -38.23
N GLU D 306 -47.62 28.79 -37.34
CA GLU D 306 -47.88 28.74 -35.92
C GLU D 306 -49.06 29.66 -35.57
N ILE D 307 -49.09 30.86 -36.15
CA ILE D 307 -50.17 31.82 -35.95
C ILE D 307 -50.51 32.44 -37.30
N PRO D 308 -51.52 31.93 -38.02
CA PRO D 308 -51.81 32.43 -39.36
C PRO D 308 -52.60 33.74 -39.36
N ASN D 309 -51.98 34.80 -38.85
CA ASN D 309 -52.58 36.14 -38.87
C ASN D 309 -52.76 36.60 -40.32
N LEU D 310 -53.98 37.03 -40.65
CA LEU D 310 -54.31 37.48 -41.98
C LEU D 310 -54.91 38.89 -41.92
N TYR D 311 -54.58 39.71 -42.92
CA TYR D 311 -55.26 40.94 -43.21
C TYR D 311 -56.07 40.75 -44.50
N ARG D 312 -56.83 41.77 -44.89
CA ARG D 312 -57.58 41.72 -46.11
C ARG D 312 -57.34 42.99 -46.93
N ALA D 313 -57.00 42.78 -48.21
CA ALA D 313 -56.69 43.85 -49.12
C ALA D 313 -57.83 43.98 -50.12
N VAL D 314 -58.30 45.22 -50.32
CA VAL D 314 -59.39 45.49 -51.23
C VAL D 314 -58.89 46.49 -52.26
N VAL D 315 -59.12 46.18 -53.53
CA VAL D 315 -58.66 46.99 -54.64
C VAL D 315 -59.89 47.53 -55.34
N GLU D 316 -60.12 48.84 -55.23
CA GLU D 316 -61.28 49.47 -55.83
C GLU D 316 -60.81 50.27 -57.04
N LEU D 317 -61.45 50.01 -58.18
CA LEU D 317 -61.34 50.84 -59.34
C LEU D 317 -62.60 51.71 -59.41
N HIS D 318 -62.43 53.03 -59.43
CA HIS D 318 -63.54 53.99 -59.36
C HIS D 318 -63.21 55.28 -60.09
N THR D 319 -64.20 56.17 -60.12
CA THR D 319 -64.09 57.52 -60.65
C THR D 319 -63.61 58.48 -59.56
N ALA D 320 -63.21 59.68 -59.99
CA ALA D 320 -62.86 60.75 -59.04
C ALA D 320 -64.08 61.11 -58.18
N ASP D 321 -65.25 61.22 -58.82
CA ASP D 321 -66.52 61.54 -58.16
C ASP D 321 -67.04 60.37 -57.31
N GLY D 322 -66.31 59.24 -57.23
CA GLY D 322 -66.53 58.20 -56.21
C GLY D 322 -67.28 56.94 -56.69
N THR D 323 -67.89 56.99 -57.89
CA THR D 323 -68.71 55.86 -58.33
C THR D 323 -67.77 54.67 -58.63
N LEU D 324 -68.03 53.55 -57.94
CA LEU D 324 -67.26 52.32 -58.06
C LEU D 324 -67.47 51.67 -59.41
N ILE D 325 -66.38 51.18 -60.02
CA ILE D 325 -66.44 50.43 -61.27
C ILE D 325 -66.38 48.92 -60.99
N GLU D 326 -65.49 48.50 -60.09
CA GLU D 326 -65.41 47.13 -59.64
C GLU D 326 -64.38 47.02 -58.53
N ALA D 327 -64.38 45.89 -57.84
CA ALA D 327 -63.45 45.67 -56.78
C ALA D 327 -62.97 44.22 -56.83
N GLU D 328 -61.67 44.03 -56.56
CA GLU D 328 -61.10 42.71 -56.29
C GLU D 328 -60.47 42.75 -54.89
N ALA D 329 -60.10 41.57 -54.38
CA ALA D 329 -59.56 41.47 -53.05
C ALA D 329 -58.74 40.20 -52.90
N CYS D 330 -57.99 40.11 -51.81
CA CYS D 330 -57.32 38.88 -51.38
C CYS D 330 -56.97 38.99 -49.90
N ASP D 331 -56.72 37.84 -49.28
CA ASP D 331 -56.12 37.77 -47.97
C ASP D 331 -54.63 38.10 -48.09
N VAL D 332 -54.07 38.64 -47.00
CA VAL D 332 -52.72 39.09 -46.96
C VAL D 332 -52.09 38.56 -45.67
N GLY D 333 -50.89 38.00 -45.78
CA GLY D 333 -50.15 37.52 -44.64
C GLY D 333 -48.81 38.23 -44.57
N PHE D 334 -48.54 38.95 -43.47
CA PHE D 334 -47.30 39.68 -43.34
C PHE D 334 -46.22 38.68 -42.93
N ARG D 335 -45.32 38.39 -43.86
CA ARG D 335 -44.25 37.45 -43.59
C ARG D 335 -43.16 37.64 -44.65
N GLU D 336 -41.92 37.35 -44.23
CA GLU D 336 -40.76 37.50 -45.07
C GLU D 336 -40.06 36.13 -45.20
N VAL D 337 -39.79 35.74 -46.44
CA VAL D 337 -39.09 34.48 -46.74
C VAL D 337 -37.76 34.86 -47.40
N ARG D 338 -36.65 34.51 -46.76
CA ARG D 338 -35.34 34.75 -47.35
C ARG D 338 -34.40 33.63 -46.92
N ILE D 339 -33.38 33.40 -47.74
CA ILE D 339 -32.27 32.58 -47.36
C ILE D 339 -31.10 33.50 -47.05
N GLU D 340 -30.53 33.34 -45.85
CA GLU D 340 -29.50 34.22 -45.33
C GLU D 340 -28.47 33.36 -44.61
N ASN D 341 -27.20 33.49 -45.01
CA ASN D 341 -26.09 32.75 -44.46
C ASN D 341 -26.42 31.25 -44.43
N GLY D 342 -26.99 30.74 -45.52
CA GLY D 342 -27.21 29.31 -45.71
C GLY D 342 -28.45 28.75 -45.02
N LEU D 343 -29.32 29.60 -44.47
CA LEU D 343 -30.48 29.10 -43.75
C LEU D 343 -31.77 29.70 -44.35
N LEU D 344 -32.81 28.86 -44.47
CA LEU D 344 -34.14 29.32 -44.86
C LEU D 344 -34.81 29.97 -43.63
N LEU D 345 -35.15 31.26 -43.75
CA LEU D 345 -35.67 32.05 -42.66
C LEU D 345 -37.10 32.50 -42.98
N LEU D 346 -37.98 32.33 -42.00
CA LEU D 346 -39.29 32.95 -42.04
C LEU D 346 -39.39 33.97 -40.90
N ASN D 347 -39.60 35.23 -41.25
CA ASN D 347 -39.63 36.33 -40.30
C ASN D 347 -38.36 36.33 -39.45
N GLY D 348 -37.22 36.06 -40.08
CA GLY D 348 -35.91 36.12 -39.44
C GLY D 348 -35.55 34.92 -38.58
N LYS D 349 -36.39 33.88 -38.59
CA LYS D 349 -36.12 32.68 -37.80
C LYS D 349 -35.92 31.47 -38.73
N PRO D 350 -35.00 30.55 -38.39
CA PRO D 350 -34.79 29.37 -39.21
C PRO D 350 -35.96 28.41 -39.12
N LEU D 351 -36.59 28.10 -40.26
CA LEU D 351 -37.63 27.07 -40.30
C LEU D 351 -36.99 25.70 -40.10
N LEU D 352 -37.74 24.80 -39.46
CA LEU D 352 -37.49 23.36 -39.52
C LEU D 352 -38.75 22.76 -40.14
N ILE D 353 -38.62 22.31 -41.40
CA ILE D 353 -39.76 21.94 -42.21
C ILE D 353 -40.25 20.55 -41.79
N ARG D 354 -41.46 20.50 -41.25
CA ARG D 354 -42.17 19.26 -40.93
C ARG D 354 -43.16 18.98 -42.07
N GLY D 355 -42.61 18.51 -43.19
CA GLY D 355 -43.32 18.55 -44.45
C GLY D 355 -43.88 17.21 -44.87
N VAL D 356 -44.86 17.27 -45.77
CA VAL D 356 -45.37 16.09 -46.44
C VAL D 356 -45.73 16.46 -47.88
N ASN D 357 -45.49 15.53 -48.80
CA ASN D 357 -46.02 15.60 -50.15
C ASN D 357 -47.48 15.12 -50.14
N ARG D 358 -48.34 15.82 -50.89
CA ARG D 358 -49.74 15.50 -50.96
C ARG D 358 -50.26 15.64 -52.38
N HIS D 359 -50.78 14.54 -52.93
CA HIS D 359 -51.49 14.51 -54.21
C HIS D 359 -52.97 14.88 -54.00
N GLU D 360 -53.61 15.31 -55.10
CA GLU D 360 -55.05 15.53 -55.13
C GLU D 360 -55.72 14.21 -55.52
N HIS D 361 -56.01 13.36 -54.53
CA HIS D 361 -56.55 12.04 -54.74
C HIS D 361 -57.79 11.81 -53.87
N HIS D 362 -58.77 11.14 -54.45
CA HIS D 362 -59.95 10.69 -53.73
C HIS D 362 -60.32 9.32 -54.26
N PRO D 363 -60.50 8.32 -53.37
CA PRO D 363 -60.75 6.95 -53.83
C PRO D 363 -62.06 6.80 -54.64
N LEU D 364 -62.98 7.76 -54.55
CA LEU D 364 -64.26 7.71 -55.26
C LEU D 364 -64.28 8.67 -56.45
N HIS D 365 -63.81 9.91 -56.26
CA HIS D 365 -63.97 10.94 -57.29
C HIS D 365 -62.68 11.18 -58.07
N GLY D 366 -61.66 10.36 -57.81
CA GLY D 366 -60.43 10.41 -58.58
C GLY D 366 -59.59 11.60 -58.22
N GLN D 367 -59.43 12.52 -59.17
CA GLN D 367 -58.58 13.68 -58.99
C GLN D 367 -59.42 14.95 -58.95
N VAL D 368 -60.71 14.80 -58.64
CA VAL D 368 -61.59 15.91 -58.32
C VAL D 368 -61.48 16.18 -56.82
N MET D 369 -61.24 17.45 -56.45
CA MET D 369 -61.08 17.84 -55.05
C MET D 369 -62.29 18.64 -54.55
N ASP D 370 -62.55 18.48 -53.25
CA ASP D 370 -63.66 19.10 -52.56
C ASP D 370 -63.14 19.74 -51.27
N GLU D 371 -63.91 20.73 -50.77
CA GLU D 371 -63.56 21.44 -49.57
C GLU D 371 -63.42 20.47 -48.40
N GLN D 372 -64.37 19.53 -48.26
CA GLN D 372 -64.42 18.65 -47.10
C GLN D 372 -63.13 17.84 -46.97
N THR D 373 -62.70 17.25 -48.10
CA THR D 373 -61.54 16.39 -48.07
C THR D 373 -60.29 17.24 -47.83
N MET D 374 -60.26 18.45 -48.39
CA MET D 374 -59.14 19.35 -48.20
C MET D 374 -58.98 19.70 -46.71
N VAL D 375 -60.07 20.12 -46.08
CA VAL D 375 -60.07 20.47 -44.67
C VAL D 375 -59.69 19.25 -43.83
N GLN D 376 -60.22 18.09 -44.17
CA GLN D 376 -59.88 16.88 -43.44
C GLN D 376 -58.37 16.60 -43.54
N ASP D 377 -57.79 16.84 -44.70
CA ASP D 377 -56.36 16.62 -44.90
C ASP D 377 -55.56 17.61 -44.03
N ILE D 378 -55.96 18.88 -44.04
CA ILE D 378 -55.23 19.93 -43.34
C ILE D 378 -55.26 19.69 -41.82
N LEU D 379 -56.45 19.42 -41.28
CA LEU D 379 -56.57 19.19 -39.84
C LEU D 379 -55.75 17.96 -39.46
N LEU D 380 -55.80 16.89 -40.25
CA LEU D 380 -55.05 15.68 -39.93
C LEU D 380 -53.55 16.00 -39.95
N MET D 381 -53.15 16.90 -40.84
CA MET D 381 -51.74 17.23 -40.98
C MET D 381 -51.25 17.99 -39.73
N LYS D 382 -51.99 19.04 -39.35
CA LYS D 382 -51.59 19.86 -38.22
C LYS D 382 -51.69 19.07 -36.90
N GLN D 383 -52.68 18.19 -36.77
CA GLN D 383 -52.84 17.37 -35.57
C GLN D 383 -51.71 16.34 -35.46
N ASN D 384 -50.98 16.09 -36.54
CA ASN D 384 -49.82 15.21 -36.49
C ASN D 384 -48.52 15.96 -36.71
N ASN D 385 -48.51 17.27 -36.41
CA ASN D 385 -47.28 18.05 -36.25
C ASN D 385 -46.59 18.28 -37.61
N PHE D 386 -47.40 18.58 -38.62
CA PHE D 386 -46.87 18.90 -39.96
C PHE D 386 -47.01 20.41 -40.09
N ASN D 387 -45.97 21.07 -40.59
CA ASN D 387 -46.10 22.53 -40.80
C ASN D 387 -46.07 22.86 -42.28
N ALA D 388 -45.91 21.89 -43.16
CA ALA D 388 -45.77 22.23 -44.59
C ALA D 388 -46.25 21.12 -45.51
N VAL D 389 -46.60 21.49 -46.73
CA VAL D 389 -47.04 20.57 -47.76
C VAL D 389 -46.43 20.99 -49.09
N ARG D 390 -45.98 19.98 -49.85
CA ARG D 390 -45.46 20.17 -51.18
C ARG D 390 -46.55 19.73 -52.16
N CYS D 391 -46.94 20.64 -53.06
CA CYS D 391 -47.91 20.34 -54.11
C CYS D 391 -47.26 19.46 -55.17
N SER D 392 -47.21 18.16 -54.90
CA SER D 392 -46.64 17.19 -55.81
C SER D 392 -47.69 16.72 -56.81
N HIS D 393 -47.48 16.95 -58.13
CA HIS D 393 -46.45 17.83 -58.67
C HIS D 393 -47.07 18.75 -59.70
N TYR D 394 -47.89 19.68 -59.23
CA TYR D 394 -48.66 20.55 -60.09
C TYR D 394 -49.41 21.56 -59.26
N PRO D 395 -49.80 22.72 -59.81
CA PRO D 395 -50.62 23.65 -59.05
C PRO D 395 -51.95 22.98 -58.66
N ASN D 396 -52.40 23.30 -57.45
CA ASN D 396 -53.56 22.65 -56.84
C ASN D 396 -54.81 23.42 -57.20
N HIS D 397 -55.95 22.81 -56.86
CA HIS D 397 -57.24 23.48 -56.79
C HIS D 397 -57.07 24.81 -56.05
N PRO D 398 -57.58 25.93 -56.59
CA PRO D 398 -57.32 27.24 -55.99
C PRO D 398 -57.74 27.38 -54.51
N LEU D 399 -58.74 26.62 -54.07
CA LEU D 399 -59.23 26.72 -52.69
C LEU D 399 -58.19 26.18 -51.69
N TRP D 400 -57.27 25.34 -52.16
CA TRP D 400 -56.26 24.73 -51.28
C TRP D 400 -55.37 25.83 -50.67
N TYR D 401 -54.99 26.81 -51.49
CA TYR D 401 -54.05 27.85 -51.05
C TYR D 401 -54.74 28.78 -50.06
N THR D 402 -56.04 29.01 -50.26
CA THR D 402 -56.89 29.75 -49.34
C THR D 402 -56.96 29.04 -47.97
N LEU D 403 -57.17 27.73 -47.98
CA LEU D 403 -57.29 27.00 -46.73
C LEU D 403 -55.95 26.97 -46.00
N CYS D 404 -54.82 26.89 -46.74
CA CYS D 404 -53.49 26.89 -46.12
C CYS D 404 -53.12 28.29 -45.60
N ASP D 405 -53.56 29.33 -46.32
CA ASP D 405 -53.45 30.70 -45.86
C ASP D 405 -54.08 30.82 -44.45
N ARG D 406 -55.24 30.17 -44.26
CA ARG D 406 -56.08 30.44 -43.09
C ARG D 406 -55.78 29.49 -41.94
N TYR D 407 -55.53 28.21 -42.22
CA TYR D 407 -55.19 27.26 -41.17
C TYR D 407 -53.72 27.33 -40.82
N GLY D 408 -52.89 27.82 -41.74
CA GLY D 408 -51.47 27.98 -41.50
C GLY D 408 -50.65 26.76 -41.85
N LEU D 409 -50.30 26.63 -43.14
CA LEU D 409 -49.31 25.66 -43.60
C LEU D 409 -48.40 26.31 -44.65
N TYR D 410 -47.10 26.03 -44.55
CA TYR D 410 -46.14 26.45 -45.56
C TYR D 410 -46.32 25.56 -46.79
N VAL D 411 -46.43 26.19 -47.96
CA VAL D 411 -46.69 25.48 -49.19
C VAL D 411 -45.53 25.67 -50.17
N VAL D 412 -45.11 24.57 -50.81
CA VAL D 412 -44.33 24.61 -52.04
C VAL D 412 -45.28 24.50 -53.23
N ASP D 413 -45.29 25.53 -54.08
CA ASP D 413 -46.11 25.53 -55.31
C ASP D 413 -45.23 25.06 -56.49
N GLU D 414 -45.62 23.98 -57.15
CA GLU D 414 -44.80 23.26 -58.10
C GLU D 414 -45.44 23.29 -59.49
N ALA D 415 -44.64 23.65 -60.50
CA ALA D 415 -45.12 23.72 -61.88
C ALA D 415 -45.49 22.33 -62.37
N ASN D 416 -46.51 22.27 -63.22
CA ASN D 416 -46.96 21.04 -63.83
C ASN D 416 -46.00 20.66 -64.98
N ILE D 417 -44.82 20.16 -64.62
CA ILE D 417 -43.79 19.65 -65.55
C ILE D 417 -43.12 18.41 -64.93
N GLU D 418 -43.43 17.24 -65.45
CA GLU D 418 -42.65 16.03 -65.18
C GLU D 418 -42.46 15.26 -66.48
N THR D 419 -41.20 14.93 -66.75
CA THR D 419 -40.81 14.18 -67.95
C THR D 419 -39.95 12.99 -67.56
N HIS D 420 -40.38 12.27 -66.52
CA HIS D 420 -39.57 11.21 -65.90
C HIS D 420 -39.20 10.15 -66.94
N GLY D 421 -40.19 9.72 -67.73
CA GLY D 421 -40.05 8.62 -68.66
C GLY D 421 -39.18 8.87 -69.88
N MET D 422 -38.60 10.06 -70.06
CA MET D 422 -37.73 10.31 -71.21
C MET D 422 -36.36 9.67 -70.97
N VAL D 423 -35.62 9.50 -72.07
CA VAL D 423 -34.27 8.92 -72.04
C VAL D 423 -33.33 9.82 -72.85
N PRO D 424 -32.42 10.55 -72.19
CA PRO D 424 -32.36 10.71 -70.74
C PRO D 424 -33.48 11.62 -70.23
N MET D 425 -33.59 11.80 -68.92
CA MET D 425 -34.70 12.60 -68.36
C MET D 425 -34.63 14.04 -68.92
N ASN D 426 -33.43 14.43 -69.34
CA ASN D 426 -33.05 15.72 -69.90
C ASN D 426 -33.74 16.06 -71.24
N ARG D 427 -34.30 15.07 -71.95
CA ARG D 427 -34.41 15.18 -73.43
C ARG D 427 -35.27 16.39 -73.86
N LEU D 428 -36.40 16.60 -73.18
CA LEU D 428 -37.27 17.72 -73.51
C LEU D 428 -36.88 19.02 -72.79
N THR D 429 -36.39 18.92 -71.55
CA THR D 429 -36.16 20.14 -70.76
C THR D 429 -34.85 20.83 -71.17
N ASP D 430 -34.02 20.15 -71.93
CA ASP D 430 -32.78 20.75 -72.44
C ASP D 430 -32.99 21.22 -73.88
N ASP D 431 -34.18 20.97 -74.45
CA ASP D 431 -34.46 21.33 -75.83
C ASP D 431 -35.15 22.68 -75.89
N PRO D 432 -34.52 23.72 -76.51
CA PRO D 432 -35.14 25.03 -76.56
C PRO D 432 -36.50 25.08 -77.26
N ARG D 433 -36.76 24.15 -78.18
CA ARG D 433 -38.05 24.07 -78.84
C ARG D 433 -39.18 23.77 -77.84
N TRP D 434 -38.86 23.20 -76.68
CA TRP D 434 -39.86 22.93 -75.64
C TRP D 434 -39.85 24.01 -74.55
N LEU D 435 -38.99 25.02 -74.67
CA LEU D 435 -38.98 26.09 -73.68
C LEU D 435 -40.32 26.81 -73.62
N PRO D 436 -40.99 27.14 -74.74
CA PRO D 436 -42.28 27.83 -74.65
C PRO D 436 -43.34 27.06 -73.85
N ALA D 437 -43.50 25.77 -74.13
CA ALA D 437 -44.49 24.97 -73.41
C ALA D 437 -44.18 24.97 -71.92
N MET D 438 -42.89 24.90 -71.58
CA MET D 438 -42.48 24.83 -70.20
C MET D 438 -42.71 26.18 -69.51
N SER D 439 -42.39 27.29 -70.19
CA SER D 439 -42.47 28.61 -69.58
C SER D 439 -43.93 28.91 -69.20
N GLU D 440 -44.88 28.54 -70.05
CA GLU D 440 -46.28 28.74 -69.74
C GLU D 440 -46.69 27.99 -68.47
N ARG D 441 -46.09 26.84 -68.22
CA ARG D 441 -46.43 26.07 -67.02
C ARG D 441 -45.83 26.71 -65.76
N VAL D 442 -44.69 27.40 -65.91
CA VAL D 442 -44.04 28.05 -64.79
C VAL D 442 -44.60 29.47 -64.58
N THR D 443 -44.69 30.26 -65.64
CA THR D 443 -45.10 31.67 -65.52
C THR D 443 -46.55 31.79 -65.06
N ARG D 444 -47.44 30.97 -65.64
CA ARG D 444 -48.88 31.10 -65.34
C ARG D 444 -49.19 30.62 -63.92
N MET D 445 -48.35 29.74 -63.35
CA MET D 445 -48.52 29.36 -61.96
C MET D 445 -48.21 30.58 -61.08
N VAL D 446 -47.05 31.21 -61.30
CA VAL D 446 -46.64 32.33 -60.48
C VAL D 446 -47.67 33.45 -60.61
N GLN D 447 -48.20 33.68 -61.80
CA GLN D 447 -49.15 34.77 -62.03
C GLN D 447 -50.45 34.53 -61.25
N ARG D 448 -50.81 33.26 -61.01
CA ARG D 448 -52.07 32.90 -60.33
C ARG D 448 -51.93 32.97 -58.81
N ASP D 449 -50.82 32.44 -58.25
CA ASP D 449 -50.74 32.11 -56.83
C ASP D 449 -49.78 33.01 -56.07
N ARG D 450 -49.35 34.11 -56.69
CA ARG D 450 -48.25 34.96 -56.17
C ARG D 450 -48.69 35.77 -54.95
N ASN D 451 -49.99 36.01 -54.76
CA ASN D 451 -50.47 36.82 -53.63
C ASN D 451 -50.81 35.97 -52.40
N HIS D 452 -50.70 34.65 -52.48
CA HIS D 452 -50.99 33.77 -51.34
C HIS D 452 -49.82 33.72 -50.37
N PRO D 453 -49.99 34.12 -49.09
CA PRO D 453 -48.87 34.04 -48.15
C PRO D 453 -48.37 32.62 -47.84
N SER D 454 -49.22 31.61 -47.99
CA SER D 454 -48.82 30.25 -47.60
C SER D 454 -47.78 29.67 -48.56
N VAL D 455 -47.77 30.17 -49.81
CA VAL D 455 -46.73 29.78 -50.74
C VAL D 455 -45.44 30.51 -50.34
N ILE D 456 -44.44 29.74 -49.93
CA ILE D 456 -43.16 30.31 -49.53
C ILE D 456 -42.03 29.88 -50.48
N ILE D 457 -42.23 28.83 -51.29
CA ILE D 457 -41.20 28.30 -52.19
C ILE D 457 -41.85 27.95 -53.51
N TRP D 458 -41.31 28.48 -54.61
CA TRP D 458 -41.69 28.05 -55.96
C TRP D 458 -40.84 26.82 -56.36
N SER D 459 -41.45 25.89 -57.10
CA SER D 459 -40.72 24.73 -57.64
C SER D 459 -40.95 24.60 -59.15
N LEU D 460 -39.89 24.21 -59.88
CA LEU D 460 -39.94 24.19 -61.36
C LEU D 460 -40.47 22.88 -61.93
N GLY D 461 -40.86 21.95 -61.08
CA GLY D 461 -41.46 20.71 -61.49
C GLY D 461 -40.79 19.52 -60.78
N ASN D 462 -40.93 18.34 -61.38
CA ASN D 462 -40.48 17.13 -60.74
C ASN D 462 -39.91 16.16 -61.78
N GLU D 463 -38.77 15.57 -61.41
CA GLU D 463 -38.11 14.49 -62.14
C GLU D 463 -38.12 14.77 -63.65
N SER D 464 -37.40 15.81 -64.06
CA SER D 464 -37.27 16.11 -65.49
C SER D 464 -35.80 16.35 -65.88
N GLY D 465 -34.87 15.76 -65.15
CA GLY D 465 -33.48 15.97 -65.36
C GLY D 465 -33.17 17.43 -65.16
N HIS D 466 -31.99 17.86 -65.60
CA HIS D 466 -31.64 19.29 -65.60
C HIS D 466 -31.27 19.75 -67.02
N GLY D 467 -32.14 20.57 -67.61
CA GLY D 467 -31.87 21.21 -68.88
C GLY D 467 -31.72 22.72 -68.74
N ALA D 468 -31.27 23.35 -69.83
CA ALA D 468 -31.08 24.79 -69.82
C ALA D 468 -32.41 25.55 -69.65
N ASN D 469 -33.54 24.94 -70.01
CA ASN D 469 -34.83 25.62 -69.82
C ASN D 469 -35.11 25.84 -68.33
N HIS D 470 -34.64 24.92 -67.48
CA HIS D 470 -34.75 25.04 -66.03
C HIS D 470 -33.99 26.28 -65.56
N ASP D 471 -32.75 26.43 -66.03
CA ASP D 471 -31.93 27.57 -65.60
C ASP D 471 -32.61 28.89 -66.03
N ALA D 472 -33.19 28.90 -67.24
CA ALA D 472 -33.84 30.10 -67.73
C ALA D 472 -35.06 30.45 -66.86
N LEU D 473 -35.88 29.45 -66.54
CA LEU D 473 -37.14 29.68 -65.84
C LEU D 473 -36.89 29.88 -64.34
N TYR D 474 -35.78 29.34 -63.84
CA TYR D 474 -35.35 29.68 -62.49
C TYR D 474 -35.12 31.19 -62.42
N ARG D 475 -34.40 31.72 -63.38
CA ARG D 475 -34.00 33.13 -63.35
C ARG D 475 -35.22 34.02 -63.65
N TRP D 476 -36.19 33.49 -64.39
CA TRP D 476 -37.39 34.25 -64.65
C TRP D 476 -38.13 34.55 -63.33
N ILE D 477 -38.32 33.50 -62.51
CA ILE D 477 -39.02 33.63 -61.24
C ILE D 477 -38.26 34.59 -60.32
N LYS D 478 -36.93 34.47 -60.28
CA LYS D 478 -36.13 35.29 -59.40
C LYS D 478 -36.33 36.78 -59.70
N SER D 479 -36.48 37.10 -60.99
CA SER D 479 -36.56 38.49 -61.43
C SER D 479 -37.97 39.04 -61.19
N VAL D 480 -38.98 38.17 -61.33
CA VAL D 480 -40.37 38.59 -61.26
C VAL D 480 -40.89 38.55 -59.82
N ASP D 481 -40.34 37.69 -58.97
CA ASP D 481 -40.80 37.55 -57.60
C ASP D 481 -39.61 37.22 -56.71
N PRO D 482 -38.86 38.24 -56.24
CA PRO D 482 -37.77 38.01 -55.30
C PRO D 482 -38.22 37.56 -53.90
N SER D 483 -39.52 37.60 -53.64
CA SER D 483 -40.07 37.33 -52.32
C SER D 483 -39.99 35.86 -51.91
N ARG D 484 -39.73 34.93 -52.85
CA ARG D 484 -39.77 33.51 -52.53
C ARG D 484 -38.58 32.80 -53.18
N PRO D 485 -37.93 31.87 -52.45
CA PRO D 485 -36.92 31.00 -53.07
C PRO D 485 -37.50 30.03 -54.10
N VAL D 486 -36.66 29.65 -55.06
CA VAL D 486 -36.99 28.69 -56.11
C VAL D 486 -36.19 27.44 -55.85
N GLN D 487 -36.84 26.27 -55.99
CA GLN D 487 -36.15 24.99 -55.81
C GLN D 487 -36.53 24.05 -56.95
N TYR D 488 -35.61 23.13 -57.27
CA TYR D 488 -35.81 22.08 -58.25
C TYR D 488 -34.78 20.97 -58.01
N GLU D 489 -35.25 19.72 -57.98
CA GLU D 489 -34.45 18.58 -57.57
C GLU D 489 -33.78 17.91 -58.78
N GLY D 490 -34.34 18.10 -59.99
CA GLY D 490 -33.85 17.39 -61.15
C GLY D 490 -32.37 17.60 -61.37
N GLY D 491 -31.71 16.56 -61.90
CA GLY D 491 -30.34 16.64 -62.33
C GLY D 491 -29.34 16.73 -61.20
N GLY D 492 -29.65 16.10 -60.06
CA GLY D 492 -28.67 15.94 -58.97
C GLY D 492 -28.96 16.74 -57.73
N ALA D 493 -30.14 17.39 -57.66
CA ALA D 493 -30.66 18.07 -56.46
C ALA D 493 -29.89 19.34 -56.09
N ASP D 494 -28.80 19.64 -56.79
CA ASP D 494 -27.99 20.80 -56.40
C ASP D 494 -27.51 21.59 -57.61
N THR D 495 -28.36 21.65 -58.64
CA THR D 495 -28.00 22.33 -59.87
C THR D 495 -28.00 23.84 -59.65
N THR D 496 -27.74 24.57 -60.73
CA THR D 496 -27.81 26.01 -60.72
C THR D 496 -29.26 26.51 -60.74
N ALA D 497 -30.25 25.61 -60.80
CA ALA D 497 -31.68 25.96 -60.87
C ALA D 497 -32.40 25.80 -59.52
N THR D 498 -31.67 25.75 -58.40
CA THR D 498 -32.27 25.63 -57.09
C THR D 498 -31.48 26.46 -56.07
N ASP D 499 -32.21 27.17 -55.21
CA ASP D 499 -31.63 27.87 -54.04
C ASP D 499 -31.51 26.93 -52.84
N ILE D 500 -32.14 25.75 -52.89
CA ILE D 500 -32.16 24.76 -51.79
C ILE D 500 -31.66 23.42 -52.33
N ILE D 501 -30.78 22.78 -51.57
CA ILE D 501 -30.39 21.42 -51.89
C ILE D 501 -31.59 20.52 -51.55
N CYS D 502 -32.27 20.00 -52.57
CA CYS D 502 -33.58 19.38 -52.38
C CYS D 502 -33.60 17.94 -52.88
N PRO D 503 -32.77 17.04 -52.30
CA PRO D 503 -32.70 15.68 -52.80
C PRO D 503 -33.94 14.88 -52.44
N MET D 504 -34.09 13.73 -53.11
CA MET D 504 -35.11 12.76 -52.77
C MET D 504 -34.43 11.46 -52.37
N TYR D 505 -34.70 11.03 -51.13
CA TYR D 505 -34.22 9.75 -50.58
C TYR D 505 -32.70 9.74 -50.40
N ALA D 506 -32.09 10.92 -50.28
CA ALA D 506 -30.75 11.01 -49.76
C ALA D 506 -30.77 10.49 -48.32
N ARG D 507 -29.87 9.56 -47.98
CA ARG D 507 -29.91 8.94 -46.66
C ARG D 507 -29.11 9.80 -45.66
N VAL D 508 -29.28 9.49 -44.37
CA VAL D 508 -28.71 10.29 -43.30
C VAL D 508 -27.19 10.15 -43.28
N ASP D 509 -26.70 8.90 -43.19
CA ASP D 509 -25.28 8.62 -43.04
C ASP D 509 -24.68 7.99 -44.30
N GLU D 510 -25.48 7.25 -45.07
CA GLU D 510 -24.98 6.35 -46.12
C GLU D 510 -24.98 7.06 -47.48
N ASP D 511 -23.81 7.10 -48.13
CA ASP D 511 -23.72 7.64 -49.49
C ASP D 511 -24.26 6.64 -50.52
N GLN D 512 -24.96 7.17 -51.51
CA GLN D 512 -25.35 6.43 -52.72
C GLN D 512 -24.74 7.11 -53.94
N PRO D 513 -23.49 6.77 -54.32
CA PRO D 513 -22.75 7.55 -55.32
C PRO D 513 -23.08 7.16 -56.76
N PHE D 514 -24.36 7.26 -57.13
CA PHE D 514 -24.79 7.04 -58.49
C PHE D 514 -24.05 8.01 -59.42
N PRO D 515 -23.61 7.56 -60.61
CA PRO D 515 -22.91 8.46 -61.54
C PRO D 515 -23.81 9.59 -62.03
N ALA D 516 -23.21 10.77 -62.20
CA ALA D 516 -23.88 12.02 -62.62
C ALA D 516 -24.80 12.60 -61.52
N VAL D 517 -25.60 11.76 -60.88
CA VAL D 517 -26.66 12.18 -59.97
C VAL D 517 -26.54 11.51 -58.59
N PRO D 518 -25.39 11.59 -57.90
CA PRO D 518 -25.25 10.88 -56.63
C PRO D 518 -26.25 11.41 -55.59
N LYS D 519 -26.48 10.60 -54.57
CA LYS D 519 -27.23 10.99 -53.40
C LYS D 519 -26.29 10.85 -52.21
N TRP D 520 -25.62 11.95 -51.86
CA TRP D 520 -24.70 11.93 -50.74
C TRP D 520 -25.52 11.81 -49.44
N SER D 521 -24.88 11.29 -48.39
CA SER D 521 -25.32 11.54 -47.03
C SER D 521 -25.62 13.05 -46.86
N ILE D 522 -26.80 13.37 -46.33
CA ILE D 522 -27.20 14.78 -46.20
C ILE D 522 -26.22 15.53 -45.28
N LYS D 523 -25.52 14.80 -44.40
CA LYS D 523 -24.58 15.41 -43.49
C LYS D 523 -23.29 15.74 -44.24
N LYS D 524 -22.89 14.83 -45.13
CA LYS D 524 -21.73 15.07 -45.98
C LYS D 524 -22.04 16.14 -47.01
N TRP D 525 -23.30 16.16 -47.49
CA TRP D 525 -23.70 17.02 -48.60
C TRP D 525 -23.47 18.50 -48.27
N LEU D 526 -23.83 18.90 -47.04
CA LEU D 526 -23.70 20.29 -46.63
C LEU D 526 -22.26 20.78 -46.73
N SER D 527 -21.29 19.90 -46.47
CA SER D 527 -19.87 20.30 -46.26
C SER D 527 -19.04 20.30 -47.57
N LEU D 528 -19.61 19.82 -48.67
CA LEU D 528 -18.81 19.66 -49.89
C LEU D 528 -18.28 21.01 -50.33
N PRO D 529 -17.04 21.10 -50.82
CA PRO D 529 -16.38 22.40 -50.96
C PRO D 529 -17.14 23.31 -51.93
N GLY D 530 -17.32 24.57 -51.52
CA GLY D 530 -18.03 25.59 -52.27
C GLY D 530 -19.52 25.64 -52.01
N GLU D 531 -20.10 24.60 -51.38
CA GLU D 531 -21.56 24.46 -51.19
C GLU D 531 -21.98 25.19 -49.91
N THR D 532 -22.96 26.10 -50.05
CA THR D 532 -23.35 27.00 -48.94
C THR D 532 -24.84 26.94 -48.62
N ARG D 533 -25.61 26.19 -49.41
CA ARG D 533 -27.07 26.24 -49.37
C ARG D 533 -27.63 25.42 -48.20
N PRO D 534 -28.87 25.69 -47.79
CA PRO D 534 -29.57 24.77 -46.91
C PRO D 534 -29.94 23.47 -47.64
N LEU D 535 -30.29 22.44 -46.87
CA LEU D 535 -30.75 21.17 -47.42
C LEU D 535 -32.09 20.81 -46.80
N ILE D 536 -33.13 20.81 -47.64
CA ILE D 536 -34.47 20.38 -47.29
C ILE D 536 -34.89 19.32 -48.29
N LEU D 537 -35.10 18.08 -47.83
CA LEU D 537 -35.39 16.98 -48.71
C LEU D 537 -36.75 17.21 -49.37
N CYS D 538 -36.78 17.19 -50.71
CA CYS D 538 -38.04 17.37 -51.42
C CYS D 538 -38.96 16.15 -51.17
N GLN D 539 -38.35 14.98 -50.98
CA GLN D 539 -39.05 13.74 -50.68
C GLN D 539 -38.13 12.87 -49.84
N TYR D 540 -38.67 12.26 -48.80
CA TYR D 540 -37.90 11.34 -47.96
C TYR D 540 -38.88 10.44 -47.19
N ALA D 541 -38.38 9.31 -46.72
CA ALA D 541 -39.14 8.33 -45.93
C ALA D 541 -40.32 7.82 -46.76
N HIS D 542 -40.04 6.96 -47.75
CA HIS D 542 -41.07 6.42 -48.63
C HIS D 542 -42.04 5.54 -47.84
N ALA D 543 -43.29 5.99 -47.70
CA ALA D 543 -44.26 5.38 -46.76
C ALA D 543 -45.12 4.30 -47.46
N MET D 544 -44.46 3.35 -48.11
CA MET D 544 -45.15 2.33 -48.92
C MET D 544 -45.43 1.11 -48.04
N GLY D 545 -46.70 0.96 -47.66
CA GLY D 545 -47.06 -0.12 -46.77
C GLY D 545 -46.41 0.01 -45.40
N ASN D 546 -45.81 -1.10 -44.94
CA ASN D 546 -45.20 -1.16 -43.65
C ASN D 546 -43.82 -0.50 -43.74
N SER D 547 -43.79 0.82 -43.50
CA SER D 547 -42.60 1.61 -43.78
C SER D 547 -42.36 2.66 -42.68
N LEU D 548 -41.53 3.66 -43.00
CA LEU D 548 -40.97 4.69 -42.11
C LEU D 548 -39.96 4.09 -41.11
N GLY D 549 -39.34 2.97 -41.45
CA GLY D 549 -38.27 2.46 -40.63
C GLY D 549 -37.05 3.33 -40.81
N GLY D 550 -36.53 3.85 -39.70
CA GLY D 550 -35.36 4.75 -39.72
C GLY D 550 -35.73 6.22 -39.68
N PHE D 551 -37.03 6.51 -39.52
CA PHE D 551 -37.54 7.90 -39.55
C PHE D 551 -36.86 8.78 -38.48
N ALA D 552 -36.59 8.22 -37.29
CA ALA D 552 -36.02 9.01 -36.19
C ALA D 552 -34.60 9.46 -36.52
N LYS D 553 -33.85 8.64 -37.26
CA LYS D 553 -32.47 8.96 -37.60
C LYS D 553 -32.41 10.28 -38.39
N TYR D 554 -33.41 10.54 -39.23
CA TYR D 554 -33.46 11.79 -39.98
C TYR D 554 -33.64 12.96 -39.01
N TRP D 555 -34.61 12.86 -38.11
CA TRP D 555 -34.97 14.01 -37.27
C TRP D 555 -33.89 14.27 -36.21
N GLN D 556 -33.17 13.24 -35.78
CA GLN D 556 -32.00 13.44 -34.95
C GLN D 556 -31.00 14.33 -35.71
N ALA D 557 -30.76 14.01 -36.99
CA ALA D 557 -29.81 14.78 -37.80
C ALA D 557 -30.38 16.17 -38.14
N PHE D 558 -31.68 16.26 -38.42
CA PHE D 558 -32.31 17.57 -38.65
C PHE D 558 -32.09 18.50 -37.44
N ARG D 559 -32.18 17.95 -36.22
CA ARG D 559 -32.05 18.77 -35.01
C ARG D 559 -30.58 19.10 -34.71
N GLN D 560 -29.63 18.26 -35.14
CA GLN D 560 -28.21 18.47 -34.83
C GLN D 560 -27.57 19.47 -35.81
N TYR D 561 -27.96 19.46 -37.08
CA TYR D 561 -27.31 20.26 -38.11
C TYR D 561 -28.18 21.48 -38.44
N PRO D 562 -27.66 22.71 -38.26
CA PRO D 562 -28.46 23.90 -38.54
C PRO D 562 -28.99 23.96 -39.98
N ARG D 563 -28.16 23.55 -40.95
CA ARG D 563 -28.52 23.71 -42.35
C ARG D 563 -29.31 22.51 -42.89
N LEU D 564 -29.53 21.48 -42.07
CA LEU D 564 -30.55 20.47 -42.38
C LEU D 564 -31.85 21.00 -41.80
N GLN D 565 -32.71 21.53 -42.66
CA GLN D 565 -33.93 22.16 -42.19
C GLN D 565 -35.15 21.32 -42.53
N GLY D 566 -34.99 19.99 -42.53
CA GLY D 566 -36.13 19.07 -42.66
C GLY D 566 -36.35 18.55 -44.07
N GLY D 567 -37.62 18.23 -44.36
CA GLY D 567 -38.00 17.63 -45.63
C GLY D 567 -39.47 17.29 -45.67
N PHE D 568 -39.91 16.84 -46.84
CA PHE D 568 -41.29 16.46 -47.09
C PHE D 568 -41.38 14.93 -47.26
N VAL D 569 -42.15 14.27 -46.39
CA VAL D 569 -42.34 12.84 -46.48
C VAL D 569 -43.09 12.50 -47.78
N TRP D 570 -42.68 11.40 -48.43
CA TRP D 570 -43.44 10.79 -49.51
C TRP D 570 -44.19 9.57 -49.00
N ASP D 571 -45.53 9.66 -48.86
CA ASP D 571 -46.31 10.88 -49.05
C ASP D 571 -47.57 10.80 -48.19
N TRP D 572 -48.58 11.62 -48.47
CA TRP D 572 -49.70 11.77 -47.55
C TRP D 572 -50.67 10.59 -47.64
N VAL D 573 -51.34 10.41 -48.80
CA VAL D 573 -52.44 9.47 -48.93
C VAL D 573 -52.15 8.41 -49.98
N ASP D 574 -52.52 7.17 -49.66
CA ASP D 574 -52.61 6.07 -50.60
C ASP D 574 -53.45 6.48 -51.80
N GLN D 575 -52.93 6.27 -53.02
CA GLN D 575 -53.71 6.42 -54.24
C GLN D 575 -54.45 5.11 -54.56
N SER D 576 -55.28 4.66 -53.61
CA SER D 576 -56.14 3.51 -53.82
C SER D 576 -57.41 4.00 -54.53
N LEU D 577 -57.95 3.14 -55.40
CA LEU D 577 -59.25 3.39 -56.03
C LEU D 577 -60.25 2.31 -55.66
N ILE D 578 -61.52 2.69 -55.59
CA ILE D 578 -62.57 1.81 -55.15
C ILE D 578 -63.18 1.08 -56.35
N LYS D 579 -63.19 -0.24 -56.28
CA LYS D 579 -63.99 -1.09 -57.17
C LYS D 579 -65.05 -1.81 -56.34
N TYR D 580 -65.98 -2.47 -57.03
CA TYR D 580 -67.04 -3.23 -56.37
C TYR D 580 -66.99 -4.67 -56.88
N ASP D 581 -67.14 -5.64 -55.97
CA ASP D 581 -67.09 -7.06 -56.36
C ASP D 581 -68.51 -7.58 -56.54
N GLU D 582 -68.64 -8.91 -56.62
CA GLU D 582 -69.85 -9.60 -57.09
C GLU D 582 -71.10 -9.13 -56.33
N ASN D 583 -70.95 -8.78 -55.04
CA ASN D 583 -72.09 -8.38 -54.20
C ASN D 583 -72.22 -6.86 -54.11
N GLY D 584 -71.36 -6.10 -54.80
CA GLY D 584 -71.36 -4.63 -54.67
C GLY D 584 -70.70 -4.14 -53.40
N ASN D 585 -69.82 -4.97 -52.83
CA ASN D 585 -69.00 -4.58 -51.68
C ASN D 585 -67.75 -3.87 -52.19
N PRO D 586 -67.42 -2.67 -51.68
CA PRO D 586 -66.25 -1.95 -52.16
C PRO D 586 -64.93 -2.58 -51.71
N TRP D 587 -63.93 -2.57 -52.59
CA TRP D 587 -62.56 -2.89 -52.23
C TRP D 587 -61.60 -1.89 -52.88
N SER D 588 -60.37 -1.85 -52.34
CA SER D 588 -59.36 -0.90 -52.70
C SER D 588 -58.44 -1.49 -53.76
N ALA D 589 -58.36 -0.81 -54.91
CA ALA D 589 -57.64 -1.30 -56.07
C ALA D 589 -56.37 -0.46 -56.30
N TYR D 590 -55.38 -1.11 -56.90
CA TYR D 590 -54.15 -0.45 -57.27
C TYR D 590 -53.81 -0.79 -58.73
N GLY D 591 -52.53 -0.65 -59.09
CA GLY D 591 -52.07 -0.81 -60.47
C GLY D 591 -52.46 -2.14 -61.10
N GLY D 592 -53.17 -2.05 -62.24
CA GLY D 592 -53.52 -3.22 -63.03
C GLY D 592 -54.88 -3.79 -62.71
N ASP D 593 -55.56 -3.24 -61.71
CA ASP D 593 -56.87 -3.73 -61.28
C ASP D 593 -57.98 -3.23 -62.21
N PHE D 594 -57.63 -2.55 -63.29
CA PHE D 594 -58.62 -2.03 -64.25
C PHE D 594 -58.31 -2.50 -65.66
N GLY D 595 -57.51 -3.57 -65.80
CA GLY D 595 -57.03 -4.01 -67.10
C GLY D 595 -56.00 -3.08 -67.70
N ASP D 596 -55.58 -2.06 -66.94
CA ASP D 596 -54.51 -1.14 -67.34
C ASP D 596 -53.17 -1.90 -67.36
N THR D 597 -52.54 -1.94 -68.54
CA THR D 597 -51.27 -2.62 -68.73
C THR D 597 -50.47 -1.87 -69.79
N PRO D 598 -49.16 -1.73 -69.61
CA PRO D 598 -48.42 -2.04 -68.39
C PRO D 598 -48.79 -1.13 -67.22
N ASN D 599 -48.61 -1.65 -66.00
CA ASN D 599 -48.86 -0.88 -64.76
C ASN D 599 -47.72 -1.14 -63.78
N ASP D 600 -47.73 -0.38 -62.67
CA ASP D 600 -46.72 -0.57 -61.62
C ASP D 600 -47.42 -0.89 -60.29
N ARG D 601 -48.39 -1.81 -60.37
CA ARG D 601 -49.03 -2.49 -59.24
C ARG D 601 -49.23 -1.56 -58.04
N GLN D 602 -48.63 -1.90 -56.90
CA GLN D 602 -49.04 -1.33 -55.62
C GLN D 602 -48.26 -0.03 -55.34
N PHE D 603 -47.38 0.37 -56.25
CA PHE D 603 -46.54 1.56 -56.03
C PHE D 603 -47.35 2.85 -55.99
N CYS D 604 -48.63 2.81 -56.38
CA CYS D 604 -49.48 3.99 -56.24
C CYS D 604 -49.87 4.24 -54.78
N MET D 605 -49.59 3.28 -53.88
CA MET D 605 -49.94 3.42 -52.46
C MET D 605 -48.66 3.63 -51.63
N ASN D 606 -48.43 4.90 -51.23
CA ASN D 606 -47.27 5.28 -50.45
C ASN D 606 -47.64 6.19 -49.28
N GLY D 607 -48.91 6.19 -48.89
CA GLY D 607 -49.40 7.20 -47.98
C GLY D 607 -49.11 6.89 -46.51
N LEU D 608 -49.14 7.95 -45.70
CA LEU D 608 -49.22 7.83 -44.26
C LEU D 608 -50.65 7.49 -43.85
N VAL D 609 -51.64 7.77 -44.70
CA VAL D 609 -53.03 7.46 -44.42
C VAL D 609 -53.62 6.70 -45.62
N PHE D 610 -54.54 5.78 -45.33
CA PHE D 610 -55.30 5.08 -46.36
C PHE D 610 -56.13 6.09 -47.16
N ALA D 611 -56.71 5.63 -48.27
CA ALA D 611 -57.45 6.50 -49.18
C ALA D 611 -58.65 7.16 -48.48
N ASP D 612 -59.26 6.44 -47.53
CA ASP D 612 -60.39 7.03 -46.78
C ASP D 612 -59.89 7.99 -45.68
N ARG D 613 -58.56 8.11 -45.52
CA ARG D 613 -57.90 9.03 -44.58
C ARG D 613 -57.79 8.43 -43.16
N THR D 614 -58.01 7.12 -43.02
CA THR D 614 -57.64 6.43 -41.81
C THR D 614 -56.12 6.35 -41.74
N PRO D 615 -55.50 6.58 -40.57
CA PRO D 615 -54.05 6.49 -40.46
C PRO D 615 -53.52 5.06 -40.63
N HIS D 616 -52.39 4.96 -41.34
CA HIS D 616 -51.47 3.86 -41.21
C HIS D 616 -50.78 3.98 -39.85
N PRO D 617 -50.21 2.88 -39.33
CA PRO D 617 -49.42 2.97 -38.09
C PRO D 617 -48.32 4.04 -38.14
N ALA D 618 -47.62 4.17 -39.28
CA ALA D 618 -46.48 5.06 -39.42
C ALA D 618 -46.84 6.53 -39.11
N LEU D 619 -48.11 6.90 -39.19
CA LEU D 619 -48.46 8.29 -38.97
C LEU D 619 -48.03 8.75 -37.57
N THR D 620 -48.21 7.90 -36.56
CA THR D 620 -47.92 8.29 -35.19
C THR D 620 -46.39 8.42 -35.00
N GLU D 621 -45.60 7.64 -35.74
CA GLU D 621 -44.15 7.76 -35.66
C GLU D 621 -43.73 9.14 -36.15
N ALA D 622 -44.34 9.62 -37.23
CA ALA D 622 -44.06 10.96 -37.72
C ALA D 622 -44.51 12.01 -36.70
N LYS D 623 -45.70 11.82 -36.12
CA LYS D 623 -46.22 12.76 -35.14
C LYS D 623 -45.25 12.91 -33.97
N HIS D 624 -44.68 11.78 -33.53
CA HIS D 624 -43.77 11.78 -32.40
C HIS D 624 -42.48 12.53 -32.77
N GLN D 625 -41.86 12.17 -33.89
CA GLN D 625 -40.55 12.72 -34.23
C GLN D 625 -40.65 14.22 -34.57
N GLN D 626 -41.79 14.65 -35.12
CA GLN D 626 -41.99 16.02 -35.55
C GLN D 626 -42.63 16.88 -34.45
N GLN D 627 -42.60 16.41 -33.20
CA GLN D 627 -43.29 17.14 -32.12
C GLN D 627 -42.47 18.38 -31.76
N PHE D 628 -43.18 19.42 -31.35
CA PHE D 628 -42.59 20.75 -31.16
C PHE D 628 -42.04 20.95 -29.74
N PHE D 629 -42.14 19.91 -28.87
CA PHE D 629 -41.60 19.97 -27.52
C PHE D 629 -40.63 18.81 -27.34
N GLN D 630 -39.41 19.13 -26.92
CA GLN D 630 -38.36 18.17 -26.66
C GLN D 630 -38.12 18.10 -25.15
N PHE D 631 -37.69 16.93 -24.68
CA PHE D 631 -37.68 16.62 -23.27
C PHE D 631 -36.36 15.96 -22.89
N ARG D 632 -35.80 16.37 -21.76
CA ARG D 632 -34.72 15.65 -21.11
C ARG D 632 -35.01 15.57 -19.62
N LEU D 633 -34.49 14.53 -18.96
CA LEU D 633 -34.71 14.29 -17.55
C LEU D 633 -33.37 14.08 -16.85
N SER D 634 -33.18 14.83 -15.76
CA SER D 634 -32.07 14.64 -14.84
C SER D 634 -32.61 14.56 -13.41
N GLY D 635 -32.37 13.42 -12.75
CA GLY D 635 -32.94 13.19 -11.43
C GLY D 635 -34.46 13.14 -11.51
N GLN D 636 -35.10 14.13 -10.88
CA GLN D 636 -36.56 14.27 -10.87
C GLN D 636 -36.98 15.60 -11.51
N THR D 637 -36.09 16.18 -12.34
CA THR D 637 -36.35 17.42 -13.06
C THR D 637 -36.54 17.15 -14.56
N ILE D 638 -37.55 17.81 -15.13
CA ILE D 638 -37.86 17.72 -16.56
C ILE D 638 -37.51 19.06 -17.21
N GLU D 639 -36.68 19.02 -18.25
CA GLU D 639 -36.42 20.17 -19.11
C GLU D 639 -37.29 20.05 -20.35
N VAL D 640 -38.19 21.01 -20.54
CA VAL D 640 -38.99 21.09 -21.73
C VAL D 640 -38.41 22.21 -22.60
N THR D 641 -38.03 21.85 -23.82
CA THR D 641 -37.56 22.82 -24.79
C THR D 641 -38.63 22.97 -25.87
N SER D 642 -38.92 24.22 -26.25
CA SER D 642 -39.89 24.52 -27.30
C SER D 642 -39.18 24.78 -28.62
N GLU D 643 -39.65 24.13 -29.68
CA GLU D 643 -39.11 24.30 -31.00
C GLU D 643 -40.00 25.24 -31.83
N TYR D 644 -41.02 25.85 -31.20
CA TYR D 644 -41.79 26.88 -31.87
C TYR D 644 -40.90 28.12 -32.04
N LEU D 645 -41.21 28.93 -33.05
CA LEU D 645 -40.39 30.07 -33.38
C LEU D 645 -41.05 31.39 -32.97
N PHE D 646 -42.39 31.42 -32.91
CA PHE D 646 -43.11 32.72 -32.78
C PHE D 646 -44.13 32.79 -31.63
N ARG D 647 -44.49 31.65 -31.01
CA ARG D 647 -45.55 31.70 -30.01
C ARG D 647 -45.11 31.04 -28.70
N HIS D 648 -45.63 31.60 -27.59
CA HIS D 648 -45.54 30.96 -26.27
C HIS D 648 -46.49 29.76 -26.21
N SER D 649 -46.21 28.84 -25.27
CA SER D 649 -47.04 27.67 -25.08
C SER D 649 -48.32 28.02 -24.30
N ASP D 650 -49.20 28.79 -24.94
CA ASP D 650 -50.36 29.38 -24.27
C ASP D 650 -51.63 28.54 -24.54
N ASN D 651 -51.45 27.26 -24.85
CA ASN D 651 -52.55 26.32 -24.92
C ASN D 651 -51.98 24.92 -24.71
N GLU D 652 -51.27 24.75 -23.59
CA GLU D 652 -50.46 23.58 -23.36
C GLU D 652 -50.31 23.37 -21.84
N LEU D 653 -50.59 22.15 -21.39
CA LEU D 653 -50.21 21.69 -20.07
C LEU D 653 -49.39 20.42 -20.24
N LEU D 654 -48.58 20.09 -19.23
CA LEU D 654 -47.85 18.85 -19.24
C LEU D 654 -48.45 17.93 -18.16
N HIS D 655 -48.97 16.78 -18.61
CA HIS D 655 -49.45 15.72 -17.77
C HIS D 655 -48.33 14.71 -17.60
N TRP D 656 -48.17 14.16 -16.39
CA TRP D 656 -47.13 13.17 -16.12
C TRP D 656 -47.71 12.01 -15.32
N MET D 657 -47.18 10.81 -15.56
CA MET D 657 -47.64 9.60 -14.93
C MET D 657 -46.44 8.69 -14.68
N VAL D 658 -46.32 8.21 -13.44
CA VAL D 658 -45.37 7.17 -13.10
C VAL D 658 -46.16 5.87 -12.92
N ALA D 659 -45.58 4.76 -13.38
CA ALA D 659 -46.24 3.49 -13.30
C ALA D 659 -45.20 2.37 -13.19
N LEU D 660 -45.57 1.30 -12.48
CA LEU D 660 -44.73 0.12 -12.28
C LEU D 660 -45.32 -1.02 -13.13
N ASP D 661 -44.59 -1.39 -14.19
CA ASP D 661 -45.00 -2.36 -15.19
C ASP D 661 -46.53 -2.37 -15.38
N GLY D 662 -47.07 -1.19 -15.70
CA GLY D 662 -48.47 -1.05 -16.07
C GLY D 662 -49.32 -0.49 -14.96
N LYS D 663 -48.92 -0.70 -13.70
CA LYS D 663 -49.72 -0.27 -12.56
C LYS D 663 -49.49 1.21 -12.30
N PRO D 664 -50.51 2.09 -12.44
CA PRO D 664 -50.34 3.50 -12.10
C PRO D 664 -50.08 3.70 -10.61
N LEU D 665 -49.19 4.65 -10.28
CA LEU D 665 -48.82 4.97 -8.88
C LEU D 665 -49.07 6.45 -8.58
N ALA D 666 -48.58 7.34 -9.45
CA ALA D 666 -48.70 8.78 -9.24
C ALA D 666 -48.99 9.47 -10.58
N SER D 667 -49.80 10.52 -10.51
CA SER D 667 -50.17 11.33 -11.66
C SER D 667 -49.98 12.80 -11.27
N GLY D 668 -50.50 13.71 -12.09
CA GLY D 668 -50.36 15.14 -11.85
C GLY D 668 -50.12 15.89 -13.14
N GLU D 669 -50.48 17.18 -13.14
CA GLU D 669 -50.33 18.03 -14.30
C GLU D 669 -49.75 19.38 -13.88
N VAL D 670 -48.98 19.98 -14.79
CA VAL D 670 -48.25 21.22 -14.56
C VAL D 670 -48.54 22.18 -15.70
N PRO D 671 -48.80 23.47 -15.43
CA PRO D 671 -48.93 24.45 -16.51
C PRO D 671 -47.61 24.54 -17.30
N LEU D 672 -47.72 24.70 -18.62
CA LEU D 672 -46.55 24.84 -19.47
C LEU D 672 -46.53 26.26 -20.01
N ASP D 673 -45.42 26.93 -19.74
CA ASP D 673 -45.19 28.31 -20.11
C ASP D 673 -43.74 28.42 -20.61
N VAL D 674 -43.54 28.10 -21.90
CA VAL D 674 -42.24 28.13 -22.56
C VAL D 674 -42.30 29.17 -23.69
N ALA D 675 -41.30 30.06 -23.69
CA ALA D 675 -41.16 31.03 -24.75
C ALA D 675 -40.66 30.30 -25.99
N PRO D 676 -40.91 30.85 -27.20
CA PRO D 676 -40.41 30.21 -28.43
C PRO D 676 -38.90 30.02 -28.37
N GLN D 677 -38.46 28.78 -28.58
CA GLN D 677 -37.04 28.37 -28.50
C GLN D 677 -36.52 28.48 -27.06
N GLY D 678 -37.40 28.72 -26.10
CA GLY D 678 -37.04 28.74 -24.69
C GLY D 678 -37.11 27.36 -24.06
N LYS D 679 -36.79 27.30 -22.77
CA LYS D 679 -36.86 26.07 -21.99
C LYS D 679 -37.58 26.37 -20.68
N GLN D 680 -38.17 25.33 -20.09
CA GLN D 680 -38.82 25.44 -18.80
C GLN D 680 -38.46 24.20 -17.98
N LEU D 681 -38.05 24.44 -16.74
CA LEU D 681 -37.68 23.38 -15.84
C LEU D 681 -38.84 23.07 -14.91
N ILE D 682 -39.12 21.77 -14.76
CA ILE D 682 -40.21 21.26 -13.94
C ILE D 682 -39.64 20.23 -12.98
N GLU D 683 -39.72 20.52 -11.68
CA GLU D 683 -39.30 19.59 -10.65
C GLU D 683 -40.52 18.77 -10.23
N LEU D 684 -40.36 17.44 -10.23
CA LEU D 684 -41.43 16.54 -9.86
C LEU D 684 -41.51 16.42 -8.34
N PRO D 685 -42.72 16.39 -7.75
CA PRO D 685 -42.87 16.10 -6.33
C PRO D 685 -42.25 14.75 -5.97
N GLU D 686 -41.93 14.55 -4.69
CA GLU D 686 -41.33 13.29 -4.23
C GLU D 686 -42.28 12.15 -4.65
N LEU D 687 -41.78 11.25 -5.50
CA LEU D 687 -42.62 10.21 -6.12
C LEU D 687 -42.50 8.93 -5.30
N PRO D 688 -43.47 8.00 -5.43
CA PRO D 688 -43.45 6.78 -4.61
C PRO D 688 -42.21 5.94 -4.85
N GLN D 689 -41.81 5.18 -3.83
CA GLN D 689 -40.60 4.38 -3.86
C GLN D 689 -40.89 2.99 -3.30
N PRO D 690 -41.68 2.17 -4.02
CA PRO D 690 -42.10 0.88 -3.49
C PRO D 690 -41.00 -0.18 -3.59
N GLU D 691 -41.12 -1.20 -2.73
CA GLU D 691 -40.17 -2.31 -2.70
C GLU D 691 -40.55 -3.37 -3.74
N SER D 692 -41.81 -3.33 -4.24
CA SER D 692 -42.32 -4.24 -5.29
C SER D 692 -41.29 -4.40 -6.42
N ALA D 693 -41.15 -5.62 -6.94
CA ALA D 693 -40.24 -5.86 -8.05
C ALA D 693 -40.77 -5.17 -9.31
N GLY D 694 -39.91 -5.03 -10.30
CA GLY D 694 -40.29 -4.51 -11.62
C GLY D 694 -39.55 -3.22 -11.97
N GLN D 695 -40.03 -2.56 -13.02
CA GLN D 695 -39.43 -1.36 -13.58
C GLN D 695 -40.43 -0.19 -13.51
N LEU D 696 -39.97 0.94 -13.00
CA LEU D 696 -40.76 2.16 -12.91
C LEU D 696 -40.55 2.97 -14.20
N TRP D 697 -41.64 3.55 -14.71
CA TRP D 697 -41.65 4.25 -15.97
C TRP D 697 -42.28 5.62 -15.77
N LEU D 698 -41.58 6.66 -16.22
CA LEU D 698 -42.14 8.02 -16.30
C LEU D 698 -42.61 8.28 -17.73
N THR D 699 -43.84 8.78 -17.83
CA THR D 699 -44.42 9.18 -19.09
C THR D 699 -44.96 10.60 -18.94
N VAL D 700 -44.61 11.47 -19.89
CA VAL D 700 -45.18 12.80 -19.92
C VAL D 700 -45.89 13.00 -21.25
N ARG D 701 -46.93 13.84 -21.23
CA ARG D 701 -47.73 14.17 -22.39
C ARG D 701 -48.00 15.68 -22.36
N VAL D 702 -47.94 16.33 -23.52
CA VAL D 702 -48.37 17.70 -23.64
C VAL D 702 -49.81 17.67 -24.13
N VAL D 703 -50.69 18.46 -23.51
CA VAL D 703 -52.10 18.41 -23.78
C VAL D 703 -52.62 19.85 -23.94
N GLN D 704 -53.43 20.06 -24.98
CA GLN D 704 -53.97 21.35 -25.29
C GLN D 704 -55.36 21.45 -24.68
N PRO D 705 -55.56 22.25 -23.61
CA PRO D 705 -56.85 22.31 -22.94
C PRO D 705 -57.99 22.81 -23.84
N ASN D 706 -57.72 23.80 -24.70
CA ASN D 706 -58.76 24.42 -25.49
C ASN D 706 -58.71 23.94 -26.94
N ALA D 707 -59.88 23.93 -27.58
CA ALA D 707 -59.98 23.65 -28.98
C ALA D 707 -59.33 24.79 -29.78
N THR D 708 -58.87 24.45 -30.98
CA THR D 708 -58.37 25.41 -31.97
C THR D 708 -59.30 25.36 -33.19
N ALA D 709 -58.89 26.04 -34.27
CA ALA D 709 -59.56 25.88 -35.54
C ALA D 709 -59.21 24.52 -36.16
N TRP D 710 -58.20 23.83 -35.63
CA TRP D 710 -57.68 22.60 -36.24
C TRP D 710 -57.66 21.41 -35.28
N SER D 711 -58.02 21.59 -34.01
CA SER D 711 -57.90 20.52 -33.03
C SER D 711 -59.00 20.62 -31.99
N GLU D 712 -59.31 19.48 -31.37
CA GLU D 712 -60.27 19.40 -30.27
C GLU D 712 -59.58 19.63 -28.92
N ALA D 713 -60.39 20.01 -27.93
CA ALA D 713 -59.94 20.11 -26.56
C ALA D 713 -59.44 18.75 -26.08
N GLY D 714 -58.28 18.75 -25.43
CA GLY D 714 -57.66 17.54 -24.93
C GLY D 714 -56.67 16.94 -25.90
N HIS D 715 -56.43 17.62 -27.05
CA HIS D 715 -55.53 17.13 -28.07
C HIS D 715 -54.12 16.95 -27.51
N ILE D 716 -53.48 15.83 -27.84
CA ILE D 716 -52.13 15.51 -27.42
C ILE D 716 -51.13 15.85 -28.55
N SER D 717 -50.11 16.65 -28.22
CA SER D 717 -49.19 17.19 -29.23
C SER D 717 -47.78 16.61 -29.12
N ALA D 718 -47.43 16.01 -27.98
CA ALA D 718 -46.07 15.44 -27.78
C ALA D 718 -46.07 14.54 -26.55
N TRP D 719 -45.02 13.74 -26.44
CA TRP D 719 -44.87 12.84 -25.32
C TRP D 719 -43.45 12.29 -25.29
N GLN D 720 -43.07 11.73 -24.15
CA GLN D 720 -41.77 11.11 -23.97
C GLN D 720 -41.85 10.17 -22.76
N GLN D 721 -41.02 9.14 -22.77
CA GLN D 721 -41.01 8.13 -21.74
C GLN D 721 -39.58 7.85 -21.28
N TRP D 722 -39.41 7.67 -19.97
CA TRP D 722 -38.14 7.26 -19.38
C TRP D 722 -38.35 6.08 -18.43
N ARG D 723 -37.37 5.18 -18.38
CA ARG D 723 -37.25 4.25 -17.27
C ARG D 723 -36.63 4.98 -16.07
N LEU D 724 -37.38 5.04 -14.97
CA LEU D 724 -36.82 5.45 -13.67
C LEU D 724 -36.20 4.22 -13.02
N ALA D 725 -36.45 4.03 -11.72
CA ALA D 725 -35.81 2.98 -10.93
C ALA D 725 -36.31 1.59 -11.34
N GLU D 726 -35.44 0.58 -11.18
CA GLU D 726 -35.82 -0.81 -11.34
C GLU D 726 -35.46 -1.60 -10.07
N ASN D 727 -36.27 -2.62 -9.77
CA ASN D 727 -36.03 -3.55 -8.68
C ASN D 727 -36.16 -4.99 -9.22
N LEU D 728 -35.03 -5.65 -9.41
CA LEU D 728 -35.05 -7.03 -9.89
C LEU D 728 -35.65 -7.92 -8.81
N SER D 729 -36.59 -8.79 -9.20
CA SER D 729 -37.19 -9.75 -8.28
C SER D 729 -36.14 -10.82 -7.93
N VAL D 730 -35.91 -11.05 -6.64
CA VAL D 730 -34.92 -12.02 -6.17
C VAL D 730 -35.61 -13.20 -5.49
N THR D 731 -36.89 -13.06 -5.14
CA THR D 731 -37.64 -14.09 -4.44
C THR D 731 -37.94 -15.24 -5.40
N LEU D 732 -37.72 -16.49 -5.01
CA LEU D 732 -37.96 -17.50 -6.00
C LEU D 732 -39.26 -18.22 -5.69
N PRO D 733 -40.12 -18.44 -6.72
CA PRO D 733 -41.49 -18.91 -6.53
C PRO D 733 -41.59 -20.13 -5.59
N ALA D 734 -42.65 -20.14 -4.78
CA ALA D 734 -42.87 -21.16 -3.77
C ALA D 734 -42.90 -22.54 -4.43
N ALA D 735 -42.14 -23.48 -3.85
CA ALA D 735 -42.16 -24.89 -4.27
C ALA D 735 -43.60 -25.43 -4.21
N SER D 736 -43.99 -26.17 -5.24
CA SER D 736 -45.37 -26.66 -5.41
C SER D 736 -45.44 -28.14 -5.02
N HIS D 737 -46.61 -28.57 -4.55
CA HIS D 737 -46.80 -29.90 -4.00
C HIS D 737 -47.36 -30.87 -5.05
N ALA D 738 -46.76 -30.87 -6.24
CA ALA D 738 -47.07 -31.82 -7.31
C ALA D 738 -45.90 -31.86 -8.29
N ILE D 739 -45.63 -33.05 -8.83
CA ILE D 739 -44.58 -33.27 -9.81
C ILE D 739 -45.24 -33.75 -11.10
N PRO D 740 -44.93 -33.17 -12.27
CA PRO D 740 -45.52 -33.66 -13.52
C PRO D 740 -44.94 -35.02 -13.94
N HIS D 741 -45.78 -35.83 -14.59
CA HIS D 741 -45.43 -37.20 -14.93
C HIS D 741 -45.16 -37.30 -16.44
N LEU D 742 -44.12 -38.06 -16.79
CA LEU D 742 -43.71 -38.30 -18.17
C LEU D 742 -44.21 -39.66 -18.65
N THR D 743 -44.86 -39.64 -19.81
CA THR D 743 -45.35 -40.83 -20.50
C THR D 743 -44.58 -40.97 -21.81
N THR D 744 -43.84 -42.07 -21.96
CA THR D 744 -43.01 -42.28 -23.14
C THR D 744 -43.65 -43.32 -24.05
N SER D 745 -44.02 -42.89 -25.27
CA SER D 745 -44.47 -43.77 -26.34
C SER D 745 -43.34 -43.97 -27.34
N GLU D 746 -43.56 -44.82 -28.34
CA GLU D 746 -42.66 -44.93 -29.47
C GLU D 746 -42.72 -43.65 -30.30
N MET D 747 -43.88 -42.99 -30.29
CA MET D 747 -44.14 -41.84 -31.16
C MET D 747 -44.06 -40.51 -30.39
N ASP D 748 -44.37 -40.50 -29.09
CA ASP D 748 -44.58 -39.25 -28.35
C ASP D 748 -43.90 -39.26 -26.98
N PHE D 749 -43.61 -38.06 -26.48
CA PHE D 749 -43.47 -37.75 -25.07
C PHE D 749 -44.68 -36.93 -24.62
N CYS D 750 -45.44 -37.44 -23.65
CA CYS D 750 -46.58 -36.71 -23.10
C CYS D 750 -46.34 -36.40 -21.61
N ILE D 751 -46.91 -35.28 -21.17
CA ILE D 751 -46.69 -34.70 -19.84
C ILE D 751 -48.05 -34.36 -19.24
N GLU D 752 -48.27 -34.69 -17.96
CA GLU D 752 -49.56 -34.40 -17.33
C GLU D 752 -49.31 -33.73 -15.97
N LEU D 753 -50.24 -32.86 -15.60
CA LEU D 753 -50.28 -32.23 -14.30
C LEU D 753 -51.64 -31.55 -14.12
N GLY D 754 -52.46 -32.09 -13.21
CA GLY D 754 -53.80 -31.56 -12.99
C GLY D 754 -54.69 -31.88 -14.19
N ASN D 755 -55.34 -30.85 -14.73
CA ASN D 755 -56.19 -31.00 -15.92
C ASN D 755 -55.37 -30.79 -17.21
N LYS D 756 -54.07 -30.51 -17.09
CA LYS D 756 -53.24 -30.06 -18.22
C LYS D 756 -52.38 -31.21 -18.74
N ARG D 757 -52.19 -31.26 -20.05
CA ARG D 757 -51.34 -32.24 -20.72
C ARG D 757 -50.60 -31.58 -21.90
N TRP D 758 -49.38 -32.05 -22.16
CA TRP D 758 -48.48 -31.54 -23.18
C TRP D 758 -48.00 -32.71 -24.05
N GLN D 759 -48.08 -32.56 -25.36
CA GLN D 759 -47.67 -33.62 -26.28
C GLN D 759 -46.51 -33.15 -27.14
N PHE D 760 -45.45 -33.96 -27.18
CA PHE D 760 -44.25 -33.68 -27.96
C PHE D 760 -44.04 -34.80 -28.98
N ASN D 761 -44.28 -34.48 -30.26
CA ASN D 761 -44.07 -35.41 -31.37
C ASN D 761 -42.58 -35.74 -31.50
N ARG D 762 -42.25 -37.04 -31.41
CA ARG D 762 -40.86 -37.48 -31.34
C ARG D 762 -40.17 -37.56 -32.71
N GLN D 763 -40.96 -37.61 -33.79
CA GLN D 763 -40.35 -37.73 -35.13
C GLN D 763 -40.23 -36.35 -35.75
N SER D 764 -41.18 -35.44 -35.43
CA SER D 764 -41.06 -34.02 -35.79
C SER D 764 -40.09 -33.32 -34.83
N GLY D 765 -40.32 -33.48 -33.52
CA GLY D 765 -39.51 -32.82 -32.50
C GLY D 765 -40.14 -31.53 -31.99
N PHE D 766 -41.44 -31.36 -32.17
CA PHE D 766 -42.11 -30.13 -31.79
C PHE D 766 -43.26 -30.42 -30.84
N LEU D 767 -43.60 -29.44 -30.00
CA LEU D 767 -44.81 -29.40 -29.20
C LEU D 767 -46.02 -29.43 -30.14
N SER D 768 -46.64 -30.61 -30.31
CA SER D 768 -47.71 -30.75 -31.31
C SER D 768 -49.10 -30.54 -30.70
N GLN D 769 -49.28 -30.70 -29.38
CA GLN D 769 -50.58 -30.43 -28.79
C GLN D 769 -50.46 -30.18 -27.30
N MET D 770 -51.45 -29.47 -26.76
CA MET D 770 -51.61 -29.21 -25.34
C MET D 770 -53.11 -29.19 -25.00
N TRP D 771 -53.44 -29.72 -23.82
CA TRP D 771 -54.83 -29.90 -23.39
C TRP D 771 -55.07 -29.13 -22.09
N ILE D 772 -56.32 -28.70 -21.88
CA ILE D 772 -56.83 -28.38 -20.54
C ILE D 772 -58.30 -28.81 -20.46
N GLY D 773 -58.54 -29.96 -19.81
CA GLY D 773 -59.84 -30.62 -19.85
C GLY D 773 -59.94 -31.47 -21.10
N ASP D 774 -61.12 -31.47 -21.74
CA ASP D 774 -61.30 -32.11 -23.04
C ASP D 774 -60.82 -31.20 -24.18
N LYS D 775 -60.64 -29.90 -23.89
CA LYS D 775 -60.39 -28.88 -24.93
C LYS D 775 -58.91 -28.84 -25.29
N LYS D 776 -58.58 -29.35 -26.49
CA LYS D 776 -57.25 -29.21 -27.09
C LYS D 776 -57.05 -27.75 -27.53
N GLN D 777 -55.78 -27.33 -27.66
CA GLN D 777 -55.45 -25.89 -27.72
C GLN D 777 -54.66 -25.50 -28.97
N LEU D 778 -54.13 -26.47 -29.73
CA LEU D 778 -53.32 -26.20 -30.93
C LEU D 778 -53.95 -26.81 -32.20
N LEU D 779 -53.82 -26.09 -33.31
CA LEU D 779 -54.23 -26.58 -34.62
C LEU D 779 -53.00 -26.97 -35.44
N THR D 780 -51.85 -26.35 -35.16
CA THR D 780 -50.59 -26.77 -35.80
C THR D 780 -49.48 -26.63 -34.76
N PRO D 781 -48.48 -27.53 -34.78
CA PRO D 781 -47.41 -27.50 -33.80
C PRO D 781 -46.71 -26.15 -33.62
N LEU D 782 -46.03 -25.99 -32.48
CA LEU D 782 -45.15 -24.88 -32.18
C LEU D 782 -43.80 -25.15 -32.86
N ARG D 783 -43.54 -24.42 -33.94
CA ARG D 783 -42.33 -24.60 -34.75
C ARG D 783 -41.61 -23.26 -34.89
N ASP D 784 -40.33 -23.34 -35.25
CA ASP D 784 -39.51 -22.17 -35.51
C ASP D 784 -40.01 -21.45 -36.76
N GLN D 785 -39.73 -20.15 -36.82
CA GLN D 785 -39.95 -19.36 -38.03
C GLN D 785 -38.76 -18.45 -38.27
N PHE D 786 -38.25 -18.46 -39.51
CA PHE D 786 -37.11 -17.61 -39.89
C PHE D 786 -37.46 -16.64 -41.04
N THR D 787 -38.76 -16.48 -41.33
CA THR D 787 -39.20 -15.72 -42.48
C THR D 787 -40.45 -14.92 -42.11
N ARG D 788 -40.75 -13.92 -42.94
CA ARG D 788 -41.99 -13.18 -42.82
C ARG D 788 -42.63 -13.06 -44.20
N ALA D 789 -43.93 -12.80 -44.20
CA ALA D 789 -44.63 -12.40 -45.39
C ALA D 789 -44.08 -11.06 -45.85
N PRO D 790 -43.32 -11.01 -46.99
CA PRO D 790 -42.47 -9.87 -47.30
C PRO D 790 -43.24 -8.54 -47.41
N LEU D 791 -42.67 -7.49 -46.83
CA LEU D 791 -43.20 -6.16 -46.92
C LEU D 791 -42.84 -5.59 -48.30
N ASP D 792 -43.53 -4.50 -48.66
CA ASP D 792 -43.22 -3.78 -49.88
C ASP D 792 -41.72 -3.42 -49.94
N ASN D 793 -41.13 -3.04 -48.80
CA ASN D 793 -39.70 -2.68 -48.75
C ASN D 793 -38.79 -3.91 -48.93
N ASP D 794 -39.29 -5.10 -48.59
CA ASP D 794 -38.54 -6.33 -48.85
C ASP D 794 -38.57 -6.64 -50.34
N ILE D 795 -39.72 -6.41 -50.97
CA ILE D 795 -39.93 -6.75 -52.38
C ILE D 795 -39.19 -5.75 -53.27
N GLY D 796 -39.41 -4.45 -53.04
CA GLY D 796 -38.89 -3.45 -53.94
C GLY D 796 -39.59 -3.51 -55.29
N VAL D 797 -38.80 -3.56 -56.37
CA VAL D 797 -39.36 -3.59 -57.74
C VAL D 797 -39.32 -5.01 -58.32
N SER D 798 -39.01 -6.01 -57.50
CA SER D 798 -38.94 -7.39 -57.96
C SER D 798 -40.32 -7.87 -58.41
N GLU D 799 -40.36 -8.52 -59.58
CA GLU D 799 -41.55 -9.19 -60.12
C GLU D 799 -41.14 -10.59 -60.57
N ALA D 800 -42.11 -11.47 -60.78
CA ALA D 800 -41.84 -12.75 -61.44
C ALA D 800 -41.33 -12.52 -62.87
N THR D 801 -41.85 -11.49 -63.54
CA THR D 801 -41.39 -11.07 -64.87
C THR D 801 -39.88 -10.79 -64.83
N ARG D 802 -39.47 -9.77 -64.07
CA ARG D 802 -38.08 -9.33 -63.96
C ARG D 802 -37.69 -9.36 -62.47
N ILE D 803 -37.02 -10.43 -62.06
CA ILE D 803 -36.59 -10.54 -60.67
C ILE D 803 -35.44 -9.55 -60.44
N ASP D 804 -35.48 -8.88 -59.29
CA ASP D 804 -34.38 -8.04 -58.82
C ASP D 804 -33.62 -8.81 -57.74
N PRO D 805 -32.46 -9.43 -58.07
CA PRO D 805 -31.86 -10.40 -57.17
C PRO D 805 -31.34 -9.74 -55.87
N ASN D 806 -31.17 -8.41 -55.88
CA ASN D 806 -30.56 -7.72 -54.76
C ASN D 806 -31.57 -7.39 -53.66
N ALA D 807 -32.86 -7.38 -53.97
CA ALA D 807 -33.88 -7.11 -52.97
C ALA D 807 -33.94 -8.26 -51.96
N TRP D 808 -34.45 -7.95 -50.75
CA TRP D 808 -34.36 -8.85 -49.60
C TRP D 808 -35.15 -10.14 -49.88
N VAL D 809 -36.33 -10.00 -50.47
CA VAL D 809 -37.21 -11.14 -50.69
C VAL D 809 -36.54 -12.15 -51.62
N GLU D 810 -35.69 -11.69 -52.53
CA GLU D 810 -35.11 -12.56 -53.54
C GLU D 810 -33.83 -13.20 -53.01
N ARG D 811 -33.14 -12.52 -52.10
CA ARG D 811 -31.97 -13.12 -51.47
C ARG D 811 -32.43 -14.23 -50.53
N TRP D 812 -33.56 -14.00 -49.85
CA TRP D 812 -34.17 -15.02 -49.00
C TRP D 812 -34.58 -16.23 -49.85
N LYS D 813 -35.34 -15.97 -50.91
CA LYS D 813 -35.85 -17.03 -51.76
C LYS D 813 -34.70 -17.84 -52.35
N ALA D 814 -33.69 -17.17 -52.89
CA ALA D 814 -32.56 -17.86 -53.51
C ALA D 814 -31.87 -18.79 -52.51
N ALA D 815 -31.75 -18.35 -51.24
CA ALA D 815 -31.02 -19.11 -50.22
C ALA D 815 -31.89 -20.22 -49.60
N GLY D 816 -33.17 -20.27 -49.96
CA GLY D 816 -34.03 -21.34 -49.52
C GLY D 816 -34.70 -21.07 -48.19
N HIS D 817 -34.73 -19.81 -47.75
CA HIS D 817 -35.34 -19.50 -46.48
C HIS D 817 -36.79 -19.94 -46.46
N TYR D 818 -37.46 -19.88 -47.62
CA TYR D 818 -38.90 -20.08 -47.66
C TYR D 818 -39.28 -21.55 -47.86
N GLN D 819 -38.33 -22.35 -48.38
CA GLN D 819 -38.59 -23.76 -48.65
C GLN D 819 -37.65 -24.66 -47.83
N ALA D 820 -37.07 -24.14 -46.74
CA ALA D 820 -36.24 -24.95 -45.86
C ALA D 820 -37.15 -25.83 -45.01
N GLU D 821 -36.78 -27.12 -44.89
CA GLU D 821 -37.54 -28.11 -44.13
C GLU D 821 -36.72 -28.52 -42.90
N ALA D 822 -37.39 -28.51 -41.74
CA ALA D 822 -36.76 -28.86 -40.46
C ALA D 822 -36.39 -30.35 -40.43
N ALA D 823 -35.12 -30.64 -40.16
CA ALA D 823 -34.61 -32.00 -40.00
C ALA D 823 -34.15 -32.20 -38.56
N LEU D 824 -34.89 -33.00 -37.80
CA LEU D 824 -34.59 -33.21 -36.37
C LEU D 824 -33.25 -33.91 -36.20
N LEU D 825 -32.44 -33.42 -35.25
CA LEU D 825 -31.13 -33.97 -34.91
C LEU D 825 -31.17 -34.73 -33.57
N GLN D 826 -32.09 -34.37 -32.67
CA GLN D 826 -32.12 -34.95 -31.32
C GLN D 826 -33.45 -34.57 -30.65
N CYS D 827 -34.08 -35.54 -29.98
CA CYS D 827 -35.27 -35.29 -29.15
C CYS D 827 -35.28 -36.27 -27.96
N THR D 828 -34.98 -35.75 -26.76
CA THR D 828 -34.85 -36.56 -25.54
C THR D 828 -35.71 -35.98 -24.42
N ALA D 829 -36.14 -36.85 -23.51
CA ALA D 829 -36.86 -36.45 -22.31
C ALA D 829 -36.03 -36.86 -21.09
N ASP D 830 -36.28 -36.19 -19.97
CA ASP D 830 -35.55 -36.46 -18.74
C ASP D 830 -36.43 -36.04 -17.56
N THR D 831 -36.54 -36.93 -16.57
CA THR D 831 -37.39 -36.68 -15.41
C THR D 831 -36.53 -36.09 -14.28
N LEU D 832 -37.00 -34.96 -13.73
CA LEU D 832 -36.30 -34.21 -12.68
C LEU D 832 -37.19 -34.14 -11.44
N ALA D 833 -36.56 -33.86 -10.30
CA ALA D 833 -37.25 -33.81 -9.02
C ALA D 833 -38.37 -32.75 -9.03
N ASP D 834 -38.15 -31.64 -9.74
CA ASP D 834 -39.11 -30.52 -9.74
C ASP D 834 -39.99 -30.53 -10.99
N ALA D 835 -39.53 -31.16 -12.08
CA ALA D 835 -40.09 -30.93 -13.41
C ALA D 835 -39.65 -32.02 -14.38
N VAL D 836 -40.17 -31.96 -15.60
CA VAL D 836 -39.70 -32.77 -16.72
C VAL D 836 -39.16 -31.82 -17.78
N LEU D 837 -38.08 -32.23 -18.44
CA LEU D 837 -37.35 -31.38 -19.35
C LEU D 837 -37.09 -32.10 -20.67
N ILE D 838 -37.66 -31.54 -21.74
CA ILE D 838 -37.47 -32.03 -23.11
C ILE D 838 -36.46 -31.12 -23.81
N THR D 839 -35.45 -31.74 -24.43
CA THR D 839 -34.46 -31.03 -25.22
C THR D 839 -34.61 -31.45 -26.69
N THR D 840 -34.44 -30.49 -27.61
CA THR D 840 -34.56 -30.73 -29.05
C THR D 840 -33.45 -29.99 -29.80
N ALA D 841 -33.23 -30.42 -31.04
CA ALA D 841 -32.23 -29.82 -31.91
C ALA D 841 -32.61 -30.07 -33.36
N HIS D 842 -32.90 -28.99 -34.10
CA HIS D 842 -33.29 -29.07 -35.50
C HIS D 842 -32.26 -28.34 -36.37
N ALA D 843 -32.11 -28.83 -37.61
CA ALA D 843 -31.35 -28.18 -38.65
C ALA D 843 -32.28 -27.88 -39.83
N TRP D 844 -32.17 -26.67 -40.38
CA TRP D 844 -32.87 -26.31 -41.61
C TRP D 844 -31.89 -26.27 -42.76
N GLN D 845 -32.21 -26.98 -43.84
CA GLN D 845 -31.27 -27.14 -44.94
C GLN D 845 -31.94 -26.78 -46.28
N HIS D 846 -31.09 -26.61 -47.29
CA HIS D 846 -31.52 -26.35 -48.64
C HIS D 846 -30.35 -26.70 -49.57
N GLN D 847 -30.57 -27.73 -50.41
CA GLN D 847 -29.59 -28.21 -51.37
C GLN D 847 -28.24 -28.47 -50.69
N GLY D 848 -28.27 -29.10 -49.51
CA GLY D 848 -27.08 -29.63 -48.85
C GLY D 848 -26.39 -28.65 -47.92
N LYS D 849 -26.85 -27.40 -47.86
CA LYS D 849 -26.26 -26.42 -46.96
C LYS D 849 -27.22 -26.14 -45.81
N THR D 850 -26.67 -26.04 -44.60
CA THR D 850 -27.45 -25.79 -43.41
C THR D 850 -27.57 -24.28 -43.18
N LEU D 851 -28.82 -23.81 -43.06
CA LEU D 851 -29.13 -22.40 -42.86
C LEU D 851 -29.15 -22.09 -41.36
N PHE D 852 -29.95 -22.86 -40.62
CA PHE D 852 -30.21 -22.62 -39.21
C PHE D 852 -30.10 -23.93 -38.42
N ILE D 853 -29.64 -23.81 -37.18
CA ILE D 853 -29.77 -24.85 -36.17
C ILE D 853 -30.47 -24.20 -34.98
N SER D 854 -31.43 -24.92 -34.40
CA SER D 854 -32.14 -24.37 -33.26
C SER D 854 -32.25 -25.44 -32.16
N ARG D 855 -31.53 -25.21 -31.05
CA ARG D 855 -31.54 -26.04 -29.87
C ARG D 855 -32.47 -25.46 -28.80
N LYS D 856 -33.39 -26.28 -28.30
CA LYS D 856 -34.36 -25.80 -27.33
C LYS D 856 -34.41 -26.71 -26.09
N THR D 857 -35.04 -26.18 -25.04
CA THR D 857 -35.36 -26.93 -23.84
C THR D 857 -36.72 -26.47 -23.34
N TYR D 858 -37.61 -27.43 -23.07
CA TYR D 858 -38.93 -27.16 -22.52
C TYR D 858 -38.95 -27.72 -21.10
N ARG D 859 -39.17 -26.85 -20.11
CA ARG D 859 -39.17 -27.25 -18.71
C ARG D 859 -40.58 -27.02 -18.16
N ILE D 860 -41.32 -28.11 -17.94
CA ILE D 860 -42.65 -28.04 -17.36
C ILE D 860 -42.54 -28.46 -15.88
N ASP D 861 -42.98 -27.57 -14.99
CA ASP D 861 -42.80 -27.72 -13.56
C ASP D 861 -44.16 -27.83 -12.87
N GLY D 862 -44.12 -28.10 -11.57
CA GLY D 862 -45.28 -28.46 -10.78
C GLY D 862 -46.33 -27.36 -10.68
N SER D 863 -45.95 -26.11 -10.97
CA SER D 863 -46.92 -24.99 -10.94
C SER D 863 -47.62 -24.84 -12.29
N GLY D 864 -47.24 -25.63 -13.29
CA GLY D 864 -47.93 -25.66 -14.58
C GLY D 864 -47.44 -24.59 -15.54
N GLN D 865 -46.13 -24.30 -15.51
CA GLN D 865 -45.51 -23.30 -16.39
C GLN D 865 -44.41 -23.96 -17.22
N MET D 866 -44.37 -23.63 -18.52
CA MET D 866 -43.44 -24.23 -19.47
C MET D 866 -42.37 -23.20 -19.85
N ALA D 867 -41.13 -23.46 -19.43
CA ALA D 867 -40.00 -22.61 -19.75
C ALA D 867 -39.34 -23.11 -21.03
N ILE D 868 -39.42 -22.31 -22.09
CA ILE D 868 -38.79 -22.62 -23.37
C ILE D 868 -37.56 -21.73 -23.55
N THR D 869 -36.43 -22.39 -23.87
CA THR D 869 -35.15 -21.76 -24.10
C THR D 869 -34.71 -22.10 -25.53
N VAL D 870 -34.35 -21.08 -26.33
CA VAL D 870 -33.98 -21.28 -27.73
C VAL D 870 -32.59 -20.68 -27.98
N ASP D 871 -31.79 -21.41 -28.73
CA ASP D 871 -30.43 -21.03 -29.04
C ASP D 871 -30.15 -21.34 -30.51
N VAL D 872 -30.29 -20.32 -31.37
CA VAL D 872 -30.23 -20.48 -32.82
C VAL D 872 -28.85 -20.09 -33.34
N GLU D 873 -28.28 -20.93 -34.19
CA GLU D 873 -27.16 -20.57 -35.04
C GLU D 873 -27.70 -20.17 -36.43
N VAL D 874 -27.13 -19.10 -36.98
CA VAL D 874 -27.42 -18.64 -38.32
C VAL D 874 -26.09 -18.59 -39.08
N ALA D 875 -26.04 -19.29 -40.22
CA ALA D 875 -24.81 -19.36 -40.98
C ALA D 875 -24.45 -17.94 -41.41
N SER D 876 -23.16 -17.63 -41.35
CA SER D 876 -22.64 -16.29 -41.58
C SER D 876 -22.88 -15.85 -43.02
N ASP D 877 -22.99 -16.80 -43.96
CA ASP D 877 -23.01 -16.50 -45.39
C ASP D 877 -24.42 -16.60 -46.00
N THR D 878 -25.43 -17.02 -45.24
CA THR D 878 -26.78 -16.88 -45.75
C THR D 878 -27.23 -15.44 -45.52
N PRO D 879 -28.10 -14.88 -46.38
CA PRO D 879 -28.77 -13.62 -46.08
C PRO D 879 -29.35 -13.59 -44.66
N HIS D 880 -29.17 -12.45 -43.98
CA HIS D 880 -29.65 -12.32 -42.62
C HIS D 880 -31.16 -12.54 -42.60
N PRO D 881 -31.69 -13.40 -41.71
CA PRO D 881 -33.11 -13.75 -41.74
C PRO D 881 -34.01 -12.61 -41.25
N ALA D 882 -35.28 -12.71 -41.62
CA ALA D 882 -36.25 -11.68 -41.34
C ALA D 882 -36.65 -11.69 -39.87
N ARG D 883 -36.56 -12.85 -39.21
CA ARG D 883 -36.98 -12.97 -37.82
C ARG D 883 -36.41 -14.27 -37.27
N ILE D 884 -36.36 -14.36 -35.94
CA ILE D 884 -35.97 -15.55 -35.22
C ILE D 884 -36.98 -15.74 -34.10
N GLY D 885 -37.87 -16.71 -34.27
CA GLY D 885 -38.94 -16.92 -33.31
C GLY D 885 -39.64 -18.25 -33.56
N LEU D 886 -40.82 -18.37 -32.96
CA LEU D 886 -41.68 -19.53 -33.12
C LEU D 886 -43.06 -19.06 -33.54
N ASN D 887 -43.80 -19.95 -34.21
CA ASN D 887 -45.19 -19.71 -34.58
C ASN D 887 -46.02 -20.94 -34.23
N CYS D 888 -47.32 -20.72 -34.10
CA CYS D 888 -48.29 -21.76 -33.90
C CYS D 888 -49.68 -21.18 -34.17
N GLN D 889 -50.64 -22.06 -34.44
CA GLN D 889 -52.03 -21.68 -34.67
C GLN D 889 -52.85 -22.17 -33.49
N LEU D 890 -53.32 -21.23 -32.66
CA LEU D 890 -54.16 -21.54 -31.53
C LEU D 890 -55.54 -22.00 -32.03
N ALA D 891 -56.21 -22.81 -31.22
CA ALA D 891 -57.61 -23.14 -31.44
C ALA D 891 -58.52 -22.01 -30.95
N GLN D 892 -58.03 -21.19 -30.02
CA GLN D 892 -58.86 -20.19 -29.36
C GLN D 892 -59.02 -18.99 -30.28
N VAL D 893 -60.20 -18.39 -30.21
CA VAL D 893 -60.51 -17.10 -30.81
C VAL D 893 -61.12 -16.24 -29.70
N ALA D 894 -60.29 -15.38 -29.10
CA ALA D 894 -60.74 -14.50 -28.03
C ALA D 894 -60.99 -13.10 -28.58
N GLU D 895 -61.82 -12.35 -27.84
CA GLU D 895 -62.24 -11.01 -28.16
C GLU D 895 -61.08 -10.02 -28.03
N ARG D 896 -60.23 -10.21 -27.00
CA ARG D 896 -59.30 -9.18 -26.56
C ARG D 896 -57.86 -9.71 -26.64
N VAL D 897 -56.92 -8.77 -26.64
CA VAL D 897 -55.49 -9.07 -26.52
C VAL D 897 -54.88 -8.09 -25.52
N ASN D 898 -54.27 -8.65 -24.47
CA ASN D 898 -53.73 -7.89 -23.36
C ASN D 898 -52.23 -8.15 -23.30
N TRP D 899 -51.44 -7.06 -23.35
CA TRP D 899 -49.99 -7.23 -23.33
C TRP D 899 -49.36 -6.07 -22.57
N LEU D 900 -48.13 -6.33 -22.14
CA LEU D 900 -47.29 -5.36 -21.48
C LEU D 900 -46.02 -5.21 -22.32
N GLY D 901 -45.91 -4.02 -22.94
CA GLY D 901 -44.83 -3.71 -23.85
C GLY D 901 -45.13 -2.43 -24.61
N LEU D 902 -44.40 -2.24 -25.71
CA LEU D 902 -44.54 -1.04 -26.52
C LEU D 902 -45.87 -1.09 -27.28
N GLY D 903 -46.64 0.00 -27.20
CA GLY D 903 -47.94 0.09 -27.81
C GLY D 903 -48.51 1.50 -27.69
N PRO D 904 -49.80 1.67 -27.99
CA PRO D 904 -50.71 0.60 -28.40
C PRO D 904 -50.62 0.14 -29.86
N GLN D 905 -50.00 0.96 -30.73
CA GLN D 905 -50.03 0.73 -32.17
C GLN D 905 -48.90 -0.19 -32.59
N GLU D 906 -49.03 -0.71 -33.82
CA GLU D 906 -48.02 -1.51 -34.48
C GLU D 906 -46.68 -0.76 -34.41
N ASN D 907 -45.62 -1.49 -34.06
CA ASN D 907 -44.30 -0.90 -33.99
C ASN D 907 -43.27 -1.99 -34.31
N TYR D 908 -42.15 -1.56 -34.91
CA TYR D 908 -41.09 -2.45 -35.37
C TYR D 908 -39.76 -1.94 -34.85
N PRO D 909 -38.70 -2.78 -34.82
CA PRO D 909 -37.41 -2.37 -34.27
C PRO D 909 -36.92 -0.97 -34.68
N ASP D 910 -37.03 -0.64 -35.98
CA ASP D 910 -36.58 0.66 -36.47
C ASP D 910 -37.75 1.63 -36.62
N ARG D 911 -38.91 1.32 -36.03
CA ARG D 911 -40.01 2.28 -35.96
C ARG D 911 -40.83 2.04 -34.67
N LEU D 912 -40.23 2.31 -33.51
CA LEU D 912 -40.92 2.12 -32.22
C LEU D 912 -40.77 3.31 -31.28
N THR D 913 -40.26 4.45 -31.77
CA THR D 913 -39.99 5.58 -30.91
C THR D 913 -41.31 6.14 -30.37
N ALA D 914 -42.36 6.08 -31.20
CA ALA D 914 -43.66 6.64 -30.81
C ALA D 914 -44.37 5.74 -29.79
N ALA D 915 -44.04 4.45 -29.80
CA ALA D 915 -44.71 3.49 -28.92
C ALA D 915 -44.21 3.70 -27.49
N CYS D 916 -45.10 3.47 -26.52
CA CYS D 916 -44.82 3.61 -25.09
C CYS D 916 -45.02 2.27 -24.40
N PHE D 917 -44.15 1.98 -23.42
CA PHE D 917 -44.28 0.80 -22.59
C PHE D 917 -45.39 1.01 -21.55
N ASP D 918 -46.38 0.13 -21.55
CA ASP D 918 -47.54 0.20 -20.67
C ASP D 918 -48.33 -1.10 -20.82
N ARG D 919 -49.42 -1.20 -20.07
CA ARG D 919 -50.36 -2.31 -20.20
C ARG D 919 -51.38 -1.89 -21.26
N TRP D 920 -51.44 -2.67 -22.34
CA TRP D 920 -52.31 -2.38 -23.47
C TRP D 920 -53.37 -3.48 -23.62
N ASP D 921 -54.60 -3.05 -23.91
CA ASP D 921 -55.72 -3.95 -24.05
C ASP D 921 -56.59 -3.50 -25.23
N LEU D 922 -56.55 -4.27 -26.32
CA LEU D 922 -57.24 -3.92 -27.57
C LEU D 922 -58.02 -5.11 -28.11
N PRO D 923 -59.06 -4.87 -28.92
CA PRO D 923 -59.70 -5.94 -29.68
C PRO D 923 -58.71 -6.58 -30.65
N LEU D 924 -58.91 -7.86 -30.95
CA LEU D 924 -58.05 -8.61 -31.85
C LEU D 924 -58.00 -7.95 -33.24
N SER D 925 -59.08 -7.27 -33.62
CA SER D 925 -59.15 -6.50 -34.87
C SER D 925 -57.93 -5.57 -35.00
N ASP D 926 -57.63 -4.83 -33.92
CA ASP D 926 -56.66 -3.74 -33.93
C ASP D 926 -55.22 -4.28 -33.96
N MET D 927 -55.04 -5.59 -33.82
CA MET D 927 -53.71 -6.20 -33.84
C MET D 927 -53.36 -6.66 -35.25
N TYR D 928 -54.25 -6.38 -36.21
CA TYR D 928 -53.96 -6.56 -37.63
C TYR D 928 -54.08 -5.20 -38.32
N THR D 929 -53.06 -4.86 -39.12
CA THR D 929 -53.10 -3.63 -39.91
C THR D 929 -53.52 -3.97 -41.33
N PRO D 930 -54.64 -3.41 -41.84
CA PRO D 930 -55.15 -3.78 -43.15
C PRO D 930 -54.45 -3.04 -44.30
N TYR D 931 -53.14 -3.29 -44.44
CA TYR D 931 -52.42 -2.83 -45.60
C TYR D 931 -53.07 -3.45 -46.84
N VAL D 932 -53.33 -2.64 -47.86
CA VAL D 932 -54.04 -3.10 -49.03
C VAL D 932 -53.24 -4.20 -49.74
N PHE D 933 -51.93 -4.02 -49.85
CA PHE D 933 -51.07 -5.14 -50.20
C PHE D 933 -50.63 -5.83 -48.91
N PRO D 934 -51.06 -7.09 -48.64
CA PRO D 934 -50.81 -7.71 -47.34
C PRO D 934 -49.37 -8.19 -47.21
N SER D 935 -48.89 -8.13 -45.97
CA SER D 935 -47.53 -8.48 -45.61
C SER D 935 -47.49 -8.76 -44.11
N GLU D 936 -46.27 -8.90 -43.59
CA GLU D 936 -46.08 -8.85 -42.14
C GLU D 936 -46.71 -7.54 -41.64
N ASN D 937 -47.48 -7.62 -40.56
CA ASN D 937 -48.14 -6.47 -39.98
C ASN D 937 -48.47 -6.77 -38.52
N GLY D 938 -48.79 -5.70 -37.76
CA GLY D 938 -49.33 -5.77 -36.41
C GLY D 938 -48.33 -6.12 -35.32
N LEU D 939 -47.03 -6.24 -35.63
CA LEU D 939 -46.04 -6.59 -34.63
C LEU D 939 -46.02 -5.52 -33.53
N ARG D 940 -45.94 -5.97 -32.28
CA ARG D 940 -45.66 -5.12 -31.13
C ARG D 940 -44.36 -5.59 -30.49
N CYS D 941 -43.57 -4.62 -30.04
CA CYS D 941 -42.16 -4.83 -29.73
C CYS D 941 -41.91 -4.68 -28.23
N GLY D 942 -40.81 -5.27 -27.77
CA GLY D 942 -40.35 -5.19 -26.39
C GLY D 942 -41.45 -5.55 -25.40
N THR D 943 -41.96 -6.77 -25.54
CA THR D 943 -43.09 -7.24 -24.73
C THR D 943 -42.59 -8.27 -23.72
N ARG D 944 -43.08 -8.15 -22.49
CA ARG D 944 -42.67 -9.06 -21.41
C ARG D 944 -43.83 -10.00 -21.00
N GLU D 945 -45.06 -9.56 -21.22
CA GLU D 945 -46.23 -10.35 -20.91
C GLU D 945 -47.23 -10.23 -22.07
N LEU D 946 -47.71 -11.39 -22.55
CA LEU D 946 -48.78 -11.44 -23.56
C LEU D 946 -49.92 -12.34 -23.05
N ASN D 947 -51.14 -11.80 -23.08
CA ASN D 947 -52.34 -12.47 -22.60
C ASN D 947 -53.37 -12.64 -23.73
N TYR D 948 -53.64 -13.90 -24.10
CA TYR D 948 -54.67 -14.22 -25.08
C TYR D 948 -55.48 -15.44 -24.63
N GLY D 949 -56.76 -15.21 -24.34
CA GLY D 949 -57.66 -16.24 -23.84
C GLY D 949 -57.22 -16.74 -22.46
N PRO D 950 -57.09 -18.08 -22.29
CA PRO D 950 -56.49 -18.61 -21.06
C PRO D 950 -54.96 -18.54 -21.04
N HIS D 951 -54.34 -18.27 -22.20
CA HIS D 951 -52.90 -18.32 -22.31
C HIS D 951 -52.25 -17.05 -21.74
N GLN D 952 -50.99 -17.19 -21.32
CA GLN D 952 -50.11 -16.09 -20.99
C GLN D 952 -48.68 -16.51 -21.36
N TRP D 953 -47.96 -15.59 -22.03
CA TRP D 953 -46.55 -15.79 -22.35
C TRP D 953 -45.72 -14.72 -21.63
N ARG D 954 -44.49 -15.09 -21.23
CA ARG D 954 -43.60 -14.26 -20.47
C ARG D 954 -42.21 -14.38 -21.10
N GLY D 955 -41.46 -13.27 -21.05
CA GLY D 955 -40.07 -13.22 -21.59
C GLY D 955 -39.70 -11.81 -22.02
N ASP D 956 -38.93 -11.70 -23.11
CA ASP D 956 -38.71 -10.44 -23.78
C ASP D 956 -38.75 -10.72 -25.28
N PHE D 957 -39.93 -10.53 -25.86
CA PHE D 957 -40.20 -10.95 -27.22
C PHE D 957 -40.97 -9.86 -27.98
N GLN D 958 -41.08 -10.09 -29.30
CA GLN D 958 -41.92 -9.32 -30.20
C GLN D 958 -42.95 -10.28 -30.78
N PHE D 959 -44.19 -9.80 -30.96
CA PHE D 959 -45.29 -10.67 -31.35
C PHE D 959 -46.26 -9.97 -32.29
N ASN D 960 -46.88 -10.77 -33.17
CA ASN D 960 -48.12 -10.39 -33.85
C ASN D 960 -49.16 -11.50 -33.62
N ILE D 961 -50.42 -11.08 -33.67
CA ILE D 961 -51.54 -11.93 -33.35
C ILE D 961 -52.68 -11.64 -34.35
N SER D 962 -53.17 -12.69 -35.01
CA SER D 962 -54.19 -12.49 -36.04
C SER D 962 -54.79 -13.82 -36.48
N ARG D 963 -55.84 -13.69 -37.31
CA ARG D 963 -56.49 -14.80 -37.96
C ARG D 963 -55.88 -15.08 -39.35
N TYR D 964 -54.70 -14.54 -39.65
CA TYR D 964 -54.10 -14.69 -40.98
C TYR D 964 -52.68 -15.22 -40.84
N SER D 965 -52.44 -16.40 -41.40
CA SER D 965 -51.13 -17.01 -41.50
C SER D 965 -50.14 -16.04 -42.16
N GLN D 966 -48.85 -16.26 -41.93
CA GLN D 966 -47.83 -15.55 -42.69
C GLN D 966 -47.78 -16.11 -44.12
N GLN D 967 -48.24 -17.34 -44.31
CA GLN D 967 -48.30 -17.91 -45.65
C GLN D 967 -49.46 -17.28 -46.42
N GLN D 968 -50.62 -17.10 -45.78
CA GLN D 968 -51.75 -16.47 -46.48
C GLN D 968 -51.38 -15.04 -46.89
N LEU D 969 -50.79 -14.26 -45.98
CA LEU D 969 -50.42 -12.87 -46.28
C LEU D 969 -49.41 -12.84 -47.44
N MET D 970 -48.50 -13.80 -47.48
CA MET D 970 -47.45 -13.86 -48.48
C MET D 970 -48.03 -14.17 -49.87
N GLU D 971 -49.14 -14.91 -49.94
CA GLU D 971 -49.64 -15.40 -51.23
C GLU D 971 -50.83 -14.56 -51.71
N THR D 972 -51.42 -13.75 -50.83
CA THR D 972 -52.58 -12.91 -51.16
C THR D 972 -52.10 -11.53 -51.60
N SER D 973 -52.69 -11.03 -52.70
CA SER D 973 -52.24 -9.78 -53.33
C SER D 973 -53.08 -8.59 -52.87
N HIS D 974 -54.28 -8.83 -52.33
CA HIS D 974 -55.16 -7.75 -51.90
C HIS D 974 -55.82 -8.11 -50.57
N ARG D 975 -55.97 -7.12 -49.71
CA ARG D 975 -56.45 -7.35 -48.35
C ARG D 975 -57.88 -7.89 -48.38
N HIS D 976 -58.67 -7.51 -49.39
CA HIS D 976 -60.10 -7.89 -49.49
C HIS D 976 -60.27 -9.38 -49.87
N LEU D 977 -59.21 -10.05 -50.33
CA LEU D 977 -59.23 -11.49 -50.60
C LEU D 977 -58.79 -12.31 -49.38
N LEU D 978 -58.48 -11.67 -48.24
CA LEU D 978 -58.06 -12.39 -47.03
C LEU D 978 -59.29 -13.06 -46.41
N HIS D 979 -59.09 -14.32 -45.97
CA HIS D 979 -60.12 -15.06 -45.25
C HIS D 979 -59.55 -15.47 -43.88
N ALA D 980 -60.34 -15.25 -42.84
CA ALA D 980 -59.98 -15.65 -41.49
C ALA D 980 -59.81 -17.16 -41.46
N GLU D 981 -58.65 -17.63 -40.98
CA GLU D 981 -58.40 -19.05 -40.84
C GLU D 981 -59.02 -19.55 -39.53
N GLU D 982 -59.07 -20.88 -39.38
CA GLU D 982 -59.57 -21.49 -38.16
C GLU D 982 -58.67 -21.03 -37.02
N GLY D 983 -59.27 -20.47 -35.97
CA GLY D 983 -58.51 -20.08 -34.79
C GLY D 983 -57.65 -18.84 -35.05
N THR D 984 -56.51 -18.76 -34.36
CA THR D 984 -55.65 -17.58 -34.40
C THR D 984 -54.19 -17.99 -34.56
N TRP D 985 -53.49 -17.28 -35.44
CA TRP D 985 -52.07 -17.49 -35.66
C TRP D 985 -51.29 -16.51 -34.77
N LEU D 986 -50.27 -17.05 -34.11
CA LEU D 986 -49.44 -16.31 -33.18
C LEU D 986 -47.99 -16.49 -33.59
N ASN D 987 -47.30 -15.37 -33.84
CA ASN D 987 -45.86 -15.35 -34.04
C ASN D 987 -45.22 -14.66 -32.84
N ILE D 988 -44.31 -15.38 -32.15
CA ILE D 988 -43.50 -14.80 -31.09
C ILE D 988 -42.03 -14.89 -31.52
N ASP D 989 -41.42 -13.71 -31.63
CA ASP D 989 -40.05 -13.58 -32.07
C ASP D 989 -39.21 -13.05 -30.90
N GLY D 990 -38.10 -13.73 -30.62
CA GLY D 990 -37.04 -13.11 -29.87
C GLY D 990 -36.50 -11.90 -30.62
N PHE D 991 -36.33 -12.06 -31.94
CA PHE D 991 -35.66 -11.09 -32.77
C PHE D 991 -36.43 -10.87 -34.08
N HIS D 992 -36.30 -9.66 -34.63
CA HIS D 992 -37.01 -9.29 -35.84
C HIS D 992 -36.22 -8.23 -36.60
N MET D 993 -36.04 -8.46 -37.90
CA MET D 993 -35.41 -7.53 -38.81
C MET D 993 -36.22 -6.23 -38.88
N GLY D 994 -35.52 -5.11 -39.06
CA GLY D 994 -36.17 -3.83 -39.31
C GLY D 994 -36.94 -3.84 -40.62
N ILE D 995 -37.77 -2.83 -40.82
CA ILE D 995 -38.64 -2.74 -41.97
C ILE D 995 -38.08 -1.81 -43.06
N GLY D 996 -37.16 -0.91 -42.73
CA GLY D 996 -36.58 0.00 -43.72
C GLY D 996 -37.59 1.02 -44.22
N GLY D 997 -37.24 1.72 -45.31
CA GLY D 997 -38.14 2.74 -45.85
C GLY D 997 -37.48 3.99 -46.41
N ASP D 998 -36.15 4.14 -46.31
CA ASP D 998 -35.48 5.30 -46.92
C ASP D 998 -35.84 5.42 -48.40
N ASP D 999 -35.98 4.27 -49.07
CA ASP D 999 -36.73 4.14 -50.31
C ASP D 999 -37.33 2.74 -50.35
N SER D 1000 -38.15 2.47 -51.39
CA SER D 1000 -38.84 1.19 -51.51
C SER D 1000 -38.48 0.50 -52.82
N TRP D 1001 -37.25 0.69 -53.30
CA TRP D 1001 -36.80 -0.03 -54.50
C TRP D 1001 -35.37 -0.56 -54.36
N SER D 1002 -34.76 -0.37 -53.20
CA SER D 1002 -33.44 -0.88 -52.90
C SER D 1002 -33.40 -1.32 -51.45
N PRO D 1003 -32.47 -2.21 -51.05
CA PRO D 1003 -32.37 -2.58 -49.64
C PRO D 1003 -32.09 -1.33 -48.81
N SER D 1004 -32.92 -1.09 -47.79
CA SER D 1004 -32.87 0.14 -47.03
C SER D 1004 -32.92 -0.12 -45.52
N VAL D 1005 -32.75 -1.37 -45.07
CA VAL D 1005 -32.74 -1.65 -43.66
C VAL D 1005 -31.31 -1.47 -43.16
N SER D 1006 -31.13 -0.49 -42.27
CA SER D 1006 -29.81 -0.12 -41.77
C SER D 1006 -29.18 -1.32 -41.05
N ALA D 1007 -27.85 -1.40 -41.09
CA ALA D 1007 -27.11 -2.59 -40.65
C ALA D 1007 -27.44 -2.96 -39.19
N GLU D 1008 -27.60 -1.97 -38.32
CA GLU D 1008 -27.83 -2.24 -36.92
C GLU D 1008 -29.21 -2.88 -36.68
N PHE D 1009 -30.06 -2.97 -37.71
CA PHE D 1009 -31.37 -3.63 -37.58
C PHE D 1009 -31.45 -4.89 -38.46
N GLN D 1010 -30.30 -5.36 -38.95
CA GLN D 1010 -30.21 -6.65 -39.61
C GLN D 1010 -29.75 -7.72 -38.60
N LEU D 1011 -30.44 -8.87 -38.60
CA LEU D 1011 -30.12 -9.96 -37.68
C LEU D 1011 -28.84 -10.66 -38.15
N SER D 1012 -27.69 -10.07 -37.81
CA SER D 1012 -26.39 -10.53 -38.29
C SER D 1012 -25.52 -11.13 -37.16
N ALA D 1013 -26.06 -11.24 -35.95
CA ALA D 1013 -25.22 -11.60 -34.79
C ALA D 1013 -24.61 -13.00 -34.96
N GLY D 1014 -25.35 -13.93 -35.60
CA GLY D 1014 -24.85 -15.25 -35.89
C GLY D 1014 -25.36 -16.29 -34.90
N ARG D 1015 -25.52 -15.88 -33.63
CA ARG D 1015 -26.06 -16.74 -32.58
C ARG D 1015 -27.02 -15.91 -31.72
N TYR D 1016 -28.21 -16.45 -31.46
CA TYR D 1016 -29.24 -15.72 -30.74
C TYR D 1016 -29.80 -16.59 -29.61
N HIS D 1017 -30.24 -15.93 -28.55
CA HIS D 1017 -30.84 -16.56 -27.40
C HIS D 1017 -32.12 -15.80 -27.06
N TYR D 1018 -33.21 -16.54 -26.86
CA TYR D 1018 -34.41 -15.98 -26.30
C TYR D 1018 -35.07 -17.04 -25.41
N GLN D 1019 -35.91 -16.58 -24.49
CA GLN D 1019 -36.49 -17.40 -23.47
C GLN D 1019 -37.93 -16.96 -23.25
N LEU D 1020 -38.83 -17.95 -23.22
CA LEU D 1020 -40.26 -17.74 -23.04
C LEU D 1020 -40.77 -18.64 -21.91
N VAL D 1021 -41.89 -18.23 -21.32
CA VAL D 1021 -42.59 -19.06 -20.35
C VAL D 1021 -44.06 -19.07 -20.77
N TRP D 1022 -44.56 -20.25 -21.10
CA TRP D 1022 -45.96 -20.47 -21.44
C TRP D 1022 -46.70 -21.01 -20.22
N CYS D 1023 -47.79 -20.33 -19.85
CA CYS D 1023 -48.60 -20.71 -18.71
C CYS D 1023 -50.07 -20.41 -19.01
N GLN D 1024 -50.95 -20.83 -18.10
CA GLN D 1024 -52.38 -20.57 -18.20
C GLN D 1024 -52.83 -19.90 -16.91
N LYS D 1025 -53.72 -18.90 -17.02
CA LYS D 1025 -54.15 -18.10 -15.87
C LYS D 1025 -55.68 -18.04 -15.79
#